data_7LVW
#
_entry.id   7LVW
#
_cell.length_a   104.490
_cell.length_b   200.560
_cell.length_c   134.660
_cell.angle_alpha   90.000
_cell.angle_beta   105.870
_cell.angle_gamma   90.000
#
_symmetry.space_group_name_H-M   'P 1 21 1'
#
loop_
_entity.id
_entity.type
_entity.pdbx_description
1 polymer 'Fusion glycoprotein F0'
2 polymer F-VHH-Cl184
3 branched beta-D-mannopyranose-(1-4)-2-acetamido-2-deoxy-beta-D-glucopyranose-(1-4)-2-acetamido-2-deoxy-beta-D-glucopyranose
4 non-polymer 2-acetamido-2-deoxy-beta-D-glucopyranose
5 non-polymer 'CHLORIDE ION'
6 water water
#
loop_
_entity_poly.entity_id
_entity_poly.type
_entity_poly.pdbx_seq_one_letter_code
_entity_poly.pdbx_strand_id
1 'polypeptide(L)'
;QNITEEFYQSTCSAVSKGYLSALRTGWYTSVITIELSNIKEIKCNGTDAKVKLIKQELDKYKNAVTELQLLMQSTPATNN
RARRFLGFLLGVGSAIASGVAVSKVLHLEGEVNKIKSALLSTNKAVVSLSNGVSVLTSKVLDLKNYIDKQLLPIVNKQSC
SIPNIETVIEFQQKNNRLLEITREFSVNAGVTTPVSTYMLTNSELLSLINDMPITNDQKKLMSNNVQIVRQQSYSIMSII
KEEVLAYVVQLPLYGVIDTPCWKLHTSPLCTTNTKEGSNICLTRTDRGWYCDNAGSVSFFPQAETCKVQSNRVFCDTMNS
LTLPSEVNLCNVDIFNPKYDCKIMTSKTDVSSSVITSLGAIVSCYGKTKCTASNKNRGIIKTFSNGCDYVSNKGVDTVSV
GNTLYYVNKQEGKSLYVKGEPIINFYDPLVFPSDEFDASISQVNEKINQSLAFIRKSDELLSAIGGYIPEAPRDGQAYVR
KDGEWVLLSTFLGSLEVLFQ
;
A,B,C,D,E,F
2 'polypeptide(L)'
;MRPTWAWWLFLVLLLALWAPARGQVQLQESGGGLVQAGGSLRLSCAASGQTFSGYVTGWFRQAPGKEREFVALIAWSGGR
LYYADSVQGRFTISRDNAETTVYLQMNSLKPEDTAVYYCAAKRGGAVTAAEWYDYWGQGTQVTVSSHHHHHH
;
G,I,K,L,J,H
#
loop_
_chem_comp.id
_chem_comp.type
_chem_comp.name
_chem_comp.formula
BMA D-saccharide, beta linking beta-D-mannopyranose 'C6 H12 O6'
CL non-polymer 'CHLORIDE ION' 'Cl -1'
NAG D-saccharide, beta linking 2-acetamido-2-deoxy-beta-D-glucopyranose 'C8 H15 N O6'
#
# COMPACT_ATOMS: atom_id res chain seq x y z
N ASN A 2 -19.38 6.43 -37.55
CA ASN A 2 -18.86 6.19 -38.90
C ASN A 2 -17.44 5.64 -38.84
N ILE A 3 -17.23 4.50 -39.45
CA ILE A 3 -15.92 3.84 -39.45
C ILE A 3 -15.09 4.40 -40.59
N THR A 4 -13.86 4.81 -40.29
CA THR A 4 -12.90 5.19 -41.30
C THR A 4 -11.67 4.29 -41.19
N GLU A 5 -10.98 4.12 -42.31
CA GLU A 5 -9.80 3.28 -42.38
C GLU A 5 -8.70 4.00 -43.14
N GLU A 6 -7.47 3.80 -42.71
CA GLU A 6 -6.29 4.37 -43.35
C GLU A 6 -5.31 3.24 -43.61
N PHE A 7 -4.88 3.08 -44.85
CA PHE A 7 -3.77 2.18 -45.16
C PHE A 7 -2.48 2.97 -45.30
N TYR A 8 -1.43 2.51 -44.62
CA TYR A 8 -0.11 3.13 -44.70
C TYR A 8 0.79 2.25 -45.57
N GLN A 9 1.02 2.69 -46.81
CA GLN A 9 1.90 1.97 -47.73
C GLN A 9 3.30 1.82 -47.15
N SER A 10 3.77 2.81 -46.38
CA SER A 10 5.14 2.80 -45.92
C SER A 10 5.41 1.70 -44.91
N THR A 11 4.40 1.26 -44.14
CA THR A 11 4.64 0.24 -43.13
C THR A 11 3.71 -0.96 -43.27
N CYS A 12 3.02 -1.10 -44.41
CA CYS A 12 2.19 -2.27 -44.67
C CYS A 12 1.21 -2.54 -43.51
N SER A 13 0.50 -1.49 -43.12
CA SER A 13 -0.39 -1.58 -41.97
C SER A 13 -1.58 -0.66 -42.20
N ALA A 14 -2.61 -0.85 -41.37
CA ALA A 14 -3.87 -0.14 -41.55
C ALA A 14 -4.57 0.06 -40.21
N VAL A 15 -5.15 1.23 -40.04
CA VAL A 15 -5.88 1.58 -38.82
C VAL A 15 -7.36 1.77 -39.17
N SER A 16 -8.22 1.09 -38.43
CA SER A 16 -9.66 1.23 -38.55
C SER A 16 -10.14 1.95 -37.30
N LYS A 17 -10.84 3.06 -37.44
CA LYS A 17 -11.22 3.83 -36.27
C LYS A 17 -12.65 4.32 -36.41
N GLY A 18 -13.12 4.99 -35.35
CA GLY A 18 -14.52 5.37 -35.23
C GLY A 18 -15.33 4.49 -34.31
N TYR A 19 -14.71 3.49 -33.67
CA TYR A 19 -15.41 2.56 -32.80
C TYR A 19 -15.52 3.12 -31.37
N LEU A 20 -16.39 2.50 -30.58
CA LEU A 20 -16.63 2.91 -29.21
C LEU A 20 -16.47 1.72 -28.25
N SER A 21 -15.87 1.98 -27.10
CA SER A 21 -15.45 0.92 -26.19
C SER A 21 -16.59 0.42 -25.31
N ALA A 22 -16.47 -0.84 -24.90
CA ALA A 22 -17.22 -1.41 -23.77
C ALA A 22 -16.26 -2.40 -23.12
N LEU A 23 -15.47 -1.92 -22.17
CA LEU A 23 -14.37 -2.69 -21.60
C LEU A 23 -14.80 -3.36 -20.30
N ARG A 24 -14.61 -4.67 -20.20
CA ARG A 24 -14.84 -5.32 -18.91
C ARG A 24 -13.71 -4.97 -17.96
N THR A 25 -14.04 -4.24 -16.90
CA THR A 25 -13.06 -3.76 -15.96
C THR A 25 -13.21 -4.38 -14.57
N GLY A 26 -14.40 -4.86 -14.24
CA GLY A 26 -14.67 -5.47 -12.95
C GLY A 26 -15.64 -6.60 -13.07
N TRP A 27 -16.10 -7.10 -11.92
CA TRP A 27 -17.02 -8.23 -11.86
C TRP A 27 -18.12 -7.94 -10.86
N TYR A 28 -19.30 -8.48 -11.14
CA TYR A 28 -20.41 -8.45 -10.19
C TYR A 28 -20.86 -9.87 -9.92
N THR A 29 -20.94 -10.24 -8.65
CA THR A 29 -21.30 -11.59 -8.23
C THR A 29 -22.69 -11.59 -7.62
N SER A 30 -23.51 -12.52 -8.07
CA SER A 30 -24.85 -12.73 -7.54
C SER A 30 -25.03 -14.21 -7.23
N VAL A 31 -25.97 -14.53 -6.34
CA VAL A 31 -26.20 -15.90 -5.89
C VAL A 31 -27.57 -16.35 -6.38
N ILE A 32 -27.59 -17.43 -7.16
CA ILE A 32 -28.82 -18.02 -7.67
C ILE A 32 -29.14 -19.27 -6.86
N THR A 33 -30.38 -19.38 -6.40
CA THR A 33 -30.78 -20.51 -5.58
C THR A 33 -31.95 -21.24 -6.20
N ILE A 34 -32.00 -22.54 -5.94
CA ILE A 34 -33.13 -23.39 -6.30
C ILE A 34 -33.52 -24.17 -5.04
N GLU A 35 -34.79 -24.06 -4.65
CA GLU A 35 -35.30 -24.78 -3.49
C GLU A 35 -35.54 -26.24 -3.85
N LEU A 36 -35.11 -27.15 -2.97
CA LEU A 36 -35.12 -28.57 -3.27
C LEU A 36 -35.89 -29.36 -2.20
N SER A 37 -36.46 -30.49 -2.63
CA SER A 37 -37.09 -31.43 -1.71
C SER A 37 -36.10 -32.49 -1.27
N ASN A 38 -36.29 -32.99 -0.06
CA ASN A 38 -35.40 -33.99 0.53
C ASN A 38 -35.87 -35.42 0.31
N ILE A 39 -37.02 -35.62 -0.34
CA ILE A 39 -37.71 -36.89 -0.21
C ILE A 39 -36.91 -38.03 -0.83
N LYS A 40 -36.96 -39.19 -0.17
CA LYS A 40 -36.44 -40.44 -0.70
C LYS A 40 -37.50 -41.03 -1.64
N GLU A 41 -37.27 -42.25 -2.08
CA GLU A 41 -38.08 -42.90 -3.11
C GLU A 41 -39.55 -42.89 -2.70
N ILE A 42 -40.44 -42.71 -3.69
CA ILE A 42 -41.85 -42.96 -3.48
C ILE A 42 -41.97 -44.38 -2.94
N LYS A 43 -42.49 -44.52 -1.72
CA LYS A 43 -42.39 -45.78 -0.99
C LYS A 43 -43.67 -46.60 -1.17
N CYS A 44 -43.86 -47.04 -2.42
CA CYS A 44 -44.87 -48.04 -2.77
C CYS A 44 -44.48 -48.61 -4.12
N ASN A 45 -45.19 -49.66 -4.54
CA ASN A 45 -44.80 -50.30 -5.80
C ASN A 45 -45.95 -50.41 -6.79
N GLY A 46 -46.83 -51.39 -6.64
CA GLY A 46 -48.01 -51.47 -7.49
C GLY A 46 -47.77 -51.55 -8.99
N THR A 47 -48.88 -51.44 -9.73
CA THR A 47 -48.92 -51.67 -11.17
C THR A 47 -49.02 -50.42 -12.02
N ASP A 48 -49.55 -49.31 -11.47
CA ASP A 48 -49.92 -48.15 -12.28
C ASP A 48 -48.80 -47.71 -13.21
N ALA A 49 -49.12 -47.59 -14.50
CA ALA A 49 -48.11 -47.19 -15.47
C ALA A 49 -47.72 -45.73 -15.31
N LYS A 50 -48.61 -44.90 -14.75
CA LYS A 50 -48.29 -43.49 -14.58
C LYS A 50 -47.32 -43.28 -13.41
N VAL A 51 -47.48 -44.04 -12.33
CA VAL A 51 -46.59 -43.93 -11.18
C VAL A 51 -45.17 -44.31 -11.55
N LYS A 52 -44.99 -45.33 -12.38
CA LYS A 52 -43.65 -45.64 -12.88
C LYS A 52 -43.01 -44.41 -13.50
N LEU A 53 -43.76 -43.70 -14.35
CA LEU A 53 -43.21 -42.52 -15.00
C LEU A 53 -42.83 -41.45 -13.97
N ILE A 54 -43.66 -41.26 -12.96
CA ILE A 54 -43.31 -40.35 -11.87
C ILE A 54 -42.02 -40.82 -11.19
N LYS A 55 -41.99 -42.11 -10.82
CA LYS A 55 -40.81 -42.67 -10.16
C LYS A 55 -39.57 -42.52 -11.02
N GLN A 56 -39.68 -42.79 -12.33
CA GLN A 56 -38.52 -42.61 -13.21
C GLN A 56 -38.09 -41.15 -13.31
N GLU A 57 -39.04 -40.22 -13.24
CA GLU A 57 -38.66 -38.81 -13.24
C GLU A 57 -38.02 -38.43 -11.92
N LEU A 58 -38.55 -38.97 -10.81
CA LEU A 58 -37.96 -38.72 -9.51
C LEU A 58 -36.54 -39.28 -9.42
N ASP A 59 -36.28 -40.41 -10.08
CA ASP A 59 -34.92 -40.96 -10.09
C ASP A 59 -33.95 -40.05 -10.82
N LYS A 60 -34.42 -39.38 -11.88
CA LYS A 60 -33.61 -38.33 -12.52
C LYS A 60 -33.32 -37.20 -11.54
N TYR A 61 -34.31 -36.83 -10.73
CA TYR A 61 -34.13 -35.80 -9.72
C TYR A 61 -33.05 -36.20 -8.71
N LYS A 62 -33.14 -37.43 -8.18
CA LYS A 62 -32.16 -37.89 -7.19
C LYS A 62 -30.77 -37.99 -7.80
N ASN A 63 -30.67 -38.48 -9.04
CA ASN A 63 -29.38 -38.58 -9.69
C ASN A 63 -28.72 -37.21 -9.82
N ALA A 64 -29.51 -36.18 -10.13
CA ALA A 64 -28.95 -34.83 -10.26
C ALA A 64 -28.50 -34.31 -8.90
N VAL A 65 -29.30 -34.52 -7.85
CA VAL A 65 -28.94 -34.06 -6.52
C VAL A 65 -27.64 -34.70 -6.06
N THR A 66 -27.56 -36.03 -6.17
CA THR A 66 -26.32 -36.75 -5.87
C THR A 66 -25.14 -36.14 -6.61
N GLU A 67 -25.26 -36.04 -7.94
CA GLU A 67 -24.15 -35.57 -8.75
C GLU A 67 -23.72 -34.16 -8.36
N LEU A 68 -24.65 -33.31 -7.93
CA LEU A 68 -24.28 -31.97 -7.50
C LEU A 68 -23.57 -31.99 -6.16
N GLN A 69 -24.01 -32.87 -5.25
CA GLN A 69 -23.32 -33.03 -3.98
C GLN A 69 -21.87 -33.44 -4.19
N LEU A 70 -21.63 -34.34 -5.16
CA LEU A 70 -20.27 -34.73 -5.52
C LEU A 70 -19.47 -33.53 -6.01
N LEU A 71 -20.13 -32.61 -6.73
CA LEU A 71 -19.42 -31.43 -7.22
C LEU A 71 -19.12 -30.45 -6.09
N MET A 72 -20.06 -30.27 -5.16
CA MET A 72 -19.87 -29.34 -4.05
C MET A 72 -18.59 -29.63 -3.29
N GLN A 73 -18.30 -30.92 -3.07
CA GLN A 73 -17.13 -31.31 -2.30
C GLN A 73 -15.83 -30.77 -2.88
N SER A 74 -15.84 -30.31 -4.13
CA SER A 74 -14.67 -29.73 -4.75
C SER A 74 -14.63 -28.20 -4.56
N PHE A 85 0.88 -11.22 -31.87
CA PHE A 85 2.33 -11.26 -31.69
C PHE A 85 2.78 -10.97 -30.25
N LEU A 86 2.08 -10.05 -29.57
CA LEU A 86 2.55 -9.54 -28.29
C LEU A 86 1.82 -10.12 -27.09
N GLY A 87 1.02 -11.18 -27.30
CA GLY A 87 0.31 -11.80 -26.20
C GLY A 87 1.21 -12.24 -25.06
N PHE A 88 2.47 -12.57 -25.36
CA PHE A 88 3.38 -13.04 -24.32
C PHE A 88 3.75 -11.94 -23.33
N LEU A 89 3.48 -10.68 -23.65
CA LEU A 89 3.77 -9.59 -22.74
C LEU A 89 2.71 -9.42 -21.66
N LEU A 90 1.55 -10.07 -21.81
CA LEU A 90 0.43 -9.87 -20.90
C LEU A 90 0.72 -10.44 -19.53
N GLY A 91 -0.02 -9.95 -18.54
CA GLY A 91 -0.01 -10.51 -17.21
C GLY A 91 -0.86 -11.75 -17.13
N VAL A 92 -1.04 -12.25 -15.91
CA VAL A 92 -1.76 -13.48 -15.66
C VAL A 92 -2.76 -13.24 -14.54
N GLY A 93 -4.05 -13.26 -14.88
CA GLY A 93 -5.11 -13.10 -13.90
C GLY A 93 -5.67 -14.44 -13.40
N SER A 94 -6.67 -14.32 -12.53
CA SER A 94 -7.41 -15.47 -12.01
C SER A 94 -8.89 -15.14 -12.21
N ALA A 95 -9.44 -15.61 -13.33
CA ALA A 95 -10.68 -15.05 -13.88
C ALA A 95 -11.86 -15.21 -12.94
N ILE A 96 -11.95 -16.32 -12.22
CA ILE A 96 -13.11 -16.52 -11.36
C ILE A 96 -12.73 -16.36 -9.89
N ALA A 97 -11.67 -15.61 -9.61
CA ALA A 97 -11.28 -15.38 -8.23
C ALA A 97 -12.37 -14.66 -7.44
N SER A 98 -13.04 -13.68 -8.07
CA SER A 98 -14.11 -12.97 -7.38
C SER A 98 -15.29 -13.91 -7.10
N GLY A 99 -15.68 -14.72 -8.09
CA GLY A 99 -16.81 -15.62 -7.89
C GLY A 99 -16.51 -16.74 -6.90
N VAL A 100 -15.29 -17.25 -6.92
CA VAL A 100 -14.91 -18.37 -6.02
C VAL A 100 -14.84 -17.86 -4.58
N ALA A 101 -14.42 -16.61 -4.39
CA ALA A 101 -14.38 -16.04 -3.04
C ALA A 101 -15.77 -15.98 -2.44
N VAL A 102 -16.79 -15.67 -3.25
CA VAL A 102 -18.16 -15.67 -2.75
C VAL A 102 -18.62 -17.09 -2.50
N SER A 103 -18.35 -18.00 -3.45
CA SER A 103 -18.66 -19.40 -3.23
C SER A 103 -18.05 -19.93 -1.94
N LYS A 104 -16.81 -19.53 -1.67
CA LYS A 104 -16.11 -20.02 -0.44
C LYS A 104 -16.91 -19.59 0.78
N VAL A 105 -17.33 -18.34 0.84
CA VAL A 105 -18.14 -17.84 1.99
C VAL A 105 -19.39 -18.71 2.13
N LEU A 106 -19.98 -19.17 1.02
CA LEU A 106 -21.24 -19.90 1.10
C LEU A 106 -21.09 -21.25 1.80
N HIS A 107 -19.90 -21.86 1.75
CA HIS A 107 -19.70 -23.13 2.44
C HIS A 107 -19.63 -22.97 3.95
N LEU A 108 -19.45 -21.74 4.45
CA LEU A 108 -19.41 -21.52 5.89
C LEU A 108 -20.74 -21.91 6.53
N GLU A 109 -20.67 -22.34 7.79
CA GLU A 109 -21.85 -22.84 8.48
C GLU A 109 -22.79 -21.70 8.84
N GLY A 110 -24.09 -21.98 8.72
CA GLY A 110 -25.09 -20.97 8.90
C GLY A 110 -25.45 -20.28 7.60
N GLU A 111 -24.46 -20.07 6.72
CA GLU A 111 -24.63 -19.11 5.62
C GLU A 111 -25.91 -19.36 4.85
N VAL A 112 -26.26 -20.62 4.61
CA VAL A 112 -27.46 -20.97 3.87
C VAL A 112 -28.71 -20.36 4.52
N ASN A 113 -28.82 -20.42 5.86
CA ASN A 113 -30.02 -19.96 6.54
C ASN A 113 -30.30 -18.48 6.27
N LYS A 114 -29.24 -17.65 6.20
CA LYS A 114 -29.44 -16.25 5.84
C LYS A 114 -30.10 -16.10 4.48
N ILE A 115 -29.53 -16.72 3.43
CA ILE A 115 -30.16 -16.66 2.10
C ILE A 115 -31.58 -17.23 2.15
N LYS A 116 -31.75 -18.32 2.91
CA LYS A 116 -33.02 -19.02 2.96
C LYS A 116 -34.08 -18.21 3.68
N SER A 117 -33.71 -17.57 4.81
CA SER A 117 -34.70 -16.77 5.53
C SER A 117 -34.97 -15.46 4.83
N ALA A 118 -33.98 -14.92 4.10
CA ALA A 118 -34.18 -13.67 3.36
C ALA A 118 -35.05 -13.87 2.13
N LEU A 119 -35.27 -15.11 1.69
CA LEU A 119 -36.07 -15.40 0.51
C LEU A 119 -37.36 -16.15 0.86
N LEU A 120 -37.86 -16.03 2.09
CA LEU A 120 -39.01 -16.83 2.48
C LEU A 120 -40.27 -16.35 1.78
N SER A 121 -40.51 -15.04 1.78
CA SER A 121 -41.68 -14.44 1.14
C SER A 121 -41.38 -13.93 -0.27
N THR A 122 -40.16 -13.45 -0.49
CA THR A 122 -39.71 -12.86 -1.73
C THR A 122 -38.77 -13.79 -2.47
N ASN A 123 -38.71 -13.63 -3.80
CA ASN A 123 -37.83 -14.38 -4.67
C ASN A 123 -36.60 -13.56 -5.07
N LYS A 124 -36.28 -12.52 -4.31
CA LYS A 124 -35.13 -11.65 -4.58
C LYS A 124 -34.87 -10.76 -3.37
N ALA A 125 -33.67 -10.81 -2.82
CA ALA A 125 -33.35 -10.03 -1.64
C ALA A 125 -31.84 -9.90 -1.51
N VAL A 126 -31.39 -8.73 -1.05
CA VAL A 126 -29.97 -8.49 -0.85
C VAL A 126 -29.57 -9.07 0.49
N VAL A 127 -28.62 -10.01 0.48
CA VAL A 127 -28.19 -10.70 1.74
C VAL A 127 -26.79 -10.25 2.15
N SER A 128 -26.49 -10.26 3.45
CA SER A 128 -25.17 -9.86 3.98
C SER A 128 -24.58 -11.05 4.69
N LEU A 129 -23.28 -11.29 4.52
CA LEU A 129 -22.71 -12.55 5.04
C LEU A 129 -21.39 -12.33 5.78
N SER A 130 -20.68 -13.42 6.08
CA SER A 130 -19.33 -13.30 6.68
C SER A 130 -18.44 -12.45 5.78
N ASN A 131 -17.53 -11.67 6.35
CA ASN A 131 -16.65 -10.73 5.60
C ASN A 131 -17.47 -9.52 5.12
N GLY A 132 -18.65 -9.31 5.72
CA GLY A 132 -19.47 -8.11 5.42
C GLY A 132 -19.95 -8.07 3.99
N VAL A 133 -19.63 -9.11 3.21
CA VAL A 133 -20.01 -9.17 1.77
C VAL A 133 -21.52 -9.04 1.65
N SER A 134 -21.98 -8.29 0.65
CA SER A 134 -23.43 -8.14 0.41
C SER A 134 -23.75 -8.45 -1.04
N VAL A 135 -24.45 -9.56 -1.29
CA VAL A 135 -24.70 -9.98 -2.70
C VAL A 135 -26.19 -10.13 -2.95
N LEU A 136 -26.63 -9.76 -4.15
CA LEU A 136 -28.04 -9.97 -4.49
C LEU A 136 -28.31 -11.46 -4.73
N THR A 137 -29.32 -12.00 -4.06
CA THR A 137 -29.71 -13.39 -4.19
C THR A 137 -31.15 -13.50 -4.64
N SER A 138 -31.45 -14.54 -5.43
CA SER A 138 -32.79 -14.74 -5.95
C SER A 138 -33.12 -16.24 -5.98
N LYS A 139 -34.42 -16.53 -6.00
CA LYS A 139 -34.92 -17.88 -6.17
C LYS A 139 -35.54 -18.00 -7.56
N VAL A 140 -35.12 -19.01 -8.32
CA VAL A 140 -35.54 -19.16 -9.71
C VAL A 140 -36.40 -20.40 -9.95
N LEU A 141 -36.55 -21.28 -8.96
CA LEU A 141 -37.30 -22.52 -9.12
C LEU A 141 -37.48 -23.15 -7.75
N ASP A 142 -38.69 -23.64 -7.47
CA ASP A 142 -39.04 -24.19 -6.17
C ASP A 142 -39.56 -25.62 -6.35
N LEU A 143 -38.65 -26.56 -6.57
CA LEU A 143 -39.02 -27.97 -6.63
C LEU A 143 -39.46 -28.53 -5.28
N LYS A 144 -39.07 -27.89 -4.18
CA LYS A 144 -39.55 -28.33 -2.88
C LYS A 144 -41.06 -28.18 -2.78
N ASN A 145 -41.57 -27.03 -3.23
CA ASN A 145 -43.02 -26.80 -3.21
C ASN A 145 -43.74 -27.77 -4.12
N TYR A 146 -43.21 -27.99 -5.33
CA TYR A 146 -43.90 -28.86 -6.27
C TYR A 146 -43.92 -30.30 -5.78
N ILE A 147 -42.76 -30.82 -5.37
CA ILE A 147 -42.69 -32.23 -4.99
C ILE A 147 -43.44 -32.48 -3.69
N ASP A 148 -43.19 -31.65 -2.67
CA ASP A 148 -43.75 -31.93 -1.35
C ASP A 148 -45.24 -31.59 -1.26
N LYS A 149 -45.65 -30.43 -1.75
CA LYS A 149 -47.04 -30.01 -1.58
C LYS A 149 -47.91 -30.10 -2.81
N GLN A 150 -47.35 -30.45 -3.96
CA GLN A 150 -48.17 -30.61 -5.15
C GLN A 150 -48.09 -32.01 -5.75
N LEU A 151 -46.96 -32.70 -5.64
CA LEU A 151 -46.80 -34.01 -6.26
C LEU A 151 -47.21 -35.15 -5.32
N LEU A 152 -46.48 -35.32 -4.23
CA LEU A 152 -46.73 -36.45 -3.34
C LEU A 152 -48.15 -36.51 -2.77
N PRO A 153 -48.80 -35.40 -2.39
CA PRO A 153 -50.15 -35.52 -1.82
C PRO A 153 -51.18 -36.19 -2.73
N ILE A 154 -50.94 -36.34 -4.04
CA ILE A 154 -51.90 -37.05 -4.89
C ILE A 154 -51.49 -38.46 -5.19
N VAL A 155 -50.37 -38.93 -4.64
CA VAL A 155 -49.98 -40.31 -4.83
C VAL A 155 -50.81 -41.15 -3.88
N ASN A 156 -51.90 -41.73 -4.38
CA ASN A 156 -52.69 -42.66 -3.60
C ASN A 156 -51.80 -43.82 -3.14
N LYS A 157 -51.83 -44.11 -1.83
CA LYS A 157 -50.85 -45.03 -1.26
C LYS A 157 -51.33 -46.48 -1.21
N GLN A 158 -52.63 -46.71 -0.97
CA GLN A 158 -53.14 -48.07 -0.98
C GLN A 158 -53.18 -48.67 -2.37
N SER A 159 -53.09 -47.84 -3.41
CA SER A 159 -53.04 -48.32 -4.78
C SER A 159 -51.73 -47.99 -5.48
N CYS A 160 -50.93 -47.07 -4.93
CA CYS A 160 -49.71 -46.60 -5.58
C CYS A 160 -50.01 -46.11 -6.99
N SER A 161 -51.01 -45.22 -7.08
CA SER A 161 -51.45 -44.69 -8.36
C SER A 161 -51.68 -43.19 -8.28
N ILE A 162 -51.56 -42.53 -9.43
CA ILE A 162 -52.06 -41.17 -9.66
C ILE A 162 -53.14 -41.22 -10.73
N PRO A 163 -54.10 -40.32 -10.70
CA PRO A 163 -55.23 -40.39 -11.65
C PRO A 163 -55.01 -39.66 -12.97
N ASN A 164 -54.06 -38.72 -13.04
CA ASN A 164 -54.01 -37.77 -14.15
C ASN A 164 -52.67 -37.79 -14.85
N ILE A 165 -52.71 -38.06 -16.17
CA ILE A 165 -51.51 -38.04 -17.00
C ILE A 165 -50.90 -36.64 -17.08
N GLU A 166 -51.68 -35.59 -16.81
CA GLU A 166 -51.14 -34.24 -16.82
C GLU A 166 -50.02 -34.08 -15.80
N THR A 167 -50.14 -34.77 -14.66
CA THR A 167 -49.12 -34.66 -13.61
C THR A 167 -47.76 -35.09 -14.12
N VAL A 168 -47.71 -36.17 -14.89
CA VAL A 168 -46.44 -36.65 -15.44
C VAL A 168 -45.76 -35.55 -16.23
N ILE A 169 -46.50 -34.89 -17.12
CA ILE A 169 -45.92 -33.85 -17.96
C ILE A 169 -45.56 -32.63 -17.12
N GLU A 170 -46.39 -32.28 -16.14
CA GLU A 170 -46.07 -31.15 -15.27
C GLU A 170 -44.75 -31.37 -14.52
N PHE A 171 -44.58 -32.57 -13.96
CA PHE A 171 -43.35 -32.87 -13.21
C PHE A 171 -42.13 -32.82 -14.12
N GLN A 172 -42.20 -33.44 -15.31
CA GLN A 172 -41.10 -33.33 -16.26
C GLN A 172 -40.71 -31.88 -16.52
N GLN A 173 -41.71 -31.00 -16.62
CA GLN A 173 -41.45 -29.61 -17.00
C GLN A 173 -40.73 -28.83 -15.89
N LYS A 174 -41.17 -28.99 -14.64
CA LYS A 174 -40.47 -28.27 -13.57
C LYS A 174 -39.15 -28.93 -13.18
N ASN A 175 -38.99 -30.23 -13.41
CA ASN A 175 -37.71 -30.88 -13.12
C ASN A 175 -36.67 -30.61 -14.19
N ASN A 176 -37.08 -30.18 -15.39
CA ASN A 176 -36.16 -30.14 -16.52
C ASN A 176 -35.03 -29.14 -16.29
N ARG A 177 -35.33 -28.00 -15.68
CA ARG A 177 -34.29 -26.98 -15.50
C ARG A 177 -33.18 -27.49 -14.59
N LEU A 178 -33.54 -28.18 -13.50
CA LEU A 178 -32.54 -28.74 -12.61
C LEU A 178 -31.64 -29.74 -13.35
N LEU A 179 -32.25 -30.65 -14.11
CA LEU A 179 -31.46 -31.64 -14.84
C LEU A 179 -30.50 -30.98 -15.83
N GLU A 180 -30.91 -29.87 -16.44
CA GLU A 180 -30.07 -29.22 -17.44
C GLU A 180 -28.92 -28.47 -16.78
N ILE A 181 -29.18 -27.79 -15.66
CA ILE A 181 -28.10 -27.16 -14.91
C ILE A 181 -27.09 -28.20 -14.47
N THR A 182 -27.58 -29.37 -14.05
CA THR A 182 -26.68 -30.41 -13.57
C THR A 182 -25.83 -30.97 -14.70
N ARG A 183 -26.41 -31.18 -15.89
CA ARG A 183 -25.61 -31.68 -17.00
C ARG A 183 -24.51 -30.71 -17.33
N GLU A 184 -24.86 -29.42 -17.37
CA GLU A 184 -23.88 -28.39 -17.72
C GLU A 184 -22.73 -28.39 -16.72
N PHE A 185 -23.05 -28.36 -15.42
CA PHE A 185 -22.00 -28.38 -14.40
C PHE A 185 -21.17 -29.67 -14.49
N SER A 186 -21.82 -30.80 -14.80
CA SER A 186 -21.14 -32.09 -14.78
C SER A 186 -20.11 -32.22 -15.90
N VAL A 187 -20.31 -31.50 -17.01
CA VAL A 187 -19.39 -31.54 -18.14
C VAL A 187 -18.32 -30.45 -18.04
N ASN A 188 -18.46 -29.52 -17.10
CA ASN A 188 -17.57 -28.38 -17.00
C ASN A 188 -16.93 -28.25 -15.61
N ALA A 189 -16.83 -29.34 -14.86
CA ALA A 189 -16.21 -29.33 -13.54
C ALA A 189 -16.76 -28.21 -12.65
N GLY A 190 -18.07 -27.96 -12.76
CA GLY A 190 -18.73 -27.00 -11.90
C GLY A 190 -18.53 -25.54 -12.23
N VAL A 191 -17.96 -25.21 -13.40
CA VAL A 191 -17.77 -23.82 -13.83
C VAL A 191 -18.10 -23.73 -15.31
N THR A 192 -19.10 -22.92 -15.67
CA THR A 192 -19.52 -22.79 -17.06
C THR A 192 -19.33 -21.36 -17.54
N THR A 193 -18.93 -21.24 -18.80
CA THR A 193 -18.97 -19.99 -19.56
C THR A 193 -19.03 -20.38 -21.02
N PRO A 194 -19.86 -19.73 -21.85
CA PRO A 194 -20.83 -18.69 -21.48
C PRO A 194 -21.95 -19.20 -20.56
N VAL A 195 -22.68 -18.28 -19.94
CA VAL A 195 -23.75 -18.65 -19.02
C VAL A 195 -25.01 -18.92 -19.82
N SER A 196 -25.49 -20.17 -19.76
CA SER A 196 -26.61 -20.59 -20.56
C SER A 196 -27.92 -20.00 -20.04
N THR A 197 -28.96 -20.07 -20.88
CA THR A 197 -30.28 -19.66 -20.44
C THR A 197 -30.89 -20.60 -19.42
N TYR A 198 -30.28 -21.78 -19.21
CA TYR A 198 -30.71 -22.64 -18.12
C TYR A 198 -30.19 -22.14 -16.77
N MET A 199 -28.97 -21.61 -16.74
CA MET A 199 -28.46 -21.00 -15.51
C MET A 199 -29.18 -19.69 -15.20
N LEU A 200 -29.49 -18.91 -16.24
CA LEU A 200 -30.05 -17.57 -16.05
C LEU A 200 -30.86 -17.23 -17.30
N THR A 201 -32.18 -17.16 -17.17
CA THR A 201 -32.99 -16.78 -18.31
C THR A 201 -32.77 -15.30 -18.65
N ASN A 202 -33.10 -14.93 -19.89
CA ASN A 202 -33.02 -13.53 -20.29
C ASN A 202 -33.75 -12.63 -19.31
N SER A 203 -34.98 -13.01 -18.95
CA SER A 203 -35.73 -12.23 -17.97
C SER A 203 -34.98 -12.12 -16.65
N GLU A 204 -34.39 -13.23 -16.18
CA GLU A 204 -33.63 -13.19 -14.94
C GLU A 204 -32.37 -12.33 -15.08
N LEU A 205 -31.67 -12.44 -16.22
CA LEU A 205 -30.44 -11.69 -16.41
C LEU A 205 -30.72 -10.19 -16.56
N LEU A 206 -31.73 -9.83 -17.36
CA LEU A 206 -32.10 -8.43 -17.50
C LEU A 206 -32.57 -7.84 -16.17
N SER A 207 -33.26 -8.65 -15.36
CA SER A 207 -33.65 -8.19 -14.03
C SER A 207 -32.44 -8.00 -13.13
N LEU A 208 -31.46 -8.90 -13.22
CA LEU A 208 -30.23 -8.75 -12.45
C LEU A 208 -29.52 -7.46 -12.82
N ILE A 209 -29.47 -7.15 -14.12
CA ILE A 209 -28.82 -5.94 -14.59
C ILE A 209 -29.54 -4.69 -14.09
N ASN A 210 -30.87 -4.67 -14.14
CA ASN A 210 -31.59 -3.45 -13.74
C ASN A 210 -31.49 -3.18 -12.25
N ASP A 211 -31.40 -4.24 -11.44
CA ASP A 211 -31.21 -4.10 -10.01
C ASP A 211 -29.76 -4.00 -9.59
N MET A 212 -28.80 -3.92 -10.55
CA MET A 212 -27.37 -3.80 -10.29
C MET A 212 -27.04 -2.35 -9.90
N PRO A 213 -26.22 -2.16 -8.86
CA PRO A 213 -25.71 -0.80 -8.59
C PRO A 213 -24.71 -0.32 -9.64
N ILE A 214 -25.21 0.05 -10.83
CA ILE A 214 -24.40 0.65 -11.89
C ILE A 214 -25.12 1.88 -12.43
N THR A 215 -24.42 2.63 -13.28
CA THR A 215 -25.01 3.79 -13.94
C THR A 215 -26.01 3.33 -15.00
N ASN A 216 -27.00 4.20 -15.28
CA ASN A 216 -28.03 3.88 -16.25
C ASN A 216 -27.45 3.62 -17.64
N ASP A 217 -26.37 4.32 -17.99
CA ASP A 217 -25.71 4.06 -19.26
C ASP A 217 -25.13 2.65 -19.29
N GLN A 218 -24.61 2.18 -18.15
CA GLN A 218 -24.15 0.80 -18.05
C GLN A 218 -25.30 -0.18 -18.11
N LYS A 219 -26.42 0.13 -17.47
CA LYS A 219 -27.58 -0.76 -17.54
C LYS A 219 -28.06 -0.91 -18.97
N LYS A 220 -28.15 0.21 -19.70
CA LYS A 220 -28.62 0.17 -21.08
C LYS A 220 -27.68 -0.63 -21.97
N LEU A 221 -26.38 -0.35 -21.88
CA LEU A 221 -25.37 -1.10 -22.64
C LEU A 221 -25.54 -2.59 -22.46
N MET A 222 -25.58 -3.05 -21.20
CA MET A 222 -25.70 -4.48 -20.93
C MET A 222 -27.03 -5.03 -21.40
N SER A 223 -28.13 -4.30 -21.17
CA SER A 223 -29.44 -4.79 -21.59
C SER A 223 -29.55 -4.89 -23.10
N ASN A 224 -28.92 -3.96 -23.84
CA ASN A 224 -28.94 -4.00 -25.29
C ASN A 224 -27.95 -5.01 -25.87
N ASN A 225 -27.10 -5.61 -25.04
CA ASN A 225 -26.11 -6.57 -25.52
C ASN A 225 -26.05 -7.77 -24.58
N VAL A 226 -27.22 -8.27 -24.18
CA VAL A 226 -27.27 -9.32 -23.18
C VAL A 226 -26.51 -10.56 -23.66
N GLN A 227 -26.46 -10.80 -24.96
CA GLN A 227 -25.77 -11.99 -25.45
C GLN A 227 -24.27 -11.86 -25.33
N ILE A 228 -23.74 -10.63 -25.34
CA ILE A 228 -22.32 -10.44 -25.07
C ILE A 228 -22.05 -10.60 -23.59
N VAL A 229 -22.94 -10.09 -22.74
CA VAL A 229 -22.79 -10.28 -21.30
C VAL A 229 -22.72 -11.76 -20.96
N ARG A 230 -23.59 -12.58 -21.57
CA ARG A 230 -23.57 -14.01 -21.32
C ARG A 230 -22.21 -14.62 -21.64
N GLN A 231 -21.61 -14.19 -22.74
CA GLN A 231 -20.34 -14.77 -23.16
C GLN A 231 -19.21 -14.40 -22.22
N GLN A 232 -19.31 -13.28 -21.52
CA GLN A 232 -18.27 -12.84 -20.62
C GLN A 232 -18.55 -13.21 -19.17
N SER A 233 -19.59 -13.99 -18.92
CA SER A 233 -20.01 -14.35 -17.57
C SER A 233 -19.66 -15.79 -17.25
N TYR A 234 -19.63 -16.09 -15.95
CA TYR A 234 -19.39 -17.43 -15.44
C TYR A 234 -20.53 -17.84 -14.52
N SER A 235 -20.83 -19.13 -14.52
CA SER A 235 -21.69 -19.72 -13.51
C SER A 235 -20.86 -20.72 -12.71
N ILE A 236 -20.84 -20.56 -11.39
CA ILE A 236 -19.95 -21.32 -10.52
C ILE A 236 -20.81 -22.10 -9.53
N MET A 237 -20.83 -23.42 -9.68
CA MET A 237 -21.54 -24.27 -8.74
C MET A 237 -20.96 -24.08 -7.34
N SER A 238 -21.83 -23.91 -6.35
CA SER A 238 -21.35 -23.61 -5.01
C SER A 238 -21.72 -24.70 -4.03
N ILE A 239 -22.98 -24.76 -3.60
CA ILE A 239 -23.40 -25.61 -2.50
C ILE A 239 -24.75 -26.23 -2.80
N ILE A 240 -24.95 -27.44 -2.27
CA ILE A 240 -26.27 -28.05 -2.22
C ILE A 240 -26.44 -28.68 -0.84
N LYS A 241 -27.23 -28.02 0.00
CA LYS A 241 -27.44 -28.49 1.36
C LYS A 241 -28.67 -27.80 1.95
N GLU A 242 -29.33 -28.50 2.87
CA GLU A 242 -30.47 -27.96 3.61
C GLU A 242 -31.57 -27.47 2.67
N GLU A 243 -31.91 -28.31 1.69
CA GLU A 243 -32.99 -28.04 0.74
C GLU A 243 -32.73 -26.81 -0.12
N VAL A 244 -31.46 -26.49 -0.36
CA VAL A 244 -31.10 -25.35 -1.19
C VAL A 244 -29.94 -25.74 -2.10
N LEU A 245 -30.11 -25.50 -3.40
CA LEU A 245 -29.03 -25.48 -4.36
C LEU A 245 -28.65 -24.04 -4.63
N ALA A 246 -27.36 -23.73 -4.55
CA ALA A 246 -26.91 -22.35 -4.78
C ALA A 246 -25.68 -22.35 -5.67
N TYR A 247 -25.66 -21.46 -6.66
CA TYR A 247 -24.49 -21.24 -7.49
C TYR A 247 -24.29 -19.75 -7.71
N VAL A 248 -23.04 -19.37 -7.97
CA VAL A 248 -22.65 -17.98 -8.11
C VAL A 248 -22.59 -17.66 -9.59
N VAL A 249 -23.25 -16.58 -10.01
CA VAL A 249 -23.09 -16.04 -11.35
C VAL A 249 -22.20 -14.81 -11.26
N GLN A 250 -21.15 -14.81 -12.05
CA GLN A 250 -20.15 -13.76 -12.07
C GLN A 250 -20.33 -13.01 -13.39
N LEU A 251 -20.88 -11.78 -13.31
CA LEU A 251 -21.23 -10.95 -14.46
C LEU A 251 -20.18 -9.87 -14.70
N PRO A 252 -19.92 -9.52 -15.96
CA PRO A 252 -18.96 -8.45 -16.24
C PRO A 252 -19.48 -7.09 -15.78
N LEU A 253 -18.56 -6.26 -15.30
CA LEU A 253 -18.83 -4.83 -15.07
C LEU A 253 -18.07 -4.04 -16.13
N TYR A 254 -18.80 -3.23 -16.89
CA TYR A 254 -18.22 -2.42 -17.96
C TYR A 254 -18.01 -1.02 -17.42
N GLY A 255 -16.88 -0.81 -16.76
CA GLY A 255 -16.59 0.47 -16.14
C GLY A 255 -16.02 1.53 -17.06
N VAL A 256 -15.59 1.15 -18.25
CA VAL A 256 -15.14 2.08 -19.27
C VAL A 256 -16.00 1.86 -20.50
N ILE A 257 -16.77 2.89 -20.89
CA ILE A 257 -17.69 2.80 -22.00
C ILE A 257 -17.57 4.06 -22.83
N ASP A 258 -17.81 3.93 -24.14
CA ASP A 258 -17.98 5.05 -25.07
C ASP A 258 -16.70 5.85 -25.25
N THR A 259 -15.54 5.26 -24.98
CA THR A 259 -14.31 5.91 -25.37
C THR A 259 -13.89 5.43 -26.75
N PRO A 260 -13.07 6.21 -27.47
CA PRO A 260 -12.71 5.80 -28.84
C PRO A 260 -11.81 4.58 -28.86
N CYS A 261 -12.10 3.67 -29.80
CA CYS A 261 -11.23 2.54 -30.06
C CYS A 261 -10.81 2.53 -31.52
N TRP A 262 -9.67 1.89 -31.77
CA TRP A 262 -9.21 1.71 -33.13
C TRP A 262 -8.47 0.40 -33.24
N LYS A 263 -8.58 -0.23 -34.39
CA LYS A 263 -7.96 -1.53 -34.64
C LYS A 263 -6.81 -1.35 -35.61
N LEU A 264 -5.64 -1.87 -35.23
CA LEU A 264 -4.47 -1.84 -36.09
C LEU A 264 -4.27 -3.22 -36.73
N HIS A 265 -4.16 -3.24 -38.06
CA HIS A 265 -3.87 -4.44 -38.86
C HIS A 265 -2.48 -4.32 -39.45
N THR A 266 -1.69 -5.39 -39.45
CA THR A 266 -0.32 -5.35 -39.95
C THR A 266 -0.02 -6.58 -40.80
N SER A 267 0.92 -6.42 -41.72
CA SER A 267 1.28 -7.48 -42.67
C SER A 267 2.74 -7.30 -43.05
N PRO A 268 3.41 -8.38 -43.48
CA PRO A 268 4.87 -8.29 -43.72
C PRO A 268 5.23 -7.42 -44.93
N LEU A 269 6.21 -6.56 -44.72
CA LEU A 269 6.74 -5.64 -45.73
C LEU A 269 8.14 -6.10 -46.11
N CYS A 270 8.29 -6.59 -47.34
CA CYS A 270 9.53 -7.19 -47.82
C CYS A 270 10.03 -6.46 -49.06
N THR A 271 11.35 -6.43 -49.24
CA THR A 271 11.90 -6.02 -50.53
C THR A 271 11.53 -7.06 -51.59
N THR A 272 11.59 -6.65 -52.86
CA THR A 272 11.12 -7.47 -53.96
C THR A 272 12.21 -7.68 -55.00
N ASN A 273 13.45 -7.82 -54.55
CA ASN A 273 14.54 -8.20 -55.43
C ASN A 273 14.23 -9.56 -56.08
N THR A 274 14.60 -9.69 -57.35
CA THR A 274 14.31 -10.91 -58.09
C THR A 274 15.17 -12.11 -57.70
N LYS A 275 16.36 -11.90 -57.14
CA LYS A 275 17.15 -13.05 -56.68
C LYS A 275 16.56 -13.61 -55.39
N GLU A 276 16.55 -14.94 -55.26
CA GLU A 276 15.90 -15.59 -54.13
C GLU A 276 16.84 -15.67 -52.94
N GLY A 277 16.24 -15.60 -51.74
CA GLY A 277 17.00 -15.38 -50.53
C GLY A 277 17.60 -14.00 -50.40
N SER A 278 17.40 -13.13 -51.41
CA SER A 278 17.98 -11.79 -51.39
C SER A 278 17.24 -10.83 -50.47
N ASN A 279 16.01 -11.14 -50.09
CA ASN A 279 15.09 -10.12 -49.63
C ASN A 279 14.99 -10.09 -48.11
N ILE A 280 14.70 -8.90 -47.59
CA ILE A 280 14.56 -8.68 -46.16
C ILE A 280 13.14 -8.22 -45.88
N CYS A 281 12.67 -8.50 -44.66
CA CYS A 281 11.29 -8.23 -44.32
C CYS A 281 11.20 -7.60 -42.95
N LEU A 282 10.13 -6.86 -42.76
CA LEU A 282 9.81 -6.15 -41.55
C LEU A 282 8.30 -6.23 -41.37
N THR A 283 7.84 -6.54 -40.16
CA THR A 283 6.41 -6.54 -39.86
C THR A 283 6.20 -5.78 -38.56
N ARG A 284 5.26 -4.84 -38.56
CA ARG A 284 4.82 -4.25 -37.30
C ARG A 284 4.14 -5.33 -36.47
N THR A 285 4.54 -5.47 -35.20
CA THR A 285 4.00 -6.51 -34.34
C THR A 285 2.93 -6.01 -33.38
N ASP A 286 2.59 -4.73 -33.45
CA ASP A 286 1.67 -4.15 -32.49
C ASP A 286 0.21 -4.23 -32.94
N ARG A 287 -0.14 -5.22 -33.77
CA ARG A 287 -1.51 -5.40 -34.21
C ARG A 287 -2.43 -5.68 -33.03
N GLY A 288 -3.67 -5.21 -33.12
CA GLY A 288 -4.68 -5.46 -32.12
C GLY A 288 -5.60 -4.26 -31.97
N TRP A 289 -6.38 -4.30 -30.88
CA TRP A 289 -7.32 -3.25 -30.54
C TRP A 289 -6.70 -2.27 -29.55
N TYR A 290 -7.01 -0.99 -29.75
CA TYR A 290 -6.54 0.11 -28.92
C TYR A 290 -7.75 0.93 -28.50
N CYS A 291 -7.86 1.23 -27.21
CA CYS A 291 -8.96 2.06 -26.73
C CYS A 291 -8.41 3.10 -25.75
N ASP A 292 -8.84 4.34 -25.93
CA ASP A 292 -8.57 5.38 -24.94
C ASP A 292 -9.13 4.97 -23.58
N ASN A 293 -8.34 5.17 -22.53
CA ASN A 293 -8.77 4.73 -21.20
C ASN A 293 -7.99 5.50 -20.14
N ALA A 294 -8.66 6.46 -19.49
CA ALA A 294 -8.13 7.16 -18.32
C ALA A 294 -6.77 7.82 -18.58
N GLY A 295 -6.65 8.52 -19.71
CA GLY A 295 -5.42 9.20 -20.05
C GLY A 295 -4.34 8.31 -20.64
N SER A 296 -4.55 7.00 -20.66
CA SER A 296 -3.66 6.07 -21.34
C SER A 296 -4.42 5.38 -22.45
N VAL A 297 -3.83 4.32 -22.98
CA VAL A 297 -4.42 3.52 -24.04
C VAL A 297 -4.36 2.06 -23.61
N SER A 298 -5.52 1.40 -23.54
CA SER A 298 -5.56 -0.04 -23.35
C SER A 298 -5.34 -0.73 -24.68
N PHE A 299 -4.37 -1.65 -24.71
CA PHE A 299 -3.97 -2.34 -25.93
C PHE A 299 -4.24 -3.83 -25.76
N PHE A 300 -4.98 -4.40 -26.70
CA PHE A 300 -5.39 -5.81 -26.66
C PHE A 300 -4.74 -6.51 -27.85
N PRO A 301 -3.63 -7.23 -27.63
CA PRO A 301 -2.91 -7.86 -28.76
C PRO A 301 -3.70 -8.93 -29.46
N GLN A 302 -4.56 -9.62 -28.72
CA GLN A 302 -5.33 -10.79 -29.14
C GLN A 302 -6.68 -10.29 -29.63
N ALA A 303 -6.68 -9.65 -30.80
CA ALA A 303 -7.89 -8.93 -31.22
C ALA A 303 -9.05 -9.87 -31.50
N GLU A 304 -8.77 -11.15 -31.73
CA GLU A 304 -9.83 -12.13 -31.94
C GLU A 304 -10.64 -12.38 -30.67
N THR A 305 -10.09 -12.03 -29.51
CA THR A 305 -10.80 -12.21 -28.25
C THR A 305 -11.81 -11.09 -28.00
N CYS A 306 -11.51 -9.87 -28.42
CA CYS A 306 -12.48 -8.79 -28.37
C CYS A 306 -13.69 -9.14 -29.25
N LYS A 307 -14.84 -8.58 -28.93
CA LYS A 307 -16.07 -8.85 -29.67
C LYS A 307 -16.67 -7.54 -30.13
N VAL A 308 -16.98 -7.44 -31.43
CA VAL A 308 -17.45 -6.22 -32.05
C VAL A 308 -18.92 -6.39 -32.42
N GLN A 309 -19.78 -5.50 -31.88
CA GLN A 309 -21.20 -5.43 -32.22
C GLN A 309 -21.46 -4.06 -32.79
N SER A 310 -21.64 -4.01 -34.11
CA SER A 310 -21.80 -2.75 -34.88
C SER A 310 -20.53 -1.96 -34.66
N ASN A 311 -20.55 -0.77 -34.08
CA ASN A 311 -19.36 0.02 -33.81
C ASN A 311 -18.85 -0.15 -32.39
N ARG A 312 -19.34 -1.14 -31.66
CA ARG A 312 -19.03 -1.30 -30.25
C ARG A 312 -18.05 -2.44 -30.07
N VAL A 313 -16.97 -2.19 -29.34
CA VAL A 313 -15.89 -3.16 -29.13
C VAL A 313 -15.93 -3.60 -27.67
N PHE A 314 -16.26 -4.86 -27.43
CA PHE A 314 -16.28 -5.44 -26.10
C PHE A 314 -14.95 -6.13 -25.87
N CYS A 315 -14.11 -5.56 -25.02
CA CYS A 315 -12.81 -6.14 -24.71
C CYS A 315 -12.69 -6.34 -23.19
N ASP A 316 -11.75 -7.18 -22.80
CA ASP A 316 -11.52 -7.50 -21.40
C ASP A 316 -10.16 -6.95 -20.99
N THR A 317 -10.12 -6.08 -19.98
CA THR A 317 -8.86 -5.46 -19.59
C THR A 317 -7.84 -6.48 -19.05
N MET A 318 -8.29 -7.66 -18.62
CA MET A 318 -7.35 -8.69 -18.22
C MET A 318 -6.41 -9.06 -19.36
N ASN A 319 -6.85 -8.88 -20.62
CA ASN A 319 -6.06 -9.29 -21.78
C ASN A 319 -5.38 -8.09 -22.42
N SER A 320 -5.01 -7.10 -21.63
CA SER A 320 -4.57 -5.81 -22.15
C SER A 320 -3.26 -5.40 -21.51
N LEU A 321 -2.54 -4.53 -22.20
CA LEU A 321 -1.46 -3.74 -21.65
C LEU A 321 -1.92 -2.29 -21.57
N THR A 322 -1.47 -1.57 -20.56
CA THR A 322 -1.74 -0.13 -20.42
C THR A 322 -0.54 0.62 -20.99
N LEU A 323 -0.74 1.31 -22.11
CA LEU A 323 0.34 1.95 -22.85
C LEU A 323 0.19 3.46 -22.85
N PRO A 324 1.28 4.20 -23.02
CA PRO A 324 1.17 5.66 -23.19
C PRO A 324 0.40 6.00 -24.45
N SER A 325 -0.24 7.17 -24.42
CA SER A 325 -1.02 7.63 -25.55
C SER A 325 -0.18 7.81 -26.81
N GLU A 326 1.14 8.00 -26.67
CA GLU A 326 2.06 8.15 -27.79
C GLU A 326 2.18 6.90 -28.66
N VAL A 327 1.59 5.76 -28.24
CA VAL A 327 1.70 4.56 -29.06
C VAL A 327 1.08 4.76 -30.44
N ASN A 328 0.10 5.66 -30.55
CA ASN A 328 -0.50 5.94 -31.85
C ASN A 328 0.48 6.59 -32.82
N LEU A 329 1.56 7.20 -32.32
CA LEU A 329 2.53 7.84 -33.20
C LEU A 329 3.21 6.86 -34.14
N CYS A 330 3.19 5.57 -33.80
CA CYS A 330 3.65 4.56 -34.74
C CYS A 330 2.81 4.54 -36.02
N ASN A 331 1.57 5.02 -35.96
CA ASN A 331 0.78 5.15 -37.18
C ASN A 331 1.10 6.42 -37.95
N VAL A 332 1.72 7.40 -37.30
CA VAL A 332 2.12 8.64 -37.95
C VAL A 332 3.49 8.49 -38.59
N ASP A 333 4.46 8.05 -37.80
CA ASP A 333 5.86 7.98 -38.24
C ASP A 333 6.51 6.90 -37.39
N ILE A 334 6.80 5.76 -38.01
CA ILE A 334 7.36 4.63 -37.28
C ILE A 334 8.74 4.95 -36.71
N PHE A 335 9.41 5.99 -37.22
CA PHE A 335 10.70 6.41 -36.69
C PHE A 335 10.60 7.57 -35.69
N ASN A 336 9.40 7.86 -35.19
CA ASN A 336 9.22 8.98 -34.27
C ASN A 336 10.05 8.77 -33.00
N PRO A 337 10.53 9.85 -32.39
CA PRO A 337 11.37 9.74 -31.18
C PRO A 337 10.61 9.63 -29.87
N LYS A 338 9.28 9.64 -29.89
CA LYS A 338 8.50 9.66 -28.67
C LYS A 338 8.11 8.26 -28.20
N TYR A 339 8.00 7.31 -29.12
CA TYR A 339 7.58 5.96 -28.79
C TYR A 339 8.34 4.98 -29.67
N ASP A 340 8.93 3.96 -29.06
CA ASP A 340 9.72 2.99 -29.79
C ASP A 340 8.79 1.92 -30.37
N CYS A 341 8.57 1.97 -31.69
CA CYS A 341 7.56 1.13 -32.33
C CYS A 341 8.05 -0.32 -32.46
N LYS A 342 7.16 -1.26 -32.14
CA LYS A 342 7.51 -2.67 -32.09
C LYS A 342 7.42 -3.30 -33.48
N ILE A 343 8.47 -4.06 -33.86
CA ILE A 343 8.52 -4.73 -35.15
C ILE A 343 9.19 -6.09 -34.95
N MET A 344 9.06 -6.93 -35.96
CA MET A 344 9.87 -8.12 -36.11
C MET A 344 10.51 -8.09 -37.49
N THR A 345 11.69 -8.71 -37.57
CA THR A 345 12.45 -8.75 -38.83
C THR A 345 12.64 -10.19 -39.27
N SER A 346 12.77 -10.40 -40.58
CA SER A 346 12.94 -11.76 -41.14
C SER A 346 13.39 -11.68 -42.58
N LYS A 347 13.75 -12.81 -43.14
CA LYS A 347 13.94 -12.87 -44.59
C LYS A 347 12.95 -13.81 -45.24
N THR A 348 11.83 -14.10 -44.57
CA THR A 348 10.84 -15.05 -45.07
C THR A 348 9.76 -14.28 -45.79
N ASP A 349 9.91 -14.09 -47.10
CA ASP A 349 8.97 -13.30 -47.87
C ASP A 349 7.92 -14.23 -48.49
N VAL A 350 6.93 -14.61 -47.68
CA VAL A 350 5.80 -15.41 -48.14
C VAL A 350 4.61 -14.49 -48.35
N SER A 351 3.72 -14.88 -49.24
CA SER A 351 2.57 -14.05 -49.58
C SER A 351 1.38 -14.38 -48.68
N SER A 352 0.58 -13.36 -48.41
CA SER A 352 -0.63 -13.51 -47.60
C SER A 352 -1.44 -12.22 -47.68
N SER A 353 -2.66 -12.28 -47.16
CA SER A 353 -3.52 -11.12 -47.05
C SER A 353 -4.00 -10.98 -45.62
N VAL A 354 -4.30 -9.75 -45.24
CA VAL A 354 -4.92 -9.45 -43.95
C VAL A 354 -6.21 -8.71 -44.29
N ILE A 355 -7.34 -9.33 -43.98
CA ILE A 355 -8.65 -8.71 -44.17
C ILE A 355 -8.87 -7.71 -43.02
N THR A 356 -9.06 -6.44 -43.37
CA THR A 356 -9.20 -5.39 -42.37
C THR A 356 -10.69 -5.13 -42.10
N SER A 357 -11.01 -4.07 -41.35
CA SER A 357 -12.41 -3.73 -41.16
C SER A 357 -13.06 -3.31 -42.47
N LEU A 358 -12.33 -2.56 -43.31
CA LEU A 358 -12.94 -1.95 -44.49
C LEU A 358 -12.21 -2.27 -45.79
N GLY A 359 -11.32 -3.25 -45.79
CA GLY A 359 -10.57 -3.56 -46.98
C GLY A 359 -9.72 -4.82 -46.85
N ALA A 360 -8.54 -4.81 -47.49
CA ALA A 360 -7.65 -5.96 -47.46
C ALA A 360 -6.23 -5.50 -47.74
N ILE A 361 -5.31 -5.83 -46.86
CA ILE A 361 -3.89 -5.66 -47.11
C ILE A 361 -3.40 -6.90 -47.82
N VAL A 362 -2.61 -6.72 -48.87
CA VAL A 362 -2.09 -7.84 -49.65
C VAL A 362 -0.57 -7.73 -49.65
N SER A 363 0.10 -8.73 -49.10
CA SER A 363 1.55 -8.89 -49.18
C SER A 363 1.81 -9.93 -50.27
N CYS A 364 2.24 -9.47 -51.45
CA CYS A 364 2.39 -10.33 -52.62
C CYS A 364 3.87 -10.41 -52.99
N TYR A 365 4.45 -11.60 -52.88
CA TYR A 365 5.89 -11.75 -53.10
C TYR A 365 6.16 -12.97 -53.96
N GLY A 366 7.33 -12.96 -54.61
CA GLY A 366 7.72 -14.10 -55.42
C GLY A 366 6.87 -14.23 -56.66
N LYS A 367 6.51 -15.46 -56.99
CA LYS A 367 5.72 -15.76 -58.18
C LYS A 367 4.23 -15.90 -57.87
N THR A 368 3.82 -15.57 -56.65
CA THR A 368 2.42 -15.68 -56.25
C THR A 368 1.53 -14.78 -57.10
N LYS A 369 0.37 -15.30 -57.46
CA LYS A 369 -0.64 -14.53 -58.17
C LYS A 369 -1.63 -13.96 -57.16
N CYS A 370 -1.76 -12.63 -57.15
CA CYS A 370 -2.61 -11.93 -56.19
C CYS A 370 -3.54 -11.00 -56.94
N THR A 371 -4.85 -11.11 -56.66
CA THR A 371 -5.87 -10.32 -57.34
C THR A 371 -6.96 -9.92 -56.35
N ALA A 372 -7.77 -8.96 -56.77
CA ALA A 372 -9.00 -8.62 -56.09
C ALA A 372 -10.14 -8.71 -57.09
N SER A 373 -11.31 -9.14 -56.61
CA SER A 373 -12.41 -9.45 -57.49
C SER A 373 -13.71 -8.88 -56.96
N ASN A 374 -14.63 -8.68 -57.90
CA ASN A 374 -16.00 -8.26 -57.65
C ASN A 374 -16.90 -9.41 -58.09
N LYS A 375 -18.00 -9.62 -57.37
CA LYS A 375 -18.84 -10.78 -57.67
C LYS A 375 -19.41 -10.71 -59.09
N ASN A 376 -19.60 -9.50 -59.63
CA ASN A 376 -20.22 -9.38 -60.94
C ASN A 376 -19.21 -9.32 -62.07
N ARG A 377 -18.07 -8.68 -61.85
CA ARG A 377 -17.08 -8.45 -62.90
C ARG A 377 -15.93 -9.45 -62.89
N GLY A 378 -15.79 -10.26 -61.84
CA GLY A 378 -14.59 -11.06 -61.74
C GLY A 378 -13.39 -10.21 -61.32
N ILE A 379 -12.21 -10.58 -61.81
CA ILE A 379 -10.98 -9.89 -61.39
C ILE A 379 -11.02 -8.45 -61.85
N ILE A 380 -10.82 -7.52 -60.92
CA ILE A 380 -10.80 -6.10 -61.23
C ILE A 380 -9.51 -5.42 -60.82
N LYS A 381 -8.60 -6.12 -60.14
CA LYS A 381 -7.28 -5.59 -59.83
C LYS A 381 -6.31 -6.75 -59.76
N THR A 382 -5.13 -6.58 -60.36
CA THR A 382 -4.04 -7.53 -60.25
C THR A 382 -2.91 -6.86 -59.50
N PHE A 383 -2.51 -7.46 -58.38
CA PHE A 383 -1.47 -6.88 -57.55
C PHE A 383 -0.09 -7.17 -58.13
N SER A 384 0.79 -6.19 -58.01
CA SER A 384 2.22 -6.32 -58.26
C SER A 384 2.91 -6.80 -56.98
N ASN A 385 4.16 -7.21 -57.10
CA ASN A 385 4.90 -7.64 -55.92
C ASN A 385 5.11 -6.47 -54.97
N GLY A 386 4.96 -6.73 -53.67
CA GLY A 386 5.03 -5.71 -52.65
C GLY A 386 3.82 -5.77 -51.74
N CYS A 387 3.67 -4.75 -50.90
CA CYS A 387 2.53 -4.68 -50.01
C CYS A 387 1.60 -3.58 -50.48
N ASP A 388 0.33 -3.93 -50.67
CA ASP A 388 -0.65 -3.08 -51.32
C ASP A 388 -1.97 -3.24 -50.58
N TYR A 389 -2.99 -2.52 -51.04
CA TYR A 389 -4.24 -2.49 -50.31
C TYR A 389 -5.38 -2.23 -51.28
N VAL A 390 -6.53 -2.81 -50.98
CA VAL A 390 -7.76 -2.49 -51.69
C VAL A 390 -8.89 -2.30 -50.69
N SER A 391 -9.74 -1.33 -50.98
CA SER A 391 -10.96 -1.03 -50.23
C SER A 391 -12.02 -2.11 -50.46
N ASN A 392 -12.95 -2.22 -49.51
CA ASN A 392 -14.07 -3.13 -49.69
C ASN A 392 -15.19 -2.54 -50.54
N LYS A 393 -15.05 -1.30 -51.01
CA LYS A 393 -16.03 -0.69 -51.90
C LYS A 393 -15.81 -1.23 -53.32
N GLY A 394 -16.75 -2.04 -53.80
CA GLY A 394 -16.63 -2.64 -55.11
C GLY A 394 -15.87 -3.94 -55.14
N VAL A 395 -15.18 -4.31 -54.06
CA VAL A 395 -14.43 -5.54 -53.97
C VAL A 395 -15.17 -6.51 -53.06
N ASP A 396 -15.32 -7.76 -53.49
CA ASP A 396 -15.95 -8.78 -52.67
C ASP A 396 -14.98 -9.84 -52.17
N THR A 397 -13.97 -10.19 -52.97
CA THR A 397 -12.98 -11.18 -52.57
C THR A 397 -11.61 -10.71 -53.02
N VAL A 398 -10.60 -11.25 -52.36
CA VAL A 398 -9.21 -11.17 -52.80
C VAL A 398 -8.66 -12.59 -52.81
N SER A 399 -7.77 -12.86 -53.75
CA SER A 399 -7.09 -14.14 -53.84
C SER A 399 -5.60 -13.92 -53.81
N VAL A 400 -4.91 -14.59 -52.89
CA VAL A 400 -3.46 -14.55 -52.77
C VAL A 400 -3.01 -15.99 -52.87
N GLY A 401 -2.35 -16.32 -53.98
CA GLY A 401 -2.01 -17.71 -54.21
C GLY A 401 -3.27 -18.56 -54.30
N ASN A 402 -3.27 -19.65 -53.55
CA ASN A 402 -4.38 -20.61 -53.56
C ASN A 402 -5.43 -20.30 -52.49
N THR A 403 -5.39 -19.13 -51.85
CA THR A 403 -6.33 -18.77 -50.80
C THR A 403 -7.23 -17.64 -51.26
N LEU A 404 -8.54 -17.89 -51.32
CA LEU A 404 -9.53 -16.85 -51.57
C LEU A 404 -10.05 -16.33 -50.25
N TYR A 405 -10.13 -15.00 -50.09
CA TYR A 405 -10.67 -14.45 -48.86
C TYR A 405 -11.89 -13.59 -49.20
N TYR A 406 -12.95 -13.68 -48.41
CA TYR A 406 -14.03 -12.72 -48.51
C TYR A 406 -13.71 -11.49 -47.68
N VAL A 407 -13.96 -10.32 -48.23
CA VAL A 407 -13.73 -9.10 -47.47
C VAL A 407 -14.99 -8.76 -46.70
N ASN A 408 -14.81 -8.04 -45.59
CA ASN A 408 -15.94 -7.52 -44.83
C ASN A 408 -16.69 -6.47 -45.64
N LYS A 409 -18.01 -6.53 -45.60
CA LYS A 409 -18.84 -5.60 -46.35
C LYS A 409 -19.48 -4.53 -45.46
N GLN A 410 -18.92 -4.26 -44.29
CA GLN A 410 -19.43 -3.18 -43.46
C GLN A 410 -19.18 -1.83 -44.12
N GLU A 411 -20.00 -0.84 -43.80
CA GLU A 411 -19.93 0.38 -44.59
C GLU A 411 -19.01 1.36 -43.87
N GLY A 412 -18.37 2.21 -44.66
CA GLY A 412 -17.32 3.09 -44.16
C GLY A 412 -16.49 3.58 -45.33
N LYS A 413 -15.40 4.28 -44.99
CA LYS A 413 -14.56 4.91 -46.00
C LYS A 413 -13.09 4.64 -45.74
N SER A 414 -12.35 4.30 -46.79
CA SER A 414 -10.93 3.96 -46.71
C SER A 414 -10.11 5.02 -47.41
N LEU A 415 -8.95 5.33 -46.84
CA LEU A 415 -7.99 6.26 -47.42
C LEU A 415 -6.65 5.57 -47.58
N TYR A 416 -6.09 5.67 -48.79
CA TYR A 416 -4.80 5.06 -49.11
C TYR A 416 -3.71 6.12 -48.91
N VAL A 417 -2.86 5.92 -47.91
CA VAL A 417 -1.79 6.88 -47.59
C VAL A 417 -0.52 6.39 -48.27
N LYS A 418 -0.16 7.03 -49.38
CA LYS A 418 1.01 6.60 -50.15
C LYS A 418 2.30 7.04 -49.45
N GLY A 419 3.34 6.23 -49.64
CA GLY A 419 4.63 6.56 -49.05
C GLY A 419 5.65 5.48 -49.36
N GLU A 420 6.90 5.85 -49.20
CA GLU A 420 8.03 4.94 -49.41
C GLU A 420 7.97 3.77 -48.43
N PRO A 421 7.94 2.53 -48.91
CA PRO A 421 8.12 1.38 -48.00
C PRO A 421 9.38 1.53 -47.18
N ILE A 422 9.27 1.46 -45.85
CA ILE A 422 10.42 1.76 -45.01
C ILE A 422 11.48 0.68 -45.09
N ILE A 423 11.14 -0.52 -45.60
CA ILE A 423 12.13 -1.57 -45.78
C ILE A 423 13.20 -1.15 -46.78
N ASN A 424 12.90 -0.19 -47.66
CA ASN A 424 13.87 0.32 -48.61
C ASN A 424 14.95 1.18 -47.97
N PHE A 425 14.76 1.61 -46.72
CA PHE A 425 15.78 2.41 -46.05
C PHE A 425 16.90 1.57 -45.46
N TYR A 426 16.79 0.25 -45.51
CA TYR A 426 17.73 -0.63 -44.82
C TYR A 426 18.72 -1.24 -45.80
N ASP A 427 19.99 -1.22 -45.41
CA ASP A 427 21.06 -1.88 -46.14
C ASP A 427 20.89 -3.39 -45.95
N PRO A 428 20.59 -4.15 -47.01
CA PRO A 428 20.33 -5.59 -46.82
C PRO A 428 21.51 -6.38 -46.29
N LEU A 429 22.74 -5.83 -46.18
CA LEU A 429 23.83 -6.67 -45.69
C LEU A 429 24.23 -6.39 -44.25
N VAL A 430 23.61 -5.42 -43.58
CA VAL A 430 23.80 -5.20 -42.15
C VAL A 430 22.48 -5.23 -41.38
N PHE A 431 21.44 -5.85 -41.97
CA PHE A 431 20.06 -5.93 -41.48
C PHE A 431 19.93 -7.07 -40.50
N PRO A 432 19.63 -6.76 -39.21
CA PRO A 432 19.41 -7.81 -38.22
C PRO A 432 18.13 -8.57 -38.53
N SER A 433 18.26 -9.68 -39.24
CA SER A 433 17.09 -10.54 -39.52
C SER A 433 16.87 -11.49 -38.35
N ASP A 434 15.76 -12.20 -38.35
CA ASP A 434 15.41 -13.16 -37.26
C ASP A 434 15.31 -12.47 -35.91
N GLU A 435 14.69 -11.29 -35.87
CA GLU A 435 14.41 -10.64 -34.57
C GLU A 435 12.90 -10.77 -34.36
N PHE A 436 12.49 -11.52 -33.33
CA PHE A 436 11.06 -11.80 -33.10
C PHE A 436 10.42 -10.67 -32.30
N ASP A 437 11.07 -10.25 -31.22
CA ASP A 437 10.47 -9.20 -30.40
C ASP A 437 11.39 -7.99 -30.39
N ALA A 438 11.46 -7.28 -31.51
CA ALA A 438 12.37 -6.16 -31.60
C ALA A 438 11.61 -4.85 -31.65
N SER A 439 12.33 -3.78 -31.95
CA SER A 439 11.76 -2.46 -32.08
C SER A 439 12.63 -1.67 -33.05
N ILE A 440 12.10 -0.53 -33.50
CA ILE A 440 12.85 0.33 -34.41
C ILE A 440 14.21 0.69 -33.82
N SER A 441 14.23 1.11 -32.55
CA SER A 441 15.48 1.60 -31.98
C SER A 441 16.46 0.46 -31.71
N GLN A 442 15.95 -0.71 -31.29
CA GLN A 442 16.83 -1.87 -31.11
C GLN A 442 17.47 -2.29 -32.43
N VAL A 443 16.69 -2.31 -33.51
CA VAL A 443 17.25 -2.62 -34.83
C VAL A 443 18.26 -1.55 -35.22
N ASN A 444 17.92 -0.28 -35.00
CA ASN A 444 18.84 0.81 -35.32
C ASN A 444 20.17 0.64 -34.58
N GLU A 445 20.13 0.24 -33.31
CA GLU A 445 21.35 0.14 -32.54
C GLU A 445 22.24 -0.98 -33.04
N LYS A 446 21.66 -2.12 -33.42
CA LYS A 446 22.45 -3.20 -34.01
C LYS A 446 23.11 -2.74 -35.30
N ILE A 447 22.39 -2.00 -36.13
CA ILE A 447 22.94 -1.48 -37.37
C ILE A 447 24.07 -0.47 -37.09
N ASN A 448 23.87 0.40 -36.10
CA ASN A 448 24.92 1.36 -35.72
C ASN A 448 26.21 0.65 -35.32
N GLN A 449 26.10 -0.39 -34.49
CA GLN A 449 27.28 -1.12 -34.05
C GLN A 449 27.99 -1.75 -35.23
N SER A 450 27.22 -2.28 -36.20
CA SER A 450 27.85 -2.92 -37.35
C SER A 450 28.59 -1.90 -38.21
N LEU A 451 27.98 -0.75 -38.47
CA LEU A 451 28.63 0.27 -39.27
C LEU A 451 29.82 0.88 -38.53
N ALA A 452 29.73 1.00 -37.20
CA ALA A 452 30.82 1.59 -36.43
C ALA A 452 32.05 0.69 -36.45
N PHE A 453 31.85 -0.63 -36.41
CA PHE A 453 32.99 -1.52 -36.49
C PHE A 453 33.63 -1.49 -37.88
N ILE A 454 32.84 -1.24 -38.93
CA ILE A 454 33.41 -1.06 -40.26
C ILE A 454 34.17 0.25 -40.32
N ARG A 455 33.59 1.30 -39.75
CA ARG A 455 34.23 2.61 -39.81
C ARG A 455 35.56 2.61 -39.04
N LYS A 456 35.55 2.10 -37.81
CA LYS A 456 36.78 2.04 -37.01
C LYS A 456 37.85 1.21 -37.71
N SER A 457 37.45 0.07 -38.31
CA SER A 457 38.43 -0.77 -38.98
C SER A 457 39.12 -0.04 -40.13
N ASP A 458 38.34 0.64 -40.98
CA ASP A 458 38.94 1.38 -42.08
C ASP A 458 39.78 2.55 -41.58
N GLU A 459 39.32 3.23 -40.52
CA GLU A 459 40.10 4.35 -39.98
C GLU A 459 41.44 3.90 -39.41
N LEU A 460 41.48 2.73 -38.75
CA LEU A 460 42.75 2.23 -38.24
C LEU A 460 43.68 1.83 -39.37
N LEU A 461 43.14 1.13 -40.37
CA LEU A 461 43.97 0.70 -41.49
C LEU A 461 44.51 1.87 -42.30
N SER A 462 43.77 2.97 -42.36
CA SER A 462 44.26 4.13 -43.10
C SER A 462 45.25 4.97 -42.29
N ALA A 463 45.12 4.96 -40.95
CA ALA A 463 45.99 5.77 -40.11
C ALA A 463 47.33 5.10 -39.82
N ILE A 464 47.39 3.76 -39.90
CA ILE A 464 48.60 3.04 -39.54
C ILE A 464 49.74 3.34 -40.51
N GLY A 465 49.41 3.82 -41.72
CA GLY A 465 50.43 4.20 -42.68
C GLY A 465 51.25 5.42 -42.28
N GLY A 466 50.70 6.28 -41.43
CA GLY A 466 51.44 7.41 -40.94
C GLY A 466 52.39 7.13 -39.80
N TYR A 467 52.54 5.87 -39.40
CA TYR A 467 53.46 5.47 -38.34
C TYR A 467 54.62 4.68 -38.93
N ILE A 468 55.53 4.27 -38.06
CA ILE A 468 56.85 3.79 -38.49
C ILE A 468 56.96 2.32 -38.13
N PRO A 469 57.09 1.42 -39.10
CA PRO A 469 57.31 0.01 -38.79
C PRO A 469 58.65 -0.21 -38.13
N GLU A 470 58.78 -1.38 -37.50
CA GLU A 470 60.02 -1.76 -36.84
C GLU A 470 61.17 -1.77 -37.83
N ALA A 471 62.36 -1.36 -37.35
CA ALA A 471 63.58 -1.41 -38.14
C ALA A 471 64.02 -2.85 -38.33
N PRO A 472 65.01 -3.11 -39.20
CA PRO A 472 65.55 -4.47 -39.30
C PRO A 472 66.13 -4.92 -37.98
N ARG A 473 66.16 -6.24 -37.80
CA ARG A 473 66.64 -6.88 -36.58
C ARG A 473 67.87 -7.68 -36.95
N ASP A 474 69.03 -7.01 -36.94
CA ASP A 474 70.26 -7.64 -37.41
C ASP A 474 71.48 -7.19 -36.61
N GLY A 475 71.28 -6.64 -35.41
CA GLY A 475 72.39 -6.22 -34.58
C GLY A 475 73.12 -4.98 -35.07
N GLN A 476 72.41 -3.99 -35.59
CA GLN A 476 73.07 -2.89 -36.26
C GLN A 476 72.08 -1.73 -36.30
N ALA A 477 72.57 -0.52 -36.05
CA ALA A 477 71.72 0.60 -35.69
C ALA A 477 71.18 1.34 -36.92
N TYR A 478 69.94 1.82 -36.80
CA TYR A 478 69.25 2.47 -37.90
C TYR A 478 68.75 3.85 -37.49
N VAL A 479 68.75 4.76 -38.47
CA VAL A 479 68.19 6.10 -38.32
C VAL A 479 67.09 6.24 -39.37
N ARG A 480 66.25 7.26 -39.20
CA ARG A 480 65.06 7.43 -40.00
C ARG A 480 65.29 8.48 -41.07
N LYS A 481 64.96 8.14 -42.32
CA LYS A 481 65.23 9.00 -43.47
C LYS A 481 64.30 8.66 -44.63
N ASP A 482 63.57 9.67 -45.10
CA ASP A 482 62.64 9.55 -46.22
C ASP A 482 61.78 8.30 -46.12
N GLY A 483 61.09 8.19 -44.98
CA GLY A 483 60.20 7.06 -44.74
C GLY A 483 60.86 5.71 -44.75
N GLU A 484 62.17 5.64 -44.50
CA GLU A 484 62.84 4.36 -44.41
C GLU A 484 63.91 4.38 -43.34
N TRP A 485 64.33 3.18 -42.94
CA TRP A 485 65.42 2.97 -42.02
C TRP A 485 66.71 2.80 -42.81
N VAL A 486 67.73 3.56 -42.45
CA VAL A 486 69.02 3.46 -43.12
C VAL A 486 70.09 3.27 -42.06
N LEU A 487 71.15 2.57 -42.44
CA LEU A 487 72.21 2.23 -41.50
C LEU A 487 72.86 3.50 -40.96
N LEU A 488 73.02 3.53 -39.63
CA LEU A 488 73.78 4.62 -39.02
C LEU A 488 75.23 4.60 -39.47
N SER A 489 75.76 3.41 -39.76
CA SER A 489 77.19 3.30 -40.05
C SER A 489 77.60 4.04 -41.32
N THR A 490 76.66 4.28 -42.24
CA THR A 490 77.05 5.00 -43.46
C THR A 490 77.31 6.48 -43.18
N PHE A 491 76.85 7.01 -42.04
CA PHE A 491 77.10 8.40 -41.66
C PHE A 491 78.31 8.57 -40.75
N LEU A 492 78.80 7.50 -40.13
CA LEU A 492 79.93 7.61 -39.23
C LEU A 492 81.20 7.93 -40.01
N GLY A 493 82.15 8.57 -39.33
CA GLY A 493 83.40 8.98 -39.94
C GLY A 493 83.35 10.30 -40.67
N SER A 494 82.18 10.91 -40.79
CA SER A 494 82.02 12.18 -41.46
C SER A 494 81.74 13.28 -40.44
N LEU A 495 82.26 14.47 -40.71
CA LEU A 495 82.02 15.62 -39.85
C LEU A 495 81.03 16.49 -40.63
N GLU A 496 79.75 16.40 -40.30
CA GLU A 496 78.74 17.16 -41.05
C GLU A 496 78.66 18.56 -40.44
N VAL A 497 79.04 19.57 -41.24
CA VAL A 497 79.14 20.95 -40.77
C VAL A 497 78.04 21.76 -41.45
N LEU A 498 77.05 22.20 -40.67
CA LEU A 498 76.01 23.10 -41.19
C LEU A 498 76.64 24.43 -41.57
N PHE A 499 76.60 24.76 -42.86
CA PHE A 499 77.35 25.87 -43.41
C PHE A 499 76.38 26.83 -44.08
N GLN A 500 75.97 27.86 -43.35
CA GLN A 500 74.93 28.76 -43.82
C GLN A 500 75.44 30.17 -44.12
N GLN B 24 -10.71 10.10 -25.89
CA GLN B 24 -11.40 11.23 -26.52
C GLN B 24 -10.79 12.53 -26.00
N VAL B 25 -10.82 13.60 -26.80
CA VAL B 25 -10.19 14.85 -26.43
C VAL B 25 -11.03 16.03 -26.92
N GLN B 26 -11.15 17.05 -26.07
CA GLN B 26 -11.87 18.28 -26.40
C GLN B 26 -10.89 19.37 -26.84
N LEU B 27 -11.35 20.22 -27.75
CA LEU B 27 -10.51 21.25 -28.36
C LEU B 27 -11.20 22.60 -28.29
N GLN B 28 -10.43 23.64 -28.00
CA GLN B 28 -10.95 25.00 -27.95
C GLN B 28 -9.97 25.97 -28.61
N GLU B 29 -10.38 26.53 -29.75
CA GLU B 29 -9.61 27.56 -30.43
C GLU B 29 -9.73 28.89 -29.69
N SER B 30 -8.73 29.75 -29.89
CA SER B 30 -8.84 31.15 -29.53
C SER B 30 -7.80 31.92 -30.35
N GLY B 31 -7.88 33.24 -30.30
CA GLY B 31 -6.91 34.10 -30.95
C GLY B 31 -7.37 34.74 -32.25
N GLY B 32 -8.53 34.36 -32.78
CA GLY B 32 -8.98 34.96 -34.01
C GLY B 32 -9.29 36.44 -33.87
N GLY B 33 -9.31 37.15 -34.99
CA GLY B 33 -9.66 38.55 -34.95
C GLY B 33 -9.48 39.22 -36.29
N LEU B 34 -9.49 40.54 -36.25
CA LEU B 34 -9.42 41.39 -37.43
C LEU B 34 -8.00 41.89 -37.60
N VAL B 35 -7.42 41.65 -38.77
CA VAL B 35 -6.04 41.99 -39.06
C VAL B 35 -5.98 42.65 -40.43
N GLN B 36 -5.11 43.64 -40.57
CA GLN B 36 -4.86 44.26 -41.85
C GLN B 36 -4.01 43.35 -42.72
N ALA B 37 -4.22 43.43 -44.04
CA ALA B 37 -3.45 42.66 -44.99
C ALA B 37 -1.96 42.91 -44.81
N GLY B 38 -1.18 41.83 -44.83
CA GLY B 38 0.24 41.88 -44.55
C GLY B 38 0.58 41.71 -43.09
N GLY B 39 -0.40 41.85 -42.19
CA GLY B 39 -0.17 41.62 -40.78
C GLY B 39 -0.07 40.14 -40.47
N SER B 40 0.02 39.86 -39.17
CA SER B 40 0.16 38.49 -38.68
C SER B 40 -0.79 38.26 -37.52
N LEU B 41 -1.00 36.98 -37.22
CA LEU B 41 -1.89 36.58 -36.15
C LEU B 41 -1.53 35.18 -35.71
N ARG B 42 -1.61 34.92 -34.41
CA ARG B 42 -1.32 33.61 -33.85
C ARG B 42 -2.59 33.03 -33.23
N LEU B 43 -3.02 31.90 -33.78
CA LEU B 43 -4.12 31.14 -33.22
C LEU B 43 -3.59 30.05 -32.30
N SER B 44 -4.39 29.68 -31.32
CA SER B 44 -4.02 28.58 -30.44
C SER B 44 -5.22 27.69 -30.21
N CYS B 45 -4.94 26.43 -29.89
CA CYS B 45 -5.97 25.44 -29.64
C CYS B 45 -5.56 24.63 -28.43
N ALA B 46 -6.38 24.69 -27.38
CA ALA B 46 -6.06 24.05 -26.12
C ALA B 46 -6.81 22.74 -25.99
N ALA B 47 -6.13 21.73 -25.45
CA ALA B 47 -6.75 20.45 -25.19
C ALA B 47 -7.37 20.44 -23.79
N SER B 48 -8.44 19.66 -23.64
CA SER B 48 -8.98 19.34 -22.34
C SER B 48 -9.54 17.92 -22.37
N GLY B 49 -9.50 17.27 -21.21
CA GLY B 49 -9.83 15.85 -21.11
C GLY B 49 -8.56 15.01 -21.04
N GLN B 50 -7.63 15.28 -21.95
CA GLN B 50 -6.29 14.73 -21.93
C GLN B 50 -5.44 15.64 -22.82
N THR B 51 -4.12 15.46 -22.76
CA THR B 51 -3.22 16.23 -23.61
C THR B 51 -3.33 15.76 -25.07
N PHE B 52 -2.62 16.46 -25.96
CA PHE B 52 -2.61 16.07 -27.37
C PHE B 52 -1.60 14.97 -27.67
N SER B 53 -0.89 14.48 -26.66
CA SER B 53 0.14 13.45 -26.89
C SER B 53 -0.49 12.23 -27.55
N GLY B 54 0.13 11.78 -28.64
CA GLY B 54 -0.39 10.68 -29.42
C GLY B 54 -1.46 11.03 -30.42
N TYR B 55 -1.87 12.29 -30.50
CA TYR B 55 -2.90 12.75 -31.44
C TYR B 55 -2.24 13.55 -32.55
N VAL B 56 -2.76 13.41 -33.77
CA VAL B 56 -2.46 14.33 -34.86
C VAL B 56 -3.42 15.50 -34.73
N THR B 57 -2.89 16.71 -34.68
CA THR B 57 -3.70 17.93 -34.60
C THR B 57 -3.52 18.71 -35.89
N GLY B 58 -4.63 18.96 -36.57
CA GLY B 58 -4.61 19.76 -37.78
C GLY B 58 -5.42 21.03 -37.61
N TRP B 59 -5.03 22.06 -38.36
CA TRP B 59 -5.82 23.27 -38.49
C TRP B 59 -6.53 23.25 -39.84
N PHE B 60 -7.81 23.59 -39.83
CA PHE B 60 -8.62 23.69 -41.03
C PHE B 60 -9.23 25.08 -41.10
N ARG B 61 -9.70 25.47 -42.28
CA ARG B 61 -10.39 26.74 -42.40
C ARG B 61 -11.53 26.58 -43.40
N GLN B 62 -12.60 27.35 -43.16
CA GLN B 62 -13.78 27.35 -44.01
C GLN B 62 -14.16 28.79 -44.28
N ALA B 63 -13.93 29.23 -45.52
CA ALA B 63 -14.32 30.55 -45.98
C ALA B 63 -15.80 30.57 -46.35
N PRO B 64 -16.42 31.75 -46.38
CA PRO B 64 -17.85 31.81 -46.73
C PRO B 64 -18.11 31.23 -48.11
N GLY B 65 -19.05 30.29 -48.17
CA GLY B 65 -19.46 29.70 -49.44
C GLY B 65 -18.60 28.54 -49.93
N LYS B 66 -17.67 28.04 -49.11
CA LYS B 66 -16.74 27.01 -49.55
C LYS B 66 -16.70 25.87 -48.56
N GLU B 67 -15.96 24.83 -48.93
CA GLU B 67 -15.82 23.69 -48.04
C GLU B 67 -14.65 23.87 -47.09
N ARG B 68 -14.69 23.10 -46.02
CA ARG B 68 -13.60 23.08 -45.05
C ARG B 68 -12.32 22.59 -45.74
N GLU B 69 -11.25 23.36 -45.57
CA GLU B 69 -10.00 23.14 -46.29
C GLU B 69 -8.85 22.97 -45.30
N PHE B 70 -7.99 21.99 -45.56
CA PHE B 70 -6.85 21.74 -44.69
C PHE B 70 -5.86 22.90 -44.74
N VAL B 71 -5.22 23.18 -43.60
CA VAL B 71 -4.24 24.27 -43.50
C VAL B 71 -2.86 23.73 -43.11
N ALA B 72 -2.78 23.02 -41.99
CA ALA B 72 -1.52 22.53 -41.45
C ALA B 72 -1.80 21.44 -40.43
N LEU B 73 -0.82 20.56 -40.21
CA LEU B 73 -0.94 19.55 -39.17
C LEU B 73 0.41 19.33 -38.52
N ILE B 74 0.36 18.76 -37.31
CA ILE B 74 1.55 18.38 -36.56
C ILE B 74 1.16 17.26 -35.60
N ALA B 75 2.10 16.36 -35.31
CA ALA B 75 1.78 15.19 -34.50
C ALA B 75 2.51 15.14 -33.17
N TRP B 76 3.59 15.90 -32.98
CA TRP B 76 4.21 16.02 -31.68
C TRP B 76 5.03 17.29 -31.67
N SER B 77 5.35 17.77 -30.46
CA SER B 77 6.10 19.00 -30.31
C SER B 77 7.46 18.89 -30.98
N GLY B 78 7.77 19.83 -31.86
CA GLY B 78 9.00 19.76 -32.62
C GLY B 78 9.03 18.63 -33.61
N GLY B 79 7.86 18.12 -34.00
CA GLY B 79 7.77 16.95 -34.84
C GLY B 79 7.41 17.27 -36.29
N ARG B 80 7.07 16.20 -37.00
CA ARG B 80 6.71 16.23 -38.41
C ARG B 80 5.61 17.25 -38.69
N LEU B 81 5.92 18.25 -39.52
CA LEU B 81 4.96 19.26 -39.94
C LEU B 81 4.46 18.96 -41.35
N TYR B 82 3.31 19.54 -41.69
CA TYR B 82 2.88 19.57 -43.08
C TYR B 82 1.92 20.74 -43.28
N TYR B 83 2.08 21.43 -44.42
CA TYR B 83 1.30 22.62 -44.74
C TYR B 83 0.58 22.45 -46.07
N ALA B 84 -0.60 23.05 -46.17
CA ALA B 84 -1.23 23.21 -47.48
C ALA B 84 -0.38 24.13 -48.35
N ASP B 85 -0.47 23.93 -49.67
CA ASP B 85 0.31 24.74 -50.61
C ASP B 85 0.04 26.23 -50.43
N SER B 86 -1.22 26.59 -50.17
CA SER B 86 -1.64 27.98 -50.15
C SER B 86 -1.09 28.77 -48.96
N VAL B 87 -0.49 28.10 -47.96
CA VAL B 87 0.04 28.78 -46.79
C VAL B 87 1.52 28.50 -46.56
N GLN B 88 2.11 27.63 -47.37
CA GLN B 88 3.52 27.27 -47.23
C GLN B 88 4.40 28.52 -47.27
N GLY B 89 5.29 28.65 -46.29
CA GLY B 89 6.16 29.79 -46.17
C GLY B 89 5.59 30.93 -45.36
N ARG B 90 4.27 30.96 -45.15
CA ARG B 90 3.63 32.03 -44.40
C ARG B 90 3.14 31.60 -43.04
N PHE B 91 2.65 30.37 -42.91
CA PHE B 91 2.11 29.88 -41.65
C PHE B 91 3.11 28.94 -40.99
N THR B 92 3.13 28.93 -39.66
CA THR B 92 3.96 28.01 -38.88
C THR B 92 3.10 27.34 -37.83
N ILE B 93 3.07 26.02 -37.84
CA ILE B 93 2.35 25.25 -36.83
C ILE B 93 3.37 24.69 -35.85
N SER B 94 2.97 24.62 -34.58
CA SER B 94 3.88 24.15 -33.54
C SER B 94 3.04 23.66 -32.37
N ARG B 95 3.68 22.90 -31.49
CA ARG B 95 3.05 22.46 -30.26
C ARG B 95 4.04 22.65 -29.12
N ASP B 96 3.50 22.99 -27.94
CA ASP B 96 4.36 23.15 -26.77
C ASP B 96 4.83 21.79 -26.27
N ASN B 97 5.93 21.82 -25.50
CA ASN B 97 6.55 20.57 -25.06
C ASN B 97 5.61 19.75 -24.18
N ALA B 98 4.72 20.43 -23.46
CA ALA B 98 3.72 19.71 -22.65
C ALA B 98 2.58 19.14 -23.48
N GLU B 99 2.55 19.38 -24.79
CA GLU B 99 1.53 18.80 -25.68
C GLU B 99 0.11 19.16 -25.24
N THR B 100 -0.07 20.36 -24.68
CA THR B 100 -1.38 20.85 -24.30
C THR B 100 -1.94 21.91 -25.25
N THR B 101 -1.10 22.49 -26.12
CA THR B 101 -1.52 23.57 -27.00
C THR B 101 -0.94 23.37 -28.39
N VAL B 102 -1.76 23.60 -29.41
CA VAL B 102 -1.30 23.71 -30.79
C VAL B 102 -1.40 25.18 -31.19
N TYR B 103 -0.36 25.70 -31.84
CA TYR B 103 -0.34 27.08 -32.29
C TYR B 103 -0.29 27.13 -33.80
N LEU B 104 -0.94 28.14 -34.38
CA LEU B 104 -0.81 28.43 -35.80
C LEU B 104 -0.43 29.90 -35.92
N GLN B 105 0.85 30.15 -36.22
CA GLN B 105 1.36 31.49 -36.43
C GLN B 105 1.18 31.85 -37.90
N MET B 106 0.34 32.84 -38.17
CA MET B 106 -0.03 33.19 -39.55
C MET B 106 0.60 34.53 -39.91
N ASN B 107 1.58 34.50 -40.81
CA ASN B 107 2.26 35.70 -41.27
C ASN B 107 1.77 36.08 -42.67
N SER B 108 2.09 37.32 -43.07
CA SER B 108 1.80 37.83 -44.41
C SER B 108 0.36 37.52 -44.81
N LEU B 109 -0.58 37.90 -43.93
CA LEU B 109 -1.96 37.54 -44.17
C LEU B 109 -2.50 38.24 -45.40
N LYS B 110 -3.42 37.57 -46.09
CA LYS B 110 -4.06 38.07 -47.29
C LYS B 110 -5.57 38.00 -47.12
N PRO B 111 -6.33 38.84 -47.84
CA PRO B 111 -7.80 38.84 -47.66
C PRO B 111 -8.43 37.47 -47.86
N GLU B 112 -7.90 36.67 -48.78
CA GLU B 112 -8.44 35.33 -49.02
C GLU B 112 -8.00 34.33 -47.96
N ASP B 113 -7.29 34.77 -46.91
CA ASP B 113 -7.14 33.95 -45.73
C ASP B 113 -8.31 34.07 -44.77
N THR B 114 -9.28 34.94 -45.08
CA THR B 114 -10.44 35.13 -44.22
C THR B 114 -11.27 33.84 -44.18
N ALA B 115 -11.60 33.40 -42.98
CA ALA B 115 -12.33 32.15 -42.80
C ALA B 115 -12.56 31.96 -41.31
N VAL B 116 -13.45 31.04 -40.98
CA VAL B 116 -13.48 30.43 -39.66
C VAL B 116 -12.43 29.34 -39.63
N TYR B 117 -11.52 29.41 -38.66
CA TYR B 117 -10.45 28.43 -38.52
C TYR B 117 -10.80 27.44 -37.41
N TYR B 118 -10.56 26.16 -37.68
CA TYR B 118 -10.86 25.07 -36.76
C TYR B 118 -9.61 24.25 -36.48
N CYS B 119 -9.39 23.88 -35.23
CA CYS B 119 -8.44 22.81 -34.94
C CYS B 119 -9.20 21.49 -34.85
N ALA B 120 -8.49 20.41 -35.17
CA ALA B 120 -9.07 19.07 -35.18
C ALA B 120 -8.02 18.08 -34.72
N ALA B 121 -8.47 16.97 -34.13
CA ALA B 121 -7.58 15.94 -33.62
C ALA B 121 -8.03 14.57 -34.11
N LYS B 122 -7.07 13.63 -34.19
CA LYS B 122 -7.39 12.29 -34.66
C LYS B 122 -6.35 11.30 -34.19
N ARG B 123 -6.79 10.05 -34.00
CA ARG B 123 -5.89 8.91 -34.02
C ARG B 123 -5.61 8.54 -35.48
N GLY B 124 -4.77 7.53 -35.69
CA GLY B 124 -4.31 7.23 -37.02
C GLY B 124 -3.16 8.15 -37.41
N GLY B 125 -2.96 8.30 -38.72
CA GLY B 125 -1.77 8.92 -39.24
C GLY B 125 -1.96 10.40 -39.59
N ALA B 126 -0.89 10.96 -40.18
CA ALA B 126 -0.83 12.36 -40.55
C ALA B 126 -1.55 12.54 -41.88
N VAL B 127 -2.84 12.78 -41.80
CA VAL B 127 -3.76 12.80 -42.93
C VAL B 127 -4.40 14.18 -43.01
N THR B 128 -4.63 14.67 -44.22
CA THR B 128 -5.16 16.01 -44.41
C THR B 128 -6.66 16.06 -44.66
N ALA B 129 -7.31 14.93 -44.91
CA ALA B 129 -8.74 14.92 -45.22
C ALA B 129 -9.58 15.18 -43.97
N ALA B 130 -10.37 16.25 -44.00
CA ALA B 130 -11.16 16.67 -42.83
C ALA B 130 -12.08 15.56 -42.33
N GLU B 131 -12.64 14.76 -43.23
CA GLU B 131 -13.53 13.69 -42.84
C GLU B 131 -12.84 12.63 -41.98
N TRP B 132 -11.53 12.52 -42.05
CA TRP B 132 -10.84 11.51 -41.26
C TRP B 132 -10.43 11.99 -39.87
N TYR B 133 -10.77 13.23 -39.50
CA TYR B 133 -10.48 13.72 -38.15
C TYR B 133 -11.63 13.36 -37.21
N ASP B 134 -11.29 13.07 -35.96
CA ASP B 134 -12.28 12.55 -35.03
C ASP B 134 -12.93 13.64 -34.19
N TYR B 135 -12.17 14.66 -33.79
CA TYR B 135 -12.67 15.67 -32.87
C TYR B 135 -12.40 17.05 -33.42
N TRP B 136 -13.31 17.98 -33.13
CA TRP B 136 -13.28 19.32 -33.67
C TRP B 136 -13.54 20.34 -32.58
N GLY B 137 -12.81 21.45 -32.64
CA GLY B 137 -13.15 22.63 -31.87
C GLY B 137 -14.29 23.39 -32.53
N GLN B 138 -14.72 24.45 -31.86
CA GLN B 138 -15.88 25.20 -32.32
C GLN B 138 -15.52 26.28 -33.34
N GLY B 139 -14.25 26.61 -33.48
CA GLY B 139 -13.85 27.54 -34.51
C GLY B 139 -13.59 28.93 -33.97
N THR B 140 -12.70 29.66 -34.65
CA THR B 140 -12.42 31.05 -34.36
C THR B 140 -12.35 31.82 -35.67
N GLN B 141 -12.96 33.00 -35.70
CA GLN B 141 -13.07 33.75 -36.95
C GLN B 141 -11.82 34.59 -37.17
N VAL B 142 -11.28 34.51 -38.40
CA VAL B 142 -10.18 35.35 -38.83
C VAL B 142 -10.67 36.15 -40.03
N THR B 143 -10.50 37.47 -39.97
CA THR B 143 -10.89 38.35 -41.07
C THR B 143 -9.70 39.24 -41.40
N VAL B 144 -9.32 39.25 -42.67
CA VAL B 144 -8.18 40.03 -43.14
C VAL B 144 -8.71 41.15 -44.03
N SER B 145 -8.46 42.39 -43.64
CA SER B 145 -8.88 43.55 -44.40
C SER B 145 -7.81 43.90 -45.43
N SER B 146 -8.25 44.46 -46.54
CA SER B 146 -7.34 44.85 -47.60
C SER B 146 -7.01 46.33 -47.44
N ASN C 2 -1.80 -47.88 -48.60
CA ASN C 2 -1.43 -46.83 -49.54
C ASN C 2 -0.61 -45.73 -48.85
N ILE C 3 -0.53 -45.77 -47.53
CA ILE C 3 0.22 -44.78 -46.78
C ILE C 3 1.64 -45.31 -46.58
N THR C 4 2.62 -44.50 -46.94
CA THR C 4 4.02 -44.82 -46.71
C THR C 4 4.65 -43.70 -45.89
N GLU C 5 5.71 -44.05 -45.17
CA GLU C 5 6.41 -43.11 -44.32
C GLU C 5 7.91 -43.28 -44.49
N GLU C 6 8.63 -42.15 -44.43
CA GLU C 6 10.08 -42.12 -44.52
C GLU C 6 10.61 -41.33 -43.34
N PHE C 7 11.61 -41.87 -42.64
CA PHE C 7 12.31 -41.16 -41.59
C PHE C 7 13.69 -40.77 -42.08
N TYR C 8 14.03 -39.48 -41.94
CA TYR C 8 15.32 -38.95 -42.38
C TYR C 8 16.18 -38.74 -41.14
N GLN C 9 17.07 -39.71 -40.89
CA GLN C 9 17.97 -39.63 -39.76
C GLN C 9 18.76 -38.33 -39.76
N SER C 10 19.15 -37.85 -40.93
CA SER C 10 20.02 -36.69 -41.01
C SER C 10 19.36 -35.41 -40.51
N THR C 11 18.03 -35.33 -40.53
CA THR C 11 17.36 -34.10 -40.13
C THR C 11 16.27 -34.31 -39.09
N CYS C 12 16.18 -35.48 -38.48
CA CYS C 12 15.23 -35.74 -37.39
C CYS C 12 13.79 -35.39 -37.80
N SER C 13 13.39 -35.91 -38.96
CA SER C 13 12.09 -35.58 -39.50
C SER C 13 11.55 -36.76 -40.30
N ALA C 14 10.26 -36.72 -40.60
CA ALA C 14 9.61 -37.81 -41.30
C ALA C 14 8.47 -37.29 -42.16
N VAL C 15 8.27 -37.92 -43.30
CA VAL C 15 7.20 -37.61 -44.23
C VAL C 15 6.27 -38.81 -44.31
N SER C 16 4.97 -38.57 -44.11
CA SER C 16 3.92 -39.54 -44.34
C SER C 16 3.21 -39.13 -45.61
N LYS C 17 3.10 -40.03 -46.58
CA LYS C 17 2.51 -39.69 -47.85
C LYS C 17 1.53 -40.77 -48.28
N GLY C 18 0.81 -40.51 -49.38
CA GLY C 18 -0.25 -41.36 -49.85
C GLY C 18 -1.64 -40.86 -49.54
N TYR C 19 -1.78 -39.71 -48.89
CA TYR C 19 -3.07 -39.12 -48.55
C TYR C 19 -3.68 -38.38 -49.74
N LEU C 20 -4.99 -38.12 -49.65
CA LEU C 20 -5.72 -37.39 -50.68
C LEU C 20 -6.42 -36.18 -50.08
N SER C 21 -6.53 -35.12 -50.88
CA SER C 21 -6.97 -33.83 -50.36
C SER C 21 -8.49 -33.66 -50.39
N ALA C 22 -8.96 -32.80 -49.48
CA ALA C 22 -10.29 -32.20 -49.53
C ALA C 22 -10.14 -30.82 -48.88
N LEU C 23 -9.91 -29.81 -49.71
CA LEU C 23 -9.56 -28.49 -49.21
C LEU C 23 -10.74 -27.55 -49.29
N ARG C 24 -11.05 -26.87 -48.19
CA ARG C 24 -12.05 -25.81 -48.28
C ARG C 24 -11.44 -24.61 -48.97
N THR C 25 -12.01 -24.25 -50.11
CA THR C 25 -11.51 -23.17 -50.94
C THR C 25 -12.46 -22.00 -51.02
N GLY C 26 -13.72 -22.19 -50.64
CA GLY C 26 -14.70 -21.12 -50.72
C GLY C 26 -15.88 -21.42 -49.82
N TRP C 27 -16.94 -20.64 -50.02
CA TRP C 27 -18.10 -20.71 -49.15
C TRP C 27 -19.37 -20.71 -49.99
N TYR C 28 -20.39 -21.41 -49.47
CA TYR C 28 -21.71 -21.43 -50.06
C TYR C 28 -22.71 -21.02 -48.99
N THR C 29 -23.54 -20.03 -49.29
CA THR C 29 -24.46 -19.45 -48.33
C THR C 29 -25.89 -19.69 -48.76
N SER C 30 -26.73 -20.06 -47.79
CA SER C 30 -28.15 -20.32 -48.02
C SER C 30 -28.94 -19.74 -46.85
N VAL C 31 -30.21 -19.45 -47.10
CA VAL C 31 -31.09 -18.85 -46.09
C VAL C 31 -32.08 -19.89 -45.61
N ILE C 32 -32.07 -20.16 -44.31
CA ILE C 32 -33.03 -21.07 -43.69
C ILE C 32 -34.10 -20.23 -43.02
N THR C 33 -35.36 -20.57 -43.26
CA THR C 33 -36.46 -19.81 -42.68
C THR C 33 -37.40 -20.70 -41.89
N ILE C 34 -37.98 -20.10 -40.87
CA ILE C 34 -39.05 -20.71 -40.08
C ILE C 34 -40.20 -19.71 -40.07
N GLU C 35 -41.40 -20.19 -40.36
CA GLU C 35 -42.57 -19.33 -40.42
C GLU C 35 -43.30 -19.33 -39.08
N LEU C 36 -43.66 -18.13 -38.60
CA LEU C 36 -44.09 -17.94 -37.23
C LEU C 36 -45.53 -17.43 -37.16
N SER C 37 -46.16 -17.70 -36.02
CA SER C 37 -47.47 -17.14 -35.71
C SER C 37 -47.30 -15.88 -34.87
N ASN C 38 -48.28 -14.99 -34.99
CA ASN C 38 -48.31 -13.76 -34.20
C ASN C 38 -49.02 -13.92 -32.87
N ILE C 39 -49.57 -15.10 -32.57
CA ILE C 39 -50.39 -15.28 -31.38
C ILE C 39 -49.54 -15.03 -30.14
N LYS C 40 -50.03 -14.15 -29.26
CA LYS C 40 -49.37 -13.80 -28.01
C LYS C 40 -49.94 -14.52 -26.79
N GLU C 41 -51.22 -14.85 -26.83
CA GLU C 41 -51.87 -15.46 -25.67
C GLU C 41 -53.10 -16.22 -26.15
N ILE C 42 -53.59 -17.11 -25.28
CA ILE C 42 -54.92 -17.68 -25.41
C ILE C 42 -55.81 -16.92 -24.44
N LYS C 43 -56.80 -16.22 -24.98
CA LYS C 43 -57.52 -15.21 -24.19
C LYS C 43 -58.78 -15.79 -23.56
N CYS C 44 -58.58 -16.82 -22.75
CA CYS C 44 -59.63 -17.37 -21.91
C CYS C 44 -59.01 -17.81 -20.59
N ASN C 45 -59.86 -17.97 -19.58
CA ASN C 45 -59.43 -18.41 -18.27
C ASN C 45 -60.26 -19.61 -17.86
N GLY C 46 -59.60 -20.57 -17.21
CA GLY C 46 -60.31 -21.72 -16.71
C GLY C 46 -59.41 -22.55 -15.82
N THR C 47 -59.90 -23.74 -15.47
CA THR C 47 -59.17 -24.64 -14.59
C THR C 47 -58.61 -25.87 -15.30
N ASP C 48 -58.86 -26.03 -16.59
CA ASP C 48 -58.40 -27.20 -17.32
C ASP C 48 -56.87 -27.29 -17.28
N ALA C 49 -56.36 -28.44 -16.83
CA ALA C 49 -54.92 -28.58 -16.68
C ALA C 49 -54.23 -28.67 -18.02
N LYS C 50 -54.88 -29.29 -19.01
CA LYS C 50 -54.27 -29.45 -20.32
C LYS C 50 -54.01 -28.11 -21.00
N VAL C 51 -55.00 -27.21 -20.96
CA VAL C 51 -54.79 -25.86 -21.50
C VAL C 51 -53.73 -25.11 -20.72
N LYS C 52 -53.66 -25.30 -19.40
CA LYS C 52 -52.57 -24.67 -18.66
C LYS C 52 -51.22 -25.15 -19.18
N LEU C 53 -51.12 -26.43 -19.56
CA LEU C 53 -49.88 -26.92 -20.16
C LEU C 53 -49.65 -26.32 -21.54
N ILE C 54 -50.72 -26.18 -22.34
CA ILE C 54 -50.61 -25.52 -23.63
C ILE C 54 -50.12 -24.08 -23.44
N LYS C 55 -50.66 -23.40 -22.42
CA LYS C 55 -50.29 -22.01 -22.18
C LYS C 55 -48.83 -21.87 -21.75
N GLN C 56 -48.30 -22.86 -21.01
CA GLN C 56 -46.89 -22.79 -20.64
C GLN C 56 -46.00 -22.94 -21.87
N GLU C 57 -46.32 -23.88 -22.76
CA GLU C 57 -45.58 -24.04 -23.99
C GLU C 57 -45.62 -22.77 -24.84
N LEU C 58 -46.75 -22.06 -24.82
CA LEU C 58 -46.90 -20.84 -25.62
C LEU C 58 -46.03 -19.71 -25.08
N ASP C 59 -45.93 -19.60 -23.75
CA ASP C 59 -44.90 -18.73 -23.15
C ASP C 59 -43.50 -19.07 -23.63
N LYS C 60 -43.17 -20.36 -23.78
CA LYS C 60 -41.84 -20.69 -24.28
C LYS C 60 -41.68 -20.18 -25.70
N TYR C 61 -42.73 -20.31 -26.52
CA TYR C 61 -42.69 -19.79 -27.89
C TYR C 61 -42.55 -18.28 -27.89
N LYS C 62 -43.40 -17.60 -27.11
CA LYS C 62 -43.33 -16.14 -27.04
C LYS C 62 -41.95 -15.67 -26.60
N ASN C 63 -41.41 -16.29 -25.54
CA ASN C 63 -40.12 -15.87 -25.02
C ASN C 63 -38.99 -16.14 -26.01
N ALA C 64 -39.06 -17.26 -26.75
CA ALA C 64 -38.06 -17.53 -27.77
C ALA C 64 -38.08 -16.45 -28.86
N VAL C 65 -39.29 -16.05 -29.28
CA VAL C 65 -39.40 -14.97 -30.27
C VAL C 65 -38.80 -13.68 -29.72
N THR C 66 -39.11 -13.35 -28.47
CA THR C 66 -38.56 -12.15 -27.85
C THR C 66 -37.04 -12.21 -27.75
N GLU C 67 -36.48 -13.40 -27.47
CA GLU C 67 -35.02 -13.53 -27.43
C GLU C 67 -34.40 -13.30 -28.81
N LEU C 68 -34.96 -13.93 -29.84
CA LEU C 68 -34.40 -13.78 -31.18
C LEU C 68 -34.50 -12.34 -31.66
N GLN C 69 -35.55 -11.62 -31.24
CA GLN C 69 -35.68 -10.21 -31.61
C GLN C 69 -34.53 -9.38 -31.04
N LEU C 70 -34.09 -9.69 -29.82
CA LEU C 70 -32.92 -9.02 -29.25
C LEU C 70 -31.67 -9.31 -30.07
N LEU C 71 -31.45 -10.57 -30.41
CA LEU C 71 -30.30 -10.93 -31.22
C LEU C 71 -30.30 -10.19 -32.55
N MET C 72 -31.47 -10.04 -33.18
CA MET C 72 -31.53 -9.41 -34.50
C MET C 72 -31.00 -7.98 -34.45
N GLN C 73 -31.31 -7.25 -33.39
CA GLN C 73 -30.87 -5.86 -33.24
C GLN C 73 -29.39 -5.78 -32.88
N PHE C 85 4.74 -24.73 -35.91
CA PHE C 85 5.72 -23.68 -35.67
C PHE C 85 5.40 -22.41 -36.47
N LEU C 86 5.10 -22.55 -37.76
CA LEU C 86 5.05 -21.43 -38.68
C LEU C 86 3.66 -20.78 -38.77
N GLY C 87 2.80 -21.00 -37.78
CA GLY C 87 1.49 -20.38 -37.80
C GLY C 87 1.52 -18.87 -37.91
N PHE C 88 2.53 -18.21 -37.33
CA PHE C 88 2.58 -16.76 -37.33
C PHE C 88 2.82 -16.17 -38.72
N LEU C 89 3.24 -16.99 -39.68
CA LEU C 89 3.41 -16.55 -41.06
C LEU C 89 2.08 -16.44 -41.82
N LEU C 90 0.99 -16.92 -41.25
CA LEU C 90 -0.27 -16.97 -41.99
C LEU C 90 -0.92 -15.60 -42.07
N GLY C 91 -1.73 -15.41 -43.11
CA GLY C 91 -2.55 -14.22 -43.21
C GLY C 91 -3.70 -14.26 -42.19
N VAL C 92 -4.57 -13.26 -42.28
CA VAL C 92 -5.68 -13.11 -41.36
C VAL C 92 -6.96 -12.93 -42.15
N GLY C 93 -7.83 -13.93 -42.12
CA GLY C 93 -9.10 -13.85 -42.81
C GLY C 93 -10.22 -13.33 -41.89
N SER C 94 -11.42 -13.33 -42.46
CA SER C 94 -12.65 -12.97 -41.74
C SER C 94 -13.69 -14.04 -42.08
N ALA C 95 -13.76 -15.07 -41.23
CA ALA C 95 -14.30 -16.36 -41.67
C ALA C 95 -15.78 -16.29 -42.06
N ILE C 96 -16.56 -15.39 -41.46
CA ILE C 96 -17.97 -15.30 -41.79
C ILE C 96 -18.29 -14.02 -42.56
N ALA C 97 -17.30 -13.43 -43.24
CA ALA C 97 -17.59 -12.25 -44.06
C ALA C 97 -18.62 -12.58 -45.14
N SER C 98 -18.53 -13.79 -45.72
CA SER C 98 -19.47 -14.15 -46.78
C SER C 98 -20.88 -14.29 -46.25
N GLY C 99 -21.05 -14.98 -45.11
CA GLY C 99 -22.37 -15.15 -44.55
C GLY C 99 -22.95 -13.86 -43.99
N VAL C 100 -22.11 -13.05 -43.36
CA VAL C 100 -22.60 -11.79 -42.79
C VAL C 100 -23.04 -10.85 -43.90
N ALA C 101 -22.36 -10.87 -45.04
CA ALA C 101 -22.78 -10.05 -46.16
C ALA C 101 -24.19 -10.42 -46.61
N VAL C 102 -24.51 -11.71 -46.60
CA VAL C 102 -25.88 -12.13 -46.92
C VAL C 102 -26.83 -11.69 -45.81
N SER C 103 -26.46 -11.94 -44.55
CA SER C 103 -27.32 -11.58 -43.44
C SER C 103 -27.69 -10.09 -43.46
N LYS C 104 -26.71 -9.23 -43.72
CA LYS C 104 -26.98 -7.80 -43.66
C LYS C 104 -27.90 -7.35 -44.79
N VAL C 105 -27.91 -8.07 -45.91
CA VAL C 105 -28.82 -7.75 -47.00
C VAL C 105 -30.25 -8.10 -46.63
N LEU C 106 -30.44 -9.15 -45.83
CA LEU C 106 -31.78 -9.53 -45.38
C LEU C 106 -32.40 -8.49 -44.46
N HIS C 107 -31.62 -7.56 -43.92
CA HIS C 107 -32.16 -6.51 -43.07
C HIS C 107 -32.78 -5.37 -43.86
N LEU C 108 -32.57 -5.32 -45.17
CA LEU C 108 -33.09 -4.23 -45.98
C LEU C 108 -34.60 -4.37 -46.19
N GLU C 109 -35.29 -3.23 -46.20
CA GLU C 109 -36.73 -3.22 -46.40
C GLU C 109 -37.08 -3.82 -47.76
N GLY C 110 -37.95 -4.83 -47.74
CA GLY C 110 -38.38 -5.51 -48.94
C GLY C 110 -37.88 -6.95 -49.05
N GLU C 111 -36.75 -7.27 -48.42
CA GLU C 111 -36.12 -8.56 -48.67
C GLU C 111 -36.92 -9.71 -48.08
N VAL C 112 -37.30 -9.60 -46.81
CA VAL C 112 -38.11 -10.66 -46.22
C VAL C 112 -39.42 -10.83 -46.98
N ASN C 113 -39.94 -9.75 -47.54
CA ASN C 113 -41.15 -9.83 -48.35
C ASN C 113 -40.93 -10.68 -49.59
N LYS C 114 -39.77 -10.55 -50.24
CA LYS C 114 -39.46 -11.40 -51.39
C LYS C 114 -39.42 -12.86 -50.98
N ILE C 115 -38.81 -13.15 -49.83
CA ILE C 115 -38.67 -14.53 -49.39
C ILE C 115 -40.02 -15.15 -49.10
N LYS C 116 -40.91 -14.41 -48.42
CA LYS C 116 -42.26 -14.93 -48.19
C LYS C 116 -42.97 -15.22 -49.49
N SER C 117 -42.83 -14.32 -50.48
CA SER C 117 -43.45 -14.54 -51.78
C SER C 117 -42.92 -15.82 -52.43
N ALA C 118 -41.59 -15.96 -52.50
CA ALA C 118 -41.00 -17.11 -53.18
C ALA C 118 -41.35 -18.43 -52.50
N LEU C 119 -41.56 -18.39 -51.18
CA LEU C 119 -41.79 -19.60 -50.40
C LEU C 119 -43.26 -19.80 -50.03
N LEU C 120 -44.17 -19.04 -50.64
CA LEU C 120 -45.59 -19.16 -50.28
C LEU C 120 -46.14 -20.54 -50.62
N SER C 121 -45.84 -21.02 -51.83
CA SER C 121 -46.40 -22.29 -52.31
C SER C 121 -45.42 -23.44 -52.30
N THR C 122 -44.12 -23.17 -52.17
CA THR C 122 -43.10 -24.19 -52.13
C THR C 122 -42.21 -24.00 -50.90
N ASN C 123 -41.56 -25.08 -50.49
CA ASN C 123 -40.68 -25.03 -49.34
C ASN C 123 -39.22 -24.75 -49.70
N LYS C 124 -38.90 -24.66 -51.00
CA LYS C 124 -37.55 -24.34 -51.45
C LYS C 124 -37.64 -23.53 -52.73
N ALA C 125 -36.84 -22.47 -52.80
CA ALA C 125 -36.85 -21.59 -53.98
C ALA C 125 -35.60 -20.71 -53.97
N VAL C 126 -35.21 -20.28 -55.16
CA VAL C 126 -34.10 -19.34 -55.31
C VAL C 126 -34.66 -17.93 -55.35
N VAL C 127 -34.11 -17.03 -54.53
CA VAL C 127 -34.63 -15.68 -54.38
C VAL C 127 -33.58 -14.71 -54.92
N SER C 128 -34.03 -13.70 -55.70
CA SER C 128 -33.10 -12.70 -56.21
C SER C 128 -33.10 -11.50 -55.26
N LEU C 129 -32.02 -11.37 -54.48
CA LEU C 129 -31.89 -10.35 -53.46
C LEU C 129 -31.55 -9.00 -54.07
N SER C 130 -31.64 -7.95 -53.22
CA SER C 130 -31.50 -6.58 -53.69
C SER C 130 -30.14 -6.34 -54.35
N ASN C 131 -29.06 -6.82 -53.73
CA ASN C 131 -27.74 -6.59 -54.31
C ASN C 131 -27.46 -7.45 -55.56
N GLY C 132 -28.43 -8.16 -56.12
CA GLY C 132 -28.21 -8.97 -57.31
C GLY C 132 -27.78 -10.41 -57.06
N VAL C 133 -27.24 -10.74 -55.88
CA VAL C 133 -26.90 -12.12 -55.58
C VAL C 133 -28.17 -12.94 -55.42
N SER C 134 -28.15 -14.21 -55.87
CA SER C 134 -29.25 -15.13 -55.66
C SER C 134 -28.83 -16.29 -54.75
N VAL C 135 -29.74 -16.69 -53.85
CA VAL C 135 -29.47 -17.71 -52.84
C VAL C 135 -30.66 -18.66 -52.75
N LEU C 136 -30.39 -19.94 -52.55
CA LEU C 136 -31.42 -20.83 -52.02
C LEU C 136 -31.97 -20.36 -50.69
N THR C 137 -33.28 -20.33 -50.63
CA THR C 137 -34.05 -20.16 -49.42
C THR C 137 -34.95 -21.37 -49.24
N SER C 138 -35.09 -21.83 -48.01
CA SER C 138 -35.97 -22.95 -47.73
C SER C 138 -36.77 -22.63 -46.47
N LYS C 139 -37.85 -23.39 -46.28
CA LYS C 139 -38.70 -23.28 -45.10
C LYS C 139 -38.69 -24.65 -44.43
N VAL C 140 -38.11 -24.73 -43.23
CA VAL C 140 -37.90 -26.01 -42.55
C VAL C 140 -38.93 -26.27 -41.48
N LEU C 141 -39.78 -25.30 -41.14
CA LEU C 141 -40.74 -25.46 -40.06
C LEU C 141 -41.80 -24.38 -40.20
N ASP C 142 -43.07 -24.77 -40.13
CA ASP C 142 -44.19 -23.85 -40.26
C ASP C 142 -44.95 -23.85 -38.93
N LEU C 143 -44.51 -23.00 -38.01
CA LEU C 143 -45.24 -22.84 -36.75
C LEU C 143 -46.47 -21.96 -36.93
N LYS C 144 -46.52 -21.14 -37.97
CA LYS C 144 -47.73 -20.37 -38.23
C LYS C 144 -48.89 -21.29 -38.56
N ASN C 145 -48.67 -22.27 -39.43
CA ASN C 145 -49.74 -23.20 -39.78
C ASN C 145 -50.15 -24.02 -38.56
N TYR C 146 -49.18 -24.53 -37.80
CA TYR C 146 -49.54 -25.38 -36.67
C TYR C 146 -50.32 -24.61 -35.62
N ILE C 147 -49.81 -23.45 -35.22
CA ILE C 147 -50.44 -22.71 -34.12
C ILE C 147 -51.79 -22.15 -34.55
N ASP C 148 -51.83 -21.48 -35.71
CA ASP C 148 -53.05 -20.80 -36.13
C ASP C 148 -54.12 -21.80 -36.59
N LYS C 149 -53.72 -22.86 -37.28
CA LYS C 149 -54.68 -23.70 -37.99
C LYS C 149 -54.86 -25.09 -37.42
N GLN C 150 -53.92 -25.57 -36.58
CA GLN C 150 -54.05 -26.89 -35.99
C GLN C 150 -54.28 -26.87 -34.48
N LEU C 151 -53.75 -25.89 -33.75
CA LEU C 151 -53.85 -25.86 -32.29
C LEU C 151 -55.01 -24.98 -31.81
N LEU C 152 -54.99 -23.69 -32.13
CA LEU C 152 -56.07 -22.79 -31.73
C LEU C 152 -57.49 -23.27 -32.06
N PRO C 153 -57.82 -23.77 -33.25
CA PRO C 153 -59.21 -24.20 -33.48
C PRO C 153 -59.64 -25.35 -32.57
N ILE C 154 -58.71 -26.01 -31.89
CA ILE C 154 -59.05 -27.10 -30.97
C ILE C 154 -59.42 -26.59 -29.59
N VAL C 155 -59.02 -25.37 -29.22
CA VAL C 155 -59.27 -24.84 -27.89
C VAL C 155 -60.73 -24.40 -27.79
N ASN C 156 -61.48 -25.03 -26.89
CA ASN C 156 -62.84 -24.57 -26.60
C ASN C 156 -62.75 -23.30 -25.78
N LYS C 157 -63.24 -22.19 -26.34
CA LYS C 157 -63.02 -20.90 -25.70
C LYS C 157 -63.95 -20.64 -24.52
N GLN C 158 -65.12 -21.27 -24.46
CA GLN C 158 -66.03 -20.98 -23.37
C GLN C 158 -65.57 -21.63 -22.06
N SER C 159 -65.20 -22.90 -22.11
CA SER C 159 -64.64 -23.56 -20.94
C SER C 159 -63.12 -23.44 -20.86
N CYS C 160 -62.48 -22.94 -21.90
CA CYS C 160 -61.03 -22.75 -21.96
C CYS C 160 -60.29 -24.07 -21.71
N SER C 161 -60.60 -25.05 -22.56
CA SER C 161 -60.13 -26.42 -22.39
C SER C 161 -59.77 -27.02 -23.74
N ILE C 162 -59.03 -28.12 -23.69
CA ILE C 162 -58.81 -28.98 -24.86
C ILE C 162 -59.10 -30.42 -24.45
N PRO C 163 -59.59 -31.26 -25.35
CA PRO C 163 -60.03 -32.61 -24.95
C PRO C 163 -58.91 -33.62 -24.76
N ASN C 164 -57.88 -33.60 -25.60
CA ASN C 164 -56.92 -34.71 -25.71
C ASN C 164 -55.54 -34.30 -25.22
N ILE C 165 -54.93 -35.15 -24.40
CA ILE C 165 -53.57 -34.89 -23.93
C ILE C 165 -52.56 -34.92 -25.07
N GLU C 166 -52.87 -35.57 -26.18
CA GLU C 166 -51.84 -35.72 -27.18
C GLU C 166 -51.58 -34.41 -27.91
N THR C 167 -52.49 -33.45 -27.77
CA THR C 167 -52.26 -32.11 -28.29
C THR C 167 -51.09 -31.43 -27.58
N VAL C 168 -50.97 -31.66 -26.27
CA VAL C 168 -49.86 -31.08 -25.53
C VAL C 168 -48.53 -31.60 -26.08
N ILE C 169 -48.45 -32.91 -26.34
CA ILE C 169 -47.20 -33.51 -26.77
C ILE C 169 -46.87 -33.09 -28.19
N GLU C 170 -47.88 -32.96 -29.06
CA GLU C 170 -47.62 -32.50 -30.42
C GLU C 170 -47.12 -31.05 -30.44
N PHE C 171 -47.69 -30.20 -29.59
CA PHE C 171 -47.19 -28.82 -29.49
C PHE C 171 -45.75 -28.81 -29.01
N GLN C 172 -45.44 -29.62 -27.99
CA GLN C 172 -44.05 -29.76 -27.52
C GLN C 172 -43.13 -30.15 -28.67
N GLN C 173 -43.51 -31.17 -29.44
CA GLN C 173 -42.66 -31.63 -30.54
C GLN C 173 -42.50 -30.56 -31.60
N LYS C 174 -43.57 -29.81 -31.88
CA LYS C 174 -43.49 -28.79 -32.91
C LYS C 174 -42.62 -27.62 -32.47
N ASN C 175 -42.75 -27.20 -31.21
CA ASN C 175 -42.04 -26.03 -30.70
C ASN C 175 -40.55 -26.32 -30.45
N ASN C 176 -40.19 -27.58 -30.28
CA ASN C 176 -38.86 -27.93 -29.74
C ASN C 176 -37.74 -27.34 -30.59
N ARG C 177 -37.81 -27.52 -31.91
CA ARG C 177 -36.71 -27.07 -32.78
C ARG C 177 -36.49 -25.57 -32.65
N LEU C 178 -37.57 -24.79 -32.55
CA LEU C 178 -37.43 -23.35 -32.39
C LEU C 178 -36.74 -23.01 -31.08
N LEU C 179 -37.07 -23.72 -29.99
CA LEU C 179 -36.45 -23.45 -28.70
C LEU C 179 -34.97 -23.81 -28.71
N GLU C 180 -34.60 -24.89 -29.41
CA GLU C 180 -33.19 -25.29 -29.41
C GLU C 180 -32.35 -24.35 -30.25
N ILE C 181 -32.86 -23.95 -31.42
CA ILE C 181 -32.19 -22.95 -32.25
C ILE C 181 -31.97 -21.67 -31.45
N THR C 182 -33.01 -21.22 -30.73
CA THR C 182 -32.90 -20.00 -29.94
C THR C 182 -31.86 -20.16 -28.83
N ARG C 183 -31.85 -21.31 -28.17
CA ARG C 183 -30.86 -21.57 -27.12
C ARG C 183 -29.44 -21.52 -27.68
N GLU C 184 -29.22 -22.15 -28.84
CA GLU C 184 -27.89 -22.17 -29.42
C GLU C 184 -27.43 -20.78 -29.83
N PHE C 185 -28.32 -19.98 -30.44
CA PHE C 185 -27.95 -18.62 -30.82
C PHE C 185 -27.67 -17.74 -29.61
N SER C 186 -28.43 -17.94 -28.52
CA SER C 186 -28.33 -17.02 -27.40
C SER C 186 -27.02 -17.18 -26.63
N VAL C 187 -26.41 -18.37 -26.64
CA VAL C 187 -25.15 -18.57 -25.93
C VAL C 187 -23.95 -18.46 -26.86
N ASN C 188 -24.18 -18.15 -28.14
CA ASN C 188 -23.11 -18.02 -29.11
C ASN C 188 -23.15 -16.67 -29.82
N ALA C 189 -23.86 -15.70 -29.24
CA ALA C 189 -24.00 -14.35 -29.81
C ALA C 189 -24.42 -14.40 -31.28
N GLY C 190 -25.31 -15.32 -31.61
CA GLY C 190 -25.91 -15.32 -32.93
C GLY C 190 -25.12 -15.99 -34.02
N VAL C 191 -24.00 -16.62 -33.71
CA VAL C 191 -23.19 -17.33 -34.69
C VAL C 191 -22.73 -18.64 -34.05
N THR C 192 -23.10 -19.76 -34.65
CA THR C 192 -22.72 -21.07 -34.13
C THR C 192 -21.88 -21.81 -35.17
N THR C 193 -20.93 -22.59 -34.67
CA THR C 193 -20.17 -23.58 -35.42
C THR C 193 -19.65 -24.60 -34.41
N PRO C 194 -19.76 -25.92 -34.68
CA PRO C 194 -20.37 -26.51 -35.87
C PRO C 194 -21.88 -26.25 -35.98
N VAL C 195 -22.46 -26.55 -37.12
CA VAL C 195 -23.89 -26.37 -37.33
C VAL C 195 -24.62 -27.60 -36.82
N SER C 196 -25.47 -27.41 -35.83
CA SER C 196 -26.17 -28.53 -35.19
C SER C 196 -27.29 -29.07 -36.08
N THR C 197 -27.73 -30.29 -35.75
CA THR C 197 -28.86 -30.88 -36.46
C THR C 197 -30.17 -30.13 -36.20
N TYR C 198 -30.22 -29.24 -35.21
CA TYR C 198 -31.36 -28.35 -35.05
C TYR C 198 -31.31 -27.18 -36.03
N MET C 199 -30.11 -26.63 -36.26
CA MET C 199 -29.94 -25.62 -37.30
C MET C 199 -30.29 -26.18 -38.65
N LEU C 200 -29.87 -27.41 -38.91
CA LEU C 200 -29.94 -28.02 -40.24
C LEU C 200 -29.91 -29.52 -40.03
N THR C 201 -31.04 -30.20 -40.23
CA THR C 201 -31.07 -31.64 -40.06
C THR C 201 -30.23 -32.31 -41.14
N ASN C 202 -30.04 -33.63 -40.98
CA ASN C 202 -29.05 -34.28 -41.82
C ASN C 202 -29.52 -34.24 -43.28
N SER C 203 -30.82 -34.50 -43.50
CA SER C 203 -31.36 -34.55 -44.85
C SER C 203 -31.49 -33.16 -45.44
N GLU C 204 -31.75 -32.15 -44.62
CA GLU C 204 -31.70 -30.78 -45.12
C GLU C 204 -30.29 -30.44 -45.62
N LEU C 205 -29.26 -30.82 -44.87
CA LEU C 205 -27.89 -30.58 -45.30
C LEU C 205 -27.56 -31.36 -46.57
N LEU C 206 -27.99 -32.62 -46.65
CA LEU C 206 -27.72 -33.42 -47.85
C LEU C 206 -28.44 -32.87 -49.06
N SER C 207 -29.61 -32.25 -48.87
CA SER C 207 -30.30 -31.62 -49.99
C SER C 207 -29.60 -30.35 -50.44
N LEU C 208 -29.11 -29.54 -49.50
CA LEU C 208 -28.37 -28.34 -49.89
C LEU C 208 -27.08 -28.69 -50.62
N ILE C 209 -26.43 -29.79 -50.22
CA ILE C 209 -25.25 -30.25 -50.93
C ILE C 209 -25.61 -30.58 -52.37
N ASN C 210 -26.74 -31.25 -52.57
CA ASN C 210 -27.14 -31.67 -53.91
C ASN C 210 -27.45 -30.49 -54.82
N ASP C 211 -27.38 -29.25 -54.30
CA ASP C 211 -27.78 -28.06 -55.05
C ASP C 211 -26.69 -26.98 -55.07
N MET C 212 -25.39 -27.36 -54.85
CA MET C 212 -24.24 -26.48 -54.75
C MET C 212 -23.44 -26.44 -56.05
N PRO C 213 -22.83 -25.27 -56.33
CA PRO C 213 -22.10 -25.09 -57.60
C PRO C 213 -20.82 -25.90 -57.64
N ILE C 214 -20.95 -27.23 -57.61
CA ILE C 214 -19.80 -28.12 -57.47
C ILE C 214 -20.00 -29.33 -58.38
N THR C 215 -18.90 -30.01 -58.65
CA THR C 215 -18.96 -31.18 -59.50
C THR C 215 -19.59 -32.34 -58.75
N ASN C 216 -20.01 -33.36 -59.51
CA ASN C 216 -20.58 -34.56 -58.94
C ASN C 216 -19.63 -35.22 -57.93
N ASP C 217 -18.33 -35.22 -58.24
CA ASP C 217 -17.37 -35.81 -57.31
C ASP C 217 -17.38 -35.04 -55.99
N GLN C 218 -17.49 -33.71 -56.06
CA GLN C 218 -17.50 -32.89 -54.86
C GLN C 218 -18.79 -33.08 -54.08
N LYS C 219 -19.92 -33.22 -54.76
CA LYS C 219 -21.17 -33.55 -54.07
C LYS C 219 -21.04 -34.89 -53.34
N LYS C 220 -20.47 -35.89 -54.02
CA LYS C 220 -20.29 -37.19 -53.39
C LYS C 220 -19.37 -37.11 -52.18
N LEU C 221 -18.27 -36.36 -52.30
CA LEU C 221 -17.32 -36.28 -51.19
C LEU C 221 -17.95 -35.64 -49.96
N MET C 222 -18.66 -34.54 -50.14
CA MET C 222 -19.27 -33.88 -48.99
C MET C 222 -20.41 -34.72 -48.42
N SER C 223 -21.20 -35.36 -49.29
CA SER C 223 -22.29 -36.21 -48.80
C SER C 223 -21.78 -37.37 -47.96
N ASN C 224 -20.61 -37.92 -48.31
CA ASN C 224 -20.04 -39.01 -47.52
C ASN C 224 -19.34 -38.54 -46.26
N ASN C 225 -19.15 -37.23 -46.10
CA ASN C 225 -18.43 -36.67 -44.97
C ASN C 225 -19.20 -35.50 -44.38
N VAL C 226 -20.52 -35.65 -44.23
CA VAL C 226 -21.35 -34.56 -43.76
C VAL C 226 -20.96 -34.13 -42.35
N GLN C 227 -20.37 -35.04 -41.56
CA GLN C 227 -19.95 -34.67 -40.22
C GLN C 227 -18.77 -33.68 -40.27
N ILE C 228 -17.87 -33.84 -41.24
CA ILE C 228 -16.83 -32.85 -41.43
C ILE C 228 -17.42 -31.55 -41.94
N VAL C 229 -18.30 -31.63 -42.94
CA VAL C 229 -18.96 -30.45 -43.48
C VAL C 229 -19.60 -29.64 -42.36
N ARG C 230 -20.32 -30.32 -41.46
CA ARG C 230 -20.98 -29.65 -40.35
C ARG C 230 -20.00 -28.90 -39.48
N GLN C 231 -18.84 -29.50 -39.24
CA GLN C 231 -17.91 -28.94 -38.30
C GLN C 231 -17.18 -27.73 -38.89
N GLN C 232 -17.20 -27.57 -40.20
CA GLN C 232 -16.62 -26.42 -40.87
C GLN C 232 -17.66 -25.38 -41.30
N SER C 233 -18.93 -25.58 -40.95
CA SER C 233 -19.99 -24.67 -41.33
C SER C 233 -20.32 -23.71 -40.21
N TYR C 234 -21.02 -22.63 -40.56
CA TYR C 234 -21.51 -21.66 -39.58
C TYR C 234 -23.01 -21.47 -39.79
N SER C 235 -23.70 -21.17 -38.71
CA SER C 235 -25.09 -20.72 -38.77
C SER C 235 -25.16 -19.32 -38.17
N ILE C 236 -25.76 -18.39 -38.90
CA ILE C 236 -25.70 -16.97 -38.55
C ILE C 236 -27.13 -16.44 -38.44
N MET C 237 -27.52 -16.09 -37.22
CA MET C 237 -28.82 -15.47 -36.98
C MET C 237 -28.93 -14.18 -37.79
N SER C 238 -30.05 -13.99 -38.47
CA SER C 238 -30.18 -12.81 -39.32
C SER C 238 -31.32 -11.91 -38.88
N ILE C 239 -32.57 -12.32 -39.15
CA ILE C 239 -33.73 -11.48 -38.91
C ILE C 239 -34.89 -12.32 -38.36
N ILE C 240 -35.73 -11.67 -37.58
CA ILE C 240 -37.04 -12.21 -37.22
C ILE C 240 -38.02 -11.05 -37.35
N LYS C 241 -38.87 -11.10 -38.38
CA LYS C 241 -39.84 -10.05 -38.63
C LYS C 241 -40.89 -10.56 -39.60
N GLU C 242 -42.09 -9.98 -39.51
CA GLU C 242 -43.19 -10.27 -40.42
C GLU C 242 -43.44 -11.76 -40.57
N GLU C 243 -43.59 -12.43 -39.44
CA GLU C 243 -43.87 -13.87 -39.35
C GLU C 243 -42.74 -14.74 -39.89
N VAL C 244 -41.51 -14.22 -39.97
CA VAL C 244 -40.40 -14.98 -40.52
C VAL C 244 -39.19 -14.91 -39.60
N LEU C 245 -38.68 -16.07 -39.20
CA LEU C 245 -37.34 -16.20 -38.67
C LEU C 245 -36.44 -16.65 -39.81
N ALA C 246 -35.35 -15.92 -40.03
CA ALA C 246 -34.38 -16.26 -41.07
C ALA C 246 -32.98 -16.25 -40.50
N TYR C 247 -32.21 -17.31 -40.79
CA TYR C 247 -30.78 -17.34 -40.50
C TYR C 247 -30.03 -17.86 -41.72
N VAL C 248 -28.76 -17.48 -41.80
CA VAL C 248 -27.88 -17.84 -42.91
C VAL C 248 -27.02 -19.03 -42.50
N VAL C 249 -26.98 -20.06 -43.32
CA VAL C 249 -26.01 -21.14 -43.16
C VAL C 249 -24.89 -20.94 -44.17
N GLN C 250 -23.66 -21.07 -43.71
CA GLN C 250 -22.48 -20.83 -44.52
C GLN C 250 -21.71 -22.15 -44.55
N LEU C 251 -21.77 -22.84 -45.67
CA LEU C 251 -21.25 -24.19 -45.90
C LEU C 251 -19.93 -24.13 -46.65
N PRO C 252 -18.99 -25.03 -46.34
CA PRO C 252 -17.73 -25.05 -47.08
C PRO C 252 -17.94 -25.52 -48.51
N LEU C 253 -17.12 -24.98 -49.40
CA LEU C 253 -16.98 -25.45 -50.77
C LEU C 253 -15.59 -26.07 -50.91
N TYR C 254 -15.56 -27.38 -51.17
CA TYR C 254 -14.30 -28.07 -51.41
C TYR C 254 -13.99 -28.04 -52.89
N GLY C 255 -13.36 -26.95 -53.34
CA GLY C 255 -13.00 -26.79 -54.74
C GLY C 255 -11.75 -27.52 -55.18
N VAL C 256 -10.99 -28.10 -54.26
CA VAL C 256 -9.83 -28.92 -54.59
C VAL C 256 -9.97 -30.23 -53.83
N ILE C 257 -10.12 -31.33 -54.56
CA ILE C 257 -10.24 -32.65 -53.94
C ILE C 257 -9.37 -33.63 -54.70
N ASP C 258 -9.07 -34.77 -54.08
CA ASP C 258 -8.33 -35.88 -54.73
C ASP C 258 -6.90 -35.50 -55.17
N THR C 259 -6.33 -34.43 -54.62
CA THR C 259 -4.92 -34.09 -54.91
C THR C 259 -4.04 -34.74 -53.85
N PRO C 260 -2.79 -35.12 -54.17
CA PRO C 260 -1.90 -35.73 -53.20
C PRO C 260 -1.51 -34.85 -52.00
N CYS C 261 -1.54 -35.41 -50.79
CA CYS C 261 -1.09 -34.71 -49.58
C CYS C 261 -0.05 -35.53 -48.85
N TRP C 262 0.85 -34.84 -48.15
CA TRP C 262 1.81 -35.50 -47.28
C TRP C 262 2.02 -34.65 -46.03
N LYS C 263 2.35 -35.33 -44.93
CA LYS C 263 2.51 -34.68 -43.65
C LYS C 263 3.97 -34.77 -43.22
N LEU C 264 4.52 -33.64 -42.78
CA LEU C 264 5.89 -33.55 -42.32
C LEU C 264 5.92 -33.46 -40.81
N HIS C 265 6.70 -34.34 -40.19
CA HIS C 265 6.89 -34.40 -38.74
C HIS C 265 8.35 -34.03 -38.45
N THR C 266 8.59 -33.20 -37.44
CA THR C 266 9.96 -32.80 -37.11
C THR C 266 10.16 -32.80 -35.60
N SER C 267 11.41 -32.97 -35.17
CA SER C 267 11.80 -33.08 -33.78
C SER C 267 13.21 -32.53 -33.63
N PRO C 268 13.60 -32.09 -32.43
CA PRO C 268 14.92 -31.43 -32.28
C PRO C 268 16.08 -32.39 -32.48
N LEU C 269 17.06 -31.95 -33.26
CA LEU C 269 18.30 -32.67 -33.56
C LEU C 269 19.45 -31.94 -32.85
N CYS C 270 20.01 -32.57 -31.81
CA CYS C 270 21.09 -31.97 -31.03
C CYS C 270 22.36 -32.82 -31.04
N THR C 271 23.50 -32.16 -30.86
CA THR C 271 24.73 -32.89 -30.55
C THR C 271 24.60 -33.54 -29.18
N THR C 272 25.40 -34.58 -28.94
CA THR C 272 25.26 -35.40 -27.75
C THR C 272 26.52 -35.38 -26.88
N ASN C 273 27.19 -34.23 -26.78
CA ASN C 273 28.29 -34.08 -25.83
C ASN C 273 27.79 -34.30 -24.41
N THR C 274 28.68 -34.84 -23.55
CA THR C 274 28.29 -35.20 -22.19
C THR C 274 28.17 -33.99 -21.27
N LYS C 275 28.99 -32.96 -21.47
CA LYS C 275 28.90 -31.77 -20.63
C LYS C 275 27.56 -31.07 -20.88
N GLU C 276 26.83 -30.80 -19.79
CA GLU C 276 25.40 -30.48 -19.89
C GLU C 276 25.10 -29.19 -20.65
N GLY C 277 26.06 -28.28 -20.78
CA GLY C 277 25.76 -27.06 -21.50
C GLY C 277 26.32 -26.95 -22.89
N SER C 278 27.04 -27.96 -23.36
CA SER C 278 27.91 -27.82 -24.53
C SER C 278 27.22 -28.05 -25.86
N ASN C 279 25.95 -28.43 -25.88
CA ASN C 279 25.35 -28.94 -27.10
C ASN C 279 24.59 -27.85 -27.87
N ILE C 280 24.48 -28.07 -29.18
CA ILE C 280 23.73 -27.19 -30.07
C ILE C 280 22.66 -28.02 -30.76
N CYS C 281 21.54 -27.38 -31.09
CA CYS C 281 20.38 -28.04 -31.67
C CYS C 281 19.85 -27.26 -32.85
N LEU C 282 19.24 -27.99 -33.79
CA LEU C 282 18.35 -27.37 -34.77
C LEU C 282 17.10 -28.24 -34.92
N THR C 283 16.02 -27.60 -35.33
CA THR C 283 14.78 -28.30 -35.67
C THR C 283 14.24 -27.74 -36.98
N ARG C 284 13.85 -28.62 -37.90
CA ARG C 284 13.05 -28.18 -39.03
C ARG C 284 11.73 -27.60 -38.51
N THR C 285 11.37 -26.41 -38.98
CA THR C 285 10.16 -25.75 -38.52
C THR C 285 9.01 -25.90 -39.49
N ASP C 286 9.23 -26.55 -40.63
CA ASP C 286 8.21 -26.65 -41.68
C ASP C 286 7.28 -27.86 -41.48
N ARG C 287 7.10 -28.32 -40.25
CA ARG C 287 6.13 -29.37 -39.97
C ARG C 287 4.72 -28.92 -40.34
N GLY C 288 3.90 -29.88 -40.77
CA GLY C 288 2.52 -29.62 -41.12
C GLY C 288 2.09 -30.41 -42.34
N TRP C 289 0.92 -30.08 -42.86
CA TRP C 289 0.36 -30.76 -44.03
C TRP C 289 0.72 -30.01 -45.30
N TYR C 290 1.02 -30.78 -46.35
CA TYR C 290 1.33 -30.28 -47.68
C TYR C 290 0.40 -30.95 -48.68
N CYS C 291 -0.29 -30.17 -49.50
CA CYS C 291 -1.16 -30.74 -50.53
C CYS C 291 -0.90 -30.05 -51.87
N ASP C 292 -0.83 -30.87 -52.92
CA ASP C 292 -0.73 -30.34 -54.30
C ASP C 292 -1.95 -29.48 -54.58
N ASN C 293 -1.77 -28.35 -55.25
CA ASN C 293 -2.87 -27.45 -55.52
C ASN C 293 -2.46 -26.51 -56.65
N ALA C 294 -3.04 -26.71 -57.83
CA ALA C 294 -2.91 -25.78 -58.96
C ALA C 294 -1.45 -25.47 -59.29
N GLY C 295 -0.64 -26.52 -59.37
CA GLY C 295 0.76 -26.35 -59.72
C GLY C 295 1.64 -25.82 -58.60
N SER C 296 1.06 -25.45 -57.47
CA SER C 296 1.80 -25.10 -56.27
C SER C 296 1.52 -26.14 -55.20
N VAL C 297 1.95 -25.85 -53.97
CA VAL C 297 1.73 -26.72 -52.82
C VAL C 297 1.10 -25.88 -51.72
N SER C 298 -0.09 -26.26 -51.29
CA SER C 298 -0.69 -25.62 -50.13
C SER C 298 -0.11 -26.23 -48.87
N PHE C 299 0.40 -25.37 -47.99
CA PHE C 299 1.08 -25.81 -46.79
C PHE C 299 0.33 -25.31 -45.56
N PHE C 300 -0.02 -26.21 -44.66
CA PHE C 300 -0.80 -25.90 -43.47
C PHE C 300 0.06 -26.14 -42.23
N PRO C 301 0.61 -25.10 -41.61
CA PRO C 301 1.57 -25.32 -40.50
C PRO C 301 0.92 -25.88 -39.26
N GLN C 302 -0.35 -25.61 -39.03
CA GLN C 302 -1.05 -26.10 -37.84
C GLN C 302 -1.78 -27.38 -38.24
N ALA C 303 -1.02 -28.50 -38.27
CA ALA C 303 -1.58 -29.77 -38.72
C ALA C 303 -2.77 -30.19 -37.86
N GLU C 304 -2.76 -29.82 -36.57
CA GLU C 304 -3.81 -30.22 -35.65
C GLU C 304 -5.18 -29.72 -36.09
N THR C 305 -5.24 -28.60 -36.83
CA THR C 305 -6.53 -28.08 -37.25
C THR C 305 -7.05 -28.73 -38.52
N CYS C 306 -6.20 -29.42 -39.27
CA CYS C 306 -6.69 -30.27 -40.35
C CYS C 306 -7.35 -31.50 -39.76
N LYS C 307 -8.26 -32.09 -40.52
CA LYS C 307 -9.01 -33.26 -40.07
C LYS C 307 -8.74 -34.41 -41.03
N VAL C 308 -8.32 -35.55 -40.48
CA VAL C 308 -7.96 -36.71 -41.28
C VAL C 308 -8.99 -37.79 -41.01
N GLN C 309 -9.63 -38.26 -42.09
CA GLN C 309 -10.54 -39.40 -42.05
C GLN C 309 -10.00 -40.44 -43.02
N SER C 310 -9.42 -41.52 -42.47
CA SER C 310 -8.78 -42.59 -43.25
C SER C 310 -7.61 -41.98 -44.00
N ASN C 311 -7.63 -41.93 -45.33
CA ASN C 311 -6.55 -41.32 -46.12
C ASN C 311 -6.90 -39.92 -46.60
N ARG C 312 -8.03 -39.36 -46.16
CA ARG C 312 -8.52 -38.10 -46.67
C ARG C 312 -8.22 -36.97 -45.69
N VAL C 313 -7.66 -35.88 -46.19
CA VAL C 313 -7.18 -34.78 -45.37
C VAL C 313 -8.06 -33.56 -45.65
N PHE C 314 -8.82 -33.14 -44.65
CA PHE C 314 -9.69 -31.97 -44.76
C PHE C 314 -8.94 -30.78 -44.16
N CYS C 315 -8.46 -29.89 -45.01
CA CYS C 315 -7.81 -28.67 -44.55
C CYS C 315 -8.52 -27.45 -45.11
N ASP C 316 -8.24 -26.29 -44.52
CA ASP C 316 -8.82 -25.01 -44.89
C ASP C 316 -7.72 -24.12 -45.46
N THR C 317 -7.90 -23.65 -46.70
CA THR C 317 -6.84 -22.86 -47.32
C THR C 317 -6.63 -21.52 -46.64
N MET C 318 -7.58 -21.08 -45.81
CA MET C 318 -7.36 -19.86 -45.04
C MET C 318 -6.18 -20.01 -44.08
N ASN C 319 -5.89 -21.24 -43.65
CA ASN C 319 -4.80 -21.51 -42.74
C ASN C 319 -3.57 -22.05 -43.45
N SER C 320 -3.32 -21.60 -44.68
CA SER C 320 -2.24 -22.16 -45.47
C SER C 320 -1.40 -21.04 -46.07
N LEU C 321 -0.19 -21.41 -46.46
CA LEU C 321 0.63 -20.65 -47.39
C LEU C 321 0.66 -21.37 -48.74
N THR C 322 0.88 -20.61 -49.80
CA THR C 322 1.04 -21.18 -51.13
C THR C 322 2.53 -21.18 -51.46
N LEU C 323 3.11 -22.38 -51.55
CA LEU C 323 4.56 -22.54 -51.69
C LEU C 323 4.93 -23.16 -53.03
N PRO C 324 6.12 -22.88 -53.53
CA PRO C 324 6.60 -23.58 -54.74
C PRO C 324 6.72 -25.07 -54.49
N SER C 325 6.53 -25.84 -55.55
CA SER C 325 6.55 -27.28 -55.41
C SER C 325 7.91 -27.79 -54.96
N GLU C 326 8.97 -26.98 -55.07
CA GLU C 326 10.28 -27.51 -54.71
C GLU C 326 10.49 -27.52 -53.20
N VAL C 327 9.48 -27.12 -52.42
CA VAL C 327 9.56 -27.24 -50.97
C VAL C 327 9.78 -28.70 -50.55
N ASN C 328 9.35 -29.66 -51.38
CA ASN C 328 9.65 -31.06 -51.08
C ASN C 328 11.14 -31.37 -51.11
N LEU C 329 11.95 -30.54 -51.77
CA LEU C 329 13.38 -30.82 -51.84
C LEU C 329 14.05 -30.76 -50.48
N CYS C 330 13.42 -30.09 -49.50
CA CYS C 330 13.92 -30.15 -48.13
C CYS C 330 13.92 -31.58 -47.58
N ASN C 331 13.05 -32.43 -48.11
CA ASN C 331 13.02 -33.83 -47.74
C ASN C 331 14.01 -34.67 -48.53
N VAL C 332 14.57 -34.12 -49.60
CA VAL C 332 15.59 -34.82 -50.38
C VAL C 332 16.98 -34.48 -49.88
N ASP C 333 17.25 -33.19 -49.71
CA ASP C 333 18.55 -32.70 -49.28
C ASP C 333 18.31 -31.32 -48.71
N ILE C 334 18.44 -31.18 -47.39
CA ILE C 334 18.12 -29.92 -46.73
C ILE C 334 19.05 -28.79 -47.19
N PHE C 335 20.18 -29.12 -47.81
CA PHE C 335 21.11 -28.11 -48.30
C PHE C 335 20.94 -27.83 -49.79
N ASN C 336 19.82 -28.24 -50.39
CA ASN C 336 19.61 -28.07 -51.82
C ASN C 336 19.59 -26.59 -52.21
N PRO C 337 20.01 -26.26 -53.43
CA PRO C 337 20.05 -24.85 -53.85
C PRO C 337 18.73 -24.29 -54.34
N LYS C 338 17.70 -25.11 -54.53
CA LYS C 338 16.44 -24.64 -55.12
C LYS C 338 15.48 -24.06 -54.09
N TYR C 339 15.49 -24.55 -52.87
CA TYR C 339 14.57 -24.09 -51.84
C TYR C 339 15.33 -23.93 -50.53
N ASP C 340 15.11 -22.82 -49.85
CA ASP C 340 15.83 -22.50 -48.62
C ASP C 340 15.03 -23.06 -47.45
N CYS C 341 15.50 -24.18 -46.92
CA CYS C 341 14.71 -24.95 -45.97
C CYS C 341 14.67 -24.28 -44.60
N LYS C 342 13.48 -24.27 -43.99
CA LYS C 342 13.26 -23.51 -42.75
C LYS C 342 13.64 -24.34 -41.53
N ILE C 343 14.36 -23.69 -40.61
CA ILE C 343 14.85 -24.31 -39.38
C ILE C 343 14.88 -23.27 -38.28
N MET C 344 14.87 -23.75 -37.04
CA MET C 344 15.20 -22.95 -35.86
C MET C 344 16.40 -23.58 -35.17
N THR C 345 17.07 -22.81 -34.32
CA THR C 345 18.24 -23.29 -33.60
C THR C 345 18.08 -23.04 -32.11
N SER C 346 18.81 -23.82 -31.30
CA SER C 346 18.77 -23.61 -29.87
C SER C 346 19.95 -24.32 -29.22
N LYS C 347 20.05 -24.15 -27.91
CA LYS C 347 20.96 -24.91 -27.06
C LYS C 347 20.20 -25.72 -26.02
N THR C 348 18.88 -25.79 -26.13
CA THR C 348 18.03 -26.51 -25.19
C THR C 348 17.83 -27.94 -25.71
N ASP C 349 18.63 -28.88 -25.20
CA ASP C 349 18.55 -30.27 -25.66
C ASP C 349 17.72 -31.09 -24.68
N VAL C 350 16.41 -30.88 -24.73
CA VAL C 350 15.48 -31.65 -23.92
C VAL C 350 14.93 -32.79 -24.75
N SER C 351 14.55 -33.86 -24.07
CA SER C 351 14.06 -35.08 -24.70
C SER C 351 12.55 -35.03 -24.90
N SER C 352 12.10 -35.62 -25.99
CA SER C 352 10.67 -35.74 -26.29
C SER C 352 10.50 -36.71 -27.46
N SER C 353 9.24 -37.00 -27.79
CA SER C 353 8.91 -37.79 -28.96
C SER C 353 7.86 -37.05 -29.78
N VAL C 354 7.84 -37.39 -31.08
CA VAL C 354 6.79 -36.97 -32.00
C VAL C 354 6.18 -38.24 -32.56
N ILE C 355 4.89 -38.46 -32.27
CA ILE C 355 4.18 -39.60 -32.85
C ILE C 355 3.80 -39.24 -34.28
N THR C 356 4.28 -40.03 -35.23
CA THR C 356 4.00 -39.81 -36.64
C THR C 356 2.81 -40.65 -37.07
N SER C 357 2.55 -40.69 -38.38
CA SER C 357 1.44 -41.48 -38.89
C SER C 357 1.69 -42.97 -38.72
N LEU C 358 2.93 -43.41 -38.94
CA LEU C 358 3.23 -44.84 -38.93
C LEU C 358 4.34 -45.20 -37.96
N GLY C 359 4.76 -44.28 -37.09
CA GLY C 359 5.83 -44.59 -36.16
C GLY C 359 6.02 -43.52 -35.10
N ALA C 360 7.27 -43.30 -34.70
CA ALA C 360 7.58 -42.35 -33.64
C ALA C 360 9.02 -41.90 -33.81
N ILE C 361 9.22 -40.60 -33.88
CA ILE C 361 10.52 -39.98 -33.77
C ILE C 361 10.81 -39.79 -32.29
N VAL C 362 12.01 -40.13 -31.85
CA VAL C 362 12.42 -40.00 -30.46
C VAL C 362 13.69 -39.15 -30.40
N SER C 363 13.60 -37.99 -29.77
CA SER C 363 14.75 -37.15 -29.49
C SER C 363 15.16 -37.42 -28.05
N CYS C 364 16.25 -38.16 -27.87
CA CYS C 364 16.68 -38.62 -26.56
C CYS C 364 18.02 -37.98 -26.21
N TYR C 365 18.04 -37.17 -25.16
CA TYR C 365 19.24 -36.43 -24.78
C TYR C 365 19.47 -36.50 -23.27
N GLY C 366 20.73 -36.37 -22.88
CA GLY C 366 21.08 -36.33 -21.47
C GLY C 366 20.88 -37.69 -20.80
N LYS C 367 20.39 -37.63 -19.56
CA LYS C 367 20.15 -38.83 -18.76
C LYS C 367 18.79 -39.48 -19.03
N THR C 368 18.00 -38.94 -19.96
CA THR C 368 16.63 -39.40 -20.12
C THR C 368 16.60 -40.84 -20.62
N LYS C 369 15.79 -41.67 -19.97
CA LYS C 369 15.54 -43.03 -20.44
C LYS C 369 14.48 -43.02 -21.54
N CYS C 370 14.79 -43.63 -22.68
CA CYS C 370 13.90 -43.65 -23.83
C CYS C 370 13.82 -45.08 -24.36
N THR C 371 12.59 -45.60 -24.47
CA THR C 371 12.37 -46.96 -24.91
C THR C 371 11.17 -47.01 -25.85
N ALA C 372 11.03 -48.13 -26.54
CA ALA C 372 9.85 -48.47 -27.34
C ALA C 372 9.44 -49.88 -26.96
N SER C 373 8.14 -50.09 -26.77
CA SER C 373 7.63 -51.33 -26.20
C SER C 373 6.47 -51.87 -27.02
N ASN C 374 6.25 -53.18 -26.90
CA ASN C 374 5.17 -53.84 -27.60
C ASN C 374 3.92 -53.86 -26.73
N LYS C 375 2.93 -54.65 -27.16
CA LYS C 375 1.66 -54.79 -26.46
C LYS C 375 1.85 -55.29 -25.03
N ASN C 376 2.83 -56.15 -24.81
CA ASN C 376 3.05 -56.78 -23.52
C ASN C 376 4.04 -56.04 -22.66
N ARG C 377 4.32 -54.77 -22.98
CA ARG C 377 5.37 -53.96 -22.35
C ARG C 377 6.74 -54.60 -22.48
N GLY C 378 6.92 -55.49 -23.45
CA GLY C 378 8.26 -55.93 -23.80
C GLY C 378 9.02 -54.80 -24.47
N ILE C 379 10.22 -54.54 -23.99
CA ILE C 379 11.03 -53.45 -24.53
C ILE C 379 11.74 -53.99 -25.78
N ILE C 380 11.37 -53.48 -26.96
CA ILE C 380 12.06 -53.93 -28.16
C ILE C 380 13.15 -52.96 -28.60
N LYS C 381 13.20 -51.76 -28.06
CA LYS C 381 14.32 -50.88 -28.37
C LYS C 381 14.60 -49.94 -27.21
N THR C 382 15.87 -49.81 -26.84
CA THR C 382 16.34 -48.80 -25.92
C THR C 382 17.14 -47.79 -26.73
N PHE C 383 16.65 -46.55 -26.79
CA PHE C 383 17.29 -45.53 -27.61
C PHE C 383 18.54 -45.01 -26.94
N SER C 384 19.57 -44.75 -27.75
CA SER C 384 20.73 -44.05 -27.25
C SER C 384 20.54 -42.55 -27.50
N ASN C 385 21.47 -41.73 -27.02
CA ASN C 385 21.32 -40.29 -27.15
C ASN C 385 21.39 -39.90 -28.62
N GLY C 386 20.46 -39.03 -29.04
CA GLY C 386 20.34 -38.62 -30.42
C GLY C 386 18.91 -38.73 -30.89
N CYS C 387 18.71 -38.50 -32.19
CA CYS C 387 17.38 -38.56 -32.79
C CYS C 387 17.24 -39.87 -33.58
N ASP C 388 16.23 -40.66 -33.21
CA ASP C 388 16.04 -41.99 -33.77
C ASP C 388 14.55 -42.17 -34.05
N TYR C 389 14.19 -43.35 -34.53
CA TYR C 389 12.84 -43.60 -35.00
C TYR C 389 12.53 -45.08 -34.89
N VAL C 390 11.28 -45.40 -34.57
CA VAL C 390 10.76 -46.76 -34.69
C VAL C 390 9.43 -46.68 -35.43
N SER C 391 9.12 -47.75 -36.14
CA SER C 391 7.83 -47.82 -36.81
C SER C 391 6.80 -48.45 -35.87
N ASN C 392 5.54 -48.40 -36.27
CA ASN C 392 4.47 -48.97 -35.46
C ASN C 392 4.29 -50.48 -35.68
N LYS C 393 5.18 -51.15 -36.42
CA LYS C 393 5.10 -52.60 -36.58
C LYS C 393 5.68 -53.27 -35.34
N GLY C 394 4.82 -53.85 -34.51
CA GLY C 394 5.29 -54.48 -33.29
C GLY C 394 5.62 -53.52 -32.15
N VAL C 395 5.29 -52.23 -32.27
CA VAL C 395 5.44 -51.25 -31.19
C VAL C 395 4.06 -50.70 -30.86
N ASP C 396 3.67 -50.71 -29.59
CA ASP C 396 2.45 -49.99 -29.24
C ASP C 396 2.71 -48.65 -28.58
N THR C 397 3.78 -48.55 -27.79
CA THR C 397 4.02 -47.34 -27.03
C THR C 397 5.50 -46.98 -27.11
N VAL C 398 5.79 -45.71 -26.90
CA VAL C 398 7.13 -45.20 -26.68
C VAL C 398 7.12 -44.47 -25.34
N SER C 399 8.24 -44.54 -24.62
CA SER C 399 8.37 -43.87 -23.34
C SER C 399 9.61 -42.98 -23.39
N VAL C 400 9.43 -41.70 -23.12
CA VAL C 400 10.51 -40.73 -23.04
C VAL C 400 10.43 -40.08 -21.68
N GLY C 401 11.41 -40.34 -20.82
CA GLY C 401 11.33 -39.85 -19.45
C GLY C 401 10.07 -40.38 -18.79
N ASN C 402 9.31 -39.47 -18.18
CA ASN C 402 8.08 -39.82 -17.48
C ASN C 402 6.85 -39.79 -18.38
N THR C 403 7.01 -39.66 -19.69
CA THR C 403 5.87 -39.54 -20.61
C THR C 403 5.74 -40.80 -21.45
N LEU C 404 4.59 -41.45 -21.38
CA LEU C 404 4.27 -42.59 -22.22
C LEU C 404 3.38 -42.14 -23.39
N TYR C 405 3.77 -42.50 -24.61
CA TYR C 405 3.03 -42.16 -25.83
C TYR C 405 2.48 -43.44 -26.45
N TYR C 406 1.20 -43.44 -26.80
CA TYR C 406 0.68 -44.50 -27.66
C TYR C 406 0.93 -44.14 -29.12
N VAL C 407 1.38 -45.12 -29.90
CA VAL C 407 1.65 -44.86 -31.31
C VAL C 407 0.39 -45.14 -32.11
N ASN C 408 0.25 -44.46 -33.24
CA ASN C 408 -0.85 -44.75 -34.15
C ASN C 408 -0.69 -46.14 -34.75
N LYS C 409 -1.80 -46.87 -34.85
CA LYS C 409 -1.80 -48.24 -35.37
C LYS C 409 -2.30 -48.35 -36.80
N GLN C 410 -2.35 -47.24 -37.54
CA GLN C 410 -2.79 -47.33 -38.94
C GLN C 410 -1.84 -48.23 -39.74
N GLU C 411 -2.40 -48.86 -40.76
CA GLU C 411 -1.62 -49.76 -41.60
C GLU C 411 -0.77 -48.97 -42.59
N GLY C 412 0.45 -49.44 -42.82
CA GLY C 412 1.33 -48.76 -43.75
C GLY C 412 2.75 -49.31 -43.64
N LYS C 413 3.64 -48.68 -44.41
CA LYS C 413 5.02 -49.13 -44.52
C LYS C 413 5.98 -47.98 -44.26
N SER C 414 6.96 -48.21 -43.40
CA SER C 414 7.94 -47.19 -43.03
C SER C 414 9.32 -47.54 -43.57
N LEU C 415 10.05 -46.52 -43.99
CA LEU C 415 11.41 -46.68 -44.49
C LEU C 415 12.34 -45.80 -43.69
N TYR C 416 13.41 -46.39 -43.17
CA TYR C 416 14.41 -45.69 -42.36
C TYR C 416 15.55 -45.27 -43.29
N VAL C 417 15.70 -43.96 -43.49
CA VAL C 417 16.70 -43.44 -44.41
C VAL C 417 17.90 -42.99 -43.59
N LYS C 418 18.96 -43.78 -43.65
CA LYS C 418 20.16 -43.48 -42.87
C LYS C 418 20.84 -42.22 -43.41
N GLY C 419 21.50 -41.52 -42.52
CA GLY C 419 22.20 -40.32 -42.89
C GLY C 419 22.86 -39.70 -41.69
N GLU C 420 23.89 -38.92 -41.96
CA GLU C 420 24.63 -38.26 -40.89
C GLU C 420 23.85 -37.08 -40.36
N PRO C 421 23.58 -37.01 -39.04
CA PRO C 421 22.90 -35.84 -38.48
C PRO C 421 23.59 -34.54 -38.87
N ILE C 422 22.86 -33.65 -39.55
CA ILE C 422 23.48 -32.45 -40.09
C ILE C 422 24.00 -31.51 -39.01
N ILE C 423 23.51 -31.64 -37.78
CA ILE C 423 24.00 -30.82 -36.68
C ILE C 423 25.49 -31.03 -36.46
N ASN C 424 26.01 -32.19 -36.88
CA ASN C 424 27.43 -32.51 -36.74
C ASN C 424 28.30 -31.69 -37.70
N PHE C 425 27.70 -31.02 -38.69
CA PHE C 425 28.46 -30.25 -39.67
C PHE C 425 28.74 -28.82 -39.20
N TYR C 426 28.26 -28.42 -38.04
CA TYR C 426 28.34 -27.04 -37.60
C TYR C 426 29.41 -26.88 -36.53
N ASP C 427 30.17 -25.79 -36.64
CA ASP C 427 31.16 -25.44 -35.64
C ASP C 427 30.43 -24.79 -34.47
N PRO C 428 30.44 -25.39 -33.27
CA PRO C 428 29.65 -24.85 -32.16
C PRO C 428 30.03 -23.45 -31.73
N LEU C 429 31.26 -23.00 -31.97
CA LEU C 429 31.65 -21.70 -31.45
C LEU C 429 31.18 -20.54 -32.31
N VAL C 430 30.83 -20.77 -33.57
CA VAL C 430 30.21 -19.76 -34.40
C VAL C 430 28.73 -20.06 -34.68
N PHE C 431 28.15 -21.04 -33.98
CA PHE C 431 26.78 -21.45 -34.25
C PHE C 431 25.79 -20.41 -33.72
N PRO C 432 24.94 -19.85 -34.57
CA PRO C 432 23.89 -18.92 -34.07
C PRO C 432 22.77 -19.72 -33.45
N SER C 433 22.71 -19.72 -32.12
CA SER C 433 22.02 -20.77 -31.38
C SER C 433 20.76 -20.27 -30.67
N ASP C 434 20.13 -19.20 -31.15
CA ASP C 434 18.85 -18.79 -30.59
C ASP C 434 18.00 -18.14 -31.67
N GLU C 435 17.88 -18.84 -32.79
CA GLU C 435 17.11 -18.33 -33.94
C GLU C 435 15.77 -19.05 -33.98
N PHE C 436 14.66 -18.31 -34.05
CA PHE C 436 13.32 -18.94 -34.00
C PHE C 436 12.74 -19.08 -35.40
N ASP C 437 13.05 -18.16 -36.30
CA ASP C 437 12.45 -18.19 -37.66
C ASP C 437 13.56 -18.06 -38.69
N ALA C 438 14.44 -19.04 -38.71
CA ALA C 438 15.58 -18.93 -39.63
C ALA C 438 15.44 -19.90 -40.80
N SER C 439 16.57 -20.23 -41.39
CA SER C 439 16.61 -21.11 -42.54
C SER C 439 18.06 -21.52 -42.73
N ILE C 440 18.26 -22.51 -43.60
CA ILE C 440 19.60 -23.00 -43.86
C ILE C 440 20.50 -21.87 -44.35
N SER C 441 19.98 -21.06 -45.28
CA SER C 441 20.78 -19.97 -45.84
C SER C 441 21.05 -18.88 -44.80
N GLN C 442 20.05 -18.54 -44.00
CA GLN C 442 20.20 -17.46 -42.99
C GLN C 442 21.21 -17.89 -41.94
N VAL C 443 21.20 -19.17 -41.56
CA VAL C 443 22.18 -19.66 -40.61
C VAL C 443 23.57 -19.65 -41.22
N ASN C 444 23.67 -20.00 -42.51
CA ASN C 444 24.96 -19.90 -43.19
C ASN C 444 25.43 -18.45 -43.25
N GLU C 445 24.52 -17.51 -43.54
CA GLU C 445 24.90 -16.11 -43.57
C GLU C 445 25.45 -15.65 -42.23
N LYS C 446 24.73 -15.94 -41.15
CA LYS C 446 25.17 -15.55 -39.83
C LYS C 446 26.55 -16.13 -39.51
N ILE C 447 26.74 -17.43 -39.81
CA ILE C 447 28.04 -18.06 -39.60
C ILE C 447 29.13 -17.32 -40.38
N ASN C 448 28.87 -17.02 -41.66
CA ASN C 448 29.83 -16.26 -42.46
C ASN C 448 30.16 -14.93 -41.80
N GLN C 449 29.15 -14.20 -41.37
CA GLN C 449 29.38 -12.91 -40.72
C GLN C 449 30.25 -13.08 -39.49
N SER C 450 29.95 -14.10 -38.67
CA SER C 450 30.78 -14.39 -37.50
C SER C 450 32.22 -14.66 -37.90
N LEU C 451 32.41 -15.49 -38.93
CA LEU C 451 33.76 -15.80 -39.38
C LEU C 451 34.46 -14.56 -39.93
N ALA C 452 33.75 -13.72 -40.67
CA ALA C 452 34.36 -12.51 -41.21
C ALA C 452 34.75 -11.54 -40.11
N PHE C 453 33.92 -11.45 -39.06
CA PHE C 453 34.22 -10.55 -37.94
C PHE C 453 35.46 -11.01 -37.19
N ILE C 454 35.65 -12.33 -37.03
CA ILE C 454 36.85 -12.84 -36.39
C ILE C 454 38.07 -12.54 -37.26
N ARG C 455 37.96 -12.85 -38.56
CA ARG C 455 39.07 -12.64 -39.48
C ARG C 455 39.46 -11.17 -39.56
N LYS C 456 38.47 -10.28 -39.64
CA LYS C 456 38.77 -8.85 -39.67
C LYS C 456 39.41 -8.39 -38.37
N SER C 457 38.98 -8.95 -37.24
CA SER C 457 39.62 -8.62 -35.96
C SER C 457 41.07 -9.08 -35.95
N ASP C 458 41.35 -10.27 -36.51
CA ASP C 458 42.71 -10.76 -36.56
C ASP C 458 43.56 -9.93 -37.53
N GLU C 459 43.00 -9.58 -38.69
CA GLU C 459 43.74 -8.78 -39.66
C GLU C 459 44.02 -7.37 -39.14
N LEU C 460 43.15 -6.84 -38.27
CA LEU C 460 43.46 -5.56 -37.63
C LEU C 460 44.59 -5.72 -36.62
N LEU C 461 44.55 -6.79 -35.83
CA LEU C 461 45.62 -7.05 -34.86
C LEU C 461 46.96 -7.20 -35.58
N SER C 462 46.97 -7.95 -36.67
CA SER C 462 48.20 -8.15 -37.44
C SER C 462 48.71 -6.83 -38.02
N ALA C 463 47.84 -6.09 -38.70
CA ALA C 463 48.27 -4.88 -39.39
C ALA C 463 48.78 -3.81 -38.44
N ILE C 464 48.27 -3.80 -37.20
CA ILE C 464 48.63 -2.75 -36.25
C ILE C 464 49.87 -3.13 -35.44
N GLY C 465 50.16 -4.42 -35.29
CA GLY C 465 51.31 -4.82 -34.51
C GLY C 465 52.62 -4.61 -35.26
N GLY C 466 53.68 -4.32 -34.51
CA GLY C 466 55.02 -4.18 -35.06
C GLY C 466 55.42 -2.80 -35.55
N TYR C 467 54.97 -1.76 -34.84
CA TYR C 467 55.39 -0.39 -35.05
C TYR C 467 56.11 0.09 -33.80
N ILE C 468 56.94 1.12 -33.98
CA ILE C 468 57.89 1.49 -32.89
C ILE C 468 57.21 2.41 -31.88
N PRO C 469 57.51 2.30 -30.57
CA PRO C 469 56.90 3.24 -29.64
C PRO C 469 57.82 4.41 -29.32
N GLU C 470 57.46 5.25 -28.34
CA GLU C 470 58.29 6.40 -27.99
C GLU C 470 59.61 5.96 -27.36
N ALA C 471 60.66 6.74 -27.61
CA ALA C 471 61.96 6.54 -26.98
C ALA C 471 61.97 7.22 -25.61
N PRO C 472 62.95 6.92 -24.76
CA PRO C 472 63.06 7.65 -23.49
C PRO C 472 63.12 9.15 -23.72
N ARG C 473 62.58 9.89 -22.74
CA ARG C 473 62.61 11.36 -22.73
C ARG C 473 63.58 11.75 -21.63
N ASP C 474 64.83 12.05 -22.01
CA ASP C 474 65.87 12.31 -21.03
C ASP C 474 66.96 13.22 -21.55
N GLY C 475 66.69 14.04 -22.58
CA GLY C 475 67.70 14.85 -23.20
C GLY C 475 68.69 14.13 -24.06
N GLN C 476 68.55 12.81 -24.24
CA GLN C 476 69.48 12.01 -25.04
C GLN C 476 68.84 11.61 -26.36
N ALA C 477 69.67 11.50 -27.40
CA ALA C 477 69.20 11.05 -28.72
C ALA C 477 69.30 9.53 -28.83
N TYR C 478 68.33 8.93 -29.52
CA TYR C 478 68.24 7.49 -29.62
C TYR C 478 68.12 7.04 -31.07
N VAL C 479 68.74 5.89 -31.37
CA VAL C 479 68.60 5.20 -32.64
C VAL C 479 67.94 3.86 -32.37
N ARG C 480 67.60 3.15 -33.46
CA ARG C 480 66.82 1.92 -33.36
C ARG C 480 67.68 0.73 -33.71
N LYS C 481 67.70 -0.28 -32.83
CA LYS C 481 68.52 -1.47 -33.04
C LYS C 481 67.91 -2.64 -32.26
N ASP C 482 67.70 -3.76 -32.95
CA ASP C 482 67.19 -5.00 -32.36
C ASP C 482 65.91 -4.76 -31.58
N GLY C 483 64.97 -4.06 -32.22
CA GLY C 483 63.68 -3.81 -31.61
C GLY C 483 63.71 -2.95 -30.38
N GLU C 484 64.79 -2.19 -30.16
CA GLU C 484 64.93 -1.35 -28.98
C GLU C 484 65.45 0.02 -29.39
N TRP C 485 65.22 1.00 -28.51
CA TRP C 485 65.85 2.31 -28.61
C TRP C 485 67.20 2.25 -27.89
N VAL C 486 68.28 2.57 -28.59
CA VAL C 486 69.60 2.59 -27.97
C VAL C 486 70.23 3.96 -28.18
N LEU C 487 71.07 4.34 -27.23
CA LEU C 487 71.66 5.67 -27.24
C LEU C 487 72.50 5.86 -28.50
N LEU C 488 72.28 6.99 -29.17
CA LEU C 488 73.15 7.37 -30.28
C LEU C 488 74.60 7.48 -29.83
N SER C 489 74.82 8.00 -28.63
CA SER C 489 76.19 8.16 -28.14
C SER C 489 76.92 6.83 -28.01
N THR C 490 76.17 5.72 -27.90
CA THR C 490 76.80 4.40 -27.85
C THR C 490 77.67 4.16 -29.09
N PHE C 491 77.24 4.66 -30.25
CA PHE C 491 77.97 4.41 -31.48
C PHE C 491 78.81 5.58 -31.96
N LEU C 492 78.46 6.81 -31.57
CA LEU C 492 79.24 7.99 -31.92
C LEU C 492 80.34 8.30 -30.92
N GLY C 493 80.12 7.97 -29.65
CA GLY C 493 80.95 8.52 -28.61
C GLY C 493 82.38 8.01 -28.64
N SER C 494 83.28 8.85 -28.16
CA SER C 494 84.65 8.47 -27.84
C SER C 494 84.78 8.24 -26.33
N LEU C 495 85.91 7.69 -25.94
CA LEU C 495 86.19 7.50 -24.52
C LEU C 495 86.64 8.84 -23.92
N GLU C 496 85.85 9.35 -22.99
CA GLU C 496 86.19 10.60 -22.32
C GLU C 496 87.40 10.42 -21.41
N VAL C 497 88.34 11.35 -21.48
CA VAL C 497 89.49 11.41 -20.57
C VAL C 497 89.62 12.87 -20.10
N LEU C 498 89.10 13.16 -18.91
CA LEU C 498 89.37 14.43 -18.25
C LEU C 498 90.77 14.38 -17.66
N PHE C 499 91.57 15.41 -17.96
CA PHE C 499 92.99 15.38 -17.53
C PHE C 499 93.58 16.77 -17.24
N GLN C 500 94.73 16.77 -16.55
CA GLN C 500 95.48 18.03 -16.28
C GLN C 500 96.95 17.63 -16.05
N ASN D 2 1.14 29.83 -3.07
CA ASN D 2 0.45 30.99 -2.50
C ASN D 2 -0.41 30.63 -1.29
N ILE D 3 -0.19 31.32 -0.18
CA ILE D 3 -0.95 31.09 1.03
C ILE D 3 -2.19 31.99 1.02
N THR D 4 -3.36 31.39 1.27
CA THR D 4 -4.58 32.15 1.48
C THR D 4 -5.14 31.83 2.86
N GLU D 5 -5.93 32.76 3.40
CA GLU D 5 -6.50 32.63 4.73
C GLU D 5 -7.94 33.11 4.72
N GLU D 6 -8.80 32.40 5.44
CA GLU D 6 -10.20 32.76 5.59
C GLU D 6 -10.52 32.86 7.08
N PHE D 7 -11.14 33.97 7.49
CA PHE D 7 -11.62 34.12 8.85
C PHE D 7 -13.14 33.95 8.87
N TYR D 8 -13.62 33.10 9.77
CA TYR D 8 -15.05 32.80 9.89
C TYR D 8 -15.58 33.52 11.12
N GLN D 9 -16.19 34.70 10.89
CA GLN D 9 -16.79 35.46 11.97
C GLN D 9 -17.81 34.64 12.74
N SER D 10 -18.51 33.73 12.06
CA SER D 10 -19.55 32.96 12.74
C SER D 10 -18.99 32.05 13.83
N THR D 11 -17.77 31.54 13.67
CA THR D 11 -17.24 30.56 14.60
C THR D 11 -15.92 30.96 15.25
N CYS D 12 -15.49 32.22 15.09
CA CYS D 12 -14.24 32.70 15.69
C CYS D 12 -13.08 31.77 15.36
N SER D 13 -12.93 31.46 14.07
CA SER D 13 -11.88 30.57 13.62
C SER D 13 -11.38 31.01 12.27
N ALA D 14 -10.22 30.49 11.89
CA ALA D 14 -9.60 30.85 10.62
C ALA D 14 -8.84 29.65 10.06
N VAL D 15 -8.86 29.53 8.73
CA VAL D 15 -8.14 28.49 8.01
C VAL D 15 -7.09 29.13 7.13
N SER D 16 -5.85 28.67 7.27
CA SER D 16 -4.74 29.04 6.39
C SER D 16 -4.46 27.86 5.47
N LYS D 17 -4.43 28.10 4.16
CA LYS D 17 -4.26 27.01 3.21
C LYS D 17 -3.28 27.41 2.12
N GLY D 18 -2.95 26.43 1.27
CA GLY D 18 -1.91 26.60 0.27
C GLY D 18 -0.58 25.98 0.62
N TYR D 19 -0.49 25.21 1.70
CA TYR D 19 0.74 24.58 2.13
C TYR D 19 0.87 23.19 1.52
N LEU D 20 2.10 22.68 1.51
CA LEU D 20 2.39 21.34 1.01
C LEU D 20 3.03 20.50 2.11
N SER D 21 2.74 19.20 2.09
CA SER D 21 3.09 18.30 3.18
C SER D 21 4.46 17.68 3.00
N ALA D 22 5.07 17.35 4.14
CA ALA D 22 6.21 16.43 4.21
C ALA D 22 6.02 15.65 5.51
N LEU D 23 5.31 14.53 5.42
CA LEU D 23 4.87 13.79 6.61
C LEU D 23 5.82 12.63 6.88
N ARG D 24 6.34 12.55 8.11
CA ARG D 24 7.17 11.42 8.47
C ARG D 24 6.27 10.22 8.73
N THR D 25 6.40 9.20 7.90
CA THR D 25 5.56 8.02 7.94
C THR D 25 6.31 6.76 8.35
N GLY D 26 7.62 6.72 8.13
CA GLY D 26 8.39 5.55 8.48
C GLY D 26 9.76 5.93 9.00
N TRP D 27 10.66 4.95 9.08
CA TRP D 27 12.01 5.16 9.58
C TRP D 27 13.00 4.41 8.69
N TYR D 28 14.18 4.99 8.55
CA TYR D 28 15.30 4.36 7.86
C TYR D 28 16.48 4.31 8.82
N THR D 29 16.94 3.10 9.14
CA THR D 29 18.05 2.93 10.08
C THR D 29 19.33 2.62 9.32
N SER D 30 20.44 3.15 9.82
CA SER D 30 21.74 2.94 9.22
C SER D 30 22.76 2.90 10.34
N VAL D 31 23.84 2.16 10.13
CA VAL D 31 24.90 1.98 11.12
C VAL D 31 26.10 2.84 10.73
N ILE D 32 26.60 3.63 11.68
CA ILE D 32 27.78 4.46 11.50
C ILE D 32 28.89 3.84 12.34
N THR D 33 30.09 3.72 11.75
CA THR D 33 31.19 3.10 12.46
C THR D 33 32.42 3.98 12.42
N ILE D 34 33.18 3.93 13.51
CA ILE D 34 34.48 4.57 13.64
C ILE D 34 35.48 3.51 14.05
N GLU D 35 36.60 3.42 13.34
CA GLU D 35 37.67 2.51 13.72
C GLU D 35 38.55 3.15 14.78
N LEU D 36 38.85 2.39 15.83
CA LEU D 36 39.57 2.90 17.00
C LEU D 36 40.82 2.06 17.24
N SER D 37 41.91 2.73 17.59
CA SER D 37 43.09 2.00 18.02
C SER D 37 42.84 1.44 19.42
N ASN D 38 43.34 0.24 19.67
CA ASN D 38 43.12 -0.42 20.95
C ASN D 38 44.31 -0.19 21.87
N ILE D 39 44.48 1.07 22.28
CA ILE D 39 45.51 1.42 23.24
C ILE D 39 44.99 1.15 24.64
N LYS D 40 45.85 0.67 25.50
CA LYS D 40 45.47 0.58 26.90
C LYS D 40 46.48 1.24 27.81
N GLU D 41 47.77 1.08 27.54
CA GLU D 41 48.81 1.61 28.42
C GLU D 41 49.78 2.47 27.61
N ILE D 42 50.33 3.49 28.29
CA ILE D 42 51.39 4.31 27.72
C ILE D 42 52.47 4.49 28.77
N LYS D 43 53.56 3.77 28.62
CA LYS D 43 54.66 3.84 29.57
C LYS D 43 55.86 4.46 28.92
N CYS D 44 56.33 5.56 29.52
CA CYS D 44 57.37 6.23 28.77
C CYS D 44 58.03 7.33 29.59
N ASN D 45 59.36 7.37 29.57
CA ASN D 45 60.12 8.40 30.27
C ASN D 45 60.19 9.65 29.40
N GLY D 46 59.53 10.72 29.84
CA GLY D 46 59.60 11.96 29.10
C GLY D 46 59.24 13.19 29.91
N THR D 47 60.12 14.19 29.92
CA THR D 47 59.82 15.48 30.52
C THR D 47 59.51 16.54 29.47
N ASP D 48 59.48 16.18 28.19
CA ASP D 48 59.31 17.16 27.13
C ASP D 48 57.89 17.71 27.12
N ALA D 49 57.77 18.99 26.76
CA ALA D 49 56.47 19.65 26.75
C ALA D 49 55.56 19.13 25.64
N LYS D 50 56.10 18.51 24.61
CA LYS D 50 55.26 17.94 23.56
C LYS D 50 54.92 16.49 23.84
N VAL D 51 55.75 15.78 24.60
CA VAL D 51 55.39 14.43 25.04
C VAL D 51 54.24 14.48 26.03
N LYS D 52 54.26 15.47 26.93
CA LYS D 52 53.19 15.59 27.91
C LYS D 52 51.85 15.83 27.23
N LEU D 53 51.85 16.64 26.16
CA LEU D 53 50.60 17.00 25.51
C LEU D 53 50.00 15.82 24.78
N ILE D 54 50.83 15.01 24.12
CA ILE D 54 50.34 13.82 23.45
C ILE D 54 49.70 12.88 24.47
N LYS D 55 50.42 12.58 25.56
CA LYS D 55 49.87 11.69 26.57
C LYS D 55 48.58 12.25 27.17
N GLN D 56 48.50 13.56 27.37
CA GLN D 56 47.27 14.16 27.89
C GLN D 56 46.12 13.99 26.90
N GLU D 57 46.35 14.37 25.64
CA GLU D 57 45.35 14.14 24.62
C GLU D 57 45.02 12.66 24.50
N LEU D 58 46.05 11.82 24.58
CA LEU D 58 45.83 10.39 24.54
C LEU D 58 45.01 9.89 25.71
N ASP D 59 45.04 10.54 26.88
CA ASP D 59 44.17 9.93 27.87
C ASP D 59 42.74 10.40 27.68
N LYS D 60 42.52 11.53 26.99
CA LYS D 60 41.14 11.90 26.66
C LYS D 60 40.53 10.84 25.77
N TYR D 61 41.31 10.34 24.82
CA TYR D 61 40.88 9.23 23.98
C TYR D 61 40.51 8.02 24.84
N LYS D 62 41.34 7.69 25.83
CA LYS D 62 41.08 6.53 26.66
C LYS D 62 39.84 6.70 27.52
N ASN D 63 39.64 7.89 28.10
CA ASN D 63 38.44 8.09 28.89
C ASN D 63 37.19 8.09 28.03
N ALA D 64 37.28 8.61 26.81
CA ALA D 64 36.17 8.52 25.88
C ALA D 64 35.82 7.07 25.61
N VAL D 65 36.83 6.26 25.28
CA VAL D 65 36.63 4.82 25.08
C VAL D 65 36.01 4.21 26.33
N THR D 66 36.50 4.62 27.51
CA THR D 66 35.96 4.09 28.76
C THR D 66 34.51 4.48 28.95
N GLU D 67 34.18 5.77 28.74
CA GLU D 67 32.78 6.19 28.86
C GLU D 67 31.89 5.50 27.84
N LEU D 68 32.38 5.31 26.61
CA LEU D 68 31.56 4.66 25.60
C LEU D 68 31.27 3.21 25.96
N GLN D 69 32.24 2.52 26.58
CA GLN D 69 32.03 1.14 27.00
C GLN D 69 30.95 1.03 28.08
N LEU D 70 30.84 2.04 28.93
CA LEU D 70 29.76 2.09 29.92
C LEU D 70 28.40 2.19 29.24
N LEU D 71 28.29 3.05 28.22
CA LEU D 71 27.04 3.22 27.49
C LEU D 71 26.64 1.97 26.72
N MET D 72 27.58 1.06 26.45
CA MET D 72 27.24 -0.13 25.69
C MET D 72 26.47 -1.13 26.54
N GLN D 73 26.84 -1.31 27.82
CA GLN D 73 26.14 -2.29 28.65
C GLN D 73 24.87 -1.66 29.22
N SER D 74 23.95 -1.30 28.32
CA SER D 74 22.75 -0.55 28.69
C SER D 74 21.68 -0.60 27.60
N PHE D 85 -6.08 21.39 21.47
CA PHE D 85 -6.81 20.87 22.62
C PHE D 85 -6.83 19.34 22.61
N LEU D 86 -6.84 18.74 21.42
CA LEU D 86 -7.21 17.34 21.28
C LEU D 86 -6.02 16.39 21.37
N GLY D 87 -4.88 16.86 21.89
CA GLY D 87 -3.71 16.01 22.01
C GLY D 87 -3.94 14.74 22.81
N PHE D 88 -4.83 14.80 23.81
CA PHE D 88 -5.09 13.63 24.65
C PHE D 88 -5.72 12.47 23.87
N LEU D 89 -6.23 12.71 22.66
CA LEU D 89 -6.82 11.65 21.86
C LEU D 89 -5.78 10.79 21.14
N LEU D 90 -4.53 11.22 21.11
CA LEU D 90 -3.52 10.53 20.31
C LEU D 90 -3.11 9.20 20.94
N GLY D 91 -2.66 8.28 20.10
CA GLY D 91 -2.06 7.05 20.55
C GLY D 91 -0.68 7.29 21.15
N VAL D 92 0.02 6.18 21.41
CA VAL D 92 1.30 6.22 22.11
C VAL D 92 2.26 5.29 21.36
N GLY D 93 3.25 5.88 20.67
CA GLY D 93 4.24 5.09 19.97
C GLY D 93 5.50 4.88 20.81
N SER D 94 6.47 4.21 20.18
CA SER D 94 7.80 3.99 20.74
C SER D 94 8.80 4.45 19.67
N ALA D 95 9.24 5.70 19.78
CA ALA D 95 9.83 6.40 18.64
C ALA D 95 11.13 5.77 18.15
N ILE D 96 11.88 5.12 19.03
CA ILE D 96 13.14 4.52 18.60
C ILE D 96 13.10 2.99 18.63
N ALA D 97 11.90 2.40 18.60
CA ALA D 97 11.80 0.95 18.59
C ALA D 97 12.55 0.35 17.40
N SER D 98 12.47 1.00 16.24
CA SER D 98 13.14 0.47 15.06
C SER D 98 14.67 0.57 15.19
N GLY D 99 15.17 1.75 15.56
CA GLY D 99 16.61 1.90 15.76
C GLY D 99 17.15 0.98 16.84
N VAL D 100 16.40 0.85 17.95
CA VAL D 100 16.87 0.01 19.04
C VAL D 100 16.93 -1.45 18.61
N ALA D 101 15.97 -1.88 17.78
CA ALA D 101 15.96 -3.25 17.28
C ALA D 101 17.23 -3.56 16.51
N VAL D 102 17.66 -2.65 15.64
CA VAL D 102 18.92 -2.83 14.94
C VAL D 102 20.08 -2.79 15.93
N SER D 103 19.97 -1.95 16.95
CA SER D 103 21.08 -1.81 17.89
C SER D 103 21.30 -3.06 18.71
N LYS D 104 20.22 -3.73 19.11
CA LYS D 104 20.40 -5.00 19.83
C LYS D 104 21.11 -6.04 18.96
N VAL D 105 20.74 -6.15 17.69
CA VAL D 105 21.37 -7.14 16.82
C VAL D 105 22.89 -6.93 16.78
N LEU D 106 23.32 -5.65 16.79
CA LEU D 106 24.75 -5.35 16.76
C LEU D 106 25.51 -5.90 17.97
N HIS D 107 24.81 -6.17 19.08
CA HIS D 107 25.44 -6.74 20.27
C HIS D 107 25.72 -8.24 20.15
N LEU D 108 25.09 -8.93 19.21
CA LEU D 108 25.34 -10.35 19.01
C LEU D 108 26.81 -10.59 18.67
N GLU D 109 27.30 -11.78 19.01
CA GLU D 109 28.69 -12.12 18.71
C GLU D 109 28.87 -12.21 17.20
N GLY D 110 30.09 -11.91 16.74
CA GLY D 110 30.41 -11.97 15.34
C GLY D 110 29.95 -10.78 14.51
N GLU D 111 29.28 -9.80 15.12
CA GLU D 111 28.79 -8.67 14.35
C GLU D 111 29.92 -7.78 13.84
N VAL D 112 30.91 -7.50 14.70
CA VAL D 112 32.02 -6.64 14.29
C VAL D 112 32.84 -7.32 13.19
N ASN D 113 32.97 -8.65 13.26
CA ASN D 113 33.67 -9.37 12.19
C ASN D 113 32.93 -9.23 10.87
N LYS D 114 31.59 -9.25 10.90
CA LYS D 114 30.82 -9.01 9.69
C LYS D 114 31.11 -7.63 9.12
N ILE D 115 31.15 -6.61 9.99
CA ILE D 115 31.34 -5.25 9.53
C ILE D 115 32.74 -5.06 8.94
N LYS D 116 33.76 -5.61 9.61
CA LYS D 116 35.13 -5.39 9.18
C LYS D 116 35.39 -5.95 7.79
N SER D 117 34.73 -7.06 7.43
CA SER D 117 34.98 -7.63 6.10
C SER D 117 34.17 -6.91 5.03
N ALA D 118 32.95 -6.48 5.35
CA ALA D 118 32.18 -5.70 4.39
C ALA D 118 32.85 -4.37 4.07
N LEU D 119 33.56 -3.79 5.04
CA LEU D 119 34.22 -2.50 4.89
C LEU D 119 35.73 -2.63 4.72
N LEU D 120 36.24 -3.81 4.34
CA LEU D 120 37.68 -3.94 4.14
C LEU D 120 38.16 -3.04 3.00
N SER D 121 37.48 -3.09 1.86
CA SER D 121 37.85 -2.33 0.68
C SER D 121 37.13 -1.00 0.55
N THR D 122 35.89 -0.92 1.02
CA THR D 122 35.05 0.26 0.86
C THR D 122 34.67 0.83 2.23
N ASN D 123 34.33 2.11 2.24
CA ASN D 123 33.88 2.76 3.45
C ASN D 123 32.36 2.69 3.62
N LYS D 124 31.67 1.98 2.74
CA LYS D 124 30.21 2.00 2.74
C LYS D 124 29.69 0.76 2.05
N ALA D 125 28.89 -0.04 2.76
CA ALA D 125 28.37 -1.29 2.21
C ALA D 125 27.14 -1.71 3.00
N VAL D 126 26.28 -2.47 2.34
CA VAL D 126 25.11 -3.05 3.02
C VAL D 126 25.54 -4.33 3.71
N VAL D 127 25.22 -4.47 4.98
CA VAL D 127 25.73 -5.58 5.79
C VAL D 127 24.55 -6.42 6.27
N SER D 128 24.74 -7.73 6.27
CA SER D 128 23.73 -8.68 6.70
C SER D 128 24.01 -9.04 8.16
N LEU D 129 23.31 -8.39 9.09
CA LEU D 129 23.57 -8.59 10.51
C LEU D 129 22.96 -9.89 11.01
N SER D 130 21.81 -10.26 10.46
CA SER D 130 21.17 -11.56 10.67
C SER D 130 20.20 -11.76 9.53
N ASN D 131 19.49 -12.89 9.53
CA ASN D 131 18.50 -13.11 8.48
C ASN D 131 17.43 -12.03 8.55
N GLY D 132 17.07 -11.50 7.38
CA GLY D 132 16.08 -10.43 7.32
C GLY D 132 16.50 -9.14 7.98
N VAL D 133 17.80 -8.92 8.18
CA VAL D 133 18.27 -7.66 8.75
C VAL D 133 19.49 -7.18 7.96
N SER D 134 19.25 -6.46 6.88
CA SER D 134 20.30 -5.87 6.05
C SER D 134 20.25 -4.36 6.22
N VAL D 135 21.37 -3.77 6.65
CA VAL D 135 21.44 -2.33 6.87
C VAL D 135 22.66 -1.77 6.17
N LEU D 136 22.55 -0.53 5.73
CA LEU D 136 23.70 0.18 5.20
C LEU D 136 24.64 0.58 6.34
N THR D 137 25.93 0.36 6.14
CA THR D 137 26.93 0.63 7.17
C THR D 137 28.00 1.54 6.58
N SER D 138 28.39 2.57 7.33
CA SER D 138 29.40 3.53 6.90
C SER D 138 30.53 3.59 7.90
N LYS D 139 31.74 3.81 7.39
CA LYS D 139 32.90 4.15 8.20
C LYS D 139 33.23 5.62 7.97
N VAL D 140 33.14 6.41 9.04
CA VAL D 140 33.23 7.86 8.91
C VAL D 140 34.55 8.43 9.42
N LEU D 141 35.29 7.68 10.25
CA LEU D 141 36.54 8.19 10.78
C LEU D 141 37.41 7.01 11.17
N ASP D 142 38.70 7.11 10.88
CA ASP D 142 39.66 6.04 11.13
C ASP D 142 40.74 6.58 12.08
N LEU D 143 40.42 6.59 13.38
CA LEU D 143 41.42 6.97 14.37
C LEU D 143 42.46 5.88 14.55
N LYS D 144 42.08 4.62 14.29
CA LYS D 144 43.02 3.52 14.43
C LYS D 144 44.20 3.66 13.47
N ASN D 145 43.91 3.94 12.20
CA ASN D 145 44.98 4.11 11.21
C ASN D 145 45.90 5.25 11.60
N TYR D 146 45.34 6.35 12.10
CA TYR D 146 46.18 7.48 12.49
C TYR D 146 47.08 7.12 13.66
N ILE D 147 46.50 6.54 14.72
CA ILE D 147 47.24 6.35 15.95
C ILE D 147 48.30 5.27 15.79
N ASP D 148 47.94 4.15 15.14
CA ASP D 148 48.87 3.02 15.05
C ASP D 148 50.13 3.38 14.27
N LYS D 149 50.00 4.08 13.14
CA LYS D 149 51.19 4.40 12.38
C LYS D 149 51.91 5.66 12.87
N GLN D 150 51.17 6.66 13.34
CA GLN D 150 51.78 7.98 13.58
C GLN D 150 52.24 8.16 15.01
N LEU D 151 51.52 7.61 15.99
CA LEU D 151 51.80 7.88 17.39
C LEU D 151 52.47 6.72 18.11
N LEU D 152 51.95 5.50 17.98
CA LEU D 152 52.56 4.33 18.63
C LEU D 152 54.06 4.20 18.38
N PRO D 153 54.59 4.38 17.16
CA PRO D 153 56.05 4.29 17.00
C PRO D 153 56.80 5.23 17.92
N ILE D 154 56.22 6.38 18.27
CA ILE D 154 56.93 7.34 19.10
C ILE D 154 56.80 7.00 20.58
N VAL D 155 55.69 6.40 21.01
CA VAL D 155 55.43 6.16 22.42
C VAL D 155 55.66 4.71 22.82
N ASN D 156 56.32 3.90 21.97
CA ASN D 156 56.54 2.48 22.25
C ASN D 156 57.96 2.17 22.72
N LYS D 157 58.74 3.18 23.12
CA LYS D 157 60.08 2.94 23.61
C LYS D 157 60.14 3.34 25.08
N GLN D 158 61.32 3.25 25.68
CA GLN D 158 61.43 3.59 27.10
C GLN D 158 61.62 5.09 27.31
N SER D 159 62.38 5.76 26.45
CA SER D 159 62.48 7.21 26.45
C SER D 159 61.81 7.73 25.19
N CYS D 160 60.68 8.45 25.37
CA CYS D 160 59.87 8.87 24.22
C CYS D 160 60.70 9.65 23.21
N SER D 161 60.53 9.32 21.92
CA SER D 161 60.93 10.26 20.90
C SER D 161 60.09 11.53 21.03
N ILE D 162 60.70 12.66 20.69
CA ILE D 162 59.99 13.94 20.83
C ILE D 162 59.15 14.14 19.58
N PRO D 163 57.83 14.23 19.70
CA PRO D 163 57.00 14.50 18.51
C PRO D 163 57.05 15.96 18.11
N ASN D 164 56.90 16.20 16.81
CA ASN D 164 56.81 17.56 16.31
C ASN D 164 55.51 18.20 16.81
N ILE D 165 55.53 19.52 16.99
CA ILE D 165 54.35 20.21 17.50
C ILE D 165 53.18 20.12 16.52
N GLU D 166 53.46 19.89 15.23
CA GLU D 166 52.39 19.76 14.26
C GLU D 166 51.57 18.50 14.49
N THR D 167 52.18 17.43 14.98
CA THR D 167 51.43 16.22 15.28
C THR D 167 50.68 16.31 16.61
N VAL D 168 51.06 17.24 17.49
CA VAL D 168 50.25 17.50 18.68
C VAL D 168 48.91 18.08 18.28
N ILE D 169 48.93 19.07 17.38
CA ILE D 169 47.69 19.67 16.88
C ILE D 169 46.92 18.67 16.04
N GLU D 170 47.60 18.00 15.11
CA GLU D 170 46.98 17.02 14.23
C GLU D 170 46.17 15.99 15.03
N PHE D 171 46.75 15.48 16.11
CA PHE D 171 46.06 14.50 16.94
C PHE D 171 44.80 15.11 17.57
N GLN D 172 44.93 16.31 18.15
CA GLN D 172 43.78 16.96 18.77
C GLN D 172 42.65 17.17 17.77
N GLN D 173 43.00 17.49 16.53
CA GLN D 173 41.99 17.63 15.48
C GLN D 173 41.28 16.30 15.20
N LYS D 174 42.07 15.24 14.99
CA LYS D 174 41.46 13.93 14.70
C LYS D 174 40.68 13.40 15.88
N ASN D 175 41.17 13.63 17.11
CA ASN D 175 40.53 13.12 18.31
C ASN D 175 39.22 13.84 18.63
N ASN D 176 39.04 15.06 18.12
CA ASN D 176 37.98 15.93 18.63
C ASN D 176 36.60 15.35 18.37
N ARG D 177 36.38 14.79 17.18
CA ARG D 177 35.04 14.29 16.84
C ARG D 177 34.63 13.14 17.74
N LEU D 178 35.57 12.25 18.06
CA LEU D 178 35.29 11.18 19.01
C LEU D 178 34.89 11.73 20.38
N LEU D 179 35.62 12.76 20.86
CA LEU D 179 35.32 13.34 22.16
C LEU D 179 33.94 13.98 22.18
N GLU D 180 33.57 14.66 21.09
CA GLU D 180 32.29 15.36 21.04
C GLU D 180 31.13 14.37 20.86
N ILE D 181 31.34 13.30 20.11
CA ILE D 181 30.34 12.24 20.05
C ILE D 181 30.13 11.66 21.44
N THR D 182 31.22 11.44 22.18
CA THR D 182 31.12 10.84 23.51
C THR D 182 30.47 11.80 24.50
N ARG D 183 30.73 13.10 24.38
CA ARG D 183 30.09 14.06 25.27
C ARG D 183 28.58 14.08 25.03
N GLU D 184 28.16 14.04 23.76
CA GLU D 184 26.74 14.09 23.45
C GLU D 184 26.02 12.84 23.94
N PHE D 185 26.63 11.67 23.75
CA PHE D 185 26.01 10.44 24.24
C PHE D 185 25.93 10.43 25.77
N SER D 186 26.93 11.00 26.45
CA SER D 186 27.01 10.87 27.90
C SER D 186 25.96 11.70 28.62
N VAL D 187 25.51 12.82 28.04
CA VAL D 187 24.49 13.64 28.68
C VAL D 187 23.09 13.34 28.16
N ASN D 188 22.93 12.34 27.29
CA ASN D 188 21.62 11.97 26.77
C ASN D 188 21.36 10.47 26.91
N ALA D 189 22.13 9.79 27.76
CA ALA D 189 21.95 8.37 28.03
C ALA D 189 21.98 7.55 26.73
N GLY D 190 22.88 7.92 25.82
CA GLY D 190 23.12 7.14 24.63
C GLY D 190 22.14 7.32 23.50
N VAL D 191 21.27 8.32 23.55
CA VAL D 191 20.29 8.59 22.49
C VAL D 191 20.17 10.10 22.33
N THR D 192 20.56 10.62 21.17
CA THR D 192 20.52 12.05 20.92
C THR D 192 19.52 12.38 19.81
N THR D 193 18.83 13.51 19.97
CA THR D 193 18.00 14.10 18.93
C THR D 193 17.91 15.59 19.26
N PRO D 194 18.10 16.49 18.30
CA PRO D 194 18.49 16.27 16.89
C PRO D 194 19.89 15.67 16.73
N VAL D 195 20.17 15.14 15.55
CA VAL D 195 21.46 14.52 15.26
C VAL D 195 22.45 15.61 14.86
N SER D 196 23.50 15.75 15.67
CA SER D 196 24.47 16.83 15.46
C SER D 196 25.35 16.55 14.24
N THR D 197 26.14 17.56 13.86
CA THR D 197 27.15 17.39 12.83
C THR D 197 28.33 16.57 13.31
N TYR D 198 28.46 16.36 14.63
CA TYR D 198 29.47 15.44 15.15
C TYR D 198 29.05 14.00 14.92
N MET D 199 27.76 13.72 15.11
CA MET D 199 27.24 12.39 14.80
C MET D 199 27.30 12.13 13.29
N LEU D 200 26.98 13.14 12.48
CA LEU D 200 26.81 12.96 11.05
C LEU D 200 26.97 14.33 10.38
N THR D 201 28.07 14.53 9.65
CA THR D 201 28.30 15.78 8.92
C THR D 201 27.27 15.90 7.78
N ASN D 202 27.16 17.09 7.18
CA ASN D 202 26.23 17.24 6.07
C ASN D 202 26.59 16.32 4.91
N SER D 203 27.86 16.29 4.53
CA SER D 203 28.22 15.44 3.38
C SER D 203 27.91 13.98 3.67
N GLU D 204 28.11 13.55 4.93
CA GLU D 204 27.73 12.20 5.32
C GLU D 204 26.22 12.01 5.28
N LEU D 205 25.46 12.99 5.78
CA LEU D 205 24.01 12.87 5.76
C LEU D 205 23.46 12.96 4.34
N LEU D 206 23.98 13.90 3.54
CA LEU D 206 23.55 14.02 2.16
C LEU D 206 23.83 12.74 1.38
N SER D 207 24.99 12.12 1.63
CA SER D 207 25.32 10.87 0.96
C SER D 207 24.37 9.74 1.38
N LEU D 208 24.06 9.67 2.68
CA LEU D 208 23.06 8.70 3.14
C LEU D 208 21.74 8.90 2.43
N ILE D 209 21.24 10.14 2.41
CA ILE D 209 19.98 10.46 1.73
C ILE D 209 20.00 9.94 0.29
N ASN D 210 21.13 10.12 -0.39
CA ASN D 210 21.21 9.67 -1.78
C ASN D 210 21.19 8.15 -1.90
N ASP D 211 21.49 7.42 -0.83
CA ASP D 211 21.57 5.97 -0.94
C ASP D 211 20.37 5.29 -0.28
N MET D 212 19.30 6.05 0.01
CA MET D 212 18.06 5.62 0.63
C MET D 212 17.07 5.12 -0.41
N PRO D 213 16.30 4.09 -0.07
CA PRO D 213 15.35 3.52 -1.08
C PRO D 213 14.08 4.36 -1.20
N ILE D 214 14.24 5.55 -1.79
CA ILE D 214 13.17 6.52 -1.97
C ILE D 214 13.28 7.15 -3.36
N THR D 215 12.23 7.88 -3.73
CA THR D 215 12.20 8.53 -5.03
C THR D 215 13.14 9.75 -5.03
N ASN D 216 13.39 10.28 -6.23
CA ASN D 216 14.25 11.46 -6.31
C ASN D 216 13.56 12.69 -5.74
N ASP D 217 12.23 12.76 -5.86
CA ASP D 217 11.49 13.84 -5.22
C ASP D 217 11.65 13.80 -3.71
N GLN D 218 11.58 12.62 -3.12
CA GLN D 218 11.84 12.47 -1.69
C GLN D 218 13.29 12.81 -1.36
N LYS D 219 14.23 12.39 -2.20
CA LYS D 219 15.64 12.71 -1.98
C LYS D 219 15.89 14.21 -2.08
N LYS D 220 15.25 14.87 -3.04
CA LYS D 220 15.44 16.31 -3.20
C LYS D 220 14.83 17.07 -2.03
N LEU D 221 13.66 16.65 -1.55
CA LEU D 221 13.05 17.30 -0.40
C LEU D 221 13.95 17.19 0.83
N MET D 222 14.44 15.99 1.13
CA MET D 222 15.31 15.80 2.28
C MET D 222 16.60 16.61 2.14
N SER D 223 17.18 16.61 0.94
CA SER D 223 18.47 17.27 0.74
C SER D 223 18.35 18.79 0.88
N ASN D 224 17.22 19.36 0.47
CA ASN D 224 17.01 20.80 0.62
C ASN D 224 16.50 21.18 2.01
N ASN D 225 16.31 20.21 2.89
CA ASN D 225 15.87 20.49 4.26
C ASN D 225 16.60 19.59 5.25
N VAL D 226 17.93 19.56 5.17
CA VAL D 226 18.69 18.67 6.04
C VAL D 226 18.58 19.11 7.50
N GLN D 227 18.37 20.41 7.73
CA GLN D 227 18.22 20.87 9.11
C GLN D 227 16.97 20.28 9.75
N ILE D 228 15.90 20.10 8.97
CA ILE D 228 14.70 19.48 9.53
C ILE D 228 14.90 17.98 9.67
N VAL D 229 15.56 17.35 8.70
CA VAL D 229 15.85 15.92 8.80
C VAL D 229 16.64 15.64 10.08
N ARG D 230 17.60 16.50 10.39
CA ARG D 230 18.37 16.34 11.63
C ARG D 230 17.46 16.41 12.85
N GLN D 231 16.48 17.31 12.84
CA GLN D 231 15.63 17.49 14.01
C GLN D 231 14.66 16.32 14.19
N GLN D 232 14.37 15.58 13.12
CA GLN D 232 13.48 14.44 13.20
C GLN D 232 14.23 13.11 13.21
N SER D 233 15.54 13.13 13.44
CA SER D 233 16.37 11.93 13.46
C SER D 233 16.88 11.63 14.86
N TYR D 234 17.28 10.38 15.07
CA TYR D 234 17.93 9.97 16.31
C TYR D 234 19.29 9.35 16.01
N SER D 235 20.19 9.45 16.97
CA SER D 235 21.44 8.69 16.96
C SER D 235 21.48 7.87 18.25
N ILE D 236 21.71 6.56 18.10
CA ILE D 236 21.57 5.61 19.19
C ILE D 236 22.89 4.88 19.37
N MET D 237 23.58 5.16 20.48
CA MET D 237 24.82 4.48 20.82
C MET D 237 24.59 2.98 20.94
N SER D 238 25.47 2.21 20.29
CA SER D 238 25.27 0.76 20.23
C SER D 238 26.42 0.02 20.89
N ILE D 239 27.53 -0.17 20.17
CA ILE D 239 28.61 -1.01 20.65
C ILE D 239 29.94 -0.30 20.49
N ILE D 240 30.89 -0.67 21.35
CA ILE D 240 32.30 -0.33 21.17
C ILE D 240 33.10 -1.56 21.59
N LYS D 241 33.65 -2.29 20.62
CA LYS D 241 34.36 -3.53 20.90
C LYS D 241 35.19 -3.90 19.68
N GLU D 242 36.30 -4.60 19.94
CA GLU D 242 37.23 -5.07 18.90
C GLU D 242 37.55 -3.97 17.90
N GLU D 243 37.97 -2.82 18.43
CA GLU D 243 38.48 -1.69 17.67
C GLU D 243 37.43 -1.05 16.78
N VAL D 244 36.15 -1.20 17.11
CA VAL D 244 35.05 -0.63 16.33
C VAL D 244 34.07 0.04 17.27
N LEU D 245 33.77 1.31 16.98
CA LEU D 245 32.65 2.00 17.61
C LEU D 245 31.51 2.10 16.60
N ALA D 246 30.32 1.65 16.99
CA ALA D 246 29.16 1.65 16.10
C ALA D 246 27.95 2.26 16.80
N TYR D 247 27.26 3.16 16.10
CA TYR D 247 25.99 3.67 16.57
C TYR D 247 25.01 3.68 15.41
N VAL D 248 23.73 3.65 15.76
CA VAL D 248 22.63 3.56 14.81
C VAL D 248 22.04 4.94 14.63
N VAL D 249 21.91 5.38 13.38
CA VAL D 249 21.23 6.61 13.06
C VAL D 249 19.88 6.26 12.46
N GLN D 250 18.82 6.80 13.04
CA GLN D 250 17.45 6.56 12.64
C GLN D 250 16.94 7.82 11.98
N LEU D 251 16.75 7.78 10.63
CA LEU D 251 16.37 8.92 9.81
C LEU D 251 14.90 8.83 9.40
N PRO D 252 14.22 9.98 9.30
CA PRO D 252 12.80 9.94 8.94
C PRO D 252 12.61 9.53 7.48
N LEU D 253 11.56 8.76 7.24
CA LEU D 253 11.11 8.44 5.89
C LEU D 253 9.85 9.25 5.63
N TYR D 254 9.91 10.15 4.65
CA TYR D 254 8.78 11.01 4.32
C TYR D 254 7.99 10.34 3.18
N GLY D 255 7.12 9.41 3.58
CA GLY D 255 6.34 8.66 2.61
C GLY D 255 5.20 9.44 1.98
N VAL D 256 4.79 10.54 2.59
CA VAL D 256 3.73 11.39 2.03
C VAL D 256 4.29 12.79 1.88
N ILE D 257 4.46 13.24 0.64
CA ILE D 257 4.96 14.57 0.34
C ILE D 257 4.10 15.21 -0.72
N ASP D 258 4.09 16.54 -0.73
CA ASP D 258 3.41 17.37 -1.72
C ASP D 258 1.90 17.19 -1.72
N THR D 259 1.32 16.73 -0.63
CA THR D 259 -0.13 16.81 -0.55
C THR D 259 -0.53 18.09 0.15
N PRO D 260 -1.74 18.60 -0.09
CA PRO D 260 -2.10 19.91 0.48
C PRO D 260 -2.34 19.84 1.97
N CYS D 261 -1.99 20.94 2.64
CA CYS D 261 -2.21 21.10 4.07
C CYS D 261 -2.89 22.43 4.36
N TRP D 262 -3.64 22.46 5.46
CA TRP D 262 -4.19 23.72 5.95
C TRP D 262 -4.15 23.72 7.47
N LYS D 263 -4.10 24.92 8.03
CA LYS D 263 -4.01 25.11 9.47
C LYS D 263 -5.27 25.79 9.97
N LEU D 264 -5.89 25.23 11.00
CA LEU D 264 -7.10 25.77 11.60
C LEU D 264 -6.73 26.48 12.91
N HIS D 265 -7.12 27.75 13.01
CA HIS D 265 -6.93 28.55 14.21
C HIS D 265 -8.29 28.82 14.84
N THR D 266 -8.38 28.71 16.17
CA THR D 266 -9.65 28.89 16.86
C THR D 266 -9.46 29.73 18.11
N SER D 267 -10.55 30.38 18.53
CA SER D 267 -10.51 31.28 19.67
C SER D 267 -11.91 31.33 20.28
N PRO D 268 -12.04 31.62 21.58
CA PRO D 268 -13.35 31.53 22.23
C PRO D 268 -14.34 32.55 21.70
N LEU D 269 -15.54 32.09 21.40
CA LEU D 269 -16.63 32.94 20.95
C LEU D 269 -17.67 33.02 22.07
N CYS D 270 -17.85 34.21 22.65
CA CYS D 270 -18.74 34.43 23.78
C CYS D 270 -19.78 35.50 23.46
N THR D 271 -20.94 35.41 24.10
CA THR D 271 -21.88 36.52 24.07
C THR D 271 -21.30 37.71 24.83
N THR D 272 -21.89 38.89 24.61
CA THR D 272 -21.29 40.13 25.08
C THR D 272 -22.26 40.94 25.92
N ASN D 273 -23.08 40.27 26.73
CA ASN D 273 -23.93 41.00 27.68
C ASN D 273 -23.06 41.72 28.71
N THR D 274 -23.53 42.89 29.13
CA THR D 274 -22.75 43.76 30.01
C THR D 274 -22.60 43.18 31.43
N LYS D 275 -23.48 42.27 31.84
CA LYS D 275 -23.42 41.73 33.19
C LYS D 275 -22.38 40.62 33.27
N GLU D 276 -21.39 40.80 34.14
CA GLU D 276 -20.41 39.75 34.43
C GLU D 276 -21.12 38.46 34.82
N GLY D 277 -20.59 37.34 34.34
CA GLY D 277 -21.14 36.03 34.65
C GLY D 277 -22.35 35.61 33.87
N SER D 278 -22.98 36.51 33.10
CA SER D 278 -24.18 36.17 32.35
C SER D 278 -23.88 35.62 30.96
N ASN D 279 -22.62 35.51 30.58
CA ASN D 279 -22.27 35.18 29.22
C ASN D 279 -21.87 33.71 29.07
N ILE D 280 -22.18 33.16 27.89
CA ILE D 280 -21.83 31.78 27.55
C ILE D 280 -20.80 31.81 26.41
N CYS D 281 -19.97 30.76 26.35
CA CYS D 281 -18.86 30.71 25.40
C CYS D 281 -18.79 29.36 24.71
N LEU D 282 -18.23 29.40 23.50
CA LEU D 282 -18.04 28.26 22.62
C LEU D 282 -16.68 28.40 21.96
N THR D 283 -15.93 27.30 21.85
CA THR D 283 -14.65 27.30 21.15
C THR D 283 -14.52 26.04 20.33
N ARG D 284 -14.19 26.19 19.04
CA ARG D 284 -13.84 25.03 18.23
C ARG D 284 -12.55 24.42 18.78
N THR D 285 -12.59 23.12 19.06
CA THR D 285 -11.44 22.45 19.64
C THR D 285 -10.55 21.79 18.59
N ASP D 286 -10.93 21.84 17.31
CA ASP D 286 -10.21 21.08 16.29
C ASP D 286 -9.04 21.86 15.66
N ARG D 287 -8.50 22.85 16.37
CA ARG D 287 -7.33 23.59 15.89
C ARG D 287 -6.16 22.65 15.63
N GLY D 288 -5.36 22.98 14.64
CA GLY D 288 -4.16 22.23 14.34
C GLY D 288 -3.94 22.15 12.85
N TRP D 289 -3.01 21.29 12.46
CA TRP D 289 -2.67 21.10 11.06
C TRP D 289 -3.49 19.95 10.48
N TYR D 290 -3.88 20.11 9.22
CA TYR D 290 -4.62 19.11 8.46
C TYR D 290 -3.92 18.89 7.14
N CYS D 291 -3.65 17.64 6.79
CA CYS D 291 -3.03 17.33 5.50
C CYS D 291 -3.72 16.14 4.84
N ASP D 292 -3.97 16.27 3.54
CA ASP D 292 -4.49 15.15 2.76
C ASP D 292 -3.52 13.96 2.77
N ASN D 293 -4.08 12.75 2.88
CA ASN D 293 -3.26 11.56 3.04
C ASN D 293 -4.12 10.33 2.72
N ALA D 294 -3.90 9.74 1.55
CA ALA D 294 -4.44 8.43 1.19
C ALA D 294 -5.97 8.37 1.30
N GLY D 295 -6.63 9.37 0.73
CA GLY D 295 -8.08 9.45 0.78
C GLY D 295 -8.64 9.95 2.09
N SER D 296 -7.81 10.10 3.12
CA SER D 296 -8.22 10.62 4.41
C SER D 296 -7.49 11.93 4.68
N VAL D 297 -7.59 12.41 5.91
CA VAL D 297 -6.93 13.63 6.33
C VAL D 297 -6.18 13.34 7.63
N SER D 298 -4.87 13.64 7.63
CA SER D 298 -4.06 13.51 8.84
C SER D 298 -4.17 14.80 9.62
N PHE D 299 -4.55 14.69 10.89
CA PHE D 299 -4.84 15.82 11.75
C PHE D 299 -3.85 15.85 12.89
N PHE D 300 -3.16 16.98 13.05
CA PHE D 300 -2.14 17.14 14.07
C PHE D 300 -2.65 18.18 15.06
N PRO D 301 -3.19 17.76 16.21
CA PRO D 301 -3.79 18.74 17.13
C PRO D 301 -2.78 19.65 17.79
N GLN D 302 -1.52 19.22 17.90
CA GLN D 302 -0.47 20.04 18.50
C GLN D 302 0.34 20.64 17.35
N ALA D 303 -0.23 21.69 16.74
CA ALA D 303 0.38 22.29 15.57
C ALA D 303 1.80 22.77 15.83
N GLU D 304 2.11 23.12 17.08
CA GLU D 304 3.44 23.61 17.43
C GLU D 304 4.52 22.56 17.25
N THR D 305 4.16 21.27 17.18
CA THR D 305 5.19 20.26 16.97
C THR D 305 5.53 20.08 15.50
N CYS D 306 4.65 20.52 14.60
CA CYS D 306 4.98 20.54 13.18
C CYS D 306 5.92 21.69 12.87
N LYS D 307 6.79 21.47 11.92
CA LYS D 307 7.85 22.36 11.54
C LYS D 307 7.53 22.93 10.16
N VAL D 308 7.40 24.24 10.05
CA VAL D 308 6.98 24.87 8.80
C VAL D 308 8.18 25.60 8.20
N GLN D 309 8.54 25.22 6.97
CA GLN D 309 9.62 25.84 6.22
C GLN D 309 9.04 26.43 4.95
N SER D 310 8.86 27.76 4.95
CA SER D 310 8.10 28.47 3.92
C SER D 310 6.70 27.90 3.80
N ASN D 311 6.38 27.24 2.70
CA ASN D 311 5.06 26.66 2.52
C ASN D 311 5.04 25.16 2.74
N ARG D 312 6.11 24.60 3.32
CA ARG D 312 6.26 23.17 3.52
C ARG D 312 6.09 22.82 5.00
N VAL D 313 5.16 21.91 5.29
CA VAL D 313 4.79 21.55 6.66
C VAL D 313 5.36 20.16 6.94
N PHE D 314 6.31 20.08 7.86
CA PHE D 314 6.94 18.83 8.26
C PHE D 314 6.24 18.33 9.52
N CYS D 315 5.36 17.35 9.36
CA CYS D 315 4.67 16.77 10.50
C CYS D 315 5.05 15.29 10.63
N ASP D 316 4.59 14.68 11.72
CA ASP D 316 4.92 13.31 12.07
C ASP D 316 3.60 12.58 12.34
N THR D 317 3.33 11.51 11.58
CA THR D 317 2.04 10.86 11.70
C THR D 317 1.84 10.20 13.06
N MET D 318 2.91 10.00 13.84
CA MET D 318 2.74 9.48 15.20
C MET D 318 1.97 10.44 16.08
N ASN D 319 1.96 11.73 15.74
CA ASN D 319 1.23 12.74 16.50
C ASN D 319 -0.07 13.14 15.81
N SER D 320 -0.70 12.20 15.09
CA SER D 320 -1.84 12.53 14.26
C SER D 320 -3.01 11.57 14.51
N LEU D 321 -4.19 12.05 14.16
CA LEU D 321 -5.38 11.24 13.97
C LEU D 321 -5.69 11.15 12.48
N THR D 322 -6.28 10.04 12.08
CA THR D 322 -6.75 9.88 10.70
C THR D 322 -8.25 10.16 10.69
N LEU D 323 -8.65 11.23 10.01
CA LEU D 323 -10.03 11.68 10.02
C LEU D 323 -10.64 11.61 8.63
N PRO D 324 -11.94 11.43 8.52
CA PRO D 324 -12.59 11.49 7.21
C PRO D 324 -12.40 12.86 6.58
N SER D 325 -12.38 12.88 5.25
CA SER D 325 -12.14 14.13 4.55
C SER D 325 -13.25 15.16 4.76
N GLU D 326 -14.39 14.79 5.33
CA GLU D 326 -15.44 15.78 5.48
C GLU D 326 -15.26 16.60 6.76
N VAL D 327 -14.14 16.38 7.47
CA VAL D 327 -13.80 17.24 8.60
C VAL D 327 -13.72 18.71 8.17
N ASN D 328 -13.38 18.96 6.89
CA ASN D 328 -13.33 20.34 6.40
C ASN D 328 -14.69 21.00 6.35
N LEU D 329 -15.77 20.22 6.35
CA LEU D 329 -17.10 20.82 6.31
C LEU D 329 -17.41 21.61 7.58
N CYS D 330 -16.63 21.41 8.65
CA CYS D 330 -16.75 22.27 9.82
C CYS D 330 -16.37 23.72 9.52
N ASN D 331 -15.53 23.93 8.52
CA ASN D 331 -15.19 25.28 8.07
C ASN D 331 -16.20 25.83 7.08
N VAL D 332 -17.10 24.99 6.57
CA VAL D 332 -18.17 25.46 5.70
C VAL D 332 -19.40 25.83 6.50
N ASP D 333 -19.83 24.91 7.35
CA ASP D 333 -21.03 25.09 8.15
C ASP D 333 -20.89 24.16 9.35
N ILE D 334 -20.70 24.75 10.54
CA ILE D 334 -20.44 23.97 11.74
C ILE D 334 -21.65 23.13 12.17
N PHE D 335 -22.83 23.38 11.63
CA PHE D 335 -24.01 22.57 11.87
C PHE D 335 -24.26 21.56 10.74
N ASN D 336 -23.25 21.28 9.92
CA ASN D 336 -23.45 20.40 8.77
C ASN D 336 -23.82 18.99 9.24
N PRO D 337 -24.60 18.25 8.44
CA PRO D 337 -25.05 16.92 8.85
C PRO D 337 -24.07 15.80 8.54
N LYS D 338 -23.01 16.07 7.78
CA LYS D 338 -22.07 15.02 7.38
C LYS D 338 -20.99 14.77 8.43
N TYR D 339 -20.62 15.77 9.22
CA TYR D 339 -19.54 15.64 10.17
C TYR D 339 -19.86 16.43 11.42
N ASP D 340 -19.74 15.78 12.57
CA ASP D 340 -20.10 16.37 13.86
C ASP D 340 -18.91 17.16 14.39
N CYS D 341 -19.00 18.48 14.28
CA CYS D 341 -17.88 19.36 14.57
C CYS D 341 -17.63 19.49 16.06
N LYS D 342 -16.35 19.49 16.43
CA LYS D 342 -15.94 19.37 17.83
C LYS D 342 -15.81 20.76 18.44
N ILE D 343 -16.38 20.93 19.64
CA ILE D 343 -16.40 22.22 20.32
C ILE D 343 -16.31 21.95 21.82
N MET D 344 -15.91 22.99 22.56
CA MET D 344 -16.00 23.02 24.01
C MET D 344 -16.82 24.24 24.41
N THR D 345 -17.39 24.19 25.61
CA THR D 345 -18.24 25.27 26.11
C THR D 345 -17.78 25.69 27.49
N SER D 346 -18.04 26.96 27.82
CA SER D 346 -17.75 27.45 29.16
C SER D 346 -18.49 28.76 29.37
N LYS D 347 -18.26 29.37 30.54
CA LYS D 347 -18.75 30.69 30.86
C LYS D 347 -17.60 31.64 31.16
N THR D 348 -16.37 31.21 30.89
CA THR D 348 -15.17 31.99 31.19
C THR D 348 -14.87 32.87 29.98
N ASP D 349 -15.31 34.13 30.01
CA ASP D 349 -15.17 35.00 28.85
C ASP D 349 -14.00 35.97 29.05
N VAL D 350 -12.80 35.41 28.91
CA VAL D 350 -11.57 36.18 29.05
C VAL D 350 -11.07 36.57 27.68
N SER D 351 -10.34 37.67 27.63
CA SER D 351 -9.85 38.23 26.37
C SER D 351 -8.52 37.62 26.00
N SER D 352 -8.33 37.39 24.70
CA SER D 352 -7.06 36.88 24.19
C SER D 352 -7.03 37.08 22.68
N SER D 353 -5.89 36.77 22.09
CA SER D 353 -5.73 36.81 20.64
C SER D 353 -5.06 35.54 20.17
N VAL D 354 -5.36 35.15 18.94
CA VAL D 354 -4.67 34.06 18.26
C VAL D 354 -4.03 34.62 17.01
N ILE D 355 -2.70 34.59 16.95
CA ILE D 355 -1.98 35.04 15.76
C ILE D 355 -2.03 33.92 14.73
N THR D 356 -2.56 34.24 13.55
CA THR D 356 -2.71 33.26 12.48
C THR D 356 -1.54 33.36 11.51
N SER D 357 -1.61 32.59 10.43
CA SER D 357 -0.54 32.67 9.43
C SER D 357 -0.50 34.06 8.79
N LEU D 358 -1.67 34.68 8.58
CA LEU D 358 -1.77 35.92 7.82
C LEU D 358 -2.52 37.03 8.55
N GLY D 359 -2.76 36.89 9.84
CA GLY D 359 -3.42 37.94 10.58
C GLY D 359 -3.59 37.63 12.06
N ALA D 360 -4.67 38.13 12.66
CA ALA D 360 -4.90 37.94 14.09
C ALA D 360 -6.39 37.84 14.37
N ILE D 361 -6.79 36.79 15.06
CA ILE D 361 -8.12 36.70 15.67
C ILE D 361 -8.04 37.36 17.03
N VAL D 362 -9.03 38.19 17.35
CA VAL D 362 -9.07 38.90 18.62
C VAL D 362 -10.40 38.59 19.31
N SER D 363 -10.32 37.93 20.47
CA SER D 363 -11.48 37.65 21.32
C SER D 363 -11.46 38.68 22.44
N CYS D 364 -12.29 39.71 22.31
CA CYS D 364 -12.29 40.84 23.23
C CYS D 364 -13.59 40.87 24.02
N TYR D 365 -13.49 40.79 25.34
CA TYR D 365 -14.68 40.71 26.18
C TYR D 365 -14.49 41.57 27.42
N GLY D 366 -15.62 41.96 28.02
CA GLY D 366 -15.58 42.71 29.26
C GLY D 366 -14.99 44.09 29.05
N LYS D 367 -14.20 44.53 30.03
CA LYS D 367 -13.61 45.86 30.01
C LYS D 367 -12.28 45.91 29.26
N THR D 368 -11.80 44.77 28.75
CA THR D 368 -10.48 44.73 28.11
C THR D 368 -10.41 45.69 26.95
N LYS D 369 -9.28 46.36 26.80
CA LYS D 369 -9.01 47.23 25.68
C LYS D 369 -8.22 46.45 24.63
N CYS D 370 -8.73 46.43 23.40
CA CYS D 370 -8.14 45.65 22.33
C CYS D 370 -8.01 46.54 21.10
N THR D 371 -6.80 46.60 20.54
CA THR D 371 -6.49 47.48 19.42
C THR D 371 -5.58 46.75 18.44
N ALA D 372 -5.43 47.33 17.26
CA ALA D 372 -4.49 46.89 16.24
C ALA D 372 -3.70 48.09 15.74
N SER D 373 -2.42 47.89 15.46
CA SER D 373 -1.51 48.99 15.18
C SER D 373 -0.58 48.62 14.04
N ASN D 374 0.04 49.65 13.46
CA ASN D 374 1.21 49.48 12.63
C ASN D 374 2.28 50.47 13.06
N LYS D 375 3.50 50.23 12.59
CA LYS D 375 4.66 50.94 13.11
C LYS D 375 4.61 52.44 12.83
N ASN D 376 4.06 52.85 11.68
CA ASN D 376 4.10 54.26 11.33
C ASN D 376 2.98 55.06 11.98
N ARG D 377 1.78 54.50 12.08
CA ARG D 377 0.61 55.27 12.50
C ARG D 377 0.19 55.03 13.95
N GLY D 378 0.62 53.93 14.55
CA GLY D 378 0.13 53.58 15.87
C GLY D 378 -1.22 52.88 15.78
N ILE D 379 -2.15 53.20 16.69
CA ILE D 379 -3.42 52.50 16.74
C ILE D 379 -4.27 52.88 15.54
N ILE D 380 -4.78 51.87 14.83
CA ILE D 380 -5.55 52.10 13.61
C ILE D 380 -6.89 51.39 13.68
N LYS D 381 -7.09 50.58 14.72
CA LYS D 381 -8.37 49.90 14.92
C LYS D 381 -8.59 49.67 16.40
N THR D 382 -9.81 49.90 16.86
CA THR D 382 -10.22 49.56 18.20
C THR D 382 -11.32 48.52 18.10
N PHE D 383 -11.06 47.32 18.62
CA PHE D 383 -12.04 46.25 18.58
C PHE D 383 -13.14 46.51 19.60
N SER D 384 -14.36 46.12 19.25
CA SER D 384 -15.45 46.08 20.20
C SER D 384 -15.61 44.66 20.73
N ASN D 385 -16.49 44.51 21.72
CA ASN D 385 -16.67 43.20 22.34
C ASN D 385 -17.21 42.19 21.33
N GLY D 386 -16.64 41.00 21.34
CA GLY D 386 -16.91 39.93 20.41
C GLY D 386 -15.63 39.41 19.81
N CYS D 387 -15.76 38.56 18.81
CA CYS D 387 -14.62 37.96 18.14
C CYS D 387 -14.48 38.59 16.76
N ASP D 388 -13.32 39.17 16.49
CA ASP D 388 -13.06 39.93 15.28
C ASP D 388 -11.70 39.51 14.74
N TYR D 389 -11.29 40.12 13.63
CA TYR D 389 -10.08 39.68 12.93
C TYR D 389 -9.51 40.84 12.13
N VAL D 390 -8.18 40.90 12.07
CA VAL D 390 -7.47 41.79 11.15
C VAL D 390 -6.42 40.97 10.42
N SER D 391 -6.16 41.34 9.17
CA SER D 391 -5.07 40.75 8.42
C SER D 391 -3.77 41.48 8.72
N ASN D 392 -2.65 40.87 8.30
CA ASN D 392 -1.31 41.43 8.51
C ASN D 392 -0.99 42.51 7.50
N LYS D 393 -1.98 42.89 6.70
CA LYS D 393 -1.78 43.80 5.58
C LYS D 393 -2.08 45.20 6.12
N GLY D 394 -1.03 45.95 6.40
CA GLY D 394 -1.18 47.23 7.09
C GLY D 394 -1.31 47.17 8.60
N VAL D 395 -1.16 46.00 9.22
CA VAL D 395 -1.13 45.87 10.68
C VAL D 395 0.16 45.17 11.07
N ASP D 396 0.86 45.72 12.06
CA ASP D 396 2.08 45.10 12.58
C ASP D 396 1.90 44.46 13.95
N THR D 397 1.09 45.04 14.83
CA THR D 397 0.87 44.49 16.16
C THR D 397 -0.60 44.57 16.53
N VAL D 398 -0.96 43.72 17.48
CA VAL D 398 -2.27 43.73 18.12
C VAL D 398 -2.04 43.74 19.63
N SER D 399 -2.88 44.47 20.36
CA SER D 399 -2.79 44.52 21.81
C SER D 399 -4.13 44.09 22.40
N VAL D 400 -4.10 43.07 23.24
CA VAL D 400 -5.28 42.63 23.99
C VAL D 400 -4.96 42.79 25.46
N GLY D 401 -5.62 43.74 26.12
CA GLY D 401 -5.24 44.08 27.47
C GLY D 401 -3.78 44.47 27.54
N ASN D 402 -3.05 43.84 28.47
CA ASN D 402 -1.64 44.12 28.72
C ASN D 402 -0.68 43.29 27.86
N THR D 403 -1.18 42.61 26.83
CA THR D 403 -0.35 41.74 25.99
C THR D 403 -0.26 42.31 24.58
N LEU D 404 0.97 42.58 24.11
CA LEU D 404 1.20 42.98 22.73
C LEU D 404 1.65 41.77 21.93
N TYR D 405 0.99 41.52 20.81
CA TYR D 405 1.34 40.47 19.87
C TYR D 405 1.88 41.10 18.59
N TYR D 406 3.01 40.59 18.09
CA TYR D 406 3.42 40.86 16.72
C TYR D 406 2.73 39.89 15.79
N VAL D 407 2.24 40.40 14.66
CA VAL D 407 1.61 39.53 13.68
C VAL D 407 2.67 39.02 12.73
N ASN D 408 2.41 37.87 12.12
CA ASN D 408 3.30 37.33 11.10
C ASN D 408 3.21 38.19 9.84
N LYS D 409 4.36 38.53 9.26
CA LYS D 409 4.41 39.38 8.08
C LYS D 409 4.59 38.58 6.80
N GLN D 410 4.23 37.30 6.78
CA GLN D 410 4.33 36.51 5.58
C GLN D 410 3.32 36.99 4.53
N GLU D 411 3.72 36.84 3.26
CA GLU D 411 2.92 37.31 2.15
C GLU D 411 1.73 36.39 1.93
N GLY D 412 0.58 36.99 1.64
CA GLY D 412 -0.61 36.21 1.39
C GLY D 412 -1.82 37.12 1.27
N LYS D 413 -3.00 36.50 1.19
CA LYS D 413 -4.26 37.22 1.07
C LYS D 413 -5.25 36.63 2.05
N SER D 414 -5.96 37.51 2.78
CA SER D 414 -6.97 37.11 3.76
C SER D 414 -8.35 37.52 3.28
N LEU D 415 -9.33 36.67 3.56
CA LEU D 415 -10.73 36.94 3.27
C LEU D 415 -11.52 36.93 4.57
N TYR D 416 -12.29 38.00 4.81
CA TYR D 416 -13.16 38.09 5.98
C TYR D 416 -14.53 37.54 5.58
N VAL D 417 -14.92 36.42 6.18
CA VAL D 417 -16.20 35.78 5.88
C VAL D 417 -17.20 36.22 6.95
N LYS D 418 -18.02 37.20 6.62
CA LYS D 418 -19.03 37.69 7.56
C LYS D 418 -20.05 36.59 7.85
N GLY D 419 -20.52 36.58 9.08
CA GLY D 419 -21.53 35.62 9.50
C GLY D 419 -21.95 35.94 10.90
N GLU D 420 -23.14 35.46 11.26
CA GLU D 420 -23.68 35.69 12.59
C GLU D 420 -22.98 34.80 13.60
N PRO D 421 -22.39 35.36 14.67
CA PRO D 421 -21.80 34.51 15.73
C PRO D 421 -22.74 33.42 16.19
N ILE D 422 -22.33 32.16 16.08
CA ILE D 422 -23.28 31.08 16.35
C ILE D 422 -23.65 30.99 17.81
N ILE D 423 -22.86 31.61 18.69
CA ILE D 423 -23.21 31.65 20.11
C ILE D 423 -24.54 32.36 20.35
N ASN D 424 -24.98 33.21 19.42
CA ASN D 424 -26.26 33.90 19.55
C ASN D 424 -27.45 32.97 19.33
N PHE D 425 -27.25 31.80 18.72
CA PHE D 425 -28.34 30.87 18.48
C PHE D 425 -28.71 30.06 19.71
N TYR D 426 -27.96 30.18 20.80
CA TYR D 426 -28.16 29.34 21.97
C TYR D 426 -28.87 30.10 23.08
N ASP D 427 -29.87 29.45 23.67
CA ASP D 427 -30.57 29.96 24.85
C ASP D 427 -29.67 29.75 26.07
N PRO D 428 -29.18 30.82 26.69
CA PRO D 428 -28.28 30.65 27.84
C PRO D 428 -28.88 29.88 29.00
N LEU D 429 -30.20 29.77 29.08
CA LEU D 429 -30.83 29.10 30.21
C LEU D 429 -30.67 27.59 30.15
N VAL D 430 -30.60 27.02 28.94
CA VAL D 430 -30.42 25.58 28.78
C VAL D 430 -29.06 25.25 28.16
N PHE D 431 -28.12 26.19 28.17
CA PHE D 431 -26.83 25.96 27.53
C PHE D 431 -25.92 25.14 28.44
N PRO D 432 -25.42 23.99 27.99
CA PRO D 432 -24.46 23.21 28.79
C PRO D 432 -23.08 23.84 28.72
N SER D 433 -22.56 24.31 29.85
CA SER D 433 -21.53 25.33 29.83
C SER D 433 -20.23 24.90 30.50
N ASP D 434 -19.89 23.60 30.47
CA ASP D 434 -18.56 23.14 30.85
C ASP D 434 -18.28 21.77 30.25
N GLU D 435 -18.41 21.67 28.93
CA GLU D 435 -18.05 20.48 28.17
C GLU D 435 -16.63 20.67 27.61
N PHE D 436 -15.66 19.81 28.00
CA PHE D 436 -14.43 19.91 27.24
C PHE D 436 -14.42 19.13 25.94
N ASP D 437 -14.79 17.86 25.94
CA ASP D 437 -14.64 17.04 24.74
C ASP D 437 -16.02 16.77 24.14
N ALA D 438 -16.64 17.83 23.66
CA ALA D 438 -18.00 17.73 23.15
C ALA D 438 -18.04 18.05 21.66
N SER D 439 -19.25 18.08 21.12
CA SER D 439 -19.46 18.30 19.70
C SER D 439 -20.76 19.08 19.52
N ILE D 440 -21.02 19.49 18.29
CA ILE D 440 -22.26 20.21 17.99
C ILE D 440 -23.47 19.34 18.34
N SER D 441 -23.43 18.07 17.95
CA SER D 441 -24.56 17.17 18.22
C SER D 441 -24.70 16.89 19.70
N GLN D 442 -23.59 16.64 20.39
CA GLN D 442 -23.65 16.33 21.81
C GLN D 442 -24.27 17.48 22.60
N VAL D 443 -23.91 18.72 22.25
CA VAL D 443 -24.48 19.88 22.91
C VAL D 443 -25.94 20.03 22.51
N ASN D 444 -26.30 19.63 21.29
CA ASN D 444 -27.68 19.73 20.85
C ASN D 444 -28.57 18.72 21.58
N GLU D 445 -28.06 17.51 21.80
CA GLU D 445 -28.84 16.51 22.53
C GLU D 445 -29.05 16.92 23.98
N LYS D 446 -28.03 17.51 24.61
CA LYS D 446 -28.19 17.99 25.97
C LYS D 446 -29.21 19.12 26.06
N ILE D 447 -29.23 20.01 25.05
CA ILE D 447 -30.21 21.09 25.05
C ILE D 447 -31.62 20.55 24.88
N ASN D 448 -31.79 19.55 23.99
CA ASN D 448 -33.10 18.94 23.81
C ASN D 448 -33.59 18.29 25.10
N GLN D 449 -32.71 17.65 25.85
CA GLN D 449 -33.11 17.01 27.11
C GLN D 449 -33.53 18.05 28.14
N SER D 450 -32.80 19.16 28.20
CA SER D 450 -33.14 20.22 29.15
C SER D 450 -34.46 20.88 28.80
N LEU D 451 -34.70 21.09 27.50
CA LEU D 451 -35.97 21.69 27.08
C LEU D 451 -37.14 20.76 27.38
N ALA D 452 -36.95 19.45 27.18
CA ALA D 452 -38.01 18.49 27.45
C ALA D 452 -38.37 18.48 28.93
N PHE D 453 -37.37 18.45 29.82
CA PHE D 453 -37.64 18.45 31.25
C PHE D 453 -38.37 19.70 31.69
N ILE D 454 -37.98 20.86 31.15
CA ILE D 454 -38.71 22.10 31.43
C ILE D 454 -40.14 21.98 30.93
N ARG D 455 -40.33 21.45 29.72
CA ARG D 455 -41.66 21.32 29.16
C ARG D 455 -42.52 20.39 30.03
N LYS D 456 -41.93 19.31 30.56
CA LYS D 456 -42.69 18.40 31.40
C LYS D 456 -43.08 19.06 32.72
N SER D 457 -42.18 19.87 33.29
CA SER D 457 -42.53 20.59 34.52
C SER D 457 -43.61 21.62 34.25
N ASP D 458 -43.55 22.30 33.10
CA ASP D 458 -44.59 23.26 32.74
C ASP D 458 -45.94 22.58 32.59
N GLU D 459 -45.94 21.31 32.16
CA GLU D 459 -47.20 20.58 32.02
C GLU D 459 -47.77 20.22 33.38
N LEU D 460 -46.92 19.93 34.36
CA LEU D 460 -47.39 19.64 35.71
C LEU D 460 -48.03 20.87 36.35
N LEU D 461 -47.34 22.02 36.30
CA LEU D 461 -47.95 23.29 36.70
C LEU D 461 -49.26 23.55 35.96
N SER D 462 -49.26 23.38 34.64
CA SER D 462 -50.46 23.72 33.87
C SER D 462 -51.65 22.87 34.29
N ALA D 463 -51.40 21.58 34.59
CA ALA D 463 -52.48 20.71 35.04
C ALA D 463 -52.94 21.09 36.44
N ILE D 464 -52.01 21.30 37.36
CA ILE D 464 -52.36 21.67 38.73
C ILE D 464 -53.13 22.97 38.77
N GLY D 465 -52.76 23.92 37.90
CA GLY D 465 -53.46 25.19 37.84
C GLY D 465 -54.92 25.07 37.50
N GLY D 466 -55.33 23.98 36.84
CA GLY D 466 -56.71 23.79 36.45
C GLY D 466 -57.51 22.87 37.33
N TYR D 467 -56.92 22.33 38.40
CA TYR D 467 -57.64 21.41 39.26
C TYR D 467 -58.56 22.16 40.21
N ILE D 468 -59.56 21.45 40.71
CA ILE D 468 -60.60 22.01 41.57
C ILE D 468 -60.25 21.70 43.02
N PRO D 469 -60.22 22.69 43.91
CA PRO D 469 -60.04 22.40 45.33
C PRO D 469 -61.21 21.63 45.91
N GLU D 470 -60.93 20.92 47.00
CA GLU D 470 -61.92 20.10 47.67
C GLU D 470 -63.13 20.94 48.11
N ALA D 471 -64.30 20.30 48.10
CA ALA D 471 -65.51 20.92 48.58
C ALA D 471 -65.49 20.96 50.10
N PRO D 472 -66.37 21.75 50.73
CA PRO D 472 -66.44 21.74 52.19
C PRO D 472 -66.69 20.34 52.73
N ARG D 473 -66.20 20.11 53.95
CA ARG D 473 -66.36 18.86 54.69
C ARG D 473 -67.28 19.18 55.86
N ASP D 474 -68.58 18.95 55.66
CA ASP D 474 -69.54 19.38 56.67
C ASP D 474 -70.77 18.50 56.71
N GLY D 475 -70.69 17.26 56.23
CA GLY D 475 -71.83 16.37 56.16
C GLY D 475 -72.75 16.59 54.98
N GLN D 476 -72.51 17.60 54.15
CA GLN D 476 -73.45 18.02 53.11
C GLN D 476 -72.89 17.74 51.72
N ALA D 477 -73.80 17.38 50.81
CA ALA D 477 -73.43 17.12 49.42
C ALA D 477 -73.32 18.41 48.62
N TYR D 478 -72.37 18.45 47.70
CA TYR D 478 -72.10 19.65 46.92
C TYR D 478 -72.05 19.36 45.44
N VAL D 479 -72.43 20.36 44.64
CA VAL D 479 -72.32 20.32 43.19
C VAL D 479 -71.61 21.58 42.73
N ARG D 480 -71.16 21.57 41.47
CA ARG D 480 -70.27 22.61 40.94
C ARG D 480 -71.07 23.58 40.07
N LYS D 481 -71.02 24.87 40.41
CA LYS D 481 -71.72 25.89 39.64
C LYS D 481 -70.94 27.20 39.70
N ASP D 482 -70.61 27.76 38.53
CA ASP D 482 -69.99 29.08 38.42
C ASP D 482 -68.68 29.17 39.22
N GLY D 483 -67.82 28.17 39.03
CA GLY D 483 -66.54 28.13 39.71
C GLY D 483 -66.60 27.98 41.21
N GLU D 484 -67.71 27.45 41.74
CA GLU D 484 -67.91 27.37 43.18
C GLU D 484 -68.61 26.06 43.53
N TRP D 485 -68.37 25.59 44.75
CA TRP D 485 -69.12 24.46 45.30
C TRP D 485 -70.40 24.98 45.93
N VAL D 486 -71.53 24.41 45.51
CA VAL D 486 -72.85 24.87 45.91
C VAL D 486 -73.63 23.68 46.46
N LEU D 487 -74.44 23.94 47.49
CA LEU D 487 -75.18 22.86 48.15
C LEU D 487 -76.15 22.19 47.18
N LEU D 488 -76.12 20.85 47.15
CA LEU D 488 -77.11 20.10 46.39
C LEU D 488 -78.52 20.35 46.89
N SER D 489 -78.67 20.59 48.21
CA SER D 489 -80.01 20.73 48.77
C SER D 489 -80.76 21.93 48.20
N THR D 490 -80.04 22.98 47.80
CA THR D 490 -80.70 24.14 47.22
C THR D 490 -81.49 23.77 45.96
N PHE D 491 -81.09 22.71 45.26
CA PHE D 491 -81.80 22.24 44.08
C PHE D 491 -82.77 21.10 44.35
N LEU D 492 -82.73 20.47 45.52
CA LEU D 492 -83.68 19.42 45.85
C LEU D 492 -84.89 19.96 46.60
N GLY D 493 -84.96 21.26 46.83
CA GLY D 493 -86.07 21.85 47.52
C GLY D 493 -87.15 22.42 46.63
N SER D 494 -86.98 22.35 45.31
CA SER D 494 -87.83 23.07 44.39
C SER D 494 -88.07 22.23 43.13
N LEU D 495 -89.00 22.71 42.31
CA LEU D 495 -89.15 22.24 40.95
C LEU D 495 -87.98 22.65 40.06
N GLU D 496 -87.45 21.72 39.26
CA GLU D 496 -86.64 22.16 38.14
C GLU D 496 -87.24 21.63 36.86
N VAL D 497 -86.66 22.13 35.76
CA VAL D 497 -87.09 21.86 34.40
C VAL D 497 -85.88 21.28 33.67
N LEU D 498 -86.14 20.23 32.90
CA LEU D 498 -85.19 19.80 31.87
C LEU D 498 -85.18 20.83 30.76
N PHE D 499 -84.01 21.33 30.40
CA PHE D 499 -83.93 22.15 29.20
C PHE D 499 -82.90 21.64 28.20
N GLN D 500 -82.00 20.76 28.62
CA GLN D 500 -80.90 20.26 27.79
C GLN D 500 -80.08 21.40 27.20
N ASN E 2 -1.24 -27.86 4.18
CA ASN E 2 -1.45 -26.43 3.91
C ASN E 2 -0.65 -25.96 2.71
N ILE E 3 -1.21 -24.92 2.08
CA ILE E 3 -0.54 -24.29 0.92
C ILE E 3 0.31 -23.14 1.46
N THR E 4 1.59 -23.12 1.11
CA THR E 4 2.48 -22.03 1.44
C THR E 4 3.04 -21.43 0.16
N GLU E 5 3.51 -20.19 0.26
CA GLU E 5 4.02 -19.47 -0.88
C GLU E 5 5.25 -18.67 -0.49
N GLU E 6 6.19 -18.57 -1.42
CA GLU E 6 7.38 -17.75 -1.23
C GLU E 6 7.53 -16.83 -2.42
N PHE E 7 7.69 -15.53 -2.17
CA PHE E 7 8.06 -14.57 -3.21
C PHE E 7 9.55 -14.28 -3.14
N TYR E 8 10.22 -14.35 -4.29
CA TYR E 8 11.66 -14.09 -4.39
C TYR E 8 11.85 -12.73 -5.04
N GLN E 9 12.10 -11.72 -4.21
CA GLN E 9 12.31 -10.36 -4.70
C GLN E 9 13.43 -10.30 -5.72
N SER E 10 14.46 -11.13 -5.56
CA SER E 10 15.63 -11.03 -6.42
C SER E 10 15.37 -11.46 -7.86
N THR E 11 14.36 -12.32 -8.10
CA THR E 11 14.12 -12.81 -9.45
C THR E 11 12.69 -12.61 -9.92
N CYS E 12 11.88 -11.83 -9.20
CA CYS E 12 10.51 -11.52 -9.61
C CYS E 12 9.71 -12.79 -9.86
N SER E 13 9.75 -13.71 -8.91
CA SER E 13 9.11 -15.00 -9.10
C SER E 13 8.61 -15.49 -7.74
N ALA E 14 7.71 -16.48 -7.80
CA ALA E 14 7.12 -17.01 -6.58
C ALA E 14 6.82 -18.49 -6.75
N VAL E 15 6.97 -19.24 -5.68
CA VAL E 15 6.62 -20.66 -5.65
C VAL E 15 5.47 -20.85 -4.70
N SER E 16 4.43 -21.54 -5.17
CA SER E 16 3.33 -22.02 -4.34
C SER E 16 3.52 -23.52 -4.17
N LYS E 17 3.47 -24.03 -2.95
CA LYS E 17 3.71 -25.45 -2.72
C LYS E 17 2.75 -25.98 -1.67
N GLY E 18 2.81 -27.29 -1.45
CA GLY E 18 1.84 -27.97 -0.61
C GLY E 18 0.77 -28.73 -1.36
N TYR E 19 0.85 -28.81 -2.69
CA TYR E 19 -0.13 -29.51 -3.50
C TYR E 19 0.25 -30.97 -3.68
N LEU E 20 -0.74 -31.77 -4.06
CA LEU E 20 -0.55 -33.19 -4.34
C LEU E 20 -0.94 -33.50 -5.78
N SER E 21 -0.25 -34.47 -6.39
CA SER E 21 -0.37 -34.74 -7.81
C SER E 21 -1.50 -35.71 -8.12
N ALA E 22 -2.03 -35.61 -9.34
CA ALA E 22 -2.80 -36.68 -9.96
C ALA E 22 -2.49 -36.60 -11.46
N LEU E 23 -1.44 -37.30 -11.87
CA LEU E 23 -0.93 -37.18 -13.23
C LEU E 23 -1.55 -38.27 -14.11
N ARG E 24 -2.18 -37.87 -15.22
CA ARG E 24 -2.52 -38.86 -16.22
C ARG E 24 -1.26 -39.36 -16.89
N THR E 25 -0.97 -40.65 -16.71
CA THR E 25 0.20 -41.26 -17.28
C THR E 25 -0.12 -42.29 -18.34
N GLY E 26 -1.36 -42.77 -18.39
CA GLY E 26 -1.74 -43.79 -19.35
C GLY E 26 -3.21 -43.70 -19.70
N TRP E 27 -3.73 -44.74 -20.35
CA TRP E 27 -5.11 -44.76 -20.76
C TRP E 27 -5.74 -46.11 -20.43
N TYR E 28 -7.02 -46.07 -20.12
CA TYR E 28 -7.83 -47.28 -20.00
C TYR E 28 -8.94 -47.23 -21.02
N THR E 29 -9.08 -48.28 -21.82
CA THR E 29 -10.09 -48.34 -22.86
C THR E 29 -11.15 -49.39 -22.52
N SER E 30 -12.41 -49.01 -22.70
CA SER E 30 -13.53 -49.93 -22.50
C SER E 30 -14.49 -49.78 -23.66
N VAL E 31 -15.28 -50.82 -23.90
CA VAL E 31 -16.28 -50.82 -24.97
C VAL E 31 -17.65 -50.70 -24.35
N ILE E 32 -18.42 -49.72 -24.79
CA ILE E 32 -19.80 -49.50 -24.37
C ILE E 32 -20.73 -49.87 -25.51
N THR E 33 -21.77 -50.65 -25.23
CA THR E 33 -22.66 -51.13 -26.28
C THR E 33 -24.11 -50.81 -25.96
N ILE E 34 -24.90 -50.73 -27.02
CA ILE E 34 -26.35 -50.48 -26.95
C ILE E 34 -27.01 -51.41 -27.96
N GLU E 35 -27.99 -52.19 -27.50
CA GLU E 35 -28.66 -53.17 -28.35
C GLU E 35 -29.78 -52.49 -29.13
N LEU E 36 -29.80 -52.68 -30.43
CA LEU E 36 -30.72 -51.99 -31.32
C LEU E 36 -31.66 -52.97 -32.02
N SER E 37 -32.86 -52.49 -32.34
CA SER E 37 -33.81 -53.24 -33.13
C SER E 37 -33.62 -52.95 -34.62
N ASN E 38 -33.82 -53.98 -35.44
CA ASN E 38 -33.71 -53.84 -36.90
C ASN E 38 -35.05 -53.54 -37.55
N ILE E 39 -35.90 -52.78 -36.88
CA ILE E 39 -37.14 -52.29 -37.47
C ILE E 39 -36.86 -51.35 -38.63
N LYS E 40 -37.63 -51.49 -39.70
CA LYS E 40 -37.48 -50.68 -40.91
C LYS E 40 -38.65 -49.75 -41.16
N GLU E 41 -39.89 -50.21 -40.98
CA GLU E 41 -41.05 -49.38 -41.27
C GLU E 41 -42.29 -50.00 -40.64
N ILE E 42 -43.05 -49.20 -39.89
CA ILE E 42 -44.35 -49.61 -39.38
C ILE E 42 -45.42 -49.32 -40.44
N LYS E 43 -46.26 -50.32 -40.72
CA LYS E 43 -47.34 -50.18 -41.69
C LYS E 43 -48.64 -49.90 -40.96
N CYS E 44 -49.31 -48.80 -41.34
CA CYS E 44 -50.47 -48.30 -40.62
C CYS E 44 -51.54 -47.77 -41.54
N ASN E 45 -52.80 -48.08 -41.19
CA ASN E 45 -53.92 -47.40 -41.83
C ASN E 45 -53.95 -45.92 -41.44
N GLY E 46 -53.61 -45.60 -40.20
CA GLY E 46 -53.56 -44.22 -39.74
C GLY E 46 -54.61 -43.81 -38.72
N THR E 47 -55.03 -42.54 -38.81
CA THR E 47 -56.02 -41.77 -38.03
C THR E 47 -55.85 -41.71 -36.51
N ASP E 48 -55.05 -42.58 -35.88
CA ASP E 48 -54.92 -42.49 -34.42
C ASP E 48 -53.79 -41.55 -34.06
N ALA E 49 -54.04 -40.67 -33.08
CA ALA E 49 -53.04 -39.65 -32.74
C ALA E 49 -51.85 -40.27 -32.01
N LYS E 50 -52.08 -41.30 -31.20
CA LYS E 50 -51.00 -41.88 -30.42
C LYS E 50 -50.06 -42.73 -31.29
N VAL E 51 -50.62 -43.46 -32.27
CA VAL E 51 -49.76 -44.18 -33.22
C VAL E 51 -48.94 -43.19 -34.04
N LYS E 52 -49.60 -42.17 -34.54
CA LYS E 52 -48.91 -41.10 -35.25
C LYS E 52 -47.80 -40.48 -34.42
N LEU E 53 -47.99 -40.41 -33.09
CA LEU E 53 -46.90 -39.94 -32.23
C LEU E 53 -45.80 -40.99 -32.11
N ILE E 54 -46.16 -42.26 -32.09
CA ILE E 54 -45.15 -43.31 -32.00
C ILE E 54 -44.31 -43.36 -33.26
N LYS E 55 -44.96 -43.24 -34.44
CA LYS E 55 -44.24 -43.28 -35.70
C LYS E 55 -43.27 -42.11 -35.85
N GLN E 56 -43.58 -40.95 -35.27
CA GLN E 56 -42.63 -39.84 -35.26
C GLN E 56 -41.39 -40.20 -34.45
N GLU E 57 -41.60 -40.72 -33.24
CA GLU E 57 -40.47 -41.14 -32.42
C GLU E 57 -39.70 -42.26 -33.09
N LEU E 58 -40.41 -43.19 -33.73
CA LEU E 58 -39.74 -44.26 -34.44
C LEU E 58 -38.85 -43.71 -35.55
N ASP E 59 -39.33 -42.70 -36.27
CA ASP E 59 -38.50 -42.12 -37.33
C ASP E 59 -37.28 -41.40 -36.76
N LYS E 60 -37.39 -40.82 -35.56
CA LYS E 60 -36.20 -40.27 -34.91
C LYS E 60 -35.18 -41.37 -34.66
N TYR E 61 -35.65 -42.51 -34.13
CA TYR E 61 -34.78 -43.66 -33.93
C TYR E 61 -34.10 -44.06 -35.23
N LYS E 62 -34.87 -44.13 -36.32
CA LYS E 62 -34.34 -44.65 -37.57
C LYS E 62 -33.31 -43.71 -38.18
N ASN E 63 -33.54 -42.40 -38.20
CA ASN E 63 -32.44 -41.58 -38.71
C ASN E 63 -31.31 -41.42 -37.72
N ALA E 64 -31.52 -41.71 -36.44
CA ALA E 64 -30.36 -41.79 -35.55
C ALA E 64 -29.46 -42.93 -36.00
N VAL E 65 -30.05 -44.03 -36.44
CA VAL E 65 -29.29 -45.17 -36.93
C VAL E 65 -28.51 -44.79 -38.18
N THR E 66 -29.17 -44.14 -39.15
CA THR E 66 -28.51 -43.80 -40.41
C THR E 66 -27.30 -42.91 -40.15
N GLU E 67 -27.51 -41.85 -39.37
CA GLU E 67 -26.44 -40.92 -39.05
C GLU E 67 -25.27 -41.64 -38.40
N LEU E 68 -25.56 -42.58 -37.50
CA LEU E 68 -24.47 -43.32 -36.87
C LEU E 68 -23.79 -44.23 -37.89
N GLN E 69 -24.55 -44.70 -38.88
CA GLN E 69 -23.99 -45.62 -39.87
C GLN E 69 -22.94 -44.96 -40.77
N LEU E 70 -22.93 -43.64 -40.93
CA LEU E 70 -21.85 -43.08 -41.75
C LEU E 70 -20.68 -42.66 -40.89
N LEU E 71 -20.92 -42.29 -39.64
CA LEU E 71 -19.83 -42.07 -38.72
C LEU E 71 -19.00 -43.33 -38.53
N MET E 72 -19.62 -44.50 -38.70
CA MET E 72 -18.89 -45.75 -38.56
C MET E 72 -17.85 -45.90 -39.67
N GLN E 73 -18.18 -45.46 -40.88
CA GLN E 73 -17.30 -45.61 -42.03
C GLN E 73 -16.26 -44.48 -42.09
N SER E 74 -15.53 -44.32 -40.98
CA SER E 74 -14.51 -43.26 -40.87
C SER E 74 -13.18 -43.79 -40.35
N PHE E 85 5.79 -20.16 -21.14
CA PHE E 85 6.72 -19.79 -22.21
C PHE E 85 7.29 -21.00 -22.94
N LEU E 86 7.49 -22.11 -22.23
CA LEU E 86 8.31 -23.20 -22.78
C LEU E 86 7.50 -24.25 -23.53
N GLY E 87 6.23 -23.95 -23.86
CA GLY E 87 5.37 -24.95 -24.49
C GLY E 87 5.92 -25.50 -25.79
N PHE E 88 6.63 -24.69 -26.56
CA PHE E 88 7.16 -25.15 -27.85
C PHE E 88 8.17 -26.29 -27.70
N LEU E 89 8.77 -26.47 -26.52
CA LEU E 89 9.72 -27.56 -26.31
C LEU E 89 9.05 -28.92 -26.18
N LEU E 90 7.73 -28.98 -26.10
CA LEU E 90 7.04 -30.23 -25.82
C LEU E 90 7.01 -31.12 -27.06
N GLY E 91 6.89 -32.43 -26.83
CA GLY E 91 6.70 -33.38 -27.90
C GLY E 91 5.27 -33.30 -28.43
N VAL E 92 4.98 -34.23 -29.35
CA VAL E 92 3.69 -34.30 -30.01
C VAL E 92 3.16 -35.72 -29.87
N GLY E 93 2.06 -35.88 -29.14
CA GLY E 93 1.40 -37.16 -29.01
C GLY E 93 0.26 -37.33 -29.99
N SER E 94 -0.41 -38.47 -29.87
CA SER E 94 -1.64 -38.76 -30.61
C SER E 94 -2.67 -39.24 -29.58
N ALA E 95 -3.52 -38.32 -29.11
CA ALA E 95 -4.20 -38.50 -27.84
C ALA E 95 -5.16 -39.69 -27.85
N ILE E 96 -5.79 -39.99 -28.98
CA ILE E 96 -6.74 -41.09 -29.01
C ILE E 96 -6.19 -42.29 -29.78
N ALA E 97 -4.87 -42.38 -29.91
CA ALA E 97 -4.28 -43.55 -30.55
C ALA E 97 -4.70 -44.84 -29.86
N SER E 98 -4.75 -44.84 -28.52
CA SER E 98 -5.11 -46.07 -27.82
C SER E 98 -6.57 -46.44 -28.07
N GLY E 99 -7.47 -45.46 -27.97
CA GLY E 99 -8.87 -45.75 -28.20
C GLY E 99 -9.17 -46.12 -29.64
N VAL E 100 -8.53 -45.44 -30.59
CA VAL E 100 -8.76 -45.73 -32.01
C VAL E 100 -8.27 -47.14 -32.34
N ALA E 101 -7.18 -47.57 -31.71
CA ALA E 101 -6.66 -48.90 -31.99
C ALA E 101 -7.68 -49.97 -31.60
N VAL E 102 -8.33 -49.81 -30.46
CA VAL E 102 -9.39 -50.73 -30.08
C VAL E 102 -10.55 -50.62 -31.06
N SER E 103 -10.90 -49.40 -31.46
CA SER E 103 -12.01 -49.20 -32.38
C SER E 103 -11.78 -49.98 -33.69
N LYS E 104 -10.55 -49.94 -34.22
CA LYS E 104 -10.26 -50.64 -35.46
C LYS E 104 -10.47 -52.15 -35.31
N VAL E 105 -10.08 -52.71 -34.17
CA VAL E 105 -10.28 -54.14 -33.94
C VAL E 105 -11.77 -54.48 -33.99
N LEU E 106 -12.62 -53.57 -33.50
CA LEU E 106 -14.05 -53.85 -33.48
C LEU E 106 -14.62 -53.95 -34.90
N HIS E 107 -13.99 -53.29 -35.87
CA HIS E 107 -14.47 -53.38 -37.26
C HIS E 107 -14.16 -54.73 -37.89
N LEU E 108 -13.23 -55.49 -37.33
CA LEU E 108 -12.93 -56.82 -37.87
C LEU E 108 -14.15 -57.72 -37.75
N GLU E 109 -14.37 -58.53 -38.79
CA GLU E 109 -15.53 -59.41 -38.81
C GLU E 109 -15.40 -60.50 -37.75
N GLY E 110 -16.46 -60.70 -36.97
CA GLY E 110 -16.44 -61.66 -35.88
C GLY E 110 -16.44 -61.07 -34.49
N GLU E 111 -15.82 -59.90 -34.31
CA GLU E 111 -15.64 -59.35 -32.95
C GLU E 111 -16.98 -58.97 -32.34
N VAL E 112 -17.80 -58.24 -33.10
CA VAL E 112 -19.14 -57.87 -32.63
C VAL E 112 -19.90 -59.09 -32.11
N ASN E 113 -19.97 -60.17 -32.92
CA ASN E 113 -20.61 -61.40 -32.48
C ASN E 113 -20.10 -61.85 -31.12
N LYS E 114 -18.79 -61.80 -30.91
CA LYS E 114 -18.23 -62.24 -29.65
C LYS E 114 -18.63 -61.30 -28.51
N ILE E 115 -18.76 -60.00 -28.78
CA ILE E 115 -19.28 -59.10 -27.76
C ILE E 115 -20.74 -59.42 -27.47
N LYS E 116 -21.54 -59.61 -28.53
CA LYS E 116 -22.97 -59.86 -28.36
C LYS E 116 -23.21 -61.14 -27.58
N SER E 117 -22.46 -62.20 -27.88
CA SER E 117 -22.58 -63.44 -27.12
C SER E 117 -22.16 -63.23 -25.67
N ALA E 118 -21.02 -62.55 -25.46
CA ALA E 118 -20.52 -62.34 -24.10
C ALA E 118 -21.53 -61.57 -23.27
N LEU E 119 -22.32 -60.70 -23.90
CA LEU E 119 -23.30 -59.87 -23.21
C LEU E 119 -24.72 -60.37 -23.41
N LEU E 120 -24.89 -61.63 -23.79
CA LEU E 120 -26.24 -62.17 -23.95
C LEU E 120 -26.92 -62.34 -22.59
N SER E 121 -26.21 -62.91 -21.61
CA SER E 121 -26.78 -63.18 -20.29
C SER E 121 -26.64 -62.00 -19.33
N THR E 122 -25.53 -61.29 -19.37
CA THR E 122 -25.23 -60.21 -18.44
C THR E 122 -25.00 -58.91 -19.20
N ASN E 123 -25.01 -57.80 -18.46
CA ASN E 123 -24.79 -56.48 -19.04
C ASN E 123 -23.35 -55.99 -18.88
N LYS E 124 -22.47 -56.80 -18.28
CA LYS E 124 -21.08 -56.43 -18.05
C LYS E 124 -20.25 -57.69 -18.20
N ALA E 125 -19.30 -57.68 -19.13
CA ALA E 125 -18.48 -58.85 -19.39
C ALA E 125 -17.10 -58.41 -19.89
N VAL E 126 -16.08 -59.19 -19.52
CA VAL E 126 -14.72 -58.98 -20.00
C VAL E 126 -14.52 -59.86 -21.22
N VAL E 127 -14.16 -59.25 -22.34
CA VAL E 127 -14.11 -59.93 -23.63
C VAL E 127 -12.70 -59.81 -24.18
N SER E 128 -12.11 -60.92 -24.55
CA SER E 128 -10.74 -60.96 -25.07
C SER E 128 -10.81 -61.03 -26.59
N LEU E 129 -10.31 -59.99 -27.25
CA LEU E 129 -10.54 -59.82 -28.68
C LEU E 129 -9.43 -60.46 -29.50
N SER E 130 -9.62 -60.43 -30.83
CA SER E 130 -8.64 -60.91 -31.81
C SER E 130 -7.25 -60.43 -31.44
N ASN E 131 -7.15 -59.16 -31.08
CA ASN E 131 -5.94 -58.53 -30.58
C ASN E 131 -5.20 -59.38 -29.55
N GLY E 132 -5.92 -60.27 -28.86
CA GLY E 132 -5.45 -60.82 -27.61
C GLY E 132 -5.62 -59.90 -26.42
N VAL E 133 -5.92 -58.62 -26.66
CA VAL E 133 -6.23 -57.72 -25.56
C VAL E 133 -7.54 -58.12 -24.90
N SER E 134 -7.67 -57.76 -23.62
CA SER E 134 -8.87 -58.05 -22.84
C SER E 134 -9.47 -56.73 -22.41
N VAL E 135 -10.60 -56.36 -23.00
CA VAL E 135 -11.29 -55.11 -22.68
C VAL E 135 -12.66 -55.42 -22.09
N LEU E 136 -12.97 -54.73 -21.00
CA LEU E 136 -14.28 -54.77 -20.38
C LEU E 136 -15.33 -54.18 -21.33
N THR E 137 -16.43 -54.90 -21.51
CA THR E 137 -17.54 -54.45 -22.32
C THR E 137 -18.80 -54.39 -21.49
N SER E 138 -19.63 -53.39 -21.78
CA SER E 138 -20.79 -53.08 -20.97
C SER E 138 -21.97 -52.79 -21.88
N LYS E 139 -23.15 -53.20 -21.45
CA LYS E 139 -24.40 -52.91 -22.16
C LYS E 139 -25.22 -51.95 -21.31
N VAL E 140 -25.44 -50.74 -21.82
CA VAL E 140 -26.08 -49.69 -21.05
C VAL E 140 -27.52 -49.41 -21.46
N LEU E 141 -27.93 -49.82 -22.66
CA LEU E 141 -29.29 -49.56 -23.10
C LEU E 141 -29.73 -50.68 -24.04
N ASP E 142 -30.97 -51.15 -23.86
CA ASP E 142 -31.55 -52.22 -24.65
C ASP E 142 -32.81 -51.67 -25.32
N LEU E 143 -32.64 -51.02 -26.47
CA LEU E 143 -33.77 -50.57 -27.26
C LEU E 143 -34.35 -51.67 -28.12
N LYS E 144 -33.56 -52.69 -28.43
CA LYS E 144 -34.07 -53.81 -29.21
C LYS E 144 -35.17 -54.54 -28.45
N ASN E 145 -34.92 -54.85 -27.19
CA ASN E 145 -35.94 -55.56 -26.41
C ASN E 145 -37.17 -54.70 -26.21
N TYR E 146 -36.98 -53.40 -26.00
CA TYR E 146 -38.12 -52.52 -25.79
C TYR E 146 -38.98 -52.41 -27.06
N ILE E 147 -38.33 -52.20 -28.21
CA ILE E 147 -39.09 -52.03 -29.45
C ILE E 147 -39.72 -53.35 -29.88
N ASP E 148 -38.94 -54.44 -29.82
CA ASP E 148 -39.43 -55.70 -30.36
C ASP E 148 -40.47 -56.35 -29.46
N LYS E 149 -40.37 -56.16 -28.14
CA LYS E 149 -41.21 -56.90 -27.20
C LYS E 149 -42.21 -56.04 -26.44
N GLN E 150 -41.99 -54.73 -26.34
CA GLN E 150 -42.92 -53.87 -25.63
C GLN E 150 -43.72 -52.95 -26.54
N LEU E 151 -43.21 -52.64 -27.73
CA LEU E 151 -43.86 -51.71 -28.64
C LEU E 151 -44.55 -52.42 -29.80
N LEU E 152 -43.86 -53.38 -30.44
CA LEU E 152 -44.43 -54.16 -31.52
C LEU E 152 -45.21 -55.41 -31.12
N PRO E 153 -45.33 -55.77 -29.87
CA PRO E 153 -46.39 -56.71 -29.53
C PRO E 153 -47.66 -55.95 -29.23
N ILE E 154 -47.51 -54.80 -28.59
CA ILE E 154 -48.63 -53.87 -28.45
C ILE E 154 -48.62 -52.95 -29.66
N VAL E 155 -48.35 -53.50 -30.85
CA VAL E 155 -48.39 -52.65 -32.04
C VAL E 155 -49.86 -52.30 -32.12
N ASN E 156 -50.28 -51.16 -31.54
CA ASN E 156 -51.63 -50.70 -31.84
C ASN E 156 -52.64 -51.81 -32.12
N LYS E 157 -53.24 -51.81 -33.30
CA LYS E 157 -53.79 -53.00 -33.93
C LYS E 157 -53.27 -52.98 -35.36
N GLN E 158 -53.65 -53.97 -36.16
CA GLN E 158 -53.36 -53.73 -37.58
C GLN E 158 -54.29 -52.67 -38.17
N SER E 159 -55.24 -52.17 -37.37
CA SER E 159 -55.99 -50.93 -37.62
C SER E 159 -55.24 -49.68 -37.12
N CYS E 160 -54.02 -49.86 -36.61
CA CYS E 160 -53.16 -48.79 -36.12
C CYS E 160 -53.82 -47.80 -35.14
N SER E 161 -53.89 -48.23 -33.88
CA SER E 161 -54.42 -47.45 -32.75
C SER E 161 -53.89 -48.09 -31.45
N ILE E 162 -52.78 -47.57 -30.93
CA ILE E 162 -52.31 -48.01 -29.61
C ILE E 162 -53.30 -47.45 -28.59
N PRO E 163 -53.40 -48.03 -27.40
CA PRO E 163 -54.40 -47.56 -26.44
C PRO E 163 -53.88 -46.60 -25.37
N ASN E 164 -52.57 -46.55 -25.13
CA ASN E 164 -52.02 -45.97 -23.91
C ASN E 164 -51.06 -44.83 -24.21
N ILE E 165 -51.39 -43.64 -23.71
CA ILE E 165 -50.49 -42.49 -23.82
C ILE E 165 -49.21 -42.73 -23.04
N GLU E 166 -49.26 -43.56 -22.00
CA GLU E 166 -48.05 -43.81 -21.22
C GLU E 166 -46.98 -44.49 -22.05
N THR E 167 -47.38 -45.29 -23.04
CA THR E 167 -46.41 -45.95 -23.91
C THR E 167 -45.69 -44.93 -24.80
N VAL E 168 -46.41 -43.90 -25.26
CA VAL E 168 -45.77 -42.83 -26.04
C VAL E 168 -44.69 -42.13 -25.21
N ILE E 169 -45.03 -41.77 -23.97
CA ILE E 169 -44.08 -41.05 -23.13
C ILE E 169 -42.91 -41.95 -22.77
N GLU E 170 -43.17 -43.23 -22.52
CA GLU E 170 -42.10 -44.14 -22.16
C GLU E 170 -41.13 -44.37 -23.31
N PHE E 171 -41.65 -44.50 -24.54
CA PHE E 171 -40.76 -44.66 -25.69
C PHE E 171 -39.90 -43.41 -25.88
N GLN E 172 -40.48 -42.22 -25.69
CA GLN E 172 -39.69 -40.99 -25.67
C GLN E 172 -38.54 -41.08 -24.68
N GLN E 173 -38.83 -41.56 -23.46
CA GLN E 173 -37.83 -41.60 -22.42
C GLN E 173 -36.67 -42.52 -22.81
N LYS E 174 -37.00 -43.72 -23.30
CA LYS E 174 -35.96 -44.70 -23.61
C LYS E 174 -35.19 -44.34 -24.87
N ASN E 175 -35.88 -43.77 -25.86
CA ASN E 175 -35.19 -43.40 -27.09
C ASN E 175 -34.27 -42.19 -26.91
N ASN E 176 -34.49 -41.39 -25.86
CA ASN E 176 -33.82 -40.11 -25.75
C ASN E 176 -32.30 -40.26 -25.69
N ARG E 177 -31.81 -41.24 -24.94
CA ARG E 177 -30.37 -41.39 -24.76
C ARG E 177 -29.67 -41.68 -26.08
N LEU E 178 -30.27 -42.55 -26.91
CA LEU E 178 -29.68 -42.82 -28.23
C LEU E 178 -29.66 -41.55 -29.08
N LEU E 179 -30.72 -40.75 -29.02
CA LEU E 179 -30.78 -39.52 -29.80
C LEU E 179 -29.68 -38.54 -29.38
N GLU E 180 -29.50 -38.36 -28.07
CA GLU E 180 -28.47 -37.41 -27.60
C GLU E 180 -27.06 -37.91 -27.90
N ILE E 181 -26.84 -39.23 -27.79
CA ILE E 181 -25.54 -39.80 -28.18
C ILE E 181 -25.27 -39.52 -29.65
N THR E 182 -26.29 -39.71 -30.49
CA THR E 182 -26.14 -39.44 -31.91
C THR E 182 -25.84 -37.96 -32.16
N ARG E 183 -26.51 -37.06 -31.43
CA ARG E 183 -26.26 -35.64 -31.61
C ARG E 183 -24.81 -35.28 -31.26
N GLU E 184 -24.31 -35.77 -30.12
CA GLU E 184 -22.95 -35.47 -29.72
C GLU E 184 -21.94 -35.97 -30.75
N PHE E 185 -22.15 -37.19 -31.25
CA PHE E 185 -21.22 -37.73 -32.24
C PHE E 185 -21.32 -36.97 -33.57
N SER E 186 -22.52 -36.50 -33.93
CA SER E 186 -22.73 -35.89 -35.25
C SER E 186 -22.07 -34.52 -35.39
N VAL E 187 -21.90 -33.78 -34.29
CA VAL E 187 -21.21 -32.50 -34.34
C VAL E 187 -19.77 -32.58 -33.90
N ASN E 188 -19.29 -33.77 -33.50
CA ASN E 188 -17.91 -33.92 -33.10
C ASN E 188 -17.14 -34.91 -33.97
N ALA E 189 -17.72 -35.30 -35.11
CA ALA E 189 -17.08 -36.23 -36.05
C ALA E 189 -16.68 -37.53 -35.34
N GLY E 190 -17.59 -38.04 -34.53
CA GLY E 190 -17.43 -39.34 -33.91
C GLY E 190 -16.51 -39.42 -32.71
N VAL E 191 -16.01 -38.28 -32.22
CA VAL E 191 -15.09 -38.26 -31.08
C VAL E 191 -15.47 -37.10 -30.18
N THR E 192 -15.86 -37.39 -28.94
CA THR E 192 -16.25 -36.34 -28.01
C THR E 192 -15.34 -36.33 -26.80
N THR E 193 -15.10 -35.12 -26.29
CA THR E 193 -14.46 -34.87 -25.01
C THR E 193 -14.90 -33.49 -24.53
N PRO E 194 -15.27 -33.32 -23.26
CA PRO E 194 -15.37 -34.35 -22.22
C PRO E 194 -16.47 -35.38 -22.52
N VAL E 195 -16.45 -36.49 -21.77
CA VAL E 195 -17.44 -37.55 -21.95
C VAL E 195 -18.69 -37.18 -21.15
N SER E 196 -19.80 -37.00 -21.85
CA SER E 196 -21.03 -36.50 -21.25
C SER E 196 -21.73 -37.58 -20.43
N THR E 197 -22.80 -37.18 -19.73
CA THR E 197 -23.59 -38.15 -18.99
C THR E 197 -24.45 -39.01 -19.90
N TYR E 198 -24.68 -38.57 -21.15
CA TYR E 198 -25.37 -39.41 -22.12
C TYR E 198 -24.47 -40.54 -22.59
N MET E 199 -23.18 -40.26 -22.81
CA MET E 199 -22.22 -41.29 -23.19
C MET E 199 -22.01 -42.28 -22.06
N LEU E 200 -21.97 -41.79 -20.82
CA LEU E 200 -21.63 -42.64 -19.69
C LEU E 200 -22.22 -41.96 -18.46
N THR E 201 -23.26 -42.56 -17.88
CA THR E 201 -23.90 -41.96 -16.72
C THR E 201 -22.95 -41.96 -15.53
N ASN E 202 -23.36 -41.29 -14.47
CA ASN E 202 -22.41 -41.10 -13.39
C ASN E 202 -22.19 -42.45 -12.68
N SER E 203 -23.23 -43.29 -12.65
CA SER E 203 -23.16 -44.62 -12.07
C SER E 203 -22.36 -45.57 -12.95
N GLU E 204 -22.49 -45.44 -14.28
CA GLU E 204 -21.74 -46.29 -15.19
C GLU E 204 -20.26 -46.01 -15.09
N LEU E 205 -19.88 -44.74 -14.96
CA LEU E 205 -18.47 -44.38 -14.84
C LEU E 205 -17.90 -44.86 -13.51
N LEU E 206 -18.65 -44.66 -12.41
CA LEU E 206 -18.18 -45.10 -11.10
C LEU E 206 -18.01 -46.61 -11.05
N SER E 207 -18.96 -47.36 -11.60
CA SER E 207 -18.82 -48.81 -11.64
C SER E 207 -17.67 -49.23 -12.54
N LEU E 208 -17.38 -48.44 -13.57
CA LEU E 208 -16.29 -48.77 -14.48
C LEU E 208 -14.94 -48.49 -13.83
N ILE E 209 -14.86 -47.41 -13.03
CA ILE E 209 -13.68 -47.15 -12.21
C ILE E 209 -13.45 -48.30 -11.23
N ASN E 210 -14.53 -48.82 -10.64
CA ASN E 210 -14.42 -49.91 -9.68
C ASN E 210 -13.85 -51.19 -10.28
N ASP E 211 -13.68 -51.26 -11.61
CA ASP E 211 -13.24 -52.46 -12.28
C ASP E 211 -11.88 -52.30 -12.91
N MET E 212 -11.38 -51.07 -13.00
CA MET E 212 -10.11 -50.78 -13.64
C MET E 212 -8.97 -51.48 -12.88
N PRO E 213 -7.85 -51.74 -13.56
CA PRO E 213 -6.76 -52.48 -12.88
C PRO E 213 -5.87 -51.49 -12.14
N ILE E 214 -6.41 -50.93 -11.06
CA ILE E 214 -5.75 -49.86 -10.34
C ILE E 214 -5.84 -50.13 -8.84
N THR E 215 -5.01 -49.42 -8.09
CA THR E 215 -5.02 -49.54 -6.64
C THR E 215 -6.28 -48.90 -6.08
N ASN E 216 -6.59 -49.25 -4.83
CA ASN E 216 -7.76 -48.66 -4.19
C ASN E 216 -7.59 -47.14 -4.04
N ASP E 217 -6.36 -46.68 -3.77
CA ASP E 217 -6.10 -45.25 -3.73
C ASP E 217 -6.45 -44.58 -5.04
N GLN E 218 -6.14 -45.23 -6.17
CA GLN E 218 -6.47 -44.67 -7.47
C GLN E 218 -7.97 -44.68 -7.73
N LYS E 219 -8.68 -45.71 -7.24
CA LYS E 219 -10.14 -45.73 -7.37
C LYS E 219 -10.78 -44.64 -6.53
N LYS E 220 -10.36 -44.51 -5.27
CA LYS E 220 -10.79 -43.40 -4.42
C LYS E 220 -10.70 -42.08 -5.17
N LEU E 221 -9.49 -41.81 -5.70
CA LEU E 221 -9.20 -40.52 -6.31
C LEU E 221 -10.11 -40.25 -7.50
N MET E 222 -10.21 -41.22 -8.41
CA MET E 222 -11.08 -41.05 -9.57
C MET E 222 -12.53 -40.88 -9.14
N SER E 223 -12.98 -41.71 -8.19
CA SER E 223 -14.37 -41.67 -7.76
C SER E 223 -14.71 -40.35 -7.08
N ASN E 224 -13.74 -39.76 -6.37
CA ASN E 224 -13.98 -38.48 -5.73
C ASN E 224 -13.79 -37.30 -6.66
N ASN E 225 -13.41 -37.54 -7.91
CA ASN E 225 -13.18 -36.45 -8.87
C ASN E 225 -13.69 -36.85 -10.25
N VAL E 226 -14.90 -37.41 -10.32
CA VAL E 226 -15.40 -37.96 -11.59
C VAL E 226 -15.61 -36.87 -12.62
N GLN E 227 -15.86 -35.63 -12.18
CA GLN E 227 -16.00 -34.54 -13.13
C GLN E 227 -14.69 -34.25 -13.86
N ILE E 228 -13.55 -34.41 -13.17
CA ILE E 228 -12.26 -34.23 -13.82
C ILE E 228 -11.95 -35.40 -14.73
N VAL E 229 -12.27 -36.63 -14.28
CA VAL E 229 -12.14 -37.82 -15.11
C VAL E 229 -12.87 -37.64 -16.43
N ARG E 230 -14.10 -37.12 -16.37
CA ARG E 230 -14.88 -36.89 -17.59
C ARG E 230 -14.17 -35.91 -18.51
N GLN E 231 -13.56 -34.87 -17.95
CA GLN E 231 -12.92 -33.84 -18.75
C GLN E 231 -11.67 -34.34 -19.45
N GLN E 232 -11.04 -35.40 -18.94
CA GLN E 232 -9.84 -35.94 -19.55
C GLN E 232 -10.10 -37.18 -20.36
N SER E 233 -11.35 -37.59 -20.51
CA SER E 233 -11.73 -38.82 -21.18
C SER E 233 -12.26 -38.53 -22.58
N TYR E 234 -12.26 -39.56 -23.42
CA TYR E 234 -12.81 -39.49 -24.77
C TYR E 234 -13.84 -40.58 -24.98
N SER E 235 -14.86 -40.27 -25.78
CA SER E 235 -15.79 -41.27 -26.28
C SER E 235 -15.62 -41.31 -27.80
N ILE E 236 -15.37 -42.51 -28.33
CA ILE E 236 -14.97 -42.69 -29.72
C ILE E 236 -15.98 -43.62 -30.39
N MET E 237 -16.80 -43.05 -31.27
CA MET E 237 -17.75 -43.87 -32.01
C MET E 237 -17.01 -44.92 -32.85
N SER E 238 -17.52 -46.15 -32.82
CA SER E 238 -16.81 -47.25 -33.46
C SER E 238 -17.64 -47.93 -34.55
N ILE E 239 -18.62 -48.75 -34.17
CA ILE E 239 -19.37 -49.53 -35.14
C ILE E 239 -20.85 -49.54 -34.77
N ILE E 240 -21.68 -49.66 -35.80
CA ILE E 240 -23.10 -49.96 -35.64
C ILE E 240 -23.43 -51.03 -36.67
N LYS E 241 -23.71 -52.24 -36.19
CA LYS E 241 -23.92 -53.39 -37.06
C LYS E 241 -24.44 -54.54 -36.20
N GLU E 242 -25.11 -55.49 -36.86
CA GLU E 242 -25.61 -56.71 -36.21
C GLU E 242 -26.48 -56.39 -35.00
N GLU E 243 -27.26 -55.30 -35.08
CA GLU E 243 -28.15 -54.86 -34.02
C GLU E 243 -27.38 -54.34 -32.80
N VAL E 244 -26.13 -53.93 -32.98
CA VAL E 244 -25.29 -53.47 -31.88
C VAL E 244 -24.72 -52.11 -32.24
N LEU E 245 -24.80 -51.16 -31.30
CA LEU E 245 -24.06 -49.91 -31.37
C LEU E 245 -22.96 -50.00 -30.33
N ALA E 246 -21.72 -49.84 -30.77
CA ALA E 246 -20.57 -49.92 -29.88
C ALA E 246 -19.71 -48.67 -30.03
N TYR E 247 -19.27 -48.13 -28.91
CA TYR E 247 -18.27 -47.07 -28.91
C TYR E 247 -17.26 -47.32 -27.79
N VAL E 248 -16.08 -46.76 -27.96
CA VAL E 248 -14.96 -46.98 -27.05
C VAL E 248 -14.81 -45.74 -26.16
N VAL E 249 -14.91 -45.93 -24.86
CA VAL E 249 -14.57 -44.83 -23.95
C VAL E 249 -13.12 -45.01 -23.52
N GLN E 250 -12.38 -43.91 -23.52
CA GLN E 250 -10.96 -43.91 -23.22
C GLN E 250 -10.76 -43.07 -21.97
N LEU E 251 -10.47 -43.73 -20.85
CA LEU E 251 -10.40 -43.05 -19.57
C LEU E 251 -8.95 -42.87 -19.14
N PRO E 252 -8.64 -41.77 -18.43
CA PRO E 252 -7.27 -41.56 -17.97
C PRO E 252 -6.86 -42.57 -16.91
N LEU E 253 -5.62 -43.02 -16.99
CA LEU E 253 -4.97 -43.75 -15.93
C LEU E 253 -4.07 -42.80 -15.15
N TYR E 254 -4.37 -42.61 -13.86
CA TYR E 254 -3.54 -41.77 -13.00
C TYR E 254 -2.49 -42.66 -12.34
N GLY E 255 -1.37 -42.85 -13.03
CA GLY E 255 -0.32 -43.71 -12.51
C GLY E 255 0.55 -43.08 -11.44
N VAL E 256 0.55 -41.76 -11.35
CA VAL E 256 1.33 -41.03 -10.35
C VAL E 256 0.35 -40.14 -9.59
N ILE E 257 0.11 -40.48 -8.33
CA ILE E 257 -0.78 -39.69 -7.49
C ILE E 257 -0.08 -39.45 -6.16
N ASP E 258 -0.49 -38.40 -5.46
CA ASP E 258 -0.04 -38.10 -4.11
C ASP E 258 1.46 -37.77 -4.04
N THR E 259 2.06 -37.37 -5.14
CA THR E 259 3.40 -36.81 -5.00
C THR E 259 3.30 -35.29 -4.89
N PRO E 260 4.32 -34.63 -4.33
CA PRO E 260 4.23 -33.18 -4.15
C PRO E 260 4.35 -32.43 -5.47
N CYS E 261 3.56 -31.36 -5.58
CA CYS E 261 3.63 -30.43 -6.70
C CYS E 261 3.84 -29.02 -6.16
N TRP E 262 4.46 -28.19 -6.99
CA TRP E 262 4.56 -26.78 -6.68
C TRP E 262 4.45 -26.01 -7.98
N LYS E 263 3.90 -24.82 -7.90
CA LYS E 263 3.69 -23.97 -9.05
C LYS E 263 4.67 -22.80 -8.98
N LEU E 264 5.35 -22.53 -10.08
CA LEU E 264 6.24 -21.39 -10.19
C LEU E 264 5.55 -20.30 -11.01
N HIS E 265 5.51 -19.09 -10.44
CA HIS E 265 4.98 -17.91 -11.10
C HIS E 265 6.13 -16.95 -11.39
N THR E 266 6.15 -16.33 -12.56
CA THR E 266 7.25 -15.44 -12.93
C THR E 266 6.72 -14.20 -13.63
N SER E 267 7.46 -13.09 -13.52
CA SER E 267 7.05 -11.82 -14.09
C SER E 267 8.31 -11.04 -14.45
N PRO E 268 8.23 -10.14 -15.43
CA PRO E 268 9.47 -9.48 -15.91
C PRO E 268 10.12 -8.57 -14.87
N LEU E 269 11.44 -8.66 -14.78
CA LEU E 269 12.24 -7.89 -13.84
C LEU E 269 13.10 -6.91 -14.63
N CYS E 270 12.82 -5.61 -14.49
CA CYS E 270 13.51 -4.58 -15.28
C CYS E 270 14.17 -3.56 -14.36
N THR E 271 15.26 -2.97 -14.86
CA THR E 271 15.81 -1.77 -14.23
C THR E 271 14.79 -0.64 -14.33
N THR E 272 14.91 0.31 -13.40
CA THR E 272 13.90 1.37 -13.29
C THR E 272 14.51 2.74 -13.56
N ASN E 273 15.21 2.91 -14.68
CA ASN E 273 15.75 4.20 -15.06
C ASN E 273 14.66 5.09 -15.65
N THR E 274 14.78 6.39 -15.40
CA THR E 274 13.74 7.34 -15.81
C THR E 274 13.64 7.48 -17.32
N LYS E 275 14.75 7.33 -18.05
CA LYS E 275 14.69 7.44 -19.52
C LYS E 275 14.00 6.22 -20.11
N GLU E 276 13.04 6.47 -21.01
CA GLU E 276 12.03 5.48 -21.39
C GLU E 276 12.63 4.23 -22.01
N GLY E 277 13.68 4.37 -22.82
CA GLY E 277 14.25 3.23 -23.51
C GLY E 277 15.59 2.74 -23.01
N SER E 278 16.05 3.18 -21.84
CA SER E 278 17.36 2.81 -21.33
C SER E 278 17.35 1.54 -20.49
N ASN E 279 16.21 0.90 -20.31
CA ASN E 279 16.09 -0.16 -19.31
C ASN E 279 16.25 -1.54 -19.94
N ILE E 280 16.69 -2.49 -19.11
CA ILE E 280 16.90 -3.86 -19.51
C ILE E 280 16.05 -4.77 -18.63
N CYS E 281 15.58 -5.86 -19.21
CA CYS E 281 14.64 -6.74 -18.54
C CYS E 281 15.08 -8.20 -18.65
N LEU E 282 14.72 -8.95 -17.61
CA LEU E 282 14.95 -10.39 -17.50
C LEU E 282 13.68 -11.03 -16.94
N THR E 283 13.30 -12.19 -17.47
CA THR E 283 12.17 -12.95 -16.94
C THR E 283 12.53 -14.42 -16.85
N ARG E 284 12.29 -15.03 -15.68
CA ARG E 284 12.37 -16.49 -15.58
C ARG E 284 11.31 -17.10 -16.48
N THR E 285 11.74 -18.01 -17.35
CA THR E 285 10.84 -18.62 -18.33
C THR E 285 10.30 -19.97 -17.89
N ASP E 286 10.72 -20.47 -16.72
CA ASP E 286 10.33 -21.80 -16.27
C ASP E 286 9.05 -21.80 -15.44
N ARG E 287 8.18 -20.81 -15.64
CA ARG E 287 6.86 -20.82 -15.01
C ARG E 287 6.09 -22.08 -15.39
N GLY E 288 5.33 -22.61 -14.43
CA GLY E 288 4.50 -23.77 -14.67
C GLY E 288 4.36 -24.61 -13.42
N TRP E 289 3.76 -25.78 -13.60
CA TRP E 289 3.62 -26.76 -12.53
C TRP E 289 4.80 -27.73 -12.53
N TYR E 290 5.18 -28.14 -11.32
CA TYR E 290 6.27 -29.08 -11.08
C TYR E 290 5.74 -30.15 -10.14
N CYS E 291 5.88 -31.42 -10.51
CA CYS E 291 5.48 -32.51 -9.62
C CYS E 291 6.58 -33.56 -9.55
N ASP E 292 6.88 -34.02 -8.34
CA ASP E 292 7.79 -35.15 -8.17
C ASP E 292 7.25 -36.37 -8.90
N ASN E 293 8.15 -37.13 -9.54
CA ASN E 293 7.72 -38.25 -10.37
C ASN E 293 8.94 -39.14 -10.65
N ALA E 294 8.99 -40.28 -9.96
CA ALA E 294 9.96 -41.35 -10.25
C ALA E 294 11.41 -40.86 -10.19
N GLY E 295 11.74 -40.11 -9.13
CA GLY E 295 13.09 -39.65 -8.93
C GLY E 295 13.47 -38.39 -9.67
N SER E 296 12.59 -37.88 -10.51
CA SER E 296 12.83 -36.61 -11.19
C SER E 296 11.56 -35.78 -11.07
N VAL E 297 11.43 -34.75 -11.89
CA VAL E 297 10.34 -33.80 -11.79
C VAL E 297 9.64 -33.70 -13.14
N SER E 298 8.33 -33.88 -13.14
CA SER E 298 7.54 -33.61 -14.33
C SER E 298 7.21 -32.11 -14.33
N PHE E 299 7.54 -31.43 -15.41
CA PHE E 299 7.38 -29.99 -15.52
C PHE E 299 6.34 -29.70 -16.59
N PHE E 300 5.31 -28.94 -16.22
CA PHE E 300 4.23 -28.61 -17.13
C PHE E 300 4.28 -27.11 -17.44
N PRO E 301 4.80 -26.70 -18.59
CA PRO E 301 4.91 -25.25 -18.87
C PRO E 301 3.57 -24.55 -19.09
N GLN E 302 2.54 -25.21 -19.64
CA GLN E 302 1.22 -24.54 -19.76
C GLN E 302 0.45 -24.82 -18.48
N ALA E 303 0.72 -24.04 -17.43
CA ALA E 303 0.05 -24.29 -16.16
C ALA E 303 -1.47 -24.20 -16.29
N GLU E 304 -1.94 -23.38 -17.24
CA GLU E 304 -3.37 -23.22 -17.45
C GLU E 304 -4.05 -24.50 -17.92
N THR E 305 -3.30 -25.43 -18.51
CA THR E 305 -3.92 -26.68 -18.94
C THR E 305 -4.04 -27.70 -17.81
N CYS E 306 -3.38 -27.50 -16.68
CA CYS E 306 -3.57 -28.35 -15.51
C CYS E 306 -4.87 -27.96 -14.81
N LYS E 307 -5.47 -28.89 -14.10
CA LYS E 307 -6.77 -28.72 -13.45
C LYS E 307 -6.54 -28.83 -11.95
N VAL E 308 -6.87 -27.79 -11.18
CA VAL E 308 -6.62 -27.76 -9.74
C VAL E 308 -7.95 -27.86 -8.99
N GLN E 309 -8.04 -28.88 -8.14
CA GLN E 309 -9.20 -29.28 -7.35
C GLN E 309 -8.74 -29.31 -5.89
N SER E 310 -9.00 -28.21 -5.18
CA SER E 310 -8.49 -28.02 -3.79
C SER E 310 -6.96 -27.97 -3.84
N ASN E 311 -6.29 -28.91 -3.19
CA ASN E 311 -4.83 -28.95 -3.31
C ASN E 311 -4.38 -30.10 -4.21
N ARG E 312 -5.28 -30.61 -5.05
CA ARG E 312 -4.98 -31.71 -5.95
C ARG E 312 -4.77 -31.15 -7.35
N VAL E 313 -3.67 -31.52 -8.00
CA VAL E 313 -3.30 -30.98 -9.29
C VAL E 313 -3.38 -32.10 -10.34
N PHE E 314 -4.33 -31.99 -11.25
CA PHE E 314 -4.51 -32.95 -12.34
C PHE E 314 -3.78 -32.44 -13.57
N CYS E 315 -2.65 -33.07 -13.88
CA CYS E 315 -1.88 -32.70 -15.06
C CYS E 315 -1.74 -33.93 -15.97
N ASP E 316 -1.34 -33.67 -17.21
CA ASP E 316 -1.23 -34.71 -18.24
C ASP E 316 0.22 -34.78 -18.68
N THR E 317 0.87 -35.94 -18.44
CA THR E 317 2.30 -36.04 -18.72
C THR E 317 2.63 -35.82 -20.19
N MET E 318 1.64 -35.92 -21.07
CA MET E 318 1.88 -35.60 -22.48
C MET E 318 2.22 -34.12 -22.66
N ASN E 319 1.79 -33.26 -21.73
CA ASN E 319 2.13 -31.83 -21.79
C ASN E 319 3.30 -31.49 -20.88
N SER E 320 4.25 -32.40 -20.68
CA SER E 320 5.29 -32.19 -19.70
C SER E 320 6.67 -32.46 -20.28
N LEU E 321 7.68 -31.92 -19.60
CA LEU E 321 9.06 -32.32 -19.77
C LEU E 321 9.52 -33.03 -18.51
N THR E 322 10.51 -33.90 -18.65
CA THR E 322 11.08 -34.65 -17.55
C THR E 322 12.41 -34.01 -17.18
N LEU E 323 12.46 -33.38 -16.01
CA LEU E 323 13.61 -32.59 -15.59
C LEU E 323 14.26 -33.17 -14.34
N PRO E 324 15.54 -32.91 -14.12
CA PRO E 324 16.17 -33.36 -12.88
C PRO E 324 15.62 -32.63 -11.66
N SER E 325 15.68 -33.31 -10.52
CA SER E 325 15.20 -32.73 -9.27
C SER E 325 15.88 -31.41 -8.94
N GLU E 326 17.11 -31.21 -9.41
CA GLU E 326 17.86 -29.99 -9.13
C GLU E 326 17.21 -28.74 -9.71
N VAL E 327 16.17 -28.88 -10.53
CA VAL E 327 15.53 -27.71 -11.12
C VAL E 327 14.99 -26.79 -10.04
N ASN E 328 14.66 -27.31 -8.86
CA ASN E 328 14.19 -26.45 -7.79
C ASN E 328 15.30 -25.53 -7.27
N LEU E 329 16.57 -25.84 -7.53
CA LEU E 329 17.64 -24.96 -7.04
C LEU E 329 17.60 -23.58 -7.69
N CYS E 330 16.84 -23.43 -8.79
CA CYS E 330 16.61 -22.10 -9.34
C CYS E 330 15.78 -21.24 -8.40
N ASN E 331 15.05 -21.84 -7.48
CA ASN E 331 14.33 -21.08 -6.47
C ASN E 331 15.15 -20.81 -5.23
N VAL E 332 16.29 -21.48 -5.08
CA VAL E 332 17.22 -21.20 -3.99
C VAL E 332 18.19 -20.09 -4.39
N ASP E 333 18.81 -20.24 -5.55
CA ASP E 333 19.80 -19.28 -6.01
C ASP E 333 19.86 -19.44 -7.52
N ILE E 334 19.39 -18.42 -8.25
CA ILE E 334 19.31 -18.52 -9.71
C ILE E 334 20.69 -18.65 -10.35
N PHE E 335 21.75 -18.34 -9.60
CA PHE E 335 23.11 -18.48 -10.10
C PHE E 335 23.78 -19.78 -9.62
N ASN E 336 23.01 -20.71 -9.07
CA ASN E 336 23.57 -21.94 -8.54
C ASN E 336 24.31 -22.70 -9.64
N PRO E 337 25.35 -23.46 -9.29
CA PRO E 337 26.12 -24.20 -10.30
C PRO E 337 25.56 -25.58 -10.65
N LYS E 338 24.47 -26.02 -10.03
CA LYS E 338 23.97 -27.36 -10.27
C LYS E 338 22.97 -27.43 -11.41
N TYR E 339 22.27 -26.33 -11.69
CA TYR E 339 21.26 -26.33 -12.74
C TYR E 339 21.29 -24.96 -13.42
N ASP E 340 21.26 -24.96 -14.74
CA ASP E 340 21.39 -23.71 -15.50
C ASP E 340 19.99 -23.13 -15.71
N CYS E 341 19.64 -22.13 -14.91
CA CYS E 341 18.28 -21.63 -14.86
C CYS E 341 17.90 -20.90 -16.15
N LYS E 342 16.67 -21.12 -16.62
CA LYS E 342 16.18 -20.57 -17.88
C LYS E 342 15.64 -19.16 -17.70
N ILE E 343 16.05 -18.26 -18.60
CA ILE E 343 15.61 -16.87 -18.57
C ILE E 343 15.47 -16.37 -20.00
N MET E 344 14.66 -15.34 -20.15
CA MET E 344 14.57 -14.57 -21.39
C MET E 344 14.91 -13.12 -21.08
N THR E 345 15.34 -12.39 -22.10
CA THR E 345 15.79 -11.01 -21.91
C THR E 345 15.09 -10.12 -22.92
N SER E 346 14.94 -8.85 -22.57
CA SER E 346 14.38 -7.87 -23.49
C SER E 346 14.65 -6.47 -22.94
N LYS E 347 14.19 -5.47 -23.69
CA LYS E 347 14.15 -4.09 -23.24
C LYS E 347 12.72 -3.57 -23.12
N THR E 348 11.73 -4.47 -23.14
CA THR E 348 10.32 -4.08 -23.17
C THR E 348 9.81 -4.05 -21.73
N ASP E 349 9.85 -2.88 -21.11
CA ASP E 349 9.50 -2.77 -19.69
C ASP E 349 8.06 -2.30 -19.53
N VAL E 350 7.13 -3.17 -19.92
CA VAL E 350 5.71 -2.91 -19.75
C VAL E 350 5.28 -3.43 -18.39
N SER E 351 4.26 -2.81 -17.82
CA SER E 351 3.79 -3.19 -16.50
C SER E 351 2.74 -4.29 -16.60
N SER E 352 2.66 -5.10 -15.55
CA SER E 352 1.67 -6.16 -15.48
C SER E 352 1.72 -6.79 -14.10
N SER E 353 0.74 -7.65 -13.85
CA SER E 353 0.67 -8.41 -12.62
C SER E 353 0.48 -9.89 -12.94
N VAL E 354 1.02 -10.75 -12.07
CA VAL E 354 0.77 -12.18 -12.10
C VAL E 354 0.09 -12.56 -10.78
N ILE E 355 -1.15 -13.01 -10.86
CA ILE E 355 -1.88 -13.48 -9.67
C ILE E 355 -1.42 -14.90 -9.34
N THR E 356 -0.87 -15.06 -8.13
CA THR E 356 -0.34 -16.35 -7.70
C THR E 356 -1.40 -17.09 -6.90
N SER E 357 -1.01 -18.17 -6.23
CA SER E 357 -1.95 -18.98 -5.43
C SER E 357 -2.40 -18.19 -4.18
N LEU E 358 -1.49 -17.44 -3.57
CA LEU E 358 -1.77 -16.73 -2.30
C LEU E 358 -1.45 -15.23 -2.35
N GLY E 359 -1.18 -14.64 -3.53
CA GLY E 359 -0.89 -13.23 -3.60
C GLY E 359 -0.86 -12.68 -5.01
N ALA E 360 0.01 -11.71 -5.25
CA ALA E 360 0.11 -11.07 -6.55
C ALA E 360 1.52 -10.53 -6.71
N ILE E 361 2.18 -10.89 -7.80
CA ILE E 361 3.40 -10.22 -8.22
C ILE E 361 3.00 -9.03 -9.07
N VAL E 362 3.60 -7.87 -8.79
CA VAL E 362 3.34 -6.64 -9.53
C VAL E 362 4.65 -6.16 -10.14
N SER E 363 4.70 -6.12 -11.48
CA SER E 363 5.82 -5.53 -12.21
C SER E 363 5.38 -4.14 -12.65
N CYS E 364 5.84 -3.11 -11.94
CA CYS E 364 5.38 -1.74 -12.16
C CYS E 364 6.52 -0.91 -12.74
N TYR E 365 6.35 -0.42 -13.96
CA TYR E 365 7.40 0.32 -14.65
C TYR E 365 6.84 1.59 -15.27
N GLY E 366 7.75 2.53 -15.57
CA GLY E 366 7.38 3.76 -16.23
C GLY E 366 6.44 4.59 -15.38
N LYS E 367 5.42 5.17 -16.03
CA LYS E 367 4.45 6.04 -15.39
C LYS E 367 3.23 5.30 -14.87
N THR E 368 3.22 3.96 -14.96
CA THR E 368 2.05 3.19 -14.55
C THR E 368 1.76 3.36 -13.07
N LYS E 369 0.47 3.44 -12.73
CA LYS E 369 0.01 3.49 -11.35
C LYS E 369 -0.41 2.09 -10.90
N CYS E 370 0.18 1.62 -9.79
CA CYS E 370 0.04 0.25 -9.31
C CYS E 370 -0.31 0.27 -7.84
N THR E 371 -1.44 -0.34 -7.49
CA THR E 371 -1.95 -0.31 -6.12
C THR E 371 -2.54 -1.67 -5.75
N ALA E 372 -2.74 -1.85 -4.44
CA ALA E 372 -3.47 -2.98 -3.91
C ALA E 372 -4.57 -2.45 -3.00
N SER E 373 -5.69 -3.15 -2.94
CA SER E 373 -6.86 -2.66 -2.22
C SER E 373 -7.59 -3.83 -1.56
N ASN E 374 -8.48 -3.50 -0.63
CA ASN E 374 -9.49 -4.44 -0.21
C ASN E 374 -10.86 -3.80 -0.34
N LYS E 375 -11.90 -4.61 -0.26
CA LYS E 375 -13.28 -4.14 -0.55
C LYS E 375 -13.81 -3.07 0.40
N ASN E 376 -13.44 -3.11 1.67
CA ASN E 376 -14.05 -2.21 2.65
C ASN E 376 -13.25 -0.94 2.87
N ARG E 377 -11.94 -0.99 2.70
CA ARG E 377 -11.13 0.18 3.03
C ARG E 377 -10.42 0.79 1.85
N GLY E 378 -10.56 0.24 0.65
CA GLY E 378 -9.96 0.85 -0.51
C GLY E 378 -8.46 0.57 -0.60
N ILE E 379 -7.70 1.57 -1.05
CA ILE E 379 -6.30 1.39 -1.39
C ILE E 379 -5.48 1.15 -0.12
N ILE E 380 -4.59 0.17 -0.18
CA ILE E 380 -3.87 -0.33 0.99
C ILE E 380 -2.38 -0.20 0.76
N LYS E 381 -1.96 -0.32 -0.48
CA LYS E 381 -0.55 -0.27 -0.81
C LYS E 381 -0.41 0.37 -2.18
N THR E 382 0.54 1.30 -2.29
CA THR E 382 0.94 1.89 -3.55
C THR E 382 2.33 1.37 -3.86
N PHE E 383 2.45 0.62 -4.96
CA PHE E 383 3.71 0.06 -5.37
C PHE E 383 4.61 1.14 -5.98
N SER E 384 5.92 0.96 -5.82
CA SER E 384 6.92 1.75 -6.52
C SER E 384 7.34 1.03 -7.79
N ASN E 385 8.08 1.74 -8.63
CA ASN E 385 8.64 1.12 -9.82
C ASN E 385 9.55 -0.04 -9.40
N GLY E 386 9.48 -1.13 -10.15
CA GLY E 386 10.20 -2.35 -9.86
C GLY E 386 9.24 -3.53 -9.77
N CYS E 387 9.79 -4.67 -9.37
CA CYS E 387 8.99 -5.88 -9.16
C CYS E 387 8.76 -6.07 -7.66
N ASP E 388 7.49 -6.12 -7.26
CA ASP E 388 7.10 -6.20 -5.87
C ASP E 388 5.99 -7.25 -5.75
N TYR E 389 5.49 -7.44 -4.53
CA TYR E 389 4.56 -8.53 -4.26
C TYR E 389 3.72 -8.17 -3.05
N VAL E 390 2.48 -8.65 -3.06
CA VAL E 390 1.63 -8.56 -1.89
C VAL E 390 0.92 -9.89 -1.72
N SER E 391 0.76 -10.32 -0.47
CA SER E 391 -0.03 -11.50 -0.17
C SER E 391 -1.53 -11.18 -0.17
N ASN E 392 -2.35 -12.22 -0.10
CA ASN E 392 -3.82 -12.09 -0.10
C ASN E 392 -4.39 -11.78 1.31
N LYS E 393 -3.53 -11.59 2.31
CA LYS E 393 -4.03 -11.23 3.64
C LYS E 393 -4.41 -9.76 3.67
N GLY E 394 -5.69 -9.46 3.82
CA GLY E 394 -6.13 -8.08 3.82
C GLY E 394 -6.13 -7.39 2.47
N VAL E 395 -5.85 -8.12 1.40
CA VAL E 395 -5.89 -7.59 0.03
C VAL E 395 -6.91 -8.40 -0.76
N ASP E 396 -7.80 -7.71 -1.47
CA ASP E 396 -8.76 -8.36 -2.34
C ASP E 396 -8.48 -8.18 -3.82
N THR E 397 -7.92 -7.03 -4.21
CA THR E 397 -7.64 -6.73 -5.61
C THR E 397 -6.31 -6.00 -5.70
N VAL E 398 -5.69 -6.08 -6.88
CA VAL E 398 -4.58 -5.20 -7.25
C VAL E 398 -4.93 -4.55 -8.59
N SER E 399 -4.44 -3.32 -8.77
CA SER E 399 -4.62 -2.60 -10.02
C SER E 399 -3.26 -2.23 -10.58
N VAL E 400 -3.03 -2.61 -11.83
CA VAL E 400 -1.82 -2.25 -12.55
C VAL E 400 -2.27 -1.57 -13.84
N GLY E 401 -2.09 -0.25 -13.90
CA GLY E 401 -2.57 0.49 -15.05
C GLY E 401 -4.10 0.49 -15.10
N ASN E 402 -4.63 0.16 -16.26
CA ASN E 402 -6.08 0.12 -16.46
C ASN E 402 -6.66 -1.26 -16.19
N THR E 403 -5.90 -2.16 -15.55
CA THR E 403 -6.33 -3.53 -15.30
C THR E 403 -6.48 -3.77 -13.80
N LEU E 404 -7.70 -4.05 -13.35
CA LEU E 404 -7.95 -4.53 -12.00
C LEU E 404 -7.97 -6.06 -12.00
N TYR E 405 -7.28 -6.66 -11.04
CA TYR E 405 -7.19 -8.11 -10.85
C TYR E 405 -7.76 -8.47 -9.48
N TYR E 406 -8.61 -9.49 -9.42
CA TYR E 406 -8.96 -10.09 -8.13
C TYR E 406 -7.92 -11.12 -7.76
N VAL E 407 -7.51 -11.12 -6.50
CA VAL E 407 -6.53 -12.09 -6.04
C VAL E 407 -7.28 -13.32 -5.54
N ASN E 408 -6.61 -14.45 -5.48
CA ASN E 408 -7.20 -15.70 -4.93
C ASN E 408 -7.35 -15.55 -3.41
N LYS E 409 -8.45 -16.03 -2.86
CA LYS E 409 -8.73 -15.85 -1.41
C LYS E 409 -8.51 -17.15 -0.66
N GLN E 410 -7.91 -18.13 -1.33
CA GLN E 410 -7.60 -19.43 -0.67
C GLN E 410 -6.71 -19.20 0.54
N GLU E 411 -6.99 -19.93 1.63
CA GLU E 411 -6.20 -19.81 2.87
C GLU E 411 -4.79 -20.36 2.66
N GLY E 412 -3.80 -19.67 3.22
CA GLY E 412 -2.42 -20.13 3.14
C GLY E 412 -1.48 -19.07 3.68
N LYS E 413 -0.22 -19.41 3.86
CA LYS E 413 0.75 -18.48 4.40
C LYS E 413 1.78 -18.11 3.35
N SER E 414 2.10 -16.82 3.27
CA SER E 414 3.01 -16.32 2.26
C SER E 414 4.23 -15.67 2.90
N LEU E 415 5.39 -15.94 2.33
CA LEU E 415 6.66 -15.46 2.83
C LEU E 415 7.30 -14.58 1.76
N TYR E 416 7.79 -13.41 2.16
CA TYR E 416 8.47 -12.47 1.28
C TYR E 416 9.98 -12.62 1.48
N VAL E 417 10.68 -13.07 0.45
CA VAL E 417 12.12 -13.34 0.54
C VAL E 417 12.85 -12.15 -0.07
N LYS E 418 13.40 -11.30 0.78
CA LYS E 418 14.10 -10.11 0.31
C LYS E 418 15.41 -10.50 -0.38
N GLY E 419 15.74 -9.74 -1.42
CA GLY E 419 16.99 -9.92 -2.11
C GLY E 419 17.11 -8.81 -3.12
N GLU E 420 18.34 -8.49 -3.46
CA GLU E 420 18.52 -7.44 -4.48
C GLU E 420 18.13 -7.96 -5.86
N PRO E 421 17.33 -7.20 -6.62
CA PRO E 421 16.99 -7.60 -8.00
C PRO E 421 18.22 -7.92 -8.83
N ILE E 422 18.29 -9.14 -9.35
CA ILE E 422 19.50 -9.58 -10.04
C ILE E 422 19.76 -8.78 -11.31
N ILE E 423 18.75 -8.08 -11.82
CA ILE E 423 18.96 -7.25 -13.01
C ILE E 423 19.91 -6.10 -12.73
N ASN E 424 20.05 -5.70 -11.45
CA ASN E 424 21.03 -4.67 -11.10
C ASN E 424 22.46 -5.14 -11.27
N PHE E 425 22.69 -6.45 -11.30
CA PHE E 425 24.03 -7.03 -11.40
C PHE E 425 24.60 -6.96 -12.81
N TYR E 426 23.81 -6.56 -13.80
CA TYR E 426 24.23 -6.64 -15.19
C TYR E 426 24.65 -5.27 -15.71
N ASP E 427 25.73 -5.26 -16.50
CA ASP E 427 26.24 -4.08 -17.22
C ASP E 427 25.39 -3.87 -18.46
N PRO E 428 24.59 -2.80 -18.50
CA PRO E 428 23.65 -2.64 -19.63
C PRO E 428 24.33 -2.44 -20.97
N LEU E 429 25.61 -2.08 -20.99
CA LEU E 429 26.28 -1.88 -22.27
C LEU E 429 26.56 -3.20 -22.97
N VAL E 430 26.76 -4.28 -22.22
CA VAL E 430 27.05 -5.59 -22.78
C VAL E 430 25.93 -6.59 -22.52
N PHE E 431 24.78 -6.13 -22.04
CA PHE E 431 23.68 -7.03 -21.73
C PHE E 431 22.98 -7.47 -23.01
N PRO E 432 22.92 -8.77 -23.31
CA PRO E 432 22.20 -9.23 -24.51
C PRO E 432 20.71 -9.28 -24.23
N SER E 433 19.94 -8.45 -24.95
CA SER E 433 18.56 -8.18 -24.62
C SER E 433 17.61 -8.63 -25.73
N ASP E 434 17.87 -9.80 -26.31
CA ASP E 434 17.04 -10.29 -27.41
C ASP E 434 16.88 -11.81 -27.37
N GLU E 435 16.94 -12.40 -26.17
CA GLU E 435 16.93 -13.85 -26.01
C GLU E 435 15.56 -14.31 -25.49
N PHE E 436 14.83 -15.01 -26.36
CA PHE E 436 13.65 -15.83 -26.04
C PHE E 436 13.95 -17.07 -25.20
N ASP E 437 14.85 -17.93 -25.64
CA ASP E 437 15.11 -19.19 -24.94
C ASP E 437 16.58 -19.27 -24.54
N ALA E 438 16.96 -18.52 -23.51
CA ALA E 438 18.34 -18.53 -23.05
C ALA E 438 18.42 -19.04 -21.62
N SER E 439 19.54 -18.78 -20.94
CA SER E 439 19.76 -19.28 -19.60
C SER E 439 20.80 -18.38 -18.93
N ILE E 440 20.94 -18.57 -17.62
CA ILE E 440 21.91 -17.79 -16.84
C ILE E 440 23.31 -17.94 -17.43
N SER E 441 23.73 -19.17 -17.71
CA SER E 441 25.07 -19.41 -18.21
C SER E 441 25.25 -18.96 -19.66
N GLN E 442 24.20 -19.07 -20.48
CA GLN E 442 24.29 -18.59 -21.85
C GLN E 442 24.44 -17.07 -21.88
N VAL E 443 23.70 -16.37 -21.04
CA VAL E 443 23.83 -14.92 -20.94
C VAL E 443 25.20 -14.55 -20.39
N ASN E 444 25.66 -15.25 -19.35
CA ASN E 444 26.97 -14.99 -18.79
C ASN E 444 28.07 -15.12 -19.85
N GLU E 445 27.94 -16.10 -20.74
CA GLU E 445 28.98 -16.32 -21.74
C GLU E 445 28.97 -15.23 -22.80
N LYS E 446 27.80 -14.85 -23.29
CA LYS E 446 27.75 -13.77 -24.28
C LYS E 446 28.18 -12.44 -23.70
N ILE E 447 27.90 -12.21 -22.41
CA ILE E 447 28.46 -11.03 -21.74
C ILE E 447 29.97 -11.10 -21.75
N ASN E 448 30.53 -12.28 -21.47
CA ASN E 448 31.98 -12.41 -21.40
C ASN E 448 32.62 -12.25 -22.78
N GLN E 449 31.99 -12.81 -23.81
CA GLN E 449 32.50 -12.62 -25.17
C GLN E 449 32.47 -11.14 -25.56
N SER E 450 31.43 -10.43 -25.16
CA SER E 450 31.31 -9.01 -25.50
C SER E 450 32.38 -8.18 -24.80
N LEU E 451 32.59 -8.42 -23.52
CA LEU E 451 33.65 -7.72 -22.79
C LEU E 451 35.02 -7.98 -23.41
N ALA E 452 35.22 -9.17 -23.98
CA ALA E 452 36.50 -9.49 -24.61
C ALA E 452 36.64 -8.86 -25.99
N PHE E 453 35.52 -8.71 -26.71
CA PHE E 453 35.55 -7.93 -27.96
C PHE E 453 35.82 -6.46 -27.69
N ILE E 454 35.61 -5.99 -26.46
CA ILE E 454 35.79 -4.59 -26.14
C ILE E 454 37.23 -4.28 -25.72
N ARG E 455 37.86 -5.07 -24.84
CA ARG E 455 39.28 -4.83 -24.56
C ARG E 455 40.13 -4.95 -25.81
N LYS E 456 39.92 -6.02 -26.58
CA LYS E 456 40.69 -6.22 -27.80
C LYS E 456 40.66 -4.96 -28.67
N SER E 457 39.49 -4.31 -28.75
CA SER E 457 39.43 -3.00 -29.39
C SER E 457 40.20 -1.95 -28.61
N ASP E 458 40.10 -1.97 -27.28
CA ASP E 458 40.85 -1.02 -26.47
C ASP E 458 42.35 -1.26 -26.58
N GLU E 459 42.75 -2.49 -26.91
CA GLU E 459 44.18 -2.79 -27.02
C GLU E 459 44.75 -2.29 -28.33
N LEU E 460 43.99 -2.42 -29.43
CA LEU E 460 44.39 -1.78 -30.68
C LEU E 460 44.51 -0.27 -30.48
N LEU E 461 43.50 0.35 -29.87
CA LEU E 461 43.50 1.80 -29.72
C LEU E 461 44.57 2.29 -28.76
N SER E 462 44.88 1.51 -27.73
CA SER E 462 45.96 1.89 -26.84
C SER E 462 47.34 1.66 -27.45
N ALA E 463 47.44 0.74 -28.43
CA ALA E 463 48.72 0.51 -29.08
C ALA E 463 49.06 1.65 -30.04
N ILE E 464 48.13 2.01 -30.92
CA ILE E 464 48.38 3.11 -31.83
C ILE E 464 48.54 4.42 -31.08
N GLY E 465 47.92 4.53 -29.89
CA GLY E 465 48.10 5.73 -29.08
C GLY E 465 49.54 5.96 -28.70
N GLY E 466 50.34 4.91 -28.62
CA GLY E 466 51.74 5.02 -28.29
C GLY E 466 52.70 5.04 -29.46
N TYR E 467 52.20 4.90 -30.69
CA TYR E 467 53.06 4.93 -31.86
C TYR E 467 53.44 6.37 -32.20
N ILE E 468 54.66 6.54 -32.69
CA ILE E 468 55.16 7.88 -33.01
C ILE E 468 55.02 8.13 -34.50
N PRO E 469 54.73 9.36 -34.91
CA PRO E 469 54.54 9.65 -36.33
C PRO E 469 55.84 9.61 -37.13
N GLU E 470 55.68 9.53 -38.45
CA GLU E 470 56.78 9.50 -39.39
C GLU E 470 57.67 10.74 -39.22
N ALA E 471 58.97 10.54 -39.41
CA ALA E 471 59.91 11.64 -39.41
C ALA E 471 59.70 12.49 -40.66
N PRO E 472 60.29 13.70 -40.72
CA PRO E 472 60.21 14.47 -41.95
C PRO E 472 60.78 13.70 -43.14
N ARG E 473 60.24 13.98 -44.32
CA ARG E 473 60.73 13.44 -45.59
C ARG E 473 61.40 14.60 -46.33
N ASP E 474 62.72 14.75 -46.10
CA ASP E 474 63.41 15.90 -46.66
C ASP E 474 64.84 15.56 -47.07
N GLY E 475 65.16 14.27 -47.23
CA GLY E 475 66.51 13.86 -47.57
C GLY E 475 67.49 13.83 -46.41
N GLN E 476 67.04 14.16 -45.19
CA GLN E 476 67.92 14.19 -44.02
C GLN E 476 67.61 13.04 -43.07
N ALA E 477 68.66 12.57 -42.39
CA ALA E 477 68.50 11.51 -41.40
C ALA E 477 68.07 12.10 -40.06
N TYR E 478 67.18 11.39 -39.35
CA TYR E 478 66.64 11.83 -38.08
C TYR E 478 66.82 10.76 -37.01
N VAL E 479 67.00 11.21 -35.77
CA VAL E 479 67.04 10.37 -34.58
C VAL E 479 66.00 10.92 -33.60
N ARG E 480 65.74 10.16 -32.55
CA ARG E 480 64.64 10.46 -31.63
C ARG E 480 65.19 10.99 -30.31
N LYS E 481 64.65 12.13 -29.87
CA LYS E 481 65.10 12.77 -28.63
C LYS E 481 63.96 13.63 -28.07
N ASP E 482 63.58 13.39 -26.82
CA ASP E 482 62.59 14.19 -26.11
C ASP E 482 61.27 14.25 -26.88
N GLY E 483 60.83 13.10 -27.38
CA GLY E 483 59.58 13.01 -28.10
C GLY E 483 59.52 13.72 -29.44
N GLU E 484 60.67 14.11 -30.01
CA GLU E 484 60.71 14.72 -31.33
C GLU E 484 61.75 14.04 -32.19
N TRP E 485 61.57 14.17 -33.51
CA TRP E 485 62.62 13.83 -34.45
C TRP E 485 63.59 14.99 -34.55
N VAL E 486 64.88 14.71 -34.38
CA VAL E 486 65.91 15.73 -34.51
C VAL E 486 66.95 15.24 -35.50
N LEU E 487 67.61 16.19 -36.16
CA LEU E 487 68.57 15.85 -37.21
C LEU E 487 69.77 15.10 -36.64
N LEU E 488 70.10 13.97 -37.27
CA LEU E 488 71.34 13.28 -36.94
C LEU E 488 72.55 14.20 -37.08
N SER E 489 72.54 15.07 -38.10
CA SER E 489 73.70 15.91 -38.37
C SER E 489 74.06 16.81 -37.20
N THR E 490 73.07 17.19 -36.40
CA THR E 490 73.32 17.98 -35.18
C THR E 490 74.36 17.32 -34.27
N PHE E 491 74.45 15.99 -34.29
CA PHE E 491 75.39 15.27 -33.45
C PHE E 491 76.65 14.82 -34.20
N LEU E 492 76.71 15.01 -35.52
CA LEU E 492 77.89 14.66 -36.31
C LEU E 492 78.81 15.84 -36.57
N GLY E 493 78.43 17.05 -36.11
CA GLY E 493 79.31 18.19 -36.19
C GLY E 493 80.15 18.40 -34.97
N SER E 494 79.92 17.58 -33.94
CA SER E 494 80.61 17.67 -32.66
C SER E 494 81.11 16.28 -32.27
N LEU E 495 82.01 16.23 -31.32
CA LEU E 495 82.55 14.95 -30.84
C LEU E 495 81.91 14.63 -29.50
N GLU E 496 81.27 13.47 -29.44
CA GLU E 496 80.54 13.00 -28.25
C GLU E 496 81.38 12.03 -27.46
N VAL E 497 80.90 11.70 -26.28
CA VAL E 497 81.60 10.76 -25.40
C VAL E 497 80.67 9.61 -25.06
N LEU E 498 81.25 8.43 -24.91
CA LEU E 498 80.51 7.32 -24.35
C LEU E 498 80.02 7.71 -22.96
N PHE E 499 78.72 7.59 -22.76
CA PHE E 499 78.06 8.07 -21.55
C PHE E 499 77.97 6.99 -20.49
N GLN E 500 78.10 5.72 -20.88
CA GLN E 500 77.91 4.58 -19.99
C GLN E 500 78.93 4.54 -18.86
N ASN F 2 11.34 40.97 53.32
CA ASN F 2 10.24 41.79 52.84
C ASN F 2 9.28 40.94 52.00
N ILE F 3 9.57 39.65 51.89
CA ILE F 3 8.58 38.70 51.38
C ILE F 3 7.74 38.22 52.54
N THR F 4 6.41 38.31 52.39
CA THR F 4 5.49 37.76 53.37
C THR F 4 4.56 36.75 52.69
N GLU F 5 4.05 35.82 53.48
CA GLU F 5 3.19 34.76 52.97
C GLU F 5 2.01 34.55 53.92
N GLU F 6 0.85 34.21 53.36
CA GLU F 6 -0.37 33.97 54.12
C GLU F 6 -0.95 32.64 53.67
N PHE F 7 -1.25 31.76 54.62
CA PHE F 7 -1.92 30.49 54.33
C PHE F 7 -3.40 30.61 54.71
N TYR F 8 -4.28 30.29 53.78
CA TYR F 8 -5.73 30.32 54.02
C TYR F 8 -6.22 28.90 54.27
N GLN F 9 -6.49 28.58 55.53
CA GLN F 9 -7.03 27.27 55.89
C GLN F 9 -8.35 26.99 55.19
N SER F 10 -9.16 28.04 55.00
CA SER F 10 -10.51 27.85 54.46
C SER F 10 -10.50 27.35 53.03
N THR F 11 -9.49 27.70 52.24
CA THR F 11 -9.48 27.39 50.81
C THR F 11 -8.25 26.60 50.39
N CYS F 12 -7.42 26.19 51.35
CA CYS F 12 -6.22 25.38 51.08
C CYS F 12 -5.32 26.07 50.06
N SER F 13 -5.01 27.33 50.32
CA SER F 13 -4.21 28.09 49.38
C SER F 13 -3.37 29.10 50.15
N ALA F 14 -2.39 29.68 49.45
CA ALA F 14 -1.44 30.58 50.07
C ALA F 14 -1.01 31.64 49.07
N VAL F 15 -0.78 32.86 49.57
CA VAL F 15 -0.27 33.96 48.77
C VAL F 15 1.10 34.34 49.31
N SER F 16 2.06 34.50 48.42
CA SER F 16 3.38 35.03 48.73
C SER F 16 3.50 36.36 48.00
N LYS F 17 3.79 37.42 48.73
CA LYS F 17 3.82 38.76 48.16
C LYS F 17 5.07 39.48 48.64
N GLY F 18 5.26 40.69 48.13
CA GLY F 18 6.47 41.46 48.37
C GLY F 18 7.42 41.46 47.19
N TYR F 19 7.07 40.82 46.09
CA TYR F 19 7.91 40.73 44.90
C TYR F 19 7.67 41.93 43.99
N LEU F 20 8.62 42.14 43.08
CA LEU F 20 8.58 43.23 42.11
C LEU F 20 8.72 42.69 40.70
N SER F 21 8.04 43.34 39.76
CA SER F 21 7.86 42.81 38.42
C SER F 21 9.03 43.16 37.49
N ALA F 22 9.19 42.33 36.46
CA ALA F 22 10.02 42.65 35.29
C ALA F 22 9.37 41.90 34.12
N LEU F 23 8.39 42.53 33.49
CA LEU F 23 7.55 41.86 32.51
C LEU F 23 8.07 42.11 31.11
N ARG F 24 8.27 41.04 30.34
CA ARG F 24 8.58 41.24 28.92
C ARG F 24 7.29 41.64 28.20
N THR F 25 7.28 42.88 27.70
CA THR F 25 6.12 43.44 27.04
C THR F 25 6.32 43.66 25.55
N GLY F 26 7.57 43.71 25.09
CA GLY F 26 7.85 43.94 23.69
C GLY F 26 9.11 43.26 23.24
N TRP F 27 9.57 43.61 22.04
CA TRP F 27 10.78 43.02 21.49
C TRP F 27 11.64 44.12 20.89
N TYR F 28 12.94 43.88 20.87
CA TYR F 28 13.88 44.76 20.20
C TYR F 28 14.76 43.90 19.31
N THR F 29 14.95 44.33 18.06
CA THR F 29 15.64 43.53 17.06
C THR F 29 16.89 44.25 16.59
N SER F 30 18.02 43.54 16.59
CA SER F 30 19.28 44.05 16.07
C SER F 30 19.86 43.05 15.08
N VAL F 31 20.69 43.58 14.17
CA VAL F 31 21.37 42.78 13.15
C VAL F 31 22.83 42.65 13.55
N ILE F 32 23.29 41.40 13.65
CA ILE F 32 24.69 41.08 13.94
C ILE F 32 25.30 40.55 12.66
N THR F 33 26.48 41.07 12.28
CA THR F 33 27.09 40.72 11.01
C THR F 33 28.52 40.23 11.20
N ILE F 34 28.95 39.39 10.27
CA ILE F 34 30.30 38.84 10.23
C ILE F 34 30.77 38.87 8.78
N GLU F 35 31.89 39.54 8.53
CA GLU F 35 32.39 39.69 7.17
C GLU F 35 33.14 38.43 6.75
N LEU F 36 32.94 38.00 5.50
CA LEU F 36 33.47 36.75 5.01
C LEU F 36 34.36 36.95 3.80
N SER F 37 35.11 35.91 3.48
CA SER F 37 35.96 35.84 2.30
C SER F 37 35.40 34.80 1.33
N ASN F 38 35.40 35.14 0.03
CA ASN F 38 35.01 34.20 -0.99
C ASN F 38 36.02 33.06 -1.14
N ILE F 39 37.30 33.32 -0.85
CA ILE F 39 38.38 32.36 -1.08
C ILE F 39 37.99 30.98 -0.56
N LYS F 40 37.94 30.00 -1.46
CA LYS F 40 37.40 28.68 -1.21
C LYS F 40 38.46 27.59 -1.08
N GLU F 41 39.52 27.67 -1.90
CA GLU F 41 40.62 26.72 -1.86
C GLU F 41 41.93 27.49 -1.90
N ILE F 42 42.99 26.91 -1.33
CA ILE F 42 44.35 27.45 -1.46
C ILE F 42 44.98 26.88 -2.72
N LYS F 43 45.62 27.74 -3.51
CA LYS F 43 46.10 27.39 -4.85
C LYS F 43 47.54 26.89 -4.85
N CYS F 44 47.85 25.91 -4.01
CA CYS F 44 49.13 25.22 -4.12
C CYS F 44 49.04 23.85 -3.47
N ASN F 45 49.78 22.91 -4.03
CA ASN F 45 49.94 21.57 -3.48
C ASN F 45 51.40 21.39 -3.07
N GLY F 46 51.62 20.94 -1.84
CA GLY F 46 52.96 20.87 -1.30
C GLY F 46 53.09 19.87 -0.17
N THR F 47 54.18 20.02 0.59
CA THR F 47 54.58 19.03 1.58
C THR F 47 54.60 19.53 3.02
N ASP F 48 54.43 20.84 3.25
CA ASP F 48 54.54 21.36 4.61
C ASP F 48 53.40 20.86 5.49
N ALA F 49 53.76 20.33 6.66
CA ALA F 49 52.74 19.87 7.61
C ALA F 49 51.98 21.05 8.21
N LYS F 50 52.53 22.25 8.15
CA LYS F 50 51.87 23.41 8.74
C LYS F 50 50.87 24.07 7.79
N VAL F 51 51.16 24.12 6.49
CA VAL F 51 50.14 24.64 5.59
C VAL F 51 49.06 23.59 5.40
N LYS F 52 49.39 22.32 5.66
CA LYS F 52 48.41 21.24 5.67
C LYS F 52 47.39 21.43 6.79
N LEU F 53 47.84 21.93 7.94
CA LEU F 53 46.91 22.24 9.02
C LEU F 53 46.07 23.47 8.69
N ILE F 54 46.66 24.43 7.97
CA ILE F 54 45.88 25.57 7.47
C ILE F 54 44.79 25.08 6.53
N LYS F 55 45.13 24.14 5.65
CA LYS F 55 44.13 23.67 4.66
C LYS F 55 42.98 23.03 5.43
N GLN F 56 43.30 22.25 6.46
CA GLN F 56 42.24 21.54 7.22
C GLN F 56 41.32 22.57 7.90
N GLU F 57 41.89 23.62 8.49
CA GLU F 57 41.06 24.69 9.13
C GLU F 57 40.24 25.45 8.08
N LEU F 58 40.84 25.76 6.93
CA LEU F 58 40.12 26.50 5.88
C LEU F 58 38.97 25.64 5.37
N ASP F 59 39.19 24.33 5.29
CA ASP F 59 38.14 23.40 4.81
C ASP F 59 36.96 23.47 5.77
N LYS F 60 37.23 23.57 7.07
CA LYS F 60 36.16 23.72 8.08
C LYS F 60 35.42 25.04 7.82
N TYR F 61 36.15 26.10 7.47
CA TYR F 61 35.52 27.40 7.17
C TYR F 61 34.58 27.26 5.98
N LYS F 62 35.04 26.60 4.93
CA LYS F 62 34.21 26.42 3.72
C LYS F 62 33.03 25.50 4.04
N ASN F 63 33.29 24.45 4.82
CA ASN F 63 32.20 23.53 5.22
C ASN F 63 31.16 24.35 5.99
N ALA F 64 31.60 25.35 6.75
CA ALA F 64 30.65 26.14 7.53
C ALA F 64 29.89 27.12 6.64
N VAL F 65 30.56 27.73 5.67
CA VAL F 65 29.90 28.68 4.78
C VAL F 65 28.84 27.98 3.96
N THR F 66 29.22 26.90 3.26
CA THR F 66 28.24 26.12 2.50
C THR F 66 27.14 25.61 3.42
N GLU F 67 27.50 25.28 4.66
CA GLU F 67 26.49 24.88 5.64
C GLU F 67 25.51 25.99 5.95
N LEU F 68 25.92 27.24 5.82
CA LEU F 68 25.00 28.34 6.09
C LEU F 68 24.17 28.69 4.87
N GLN F 69 24.66 28.36 3.68
CA GLN F 69 23.95 28.74 2.44
C GLN F 69 22.68 27.94 2.20
N LEU F 70 22.44 26.88 2.97
CA LEU F 70 21.21 26.09 2.87
C LEU F 70 20.16 26.53 3.87
N LEU F 71 20.61 26.94 5.07
CA LEU F 71 19.70 27.55 6.04
C LEU F 71 19.17 28.90 5.57
N MET F 72 19.89 29.59 4.69
CA MET F 72 19.37 30.84 4.14
C MET F 72 18.18 30.58 3.22
N GLN F 73 18.21 29.48 2.48
CA GLN F 73 17.09 29.08 1.64
C GLN F 73 15.84 28.81 2.46
N PHE F 85 -3.34 25.37 36.12
CA PHE F 85 -4.50 24.69 35.54
C PHE F 85 -5.07 25.43 34.34
N LEU F 86 -4.98 26.77 34.35
CA LEU F 86 -5.73 27.60 33.42
C LEU F 86 -4.93 27.97 32.18
N GLY F 87 -3.83 27.26 31.89
CA GLY F 87 -3.06 27.53 30.70
C GLY F 87 -3.85 27.43 29.41
N PHE F 88 -4.90 26.61 29.39
CA PHE F 88 -5.72 26.47 28.19
C PHE F 88 -6.51 27.73 27.88
N LEU F 89 -6.63 28.67 28.82
CA LEU F 89 -7.33 29.92 28.57
C LEU F 89 -6.50 30.92 27.78
N LEU F 90 -5.20 30.68 27.61
CA LEU F 90 -4.30 31.66 27.03
C LEU F 90 -4.46 31.73 25.51
N GLY F 91 -4.05 32.87 24.96
CA GLY F 91 -3.98 33.05 23.52
C GLY F 91 -2.73 32.40 22.94
N VAL F 92 -2.55 32.63 21.64
CA VAL F 92 -1.48 32.00 20.88
C VAL F 92 -0.78 33.09 20.09
N GLY F 93 0.47 33.37 20.46
CA GLY F 93 1.29 34.33 19.76
C GLY F 93 2.25 33.68 18.78
N SER F 94 3.05 34.54 18.15
CA SER F 94 4.09 34.13 17.21
C SER F 94 5.39 34.74 17.72
N ALA F 95 6.15 33.96 18.48
CA ALA F 95 7.21 34.51 19.32
C ALA F 95 8.27 35.24 18.53
N ILE F 96 8.61 34.75 17.33
CA ILE F 96 9.70 35.39 16.58
C ILE F 96 9.16 36.10 15.35
N ALA F 97 7.88 36.50 15.38
CA ALA F 97 7.33 37.24 14.25
C ALA F 97 8.06 38.57 14.04
N SER F 98 8.46 39.23 15.13
CA SER F 98 9.13 40.52 14.99
C SER F 98 10.51 40.37 14.36
N GLY F 99 11.30 39.40 14.85
CA GLY F 99 12.61 39.18 14.29
C GLY F 99 12.58 38.62 12.87
N VAL F 100 11.60 37.78 12.56
CA VAL F 100 11.48 37.24 11.22
C VAL F 100 11.09 38.35 10.24
N ALA F 101 10.28 39.30 10.68
CA ALA F 101 9.93 40.42 9.81
C ALA F 101 11.17 41.23 9.46
N VAL F 102 12.11 41.35 10.39
CA VAL F 102 13.37 42.05 10.09
C VAL F 102 14.23 41.21 9.15
N SER F 103 14.41 39.92 9.48
CA SER F 103 15.22 39.04 8.63
C SER F 103 14.71 39.03 7.19
N LYS F 104 13.39 39.12 7.03
CA LYS F 104 12.78 39.12 5.70
C LYS F 104 13.12 40.39 4.93
N VAL F 105 13.23 41.53 5.62
CA VAL F 105 13.66 42.76 4.95
C VAL F 105 15.11 42.63 4.48
N LEU F 106 15.94 41.91 5.24
CA LEU F 106 17.35 41.73 4.88
C LEU F 106 17.54 40.85 3.65
N HIS F 107 16.47 40.24 3.14
CA HIS F 107 16.54 39.49 1.89
C HIS F 107 16.19 40.35 0.68
N LEU F 108 16.08 41.65 0.85
CA LEU F 108 15.71 42.55 -0.25
C LEU F 108 16.94 43.13 -0.92
N GLU F 109 16.73 43.74 -2.08
CA GLU F 109 17.83 44.14 -2.96
C GLU F 109 18.64 45.27 -2.32
N GLY F 110 19.97 45.08 -2.29
CA GLY F 110 20.87 46.08 -1.76
C GLY F 110 20.85 46.29 -0.27
N GLU F 111 19.90 45.67 0.45
CA GLU F 111 19.82 45.86 1.89
C GLU F 111 21.14 45.50 2.57
N VAL F 112 21.82 44.47 2.08
CA VAL F 112 23.11 44.10 2.64
C VAL F 112 24.15 45.18 2.36
N ASN F 113 24.10 45.80 1.18
CA ASN F 113 25.06 46.86 0.87
C ASN F 113 24.85 48.08 1.75
N LYS F 114 23.59 48.37 2.09
CA LYS F 114 23.31 49.43 3.07
C LYS F 114 24.01 49.13 4.39
N ILE F 115 23.89 47.90 4.87
CA ILE F 115 24.51 47.51 6.14
C ILE F 115 26.03 47.56 6.02
N LYS F 116 26.56 46.99 4.94
CA LYS F 116 28.00 46.99 4.72
C LYS F 116 28.55 48.40 4.59
N SER F 117 27.77 49.31 3.99
CA SER F 117 28.24 50.68 3.81
C SER F 117 28.29 51.43 5.14
N ALA F 118 27.33 51.19 6.03
CA ALA F 118 27.31 51.89 7.31
C ALA F 118 28.42 51.42 8.23
N LEU F 119 28.78 50.14 8.14
CA LEU F 119 29.83 49.55 8.97
C LEU F 119 31.17 49.50 8.24
N LEU F 120 31.34 50.38 7.26
CA LEU F 120 32.57 50.40 6.46
C LEU F 120 33.76 50.81 7.32
N SER F 121 33.54 51.73 8.26
CA SER F 121 34.59 52.33 9.07
C SER F 121 34.48 52.01 10.54
N THR F 122 33.27 51.85 11.07
CA THR F 122 33.03 51.51 12.46
C THR F 122 32.46 50.10 12.55
N ASN F 123 32.36 49.59 13.78
CA ASN F 123 31.80 48.27 14.02
C ASN F 123 30.44 48.33 14.72
N LYS F 124 29.86 49.53 14.84
CA LYS F 124 28.50 49.71 15.36
C LYS F 124 27.88 50.88 14.61
N ALA F 125 26.66 50.69 14.11
CA ALA F 125 26.00 51.74 13.33
C ALA F 125 24.49 51.52 13.36
N VAL F 126 23.76 52.62 13.20
CA VAL F 126 22.31 52.60 13.14
C VAL F 126 21.91 52.72 11.67
N VAL F 127 21.25 51.70 11.14
CA VAL F 127 20.92 51.66 9.71
C VAL F 127 19.41 51.83 9.53
N SER F 128 19.05 52.66 8.55
CA SER F 128 17.67 52.82 8.08
C SER F 128 17.47 51.89 6.89
N LEU F 129 16.50 50.99 7.00
CA LEU F 129 16.19 50.07 5.91
C LEU F 129 14.92 50.50 5.19
N SER F 130 14.62 49.80 4.09
CA SER F 130 13.31 49.95 3.50
C SER F 130 12.26 49.54 4.54
N ASN F 131 11.15 50.26 4.56
CA ASN F 131 10.08 50.25 5.57
C ASN F 131 10.41 51.13 6.76
N GLY F 132 11.39 52.02 6.65
CA GLY F 132 11.69 52.96 7.72
C GLY F 132 12.15 52.30 9.01
N VAL F 133 12.74 51.12 8.91
CA VAL F 133 13.12 50.36 10.10
C VAL F 133 14.47 50.87 10.58
N SER F 134 14.52 51.28 11.85
CA SER F 134 15.75 51.76 12.47
C SER F 134 16.22 50.69 13.45
N VAL F 135 17.23 49.92 13.04
CA VAL F 135 17.82 48.88 13.87
C VAL F 135 19.33 49.10 13.95
N LEU F 136 19.88 48.85 15.13
CA LEU F 136 21.32 48.89 15.35
C LEU F 136 21.98 47.67 14.73
N THR F 137 23.23 47.84 14.33
CA THR F 137 23.93 46.81 13.59
C THR F 137 25.38 46.77 14.01
N SER F 138 25.95 45.57 14.16
CA SER F 138 27.33 45.41 14.58
C SER F 138 28.08 44.45 13.65
N LYS F 139 29.40 44.63 13.63
CA LYS F 139 30.32 43.65 13.06
C LYS F 139 31.12 43.06 14.22
N VAL F 140 30.82 41.82 14.57
CA VAL F 140 31.50 41.19 15.69
C VAL F 140 32.74 40.41 15.28
N LEU F 141 32.98 40.23 13.98
CA LEU F 141 34.07 39.39 13.50
C LEU F 141 34.33 39.64 12.02
N ASP F 142 35.58 39.93 11.67
CA ASP F 142 35.97 40.25 10.30
C ASP F 142 36.94 39.19 9.81
N LEU F 143 36.40 38.04 9.42
CA LEU F 143 37.25 36.98 8.88
C LEU F 143 37.79 37.31 7.51
N LYS F 144 37.13 38.19 6.76
CA LYS F 144 37.66 38.58 5.45
C LYS F 144 39.01 39.26 5.57
N ASN F 145 39.14 40.21 6.51
CA ASN F 145 40.41 40.92 6.66
C ASN F 145 41.50 39.98 7.14
N TYR F 146 41.16 39.03 8.02
CA TYR F 146 42.19 38.13 8.53
C TYR F 146 42.65 37.15 7.45
N ILE F 147 41.74 36.63 6.65
CA ILE F 147 42.10 35.61 5.67
C ILE F 147 42.69 36.23 4.42
N ASP F 148 42.04 37.28 3.90
CA ASP F 148 42.45 37.84 2.62
C ASP F 148 43.70 38.70 2.76
N LYS F 149 43.83 39.46 3.84
CA LYS F 149 44.90 40.42 3.98
C LYS F 149 46.02 39.96 4.90
N GLN F 150 45.84 38.88 5.64
CA GLN F 150 46.89 38.39 6.55
C GLN F 150 47.32 36.97 6.26
N LEU F 151 46.39 36.03 6.16
CA LEU F 151 46.76 34.62 6.04
C LEU F 151 47.24 34.27 4.62
N LEU F 152 46.43 34.58 3.61
CA LEU F 152 46.77 34.22 2.24
C LEU F 152 48.11 34.81 1.76
N PRO F 153 48.41 36.10 1.95
CA PRO F 153 49.65 36.63 1.35
C PRO F 153 50.93 36.07 1.96
N ILE F 154 50.88 35.50 3.16
CA ILE F 154 52.10 35.01 3.80
C ILE F 154 52.47 33.62 3.26
N VAL F 155 51.48 32.81 2.88
CA VAL F 155 51.74 31.46 2.37
C VAL F 155 52.63 31.54 1.14
N ASN F 156 53.80 30.93 1.22
CA ASN F 156 54.69 30.82 0.06
C ASN F 156 54.01 29.99 -1.02
N LYS F 157 53.79 30.61 -2.19
CA LYS F 157 52.95 29.97 -3.21
C LYS F 157 53.66 28.83 -3.93
N GLN F 158 54.98 28.93 -4.13
CA GLN F 158 55.70 27.85 -4.77
C GLN F 158 56.02 26.73 -3.78
N SER F 159 56.37 27.09 -2.55
CA SER F 159 56.82 26.13 -1.54
C SER F 159 55.69 25.56 -0.70
N CYS F 160 54.50 26.17 -0.74
CA CYS F 160 53.43 25.86 0.21
C CYS F 160 53.95 25.94 1.65
N SER F 161 54.77 26.94 1.93
CA SER F 161 55.42 27.07 3.22
C SER F 161 54.74 28.14 4.06
N ILE F 162 54.77 27.94 5.36
CA ILE F 162 54.33 28.94 6.33
C ILE F 162 55.35 28.86 7.47
N PRO F 163 56.12 29.92 7.72
CA PRO F 163 57.31 29.77 8.58
C PRO F 163 57.00 29.64 10.07
N ASN F 164 55.80 30.01 10.54
CA ASN F 164 55.53 30.10 11.97
C ASN F 164 54.32 29.24 12.31
N ILE F 165 54.45 28.49 13.41
CA ILE F 165 53.33 27.70 13.91
C ILE F 165 52.26 28.57 14.56
N GLU F 166 52.60 29.82 14.91
CA GLU F 166 51.62 30.69 15.56
C GLU F 166 50.44 30.99 14.64
N THR F 167 50.68 31.00 13.33
CA THR F 167 49.60 31.31 12.39
C THR F 167 48.55 30.21 12.37
N VAL F 168 48.95 28.95 12.54
CA VAL F 168 47.97 27.87 12.61
C VAL F 168 47.04 28.08 13.81
N ILE F 169 47.59 28.55 14.93
CA ILE F 169 46.78 28.70 16.13
C ILE F 169 45.89 29.93 16.03
N GLU F 170 46.42 31.05 15.51
CA GLU F 170 45.55 32.22 15.38
C GLU F 170 44.45 32.00 14.37
N PHE F 171 44.65 31.12 13.39
CA PHE F 171 43.59 30.81 12.43
C PHE F 171 42.45 30.04 13.11
N GLN F 172 42.78 29.00 13.88
CA GLN F 172 41.74 28.29 14.61
C GLN F 172 41.03 29.21 15.59
N GLN F 173 41.74 30.18 16.17
CA GLN F 173 41.13 31.10 17.11
C GLN F 173 40.06 31.94 16.42
N LYS F 174 40.42 32.59 15.31
CA LYS F 174 39.48 33.49 14.65
C LYS F 174 38.38 32.73 13.91
N ASN F 175 38.64 31.50 13.49
CA ASN F 175 37.62 30.70 12.83
C ASN F 175 36.65 30.07 13.82
N ASN F 176 37.03 29.92 15.08
CA ASN F 176 36.25 29.11 16.02
C ASN F 176 34.84 29.66 16.23
N ARG F 177 34.69 31.00 16.20
CA ARG F 177 33.37 31.56 16.47
C ARG F 177 32.39 31.27 15.32
N LEU F 178 32.87 31.35 14.09
CA LEU F 178 32.00 31.03 12.95
C LEU F 178 31.55 29.58 13.00
N LEU F 179 32.47 28.66 13.32
CA LEU F 179 32.13 27.25 13.35
C LEU F 179 31.12 26.95 14.46
N GLU F 180 31.27 27.60 15.61
CA GLU F 180 30.32 27.36 16.71
C GLU F 180 28.96 27.97 16.38
N ILE F 181 28.94 29.14 15.74
CA ILE F 181 27.68 29.75 15.33
C ILE F 181 26.96 28.87 14.32
N THR F 182 27.69 28.41 13.30
CA THR F 182 27.09 27.55 12.29
C THR F 182 26.55 26.28 12.92
N ARG F 183 27.32 25.67 13.83
CA ARG F 183 26.89 24.41 14.43
C ARG F 183 25.60 24.57 15.20
N GLU F 184 25.45 25.68 15.95
CA GLU F 184 24.22 25.90 16.70
C GLU F 184 23.02 26.10 15.77
N PHE F 185 23.23 26.83 14.67
CA PHE F 185 22.15 26.99 13.70
C PHE F 185 21.78 25.67 13.03
N SER F 186 22.76 24.79 12.81
CA SER F 186 22.50 23.55 12.09
C SER F 186 21.62 22.59 12.87
N VAL F 187 21.68 22.60 14.20
CA VAL F 187 20.85 21.71 15.00
C VAL F 187 19.59 22.38 15.51
N ASN F 188 19.39 23.66 15.19
CA ASN F 188 18.22 24.40 15.65
C ASN F 188 17.42 25.00 14.50
N ALA F 189 17.66 24.57 13.27
CA ALA F 189 16.93 25.04 12.09
C ALA F 189 17.00 26.56 11.93
N GLY F 190 18.16 27.13 12.26
CA GLY F 190 18.41 28.55 12.07
C GLY F 190 17.75 29.47 13.07
N VAL F 191 17.22 28.96 14.18
CA VAL F 191 16.62 29.77 15.23
C VAL F 191 17.04 29.17 16.57
N THR F 192 17.71 29.96 17.40
CA THR F 192 18.21 29.46 18.67
C THR F 192 17.67 30.32 19.81
N THR F 193 17.41 29.65 20.94
CA THR F 193 17.11 30.30 22.21
C THR F 193 17.41 29.28 23.31
N PRO F 194 18.10 29.69 24.39
CA PRO F 194 18.64 31.03 24.64
C PRO F 194 19.75 31.42 23.68
N VAL F 195 20.15 32.69 23.70
CA VAL F 195 21.21 33.19 22.84
C VAL F 195 22.55 32.91 23.50
N SER F 196 23.38 32.09 22.86
CA SER F 196 24.66 31.71 23.42
C SER F 196 25.66 32.85 23.33
N THR F 197 26.75 32.72 24.09
CA THR F 197 27.82 33.72 24.03
C THR F 197 28.56 33.69 22.70
N TYR F 198 28.41 32.61 21.92
CA TYR F 198 28.94 32.61 20.56
C TYR F 198 28.11 33.50 19.65
N MET F 199 26.78 33.52 19.86
CA MET F 199 25.93 34.43 19.11
C MET F 199 26.16 35.87 19.54
N LEU F 200 26.35 36.09 20.84
CA LEU F 200 26.47 37.44 21.39
C LEU F 200 27.22 37.33 22.72
N THR F 201 28.45 37.84 22.75
CA THR F 201 29.18 37.83 24.02
C THR F 201 28.51 38.78 25.02
N ASN F 202 28.91 38.67 26.29
CA ASN F 202 28.34 39.55 27.30
C ASN F 202 28.72 41.00 27.05
N SER F 203 29.95 41.25 26.60
CA SER F 203 30.35 42.59 26.22
C SER F 203 29.45 43.15 25.12
N GLU F 204 29.22 42.35 24.07
CA GLU F 204 28.36 42.80 22.97
C GLU F 204 26.91 42.94 23.43
N LEU F 205 26.42 42.02 24.25
CA LEU F 205 25.07 42.13 24.77
C LEU F 205 24.91 43.37 25.64
N LEU F 206 25.81 43.55 26.62
CA LEU F 206 25.76 44.72 27.48
C LEU F 206 25.83 46.00 26.66
N SER F 207 26.78 46.06 25.72
CA SER F 207 26.88 47.24 24.86
C SER F 207 25.58 47.52 24.13
N LEU F 208 24.91 46.46 23.65
CA LEU F 208 23.66 46.64 22.93
C LEU F 208 22.54 47.12 23.85
N ILE F 209 22.54 46.69 25.12
CA ILE F 209 21.54 47.19 26.06
C ILE F 209 21.73 48.67 26.29
N ASN F 210 22.98 49.12 26.45
CA ASN F 210 23.27 50.53 26.68
C ASN F 210 22.87 51.42 25.52
N ASP F 211 22.55 50.84 24.35
CA ASP F 211 22.15 51.60 23.17
C ASP F 211 20.74 51.25 22.73
N MET F 212 19.87 50.92 23.67
CA MET F 212 18.49 50.55 23.42
C MET F 212 17.54 51.68 23.81
N PRO F 213 16.29 51.70 23.26
CA PRO F 213 15.40 52.85 23.49
C PRO F 213 14.55 52.67 24.75
N ILE F 214 15.23 52.65 25.89
CA ILE F 214 14.57 52.36 27.16
C ILE F 214 15.08 53.32 28.22
N THR F 215 14.34 53.36 29.33
CA THR F 215 14.75 54.15 30.48
C THR F 215 16.10 53.63 31.00
N ASN F 216 16.83 54.51 31.67
CA ASN F 216 18.01 54.06 32.39
C ASN F 216 17.67 52.98 33.40
N ASP F 217 16.47 53.03 33.99
CA ASP F 217 16.06 52.01 34.94
C ASP F 217 15.93 50.65 34.27
N GLN F 218 15.43 50.62 33.03
CA GLN F 218 15.34 49.37 32.29
C GLN F 218 16.72 48.90 31.83
N LYS F 219 17.55 49.82 31.33
CA LYS F 219 18.93 49.48 31.02
C LYS F 219 19.60 48.83 32.22
N LYS F 220 19.35 49.35 33.41
CA LYS F 220 19.94 48.84 34.63
C LYS F 220 19.42 47.44 34.96
N LEU F 221 18.10 47.26 34.91
CA LEU F 221 17.52 45.95 35.16
C LEU F 221 18.09 44.90 34.22
N MET F 222 18.16 45.24 32.93
CA MET F 222 18.66 44.29 31.94
C MET F 222 20.13 43.93 32.19
N SER F 223 20.96 44.94 32.44
CA SER F 223 22.39 44.68 32.63
C SER F 223 22.64 43.85 33.88
N ASN F 224 21.88 44.10 34.95
CA ASN F 224 22.05 43.31 36.16
C ASN F 224 21.49 41.89 36.01
N ASN F 225 20.82 41.59 34.90
CA ASN F 225 20.18 40.28 34.72
C ASN F 225 20.33 39.80 33.29
N VAL F 226 21.49 40.03 32.68
CA VAL F 226 21.70 39.61 31.30
C VAL F 226 21.55 38.10 31.13
N GLN F 227 21.74 37.31 32.19
CA GLN F 227 21.52 35.88 32.01
C GLN F 227 20.04 35.56 31.81
N ILE F 228 19.16 36.38 32.37
CA ILE F 228 17.73 36.20 32.08
C ILE F 228 17.41 36.77 30.70
N VAL F 229 17.99 37.92 30.37
CA VAL F 229 17.82 38.49 29.03
C VAL F 229 18.23 37.50 27.96
N ARG F 230 19.39 36.84 28.15
CA ARG F 230 19.82 35.81 27.21
C ARG F 230 18.75 34.74 27.05
N GLN F 231 18.11 34.39 28.14
CA GLN F 231 17.29 33.19 28.10
C GLN F 231 15.91 33.49 27.56
N GLN F 232 15.60 34.78 27.40
CA GLN F 232 14.38 35.24 26.75
C GLN F 232 14.62 35.73 25.33
N SER F 233 15.84 35.60 24.81
CA SER F 233 16.18 36.15 23.51
C SER F 233 16.28 35.05 22.45
N TYR F 234 16.11 35.47 21.19
CA TYR F 234 16.24 34.57 20.05
C TYR F 234 17.36 35.05 19.13
N SER F 235 18.02 34.10 18.49
CA SER F 235 18.95 34.40 17.40
C SER F 235 18.41 33.74 16.13
N ILE F 236 18.29 34.53 15.08
CA ILE F 236 17.59 34.13 13.87
C ILE F 236 18.54 34.26 12.70
N MET F 237 19.02 33.13 12.19
CA MET F 237 19.82 33.14 10.98
C MET F 237 19.05 33.81 9.85
N SER F 238 19.73 34.72 9.13
CA SER F 238 19.07 35.50 8.09
C SER F 238 19.75 35.31 6.74
N ILE F 239 20.93 35.91 6.51
CA ILE F 239 21.55 35.93 5.19
C ILE F 239 23.01 35.53 5.27
N ILE F 240 23.49 34.95 4.17
CA ILE F 240 24.92 34.86 3.87
C ILE F 240 25.09 35.24 2.41
N LYS F 241 25.54 36.48 2.17
CA LYS F 241 25.45 37.10 0.86
C LYS F 241 26.47 38.24 0.77
N GLU F 242 27.13 38.35 -0.37
CA GLU F 242 28.14 39.36 -0.68
C GLU F 242 29.16 39.46 0.46
N GLU F 243 29.79 38.33 0.76
CA GLU F 243 30.89 38.26 1.73
C GLU F 243 30.45 38.78 3.09
N VAL F 244 29.16 38.60 3.42
CA VAL F 244 28.58 39.11 4.66
C VAL F 244 27.63 38.05 5.20
N LEU F 245 27.84 37.67 6.45
CA LEU F 245 26.92 36.84 7.20
C LEU F 245 26.16 37.73 8.18
N ALA F 246 24.84 37.55 8.25
CA ALA F 246 24.00 38.36 9.13
C ALA F 246 22.89 37.53 9.74
N TYR F 247 22.77 37.61 11.07
CA TYR F 247 21.62 37.06 11.78
C TYR F 247 21.00 38.14 12.65
N VAL F 248 19.74 37.94 13.00
CA VAL F 248 18.96 38.90 13.77
C VAL F 248 18.86 38.40 15.19
N VAL F 249 19.19 39.26 16.15
CA VAL F 249 19.02 38.96 17.57
C VAL F 249 17.77 39.69 18.05
N GLN F 250 16.88 38.95 18.69
CA GLN F 250 15.59 39.45 19.13
C GLN F 250 15.61 39.46 20.65
N LEU F 251 15.68 40.68 21.25
CA LEU F 251 15.86 40.81 22.69
C LEU F 251 14.56 41.23 23.37
N PRO F 252 14.38 40.85 24.64
CA PRO F 252 13.17 41.26 25.36
C PRO F 252 13.20 42.73 25.74
N LEU F 253 12.06 43.39 25.58
CA LEU F 253 11.82 44.72 26.10
C LEU F 253 10.98 44.60 27.38
N TYR F 254 11.54 45.02 28.51
CA TYR F 254 10.84 45.00 29.79
C TYR F 254 10.13 46.33 29.97
N GLY F 255 8.91 46.43 29.42
CA GLY F 255 8.18 47.69 29.45
C GLY F 255 7.46 47.96 30.76
N VAL F 256 7.29 46.94 31.61
CA VAL F 256 6.68 47.09 32.92
C VAL F 256 7.64 46.50 33.94
N ILE F 257 8.14 47.34 34.85
CA ILE F 257 9.06 46.92 35.89
C ILE F 257 8.67 47.59 37.21
N ASP F 258 9.08 46.96 38.31
CA ASP F 258 8.91 47.48 39.66
C ASP F 258 7.45 47.59 40.08
N THR F 259 6.54 46.86 39.46
CA THR F 259 5.22 46.79 40.04
C THR F 259 5.13 45.58 40.95
N PRO F 260 4.24 45.60 41.95
CA PRO F 260 4.19 44.46 42.89
C PRO F 260 3.62 43.22 42.23
N CYS F 261 4.16 42.08 42.63
CA CYS F 261 3.69 40.79 42.20
C CYS F 261 3.42 39.92 43.43
N TRP F 262 2.54 38.95 43.25
CA TRP F 262 2.32 37.94 44.28
C TRP F 262 2.03 36.62 43.61
N LYS F 263 2.43 35.55 44.27
CA LYS F 263 2.23 34.20 43.75
C LYS F 263 1.14 33.49 44.57
N LEU F 264 0.18 32.91 43.87
CA LEU F 264 -0.88 32.11 44.49
C LEU F 264 -0.53 30.63 44.36
N HIS F 265 -0.57 29.91 45.47
CA HIS F 265 -0.36 28.47 45.53
C HIS F 265 -1.64 27.82 46.01
N THR F 266 -2.06 26.72 45.34
CA THR F 266 -3.32 26.07 45.67
C THR F 266 -3.15 24.56 45.71
N SER F 267 -4.00 23.90 46.48
CA SER F 267 -3.90 22.46 46.69
C SER F 267 -5.28 21.94 47.05
N PRO F 268 -5.55 20.65 46.81
CA PRO F 268 -6.93 20.17 46.95
C PRO F 268 -7.42 20.16 48.39
N LEU F 269 -8.67 20.59 48.56
CA LEU F 269 -9.37 20.62 49.85
C LEU F 269 -10.48 19.57 49.82
N CYS F 270 -10.34 18.51 50.62
CA CYS F 270 -11.33 17.43 50.63
C CYS F 270 -11.89 17.20 52.02
N THR F 271 -13.14 16.73 52.07
CA THR F 271 -13.67 16.19 53.31
C THR F 271 -12.90 14.93 53.69
N THR F 272 -13.00 14.54 54.97
CA THR F 272 -12.15 13.51 55.52
C THR F 272 -12.93 12.38 56.20
N ASN F 273 -14.15 12.10 55.75
CA ASN F 273 -14.86 10.91 56.22
C ASN F 273 -14.04 9.65 55.95
N THR F 274 -14.20 8.68 56.85
CA THR F 274 -13.38 7.44 56.80
C THR F 274 -13.80 6.49 55.67
N LYS F 275 -15.07 6.49 55.28
CA LYS F 275 -15.45 5.64 54.12
C LYS F 275 -14.74 6.16 52.87
N GLU F 276 -14.07 5.27 52.16
CA GLU F 276 -13.42 5.68 50.89
C GLU F 276 -14.52 5.92 49.85
N GLY F 277 -14.46 7.04 49.14
CA GLY F 277 -15.44 7.30 48.06
C GLY F 277 -16.64 8.12 48.47
N SER F 278 -16.75 8.51 49.73
CA SER F 278 -17.84 9.41 50.15
C SER F 278 -17.29 10.84 50.28
N ASN F 279 -16.02 11.04 49.94
CA ASN F 279 -15.38 12.36 50.13
C ASN F 279 -15.47 13.25 48.89
N ILE F 280 -15.66 14.55 49.08
CA ILE F 280 -15.72 15.50 47.97
C ILE F 280 -14.56 16.47 48.10
N CYS F 281 -14.13 17.01 46.97
CA CYS F 281 -12.93 17.84 46.92
C CYS F 281 -13.16 19.08 46.07
N LEU F 282 -12.42 20.11 46.40
CA LEU F 282 -12.45 21.40 45.75
C LEU F 282 -11.02 21.93 45.70
N THR F 283 -10.62 22.48 44.56
CA THR F 283 -9.29 23.08 44.42
C THR F 283 -9.43 24.42 43.72
N ARG F 284 -8.84 25.46 44.31
CA ARG F 284 -8.74 26.72 43.57
C ARG F 284 -7.86 26.51 42.35
N THR F 285 -8.31 26.95 41.19
CA THR F 285 -7.55 26.75 39.96
C THR F 285 -6.78 27.98 39.50
N ASP F 286 -6.87 29.09 40.23
CA ASP F 286 -6.22 30.33 39.82
C ASP F 286 -4.77 30.42 40.30
N ARG F 287 -4.09 29.28 40.53
CA ARG F 287 -2.69 29.32 40.96
C ARG F 287 -1.84 29.98 39.88
N GLY F 288 -0.81 30.71 40.30
CA GLY F 288 0.10 31.35 39.38
C GLY F 288 0.61 32.68 39.92
N TRP F 289 1.34 33.40 39.04
CA TRP F 289 1.86 34.72 39.37
C TRP F 289 0.87 35.80 38.98
N TYR F 290 0.80 36.84 39.81
CA TYR F 290 -0.03 38.01 39.58
C TYR F 290 0.84 39.25 39.75
N CYS F 291 0.74 40.20 38.81
CA CYS F 291 1.50 41.45 38.89
C CYS F 291 0.59 42.60 38.51
N ASP F 292 0.61 43.68 39.30
CA ASP F 292 -0.08 44.89 38.90
C ASP F 292 0.46 45.39 37.56
N ASN F 293 -0.44 45.85 36.71
CA ASN F 293 -0.05 46.28 35.37
C ASN F 293 -1.13 47.20 34.82
N ALA F 294 -0.85 48.50 34.85
CA ALA F 294 -1.66 49.51 34.18
C ALA F 294 -3.14 49.45 34.61
N GLY F 295 -3.34 49.45 35.93
CA GLY F 295 -4.68 49.41 36.49
C GLY F 295 -5.35 48.06 36.47
N SER F 296 -4.74 47.06 35.86
CA SER F 296 -5.24 45.70 35.87
C SER F 296 -4.19 44.80 36.51
N VAL F 297 -4.40 43.49 36.41
CA VAL F 297 -3.48 42.50 36.94
C VAL F 297 -3.12 41.54 35.81
N SER F 298 -1.83 41.41 35.54
CA SER F 298 -1.35 40.38 34.63
C SER F 298 -1.26 39.06 35.40
N PHE F 299 -1.95 38.04 34.91
CA PHE F 299 -2.03 36.72 35.55
C PHE F 299 -1.33 35.69 34.69
N PHE F 300 -0.38 34.97 35.30
CA PHE F 300 0.45 33.99 34.60
C PHE F 300 0.18 32.60 35.18
N PRO F 301 -0.68 31.80 34.56
CA PRO F 301 -1.09 30.53 35.19
C PRO F 301 0.02 29.49 35.24
N GLN F 302 0.96 29.53 34.31
CA GLN F 302 2.10 28.59 34.32
C GLN F 302 3.28 29.26 35.03
N ALA F 303 3.15 29.34 36.37
CA ALA F 303 4.17 30.01 37.18
C ALA F 303 5.57 29.44 36.99
N GLU F 304 5.67 28.17 36.58
CA GLU F 304 6.97 27.53 36.38
C GLU F 304 7.76 28.13 35.21
N THR F 305 7.11 28.88 34.33
CA THR F 305 7.83 29.53 33.23
C THR F 305 8.29 30.93 33.57
N CYS F 306 7.68 31.58 34.56
CA CYS F 306 8.25 32.80 35.13
C CYS F 306 9.56 32.47 35.82
N LYS F 307 10.46 33.45 35.88
CA LYS F 307 11.79 33.28 36.44
C LYS F 307 11.97 34.30 37.56
N VAL F 308 12.33 33.82 38.75
CA VAL F 308 12.46 34.65 39.94
C VAL F 308 13.93 34.81 40.27
N GLN F 309 14.40 36.05 40.30
CA GLN F 309 15.76 36.37 40.73
C GLN F 309 15.61 37.24 41.96
N SER F 310 15.91 36.67 43.14
CA SER F 310 15.72 37.36 44.41
C SER F 310 14.24 37.63 44.65
N ASN F 311 13.85 38.90 44.72
CA ASN F 311 12.46 39.27 44.82
C ASN F 311 11.91 39.80 43.49
N ARG F 312 12.62 39.54 42.40
CA ARG F 312 12.28 40.07 41.09
C ARG F 312 11.71 38.95 40.22
N VAL F 313 10.55 39.18 39.64
CA VAL F 313 9.84 38.15 38.89
C VAL F 313 9.88 38.51 37.40
N PHE F 314 10.50 37.64 36.61
CA PHE F 314 10.59 37.83 35.17
C PHE F 314 9.52 36.97 34.50
N CYS F 315 8.45 37.60 34.05
CA CYS F 315 7.37 36.89 33.36
C CYS F 315 7.21 37.46 31.95
N ASP F 316 6.47 36.73 31.11
CA ASP F 316 6.26 37.09 29.71
C ASP F 316 4.77 37.31 29.49
N THR F 317 4.39 38.53 29.11
CA THR F 317 2.96 38.85 28.95
C THR F 317 2.29 38.00 27.87
N MET F 318 3.07 37.37 26.98
CA MET F 318 2.45 36.45 26.02
C MET F 318 1.79 35.27 26.73
N ASN F 319 2.30 34.89 27.90
CA ASN F 319 1.74 33.79 28.69
C ASN F 319 0.83 34.29 29.80
N SER F 320 0.14 35.40 29.60
CA SER F 320 -0.66 36.01 30.65
C SER F 320 -2.09 36.26 30.19
N LEU F 321 -2.97 36.40 31.18
CA LEU F 321 -4.28 36.99 31.03
C LEU F 321 -4.31 38.34 31.71
N THR F 322 -5.11 39.25 31.18
CA THR F 322 -5.31 40.56 31.79
C THR F 322 -6.62 40.50 32.56
N LEU F 323 -6.54 40.63 33.89
CA LEU F 323 -7.67 40.43 34.78
C LEU F 323 -7.97 41.70 35.56
N PRO F 324 -9.22 41.85 36.02
CA PRO F 324 -9.53 42.97 36.92
C PRO F 324 -8.75 42.88 38.22
N SER F 325 -8.49 44.05 38.80
CA SER F 325 -7.80 44.12 40.09
C SER F 325 -8.56 43.35 41.17
N GLU F 326 -9.88 43.24 41.05
CA GLU F 326 -10.68 42.53 42.05
C GLU F 326 -10.34 41.04 42.17
N VAL F 327 -9.50 40.50 41.31
CA VAL F 327 -9.16 39.07 41.39
C VAL F 327 -8.50 38.73 42.72
N ASN F 328 -7.87 39.71 43.38
CA ASN F 328 -7.30 39.43 44.68
C ASN F 328 -8.36 39.15 45.75
N LEU F 329 -9.61 39.58 45.51
CA LEU F 329 -10.68 39.33 46.47
C LEU F 329 -10.90 37.85 46.72
N CYS F 330 -10.54 36.98 45.77
CA CYS F 330 -10.61 35.54 46.01
C CYS F 330 -9.72 35.11 47.15
N ASN F 331 -8.66 35.90 47.44
CA ASN F 331 -7.86 35.64 48.63
C ASN F 331 -8.47 36.23 49.89
N VAL F 332 -9.42 37.14 49.74
CA VAL F 332 -10.11 37.71 50.90
C VAL F 332 -11.31 36.87 51.28
N ASP F 333 -12.12 36.51 50.29
CA ASP F 333 -13.37 35.81 50.52
C ASP F 333 -13.73 35.16 49.19
N ILE F 334 -13.54 33.83 49.11
CA ILE F 334 -13.80 33.12 47.87
C ILE F 334 -15.27 33.19 47.45
N PHE F 335 -16.17 33.62 48.36
CA PHE F 335 -17.57 33.79 48.01
C PHE F 335 -17.93 35.24 47.72
N ASN F 336 -16.93 36.11 47.52
CA ASN F 336 -17.22 37.54 47.35
C ASN F 336 -18.08 37.77 46.11
N PRO F 337 -18.93 38.81 46.12
CA PRO F 337 -19.77 39.08 44.96
C PRO F 337 -19.11 39.91 43.87
N LYS F 338 -17.85 40.29 44.02
CA LYS F 338 -17.22 41.17 43.05
C LYS F 338 -16.50 40.43 41.94
N TYR F 339 -15.99 39.24 42.23
CA TYR F 339 -15.21 38.46 41.29
C TYR F 339 -15.55 36.99 41.50
N ASP F 340 -15.90 36.29 40.42
CA ASP F 340 -16.30 34.89 40.48
C ASP F 340 -15.05 34.02 40.51
N CYS F 341 -14.71 33.50 41.68
CA CYS F 341 -13.45 32.78 41.86
C CYS F 341 -13.50 31.40 41.20
N LYS F 342 -12.41 31.03 40.54
CA LYS F 342 -12.39 29.80 39.75
C LYS F 342 -11.95 28.60 40.60
N ILE F 343 -12.63 27.47 40.41
CA ILE F 343 -12.37 26.25 41.18
C ILE F 343 -12.63 25.06 40.28
N MET F 344 -12.08 23.92 40.68
CA MET F 344 -12.46 22.64 40.11
C MET F 344 -12.95 21.76 41.23
N THR F 345 -13.82 20.82 40.87
CA THR F 345 -14.42 19.90 41.86
C THR F 345 -14.08 18.46 41.46
N SER F 346 -14.01 17.57 42.45
CA SER F 346 -13.66 16.16 42.20
C SER F 346 -14.01 15.31 43.42
N LYS F 347 -13.76 14.01 43.31
CA LYS F 347 -13.94 13.09 44.44
C LYS F 347 -12.61 12.33 44.63
N THR F 348 -11.53 12.79 43.99
CA THR F 348 -10.26 12.07 44.03
C THR F 348 -9.42 12.71 45.14
N ASP F 349 -9.55 12.14 46.34
CA ASP F 349 -8.83 12.69 47.51
C ASP F 349 -7.50 11.97 47.71
N VAL F 350 -6.53 12.33 46.89
CA VAL F 350 -5.17 11.82 46.98
C VAL F 350 -4.35 12.84 47.73
N SER F 351 -3.30 12.36 48.40
CA SER F 351 -2.44 13.22 49.20
C SER F 351 -1.28 13.76 48.38
N SER F 352 -0.82 14.95 48.76
CA SER F 352 0.26 15.62 48.07
C SER F 352 0.62 16.88 48.85
N SER F 353 1.70 17.52 48.44
CA SER F 353 2.11 18.78 49.00
C SER F 353 2.41 19.78 47.90
N VAL F 354 2.28 21.06 48.23
CA VAL F 354 2.69 22.16 47.37
C VAL F 354 3.71 22.98 48.15
N ILE F 355 4.95 23.01 47.68
CA ILE F 355 5.99 23.82 48.29
C ILE F 355 5.81 25.27 47.85
N THR F 356 5.62 26.17 48.81
CA THR F 356 5.35 27.57 48.53
C THR F 356 6.65 28.36 48.59
N SER F 357 6.54 29.69 48.51
CA SER F 357 7.72 30.55 48.66
C SER F 357 8.33 30.41 50.05
N LEU F 358 7.47 30.41 51.08
CA LEU F 358 7.94 30.45 52.47
C LEU F 358 7.48 29.27 53.32
N GLY F 359 6.89 28.24 52.70
CA GLY F 359 6.44 27.10 53.48
C GLY F 359 6.00 25.91 52.66
N ALA F 360 4.97 25.21 53.12
CA ALA F 360 4.45 24.04 52.42
C ALA F 360 2.98 23.85 52.78
N ILE F 361 2.15 23.69 51.77
CA ILE F 361 0.77 23.25 51.95
C ILE F 361 0.78 21.73 51.88
N VAL F 362 0.09 21.07 52.81
CA VAL F 362 0.00 19.62 52.82
C VAL F 362 -1.47 19.24 52.73
N SER F 363 -1.82 18.48 51.70
CA SER F 363 -3.15 17.88 51.54
C SER F 363 -3.00 16.41 51.93
N CYS F 364 -3.42 16.05 53.14
CA CYS F 364 -3.20 14.72 53.69
C CYS F 364 -4.54 14.00 53.81
N TYR F 365 -4.71 12.90 53.07
CA TYR F 365 -5.99 12.20 53.06
C TYR F 365 -5.77 10.70 53.19
N GLY F 366 -6.85 10.01 53.56
CA GLY F 366 -6.78 8.56 53.66
C GLY F 366 -5.82 8.11 54.74
N LYS F 367 -5.07 7.06 54.45
CA LYS F 367 -4.09 6.50 55.37
C LYS F 367 -2.68 7.01 55.12
N THR F 368 -2.53 8.07 54.32
CA THR F 368 -1.21 8.61 54.05
C THR F 368 -0.60 9.20 55.31
N LYS F 369 0.69 8.96 55.50
CA LYS F 369 1.42 9.52 56.63
C LYS F 369 2.12 10.78 56.14
N CYS F 370 1.86 11.90 56.81
CA CYS F 370 2.35 13.20 56.39
C CYS F 370 3.05 13.87 57.56
N THR F 371 4.30 14.27 57.36
CA THR F 371 5.10 14.87 58.42
C THR F 371 5.90 16.04 57.89
N ALA F 372 6.43 16.85 58.81
CA ALA F 372 7.42 17.87 58.53
C ALA F 372 8.62 17.64 59.44
N SER F 373 9.82 17.82 58.90
CA SER F 373 11.03 17.46 59.61
C SER F 373 12.03 18.60 59.61
N ASN F 374 12.93 18.53 60.57
CA ASN F 374 14.07 19.40 60.69
C ASN F 374 15.32 18.55 60.54
N LYS F 375 16.32 19.07 59.82
CA LYS F 375 17.48 18.25 59.48
C LYS F 375 18.18 17.70 60.71
N ASN F 376 18.14 18.41 61.84
CA ASN F 376 18.82 17.91 63.04
C ASN F 376 17.89 17.13 63.96
N ARG F 377 16.59 17.42 63.96
CA ARG F 377 15.66 16.83 64.91
C ARG F 377 14.86 15.67 64.36
N GLY F 378 14.84 15.47 63.04
CA GLY F 378 13.87 14.51 62.53
C GLY F 378 12.48 15.12 62.51
N ILE F 379 11.48 14.25 62.66
CA ILE F 379 10.08 14.64 62.56
C ILE F 379 9.72 15.58 63.70
N ILE F 380 9.24 16.77 63.36
CA ILE F 380 8.80 17.74 64.36
C ILE F 380 7.33 18.10 64.24
N LYS F 381 6.64 17.61 63.21
CA LYS F 381 5.20 17.81 63.09
C LYS F 381 4.62 16.63 62.35
N THR F 382 3.49 16.12 62.85
CA THR F 382 2.73 15.07 62.19
C THR F 382 1.37 15.65 61.84
N PHE F 383 1.04 15.65 60.55
CA PHE F 383 -0.22 16.20 60.12
C PHE F 383 -1.34 15.20 60.36
N SER F 384 -2.54 15.73 60.60
CA SER F 384 -3.75 14.94 60.55
C SER F 384 -4.35 15.05 59.15
N ASN F 385 -5.46 14.35 58.93
CA ASN F 385 -6.14 14.44 57.65
C ASN F 385 -6.78 15.82 57.48
N GLY F 386 -6.73 16.35 56.27
CA GLY F 386 -7.17 17.68 55.95
C GLY F 386 -6.10 18.41 55.17
N CYS F 387 -6.31 19.71 54.96
CA CYS F 387 -5.32 20.57 54.33
C CYS F 387 -4.72 21.48 55.39
N ASP F 388 -3.41 21.40 55.55
CA ASP F 388 -2.69 22.12 56.60
C ASP F 388 -1.48 22.81 55.99
N TYR F 389 -0.63 23.42 56.81
CA TYR F 389 0.47 24.23 56.32
C TYR F 389 1.53 24.34 57.40
N VAL F 390 2.79 24.40 56.96
CA VAL F 390 3.90 24.66 57.85
C VAL F 390 4.81 25.71 57.20
N SER F 391 5.37 26.57 58.05
CA SER F 391 6.36 27.55 57.65
C SER F 391 7.70 26.88 57.34
N ASN F 392 8.55 27.60 56.59
CA ASN F 392 9.91 27.11 56.35
C ASN F 392 10.87 27.48 57.47
N LYS F 393 10.39 28.16 58.50
CA LYS F 393 11.22 28.52 59.65
C LYS F 393 11.33 27.30 60.56
N GLY F 394 12.50 26.69 60.60
CA GLY F 394 12.73 25.49 61.39
C GLY F 394 12.43 24.19 60.67
N VAL F 395 11.74 24.24 59.53
CA VAL F 395 11.40 23.04 58.76
C VAL F 395 12.31 22.97 57.56
N ASP F 396 12.89 21.79 57.32
CA ASP F 396 13.75 21.57 56.17
C ASP F 396 13.11 20.71 55.10
N THR F 397 12.36 19.68 55.50
CA THR F 397 11.68 18.82 54.55
C THR F 397 10.28 18.55 55.05
N VAL F 398 9.44 18.11 54.12
CA VAL F 398 8.11 17.61 54.41
C VAL F 398 7.98 16.29 53.67
N SER F 399 7.29 15.32 54.27
CA SER F 399 7.07 14.03 53.64
C SER F 399 5.58 13.73 53.59
N VAL F 400 5.08 13.43 52.40
CA VAL F 400 3.70 13.04 52.19
C VAL F 400 3.75 11.69 51.50
N GLY F 401 3.36 10.64 52.21
CA GLY F 401 3.48 9.31 51.66
C GLY F 401 4.95 9.01 51.38
N ASN F 402 5.22 8.48 50.18
CA ASN F 402 6.57 8.10 49.81
C ASN F 402 7.35 9.23 49.13
N THR F 403 6.88 10.47 49.21
CA THR F 403 7.54 11.61 48.57
C THR F 403 8.06 12.57 49.63
N LEU F 404 9.39 12.73 49.70
CA LEU F 404 10.01 13.75 50.54
C LEU F 404 10.26 14.99 49.69
N TYR F 405 9.90 16.17 50.22
CA TYR F 405 10.13 17.41 49.50
C TYR F 405 11.05 18.27 50.35
N TYR F 406 12.00 18.99 49.73
CA TYR F 406 12.73 20.04 50.45
C TYR F 406 11.98 21.35 50.32
N VAL F 407 11.92 22.11 51.41
CA VAL F 407 11.24 23.40 51.38
C VAL F 407 12.24 24.46 50.96
N ASN F 408 11.75 25.55 50.37
CA ASN F 408 12.60 26.69 50.05
C ASN F 408 13.08 27.36 51.32
N LYS F 409 14.35 27.79 51.32
CA LYS F 409 14.93 28.41 52.51
C LYS F 409 15.12 29.92 52.37
N GLN F 410 14.38 30.58 51.49
CA GLN F 410 14.47 32.04 51.53
C GLN F 410 13.78 32.62 52.76
N GLU F 411 14.24 33.81 53.15
CA GLU F 411 13.84 34.47 54.38
C GLU F 411 12.55 35.26 54.17
N GLY F 412 11.78 35.40 55.24
CA GLY F 412 10.46 35.98 55.16
C GLY F 412 9.62 35.52 56.34
N LYS F 413 8.36 35.94 56.32
CA LYS F 413 7.43 35.66 57.42
C LYS F 413 6.13 35.08 56.89
N SER F 414 5.64 34.05 57.58
CA SER F 414 4.39 33.39 57.24
C SER F 414 3.32 33.67 58.31
N LEU F 415 2.09 33.88 57.86
CA LEU F 415 0.94 34.02 58.74
C LEU F 415 -0.09 32.94 58.40
N TYR F 416 -0.46 32.16 59.40
CA TYR F 416 -1.50 31.14 59.27
C TYR F 416 -2.86 31.78 59.52
N VAL F 417 -3.70 31.87 58.49
CA VAL F 417 -5.02 32.47 58.63
C VAL F 417 -6.02 31.33 58.82
N LYS F 418 -6.46 31.15 60.07
CA LYS F 418 -7.35 30.05 60.40
C LYS F 418 -8.76 30.33 59.91
N GLY F 419 -9.52 29.27 59.66
CA GLY F 419 -10.88 29.43 59.18
C GLY F 419 -11.48 28.10 58.80
N GLU F 420 -12.79 28.11 58.66
CA GLU F 420 -13.55 26.91 58.30
C GLU F 420 -13.24 26.45 56.89
N PRO F 421 -12.78 25.22 56.68
CA PRO F 421 -12.63 24.70 55.31
C PRO F 421 -13.95 24.78 54.56
N ILE F 422 -13.94 25.47 53.41
CA ILE F 422 -15.18 25.78 52.72
C ILE F 422 -15.85 24.53 52.15
N ILE F 423 -15.10 23.44 51.98
CA ILE F 423 -15.70 22.20 51.51
C ILE F 423 -16.77 21.68 52.48
N ASN F 424 -16.67 22.08 53.76
CA ASN F 424 -17.66 21.69 54.77
C ASN F 424 -19.02 22.37 54.55
N PHE F 425 -19.09 23.42 53.75
CA PHE F 425 -20.36 24.08 53.49
C PHE F 425 -21.21 23.35 52.47
N TYR F 426 -20.69 22.31 51.83
CA TYR F 426 -21.34 21.66 50.71
C TYR F 426 -21.98 20.35 51.15
N ASP F 427 -23.22 20.16 50.73
CA ASP F 427 -23.92 18.89 50.93
C ASP F 427 -23.43 17.89 49.90
N PRO F 428 -22.82 16.78 50.31
CA PRO F 428 -22.26 15.84 49.31
C PRO F 428 -23.30 15.21 48.38
N LEU F 429 -24.58 15.21 48.76
CA LEU F 429 -25.60 14.59 47.91
C LEU F 429 -25.95 15.45 46.69
N VAL F 430 -25.66 16.74 46.74
CA VAL F 430 -25.98 17.67 45.67
C VAL F 430 -24.73 18.23 45.01
N PHE F 431 -23.56 17.80 45.51
CA PHE F 431 -22.26 18.36 45.07
C PHE F 431 -21.93 18.06 43.61
N PRO F 432 -21.70 19.11 42.77
CA PRO F 432 -21.32 18.92 41.38
C PRO F 432 -19.85 18.51 41.26
N SER F 433 -19.58 17.22 41.18
CA SER F 433 -18.20 16.70 41.09
C SER F 433 -17.74 16.62 39.64
N ASP F 434 -16.46 16.31 39.42
CA ASP F 434 -15.88 16.24 38.06
C ASP F 434 -16.17 17.50 37.24
N GLU F 435 -15.89 18.68 37.79
CA GLU F 435 -16.00 19.93 37.01
C GLU F 435 -14.59 20.52 36.98
N PHE F 436 -13.99 20.65 35.80
CA PHE F 436 -12.60 21.16 35.66
C PHE F 436 -12.59 22.68 35.58
N ASP F 437 -13.36 23.26 34.66
CA ASP F 437 -13.28 24.71 34.47
C ASP F 437 -14.55 25.39 35.01
N ALA F 438 -14.68 25.34 36.32
CA ALA F 438 -15.86 25.90 36.95
C ALA F 438 -15.49 27.14 37.77
N SER F 439 -16.40 27.53 38.65
CA SER F 439 -16.28 28.73 39.48
C SER F 439 -17.25 28.57 40.64
N ILE F 440 -17.09 29.45 41.64
CA ILE F 440 -17.98 29.43 42.80
C ILE F 440 -19.43 29.60 42.36
N SER F 441 -19.68 30.51 41.41
CA SER F 441 -21.05 30.79 40.96
C SER F 441 -21.63 29.62 40.18
N GLN F 442 -20.85 29.04 39.26
CA GLN F 442 -21.35 27.92 38.48
C GLN F 442 -21.73 26.74 39.36
N VAL F 443 -20.88 26.42 40.33
CA VAL F 443 -21.19 25.33 41.25
C VAL F 443 -22.43 25.67 42.07
N ASN F 444 -22.54 26.91 42.55
CA ASN F 444 -23.70 27.32 43.33
C ASN F 444 -24.98 27.16 42.52
N GLU F 445 -24.93 27.46 41.22
CA GLU F 445 -26.14 27.42 40.39
C GLU F 445 -26.61 26.00 40.17
N LYS F 446 -25.68 25.06 39.94
CA LYS F 446 -26.08 23.66 39.81
C LYS F 446 -26.72 23.16 41.10
N ILE F 447 -26.27 23.67 42.25
CA ILE F 447 -26.81 23.23 43.54
C ILE F 447 -28.21 23.78 43.75
N ASN F 448 -28.34 25.11 43.65
CA ASN F 448 -29.63 25.76 43.46
C ASN F 448 -30.62 24.99 42.57
N GLN F 449 -30.20 24.56 41.38
CA GLN F 449 -31.19 23.90 40.53
C GLN F 449 -31.49 22.49 41.01
N SER F 450 -30.53 21.79 41.63
CA SER F 450 -30.83 20.48 42.20
C SER F 450 -31.77 20.60 43.39
N LEU F 451 -31.56 21.60 44.24
CA LEU F 451 -32.42 21.78 45.40
C LEU F 451 -33.81 22.28 45.00
N ALA F 452 -33.88 23.06 43.93
CA ALA F 452 -35.18 23.54 43.44
C ALA F 452 -36.03 22.39 42.95
N PHE F 453 -35.45 21.46 42.19
CA PHE F 453 -36.22 20.32 41.70
C PHE F 453 -36.74 19.48 42.85
N ILE F 454 -35.93 19.31 43.91
CA ILE F 454 -36.39 18.58 45.08
C ILE F 454 -37.53 19.32 45.77
N ARG F 455 -37.32 20.61 46.04
CA ARG F 455 -38.34 21.40 46.72
C ARG F 455 -39.63 21.40 45.92
N LYS F 456 -39.54 21.64 44.61
CA LYS F 456 -40.75 21.79 43.80
C LYS F 456 -41.50 20.47 43.71
N SER F 457 -40.78 19.34 43.65
CA SER F 457 -41.43 18.04 43.71
C SER F 457 -42.11 17.84 45.06
N ASP F 458 -41.46 18.28 46.14
CA ASP F 458 -42.06 18.21 47.46
C ASP F 458 -43.37 18.99 47.52
N GLU F 459 -43.37 20.21 46.99
CA GLU F 459 -44.55 21.06 47.06
C GLU F 459 -45.71 20.47 46.25
N LEU F 460 -45.40 19.85 45.11
CA LEU F 460 -46.46 19.28 44.29
C LEU F 460 -47.08 18.06 44.97
N LEU F 461 -46.25 17.19 45.54
CA LEU F 461 -46.77 15.98 46.15
C LEU F 461 -47.51 16.25 47.45
N SER F 462 -47.27 17.40 48.08
CA SER F 462 -48.06 17.79 49.24
C SER F 462 -49.29 18.59 48.86
N ALA F 463 -49.28 19.27 47.71
CA ALA F 463 -50.42 20.07 47.30
C ALA F 463 -51.51 19.22 46.66
N ILE F 464 -51.11 18.29 45.77
CA ILE F 464 -52.05 17.28 45.31
C ILE F 464 -52.56 16.53 46.54
N GLY F 465 -53.82 16.11 46.49
CA GLY F 465 -54.50 15.68 47.69
C GLY F 465 -55.30 16.76 48.37
N GLY F 466 -54.99 18.03 48.10
CA GLY F 466 -55.94 19.10 48.28
C GLY F 466 -56.94 19.21 47.15
N TYR F 467 -56.76 18.41 46.09
CA TYR F 467 -57.61 18.42 44.91
C TYR F 467 -58.40 17.11 44.85
N ILE F 468 -59.30 17.02 43.88
CA ILE F 468 -60.33 15.99 43.87
C ILE F 468 -59.99 14.96 42.80
N PRO F 469 -59.86 13.69 43.14
CA PRO F 469 -59.65 12.64 42.14
C PRO F 469 -60.87 12.48 41.25
N GLU F 470 -60.68 11.74 40.16
CA GLU F 470 -61.78 11.39 39.28
C GLU F 470 -62.83 10.57 40.01
N ALA F 471 -64.08 10.75 39.62
CA ALA F 471 -65.18 9.98 40.17
C ALA F 471 -65.20 8.61 39.52
N PRO F 472 -65.95 7.65 40.09
CA PRO F 472 -66.11 6.36 39.41
C PRO F 472 -66.66 6.54 38.00
N ARG F 473 -66.36 5.55 37.15
CA ARG F 473 -66.77 5.54 35.75
C ARG F 473 -67.68 4.33 35.54
N ASP F 474 -68.97 4.52 35.86
CA ASP F 474 -69.91 3.41 35.83
C ASP F 474 -71.27 3.83 35.29
N GLY F 475 -71.37 4.96 34.59
CA GLY F 475 -72.66 5.39 34.08
C GLY F 475 -73.57 6.00 35.10
N GLN F 476 -73.05 6.42 36.25
CA GLN F 476 -73.84 7.01 37.32
C GLN F 476 -73.29 8.38 37.69
N ALA F 477 -74.20 9.29 38.05
CA ALA F 477 -73.81 10.63 38.45
C ALA F 477 -73.35 10.65 39.91
N TYR F 478 -72.35 11.48 40.20
CA TYR F 478 -71.78 11.57 41.53
C TYR F 478 -71.75 13.02 41.99
N VAL F 479 -71.91 13.21 43.31
CA VAL F 479 -71.76 14.50 43.95
C VAL F 479 -70.68 14.38 45.02
N ARG F 480 -70.23 15.53 45.52
CA ARG F 480 -69.09 15.60 46.44
C ARG F 480 -69.58 15.83 47.86
N LYS F 481 -69.14 14.96 48.77
CA LYS F 481 -69.55 15.02 50.18
C LYS F 481 -68.44 14.46 51.05
N ASP F 482 -67.93 15.26 51.97
CA ASP F 482 -66.93 14.82 52.95
C ASP F 482 -65.74 14.16 52.26
N GLY F 483 -65.19 14.85 51.27
CA GLY F 483 -64.00 14.39 50.59
C GLY F 483 -64.16 13.07 49.86
N GLU F 484 -65.39 12.70 49.50
CA GLU F 484 -65.65 11.47 48.77
C GLU F 484 -66.72 11.74 47.72
N TRP F 485 -66.74 10.90 46.70
CA TRP F 485 -67.81 10.90 45.72
C TRP F 485 -68.96 10.03 46.24
N VAL F 486 -70.16 10.58 46.22
CA VAL F 486 -71.36 9.89 46.67
C VAL F 486 -72.37 9.90 45.53
N LEU F 487 -73.10 8.80 45.38
CA LEU F 487 -74.07 8.67 44.31
C LEU F 487 -75.15 9.75 44.43
N LEU F 488 -75.45 10.41 43.31
CA LEU F 488 -76.58 11.33 43.28
C LEU F 488 -77.90 10.60 43.49
N SER F 489 -77.99 9.34 43.08
CA SER F 489 -79.26 8.63 43.12
C SER F 489 -79.77 8.46 44.55
N THR F 490 -78.89 8.44 45.54
CA THR F 490 -79.36 8.26 46.91
C THR F 490 -80.12 9.48 47.43
N PHE F 491 -79.98 10.63 46.78
CA PHE F 491 -80.67 11.87 47.17
C PHE F 491 -81.95 12.12 46.40
N LEU F 492 -82.19 11.40 45.30
CA LEU F 492 -83.35 11.65 44.46
C LEU F 492 -84.61 11.10 45.13
N GLY F 493 -85.75 11.73 44.81
CA GLY F 493 -87.02 11.37 45.41
C GLY F 493 -87.31 12.03 46.73
N SER F 494 -86.37 12.78 47.28
CA SER F 494 -86.50 13.47 48.56
C SER F 494 -86.60 14.96 48.31
N LEU F 495 -87.53 15.61 48.98
CA LEU F 495 -87.64 17.07 48.98
C LEU F 495 -86.97 17.58 50.25
N GLU F 496 -85.76 18.13 50.09
CA GLU F 496 -84.99 18.64 51.22
C GLU F 496 -85.36 20.10 51.44
N VAL F 497 -86.05 20.37 52.53
CA VAL F 497 -86.58 21.71 52.82
C VAL F 497 -85.74 22.32 53.93
N LEU F 498 -84.96 23.34 53.57
CA LEU F 498 -84.21 24.12 54.56
C LEU F 498 -85.20 24.78 55.52
N PHE F 499 -85.21 24.32 56.76
CA PHE F 499 -86.23 24.72 57.74
C PHE F 499 -85.52 25.49 58.85
N GLN F 500 -85.79 26.79 58.92
CA GLN F 500 -85.07 27.67 59.83
C GLN F 500 -86.00 28.52 60.70
N ASN G 2 13.23 -10.88 33.17
CA ASN G 2 12.05 -11.71 32.94
C ASN G 2 10.78 -10.85 32.93
N ILE G 3 10.52 -10.24 31.78
CA ILE G 3 9.37 -9.34 31.62
C ILE G 3 8.19 -10.13 31.11
N THR G 4 7.03 -9.93 31.75
CA THR G 4 5.78 -10.53 31.29
C THR G 4 4.75 -9.43 31.09
N GLU G 5 3.78 -9.71 30.21
CA GLU G 5 2.74 -8.75 29.88
C GLU G 5 1.40 -9.47 29.79
N GLU G 6 0.37 -8.82 30.30
CA GLU G 6 -1.00 -9.31 30.22
C GLU G 6 -1.86 -8.24 29.55
N PHE G 7 -2.59 -8.62 28.51
CA PHE G 7 -3.58 -7.75 27.89
C PHE G 7 -4.97 -8.12 28.39
N TYR G 8 -5.67 -7.12 28.91
CA TYR G 8 -7.02 -7.31 29.43
C TYR G 8 -8.03 -6.82 28.39
N GLN G 9 -8.57 -7.76 27.63
CA GLN G 9 -9.55 -7.42 26.61
C GLN G 9 -10.75 -6.69 27.20
N SER G 10 -11.11 -6.98 28.44
CA SER G 10 -12.33 -6.40 29.01
C SER G 10 -12.19 -4.91 29.25
N THR G 11 -10.98 -4.40 29.45
CA THR G 11 -10.80 -2.99 29.77
C THR G 11 -9.82 -2.29 28.85
N CYS G 12 -9.44 -2.91 27.74
CA CYS G 12 -8.56 -2.31 26.75
C CYS G 12 -7.31 -1.75 27.42
N SER G 13 -6.63 -2.60 28.19
CA SER G 13 -5.45 -2.18 28.91
C SER G 13 -4.51 -3.37 29.04
N ALA G 14 -3.27 -3.07 29.46
CA ALA G 14 -2.23 -4.09 29.54
C ALA G 14 -1.23 -3.71 30.62
N VAL G 15 -0.78 -4.71 31.37
CA VAL G 15 0.23 -4.55 32.41
C VAL G 15 1.49 -5.28 31.99
N SER G 16 2.63 -4.60 32.08
CA SER G 16 3.94 -5.21 31.91
C SER G 16 4.61 -5.25 33.28
N LYS G 17 5.01 -6.43 33.73
CA LYS G 17 5.57 -6.58 35.06
C LYS G 17 6.90 -7.34 35.00
N GLY G 18 7.60 -7.35 36.13
CA GLY G 18 8.90 -7.96 36.24
C GLY G 18 10.06 -6.98 36.28
N TYR G 19 9.77 -5.67 36.28
CA TYR G 19 10.82 -4.67 36.36
C TYR G 19 11.24 -4.44 37.81
N LEU G 20 12.38 -3.79 37.99
CA LEU G 20 12.92 -3.47 39.31
C LEU G 20 13.14 -1.96 39.42
N SER G 21 12.92 -1.42 40.61
CA SER G 21 12.89 0.01 40.83
C SER G 21 14.29 0.60 41.08
N ALA G 22 14.43 1.88 40.71
CA ALA G 22 15.53 2.73 41.15
C ALA G 22 14.94 4.14 41.31
N LEU G 23 14.36 4.39 42.47
CA LEU G 23 13.57 5.60 42.70
C LEU G 23 14.41 6.68 43.35
N ARG G 24 14.43 7.88 42.76
CA ARG G 24 15.01 9.01 43.44
C ARG G 24 14.08 9.45 44.57
N THR G 25 14.57 9.33 45.80
CA THR G 25 13.80 9.67 46.99
C THR G 25 14.38 10.85 47.74
N GLY G 26 15.64 11.20 47.49
CA GLY G 26 16.29 12.28 48.20
C GLY G 26 17.34 12.95 47.33
N TRP G 27 18.14 13.82 47.93
CA TRP G 27 19.17 14.57 47.24
C TRP G 27 20.45 14.53 48.05
N TYR G 28 21.58 14.65 47.36
CA TYR G 28 22.89 14.74 47.99
C TYR G 28 23.62 15.91 47.37
N THR G 29 24.17 16.79 48.20
CA THR G 29 24.78 18.03 47.75
C THR G 29 26.26 18.02 48.07
N SER G 30 27.08 18.36 47.08
CA SER G 30 28.51 18.53 47.24
C SER G 30 28.92 19.85 46.63
N VAL G 31 30.06 20.36 47.07
CA VAL G 31 30.58 21.64 46.60
C VAL G 31 31.82 21.37 45.76
N ILE G 32 31.77 21.75 44.49
CA ILE G 32 32.92 21.66 43.59
C ILE G 32 33.56 23.04 43.52
N THR G 33 34.89 23.08 43.68
CA THR G 33 35.61 24.34 43.65
C THR G 33 36.69 24.31 42.56
N ILE G 34 37.01 25.50 42.08
CA ILE G 34 38.17 25.74 41.23
C ILE G 34 38.91 26.93 41.80
N GLU G 35 40.22 26.81 41.91
CA GLU G 35 41.05 27.80 42.56
C GLU G 35 41.62 28.73 41.49
N LEU G 36 41.33 30.03 41.61
CA LEU G 36 41.57 31.00 40.55
C LEU G 36 42.77 31.88 40.87
N SER G 37 43.33 32.49 39.82
CA SER G 37 44.40 33.46 39.99
C SER G 37 43.82 34.87 40.02
N ASN G 38 44.43 35.72 40.86
CA ASN G 38 43.95 37.10 40.99
C ASN G 38 44.37 37.97 39.82
N ILE G 39 45.50 37.66 39.16
CA ILE G 39 45.99 38.53 38.10
C ILE G 39 44.97 38.54 36.95
N LYS G 40 44.85 39.69 36.30
CA LYS G 40 44.02 39.80 35.11
C LYS G 40 44.63 40.74 34.07
N GLU G 41 45.93 41.01 34.17
CA GLU G 41 46.63 41.81 33.18
C GLU G 41 48.08 41.33 33.08
N ILE G 42 48.66 41.47 31.90
CA ILE G 42 50.06 41.12 31.67
C ILE G 42 50.80 42.46 31.49
N LYS G 43 51.68 42.78 32.45
CA LYS G 43 52.34 44.09 32.45
C LYS G 43 53.10 44.29 31.16
N CYS G 44 53.63 43.19 30.64
CA CYS G 44 54.50 43.17 29.48
C CYS G 44 53.80 43.71 28.24
N ASN G 45 54.51 44.55 27.50
CA ASN G 45 54.08 45.00 26.17
C ASN G 45 55.22 44.78 25.20
N GLY G 46 54.90 44.19 24.05
CA GLY G 46 55.93 43.89 23.06
C GLY G 46 55.32 43.40 21.77
N THR G 47 56.15 42.75 20.95
CA THR G 47 55.73 42.39 19.60
C THR G 47 55.61 40.89 19.37
N ASP G 48 55.99 40.05 20.35
CA ASP G 48 55.99 38.60 20.14
C ASP G 48 54.57 38.09 19.89
N ALA G 49 54.44 37.23 18.88
CA ALA G 49 53.13 36.65 18.57
C ALA G 49 52.69 35.69 19.67
N LYS G 50 53.65 34.99 20.29
CA LYS G 50 53.30 33.98 21.28
C LYS G 50 52.67 34.59 22.53
N VAL G 51 53.20 35.73 22.99
CA VAL G 51 52.60 36.37 24.16
C VAL G 51 51.26 37.01 23.79
N LYS G 52 51.13 37.57 22.58
CA LYS G 52 49.82 38.04 22.17
C LYS G 52 48.79 36.91 22.14
N LEU G 53 49.24 35.67 21.91
CA LEU G 53 48.31 34.55 22.06
C LEU G 53 48.02 34.28 23.53
N ILE G 54 49.06 34.21 24.37
CA ILE G 54 48.88 34.22 25.83
C ILE G 54 47.91 35.32 26.27
N LYS G 55 48.13 36.56 25.81
CA LYS G 55 47.26 37.66 26.24
C LYS G 55 45.81 37.38 25.89
N GLN G 56 45.57 36.79 24.71
CA GLN G 56 44.20 36.47 24.32
C GLN G 56 43.59 35.44 25.25
N GLU G 57 44.39 34.47 25.70
CA GLU G 57 43.83 33.41 26.55
C GLU G 57 43.53 33.91 27.96
N LEU G 58 44.38 34.79 28.52
CA LEU G 58 43.95 35.45 29.76
C LEU G 58 42.69 36.27 29.55
N ASP G 59 42.59 36.98 28.42
CA ASP G 59 41.42 37.81 28.22
C ASP G 59 40.14 36.97 28.28
N LYS G 60 40.21 35.73 27.79
CA LYS G 60 39.07 34.83 27.94
C LYS G 60 38.91 34.38 29.39
N TYR G 61 40.02 34.12 30.08
CA TYR G 61 39.97 33.74 31.49
C TYR G 61 39.29 34.84 32.31
N LYS G 62 39.69 36.09 32.10
CA LYS G 62 39.15 37.18 32.90
C LYS G 62 37.73 37.56 32.48
N ASN G 63 37.37 37.37 31.20
CA ASN G 63 35.99 37.58 30.80
C ASN G 63 35.08 36.52 31.42
N ALA G 64 35.58 35.29 31.56
CA ALA G 64 34.79 34.25 32.21
C ALA G 64 34.61 34.55 33.69
N VAL G 65 35.67 35.03 34.35
CA VAL G 65 35.56 35.44 35.75
C VAL G 65 34.51 36.53 35.90
N THR G 66 34.55 37.53 35.02
CA THR G 66 33.58 38.62 35.09
C THR G 66 32.16 38.11 34.88
N GLU G 67 31.96 37.18 33.93
CA GLU G 67 30.62 36.64 33.71
C GLU G 67 30.13 35.89 34.95
N LEU G 68 31.02 35.12 35.59
CA LEU G 68 30.63 34.33 36.74
C LEU G 68 30.27 35.23 37.92
N GLN G 69 30.93 36.38 38.05
CA GLN G 69 30.62 37.28 39.14
C GLN G 69 29.16 37.75 39.09
N LEU G 70 28.62 37.98 37.88
CA LEU G 70 27.21 38.34 37.78
C LEU G 70 26.31 37.19 38.18
N LEU G 71 26.65 35.96 37.80
CA LEU G 71 25.81 34.84 38.21
C LEU G 71 25.89 34.57 39.71
N MET G 72 26.94 35.03 40.38
CA MET G 72 26.98 34.95 41.84
C MET G 72 25.97 35.91 42.46
N GLN G 73 25.92 37.14 41.96
CA GLN G 73 25.06 38.16 42.54
C GLN G 73 23.59 37.79 42.43
N SER G 74 23.23 36.99 41.44
CA SER G 74 21.85 36.67 41.13
C SER G 74 21.45 35.31 41.74
N THR G 75 20.14 35.03 41.73
CA THR G 75 19.58 33.94 42.54
C THR G 75 19.25 32.73 41.68
N PRO G 76 19.88 31.57 41.93
CA PRO G 76 19.59 30.34 41.17
C PRO G 76 18.14 29.89 41.29
N PHE G 85 -2.50 10.88 31.92
CA PHE G 85 -3.71 11.65 32.16
C PHE G 85 -3.77 12.30 33.55
N LEU G 86 -3.17 11.67 34.57
CA LEU G 86 -3.40 12.09 35.94
C LEU G 86 -2.30 12.98 36.50
N GLY G 87 -1.49 13.59 35.61
CA GLY G 87 -0.42 14.47 36.04
C GLY G 87 -0.90 15.67 36.82
N PHE G 88 -2.13 16.14 36.54
CA PHE G 88 -2.68 17.27 37.27
C PHE G 88 -2.93 16.96 38.74
N LEU G 89 -3.06 15.69 39.12
CA LEU G 89 -3.25 15.33 40.51
C LEU G 89 -1.98 15.43 41.36
N LEU G 90 -0.82 15.65 40.73
CA LEU G 90 0.43 15.65 41.45
C LEU G 90 0.60 16.92 42.27
N GLY G 91 1.41 16.82 43.32
CA GLY G 91 1.84 17.99 44.06
C GLY G 91 2.87 18.80 43.27
N VAL G 92 3.39 19.82 43.95
CA VAL G 92 4.32 20.77 43.34
C VAL G 92 5.55 20.88 44.24
N GLY G 93 6.71 20.47 43.73
CA GLY G 93 7.95 20.55 44.46
C GLY G 93 8.81 21.75 44.07
N SER G 94 9.96 21.84 44.73
CA SER G 94 10.97 22.87 44.44
C SER G 94 12.28 22.13 44.24
N ALA G 95 12.59 21.78 42.98
CA ALA G 95 13.55 20.72 42.70
C ALA G 95 14.97 21.06 43.13
N ILE G 96 15.35 22.33 43.16
CA ILE G 96 16.70 22.70 43.59
C ILE G 96 16.71 23.41 44.94
N ALA G 97 15.66 23.24 45.75
CA ALA G 97 15.66 23.87 47.07
C ALA G 97 16.79 23.35 47.95
N SER G 98 17.10 22.05 47.86
CA SER G 98 18.20 21.51 48.66
C SER G 98 19.53 22.13 48.26
N GLY G 99 19.82 22.17 46.95
CA GLY G 99 21.08 22.73 46.50
C GLY G 99 21.16 24.24 46.66
N VAL G 100 20.04 24.94 46.47
CA VAL G 100 20.04 26.38 46.65
C VAL G 100 20.30 26.75 48.11
N ALA G 101 19.79 25.93 49.03
CA ALA G 101 20.03 26.19 50.45
C ALA G 101 21.52 26.10 50.76
N VAL G 102 22.22 25.14 50.14
CA VAL G 102 23.66 25.04 50.32
C VAL G 102 24.36 26.22 49.66
N SER G 103 23.92 26.61 48.47
CA SER G 103 24.57 27.73 47.79
C SER G 103 24.37 29.03 48.56
N LYS G 104 23.20 29.19 49.20
CA LYS G 104 22.95 30.37 50.03
C LYS G 104 23.91 30.43 51.22
N VAL G 105 24.23 29.27 51.82
CA VAL G 105 25.17 29.26 52.94
C VAL G 105 26.56 29.67 52.48
N LEU G 106 26.96 29.27 51.27
CA LEU G 106 28.28 29.63 50.76
C LEU G 106 28.42 31.13 50.53
N HIS G 107 27.29 31.83 50.34
CA HIS G 107 27.33 33.29 50.20
C HIS G 107 27.68 33.98 51.51
N LEU G 108 27.54 33.28 52.64
CA LEU G 108 27.77 33.90 53.93
C LEU G 108 29.26 34.19 54.16
N GLU G 109 29.51 35.20 54.99
CA GLU G 109 30.85 35.76 55.21
C GLU G 109 31.65 34.82 56.10
N GLY G 110 32.81 34.39 55.61
CA GLY G 110 33.66 33.45 56.33
C GLY G 110 33.63 32.03 55.79
N GLU G 111 32.66 31.69 54.95
CA GLU G 111 32.46 30.31 54.55
C GLU G 111 33.49 29.86 53.51
N VAL G 112 33.90 30.77 52.62
CA VAL G 112 34.87 30.36 51.61
C VAL G 112 36.25 30.16 52.22
N ASN G 113 36.57 30.88 53.30
CA ASN G 113 37.83 30.64 53.99
C ASN G 113 37.89 29.22 54.54
N LYS G 114 36.76 28.74 55.10
CA LYS G 114 36.71 27.43 55.71
C LYS G 114 37.03 26.33 54.70
N ILE G 115 36.44 26.46 53.51
CA ILE G 115 36.62 25.44 52.48
C ILE G 115 38.02 25.54 51.85
N LYS G 116 38.60 26.74 51.78
CA LYS G 116 39.98 26.87 51.30
C LYS G 116 40.95 26.15 52.24
N SER G 117 40.83 26.42 53.54
CA SER G 117 41.71 25.79 54.52
C SER G 117 41.61 24.27 54.45
N ALA G 118 40.41 23.74 54.24
CA ALA G 118 40.25 22.29 54.16
C ALA G 118 40.84 21.72 52.88
N LEU G 119 40.95 22.53 51.83
CA LEU G 119 41.44 22.06 50.55
C LEU G 119 42.87 22.53 50.24
N LEU G 120 43.57 23.10 51.22
CA LEU G 120 44.99 23.40 51.04
C LEU G 120 45.81 22.12 51.02
N SER G 121 45.55 21.21 51.98
CA SER G 121 46.32 19.99 52.11
C SER G 121 45.84 18.91 51.14
N THR G 122 44.52 18.78 50.97
CA THR G 122 43.91 17.74 50.15
C THR G 122 43.01 18.38 49.10
N ASN G 123 42.84 17.69 47.97
CA ASN G 123 41.92 18.16 46.94
C ASN G 123 40.48 17.72 47.18
N LYS G 124 40.21 17.12 48.33
CA LYS G 124 38.89 16.61 48.65
C LYS G 124 38.79 16.43 50.16
N ALA G 125 37.76 17.00 50.76
CA ALA G 125 37.61 17.00 52.20
C ALA G 125 36.18 17.38 52.57
N VAL G 126 35.83 17.13 53.83
CA VAL G 126 34.48 17.37 54.36
C VAL G 126 34.53 18.59 55.26
N VAL G 127 33.63 19.54 55.02
CA VAL G 127 33.61 20.82 55.72
C VAL G 127 32.27 20.97 56.43
N SER G 128 32.31 21.42 57.68
CA SER G 128 31.10 21.75 58.42
C SER G 128 30.90 23.26 58.31
N LEU G 129 29.86 23.67 57.59
CA LEU G 129 29.56 25.07 57.35
C LEU G 129 28.85 25.65 58.57
N SER G 130 28.19 26.80 58.42
CA SER G 130 27.54 27.41 59.58
C SER G 130 26.29 26.64 60.00
N ASN G 131 25.57 26.06 59.04
CA ASN G 131 24.33 25.36 59.36
C ASN G 131 24.56 23.96 59.93
N GLY G 132 25.82 23.50 60.04
CA GLY G 132 26.10 22.19 60.57
C GLY G 132 25.91 21.02 59.61
N VAL G 133 25.64 21.29 58.33
CA VAL G 133 25.51 20.23 57.32
C VAL G 133 26.91 19.90 56.81
N SER G 134 27.38 18.68 57.06
CA SER G 134 28.67 18.30 56.50
C SER G 134 28.50 18.07 55.01
N VAL G 135 29.11 18.92 54.19
CA VAL G 135 29.12 18.74 52.74
C VAL G 135 30.53 18.40 52.30
N LEU G 136 30.63 17.36 51.47
CA LEU G 136 31.88 17.03 50.80
C LEU G 136 32.28 18.14 49.84
N THR G 137 33.56 18.51 49.88
CA THR G 137 34.10 19.57 49.04
C THR G 137 35.30 19.06 48.27
N SER G 138 35.38 19.43 46.99
CA SER G 138 36.42 18.96 46.09
C SER G 138 37.05 20.14 45.37
N LYS G 139 38.32 19.98 44.99
CA LYS G 139 39.01 20.92 44.12
C LYS G 139 39.43 20.15 42.87
N VAL G 140 38.86 20.51 41.72
CA VAL G 140 39.07 19.76 40.48
C VAL G 140 39.97 20.48 39.50
N LEU G 141 40.37 21.71 39.80
CA LEU G 141 41.25 22.44 38.90
C LEU G 141 41.90 23.57 39.67
N ASP G 142 43.20 23.79 39.42
CA ASP G 142 43.98 24.82 40.09
C ASP G 142 44.64 25.69 39.02
N LEU G 143 43.95 26.77 38.65
CA LEU G 143 44.50 27.84 37.84
C LEU G 143 45.29 28.89 38.62
N LYS G 144 45.11 28.98 39.93
CA LYS G 144 46.06 29.81 40.67
C LYS G 144 47.48 29.25 40.57
N ASN G 145 47.61 27.92 40.65
CA ASN G 145 48.92 27.30 40.51
C ASN G 145 49.47 27.46 39.10
N TYR G 146 48.65 27.15 38.08
CA TYR G 146 49.17 27.16 36.71
C TYR G 146 49.60 28.56 36.29
N ILE G 147 48.71 29.55 36.44
CA ILE G 147 49.03 30.88 35.93
C ILE G 147 50.15 31.52 36.73
N ASP G 148 50.08 31.44 38.06
CA ASP G 148 51.06 32.16 38.89
C ASP G 148 52.40 31.46 38.96
N LYS G 149 52.43 30.12 38.94
CA LYS G 149 53.69 29.41 39.19
C LYS G 149 54.28 28.76 37.94
N GLN G 150 53.46 28.38 36.96
CA GLN G 150 53.96 27.69 35.78
C GLN G 150 53.95 28.53 34.50
N LEU G 151 53.16 29.60 34.44
CA LEU G 151 53.05 30.43 33.25
C LEU G 151 53.73 31.79 33.41
N LEU G 152 53.40 32.52 34.48
CA LEU G 152 53.97 33.84 34.69
C LEU G 152 55.50 33.85 34.78
N PRO G 153 56.17 32.87 35.39
CA PRO G 153 57.65 32.89 35.36
C PRO G 153 58.24 32.80 33.96
N ILE G 154 57.51 32.24 33.00
CA ILE G 154 58.10 31.98 31.68
C ILE G 154 58.20 33.26 30.86
N VAL G 155 57.26 34.20 31.05
CA VAL G 155 57.34 35.46 30.32
C VAL G 155 58.64 36.19 30.66
N ASN G 156 59.20 36.90 29.68
CA ASN G 156 60.58 37.36 29.75
C ASN G 156 60.72 38.77 30.35
N LYS G 157 59.62 39.51 30.42
CA LYS G 157 59.62 40.98 30.61
C LYS G 157 60.44 41.83 29.63
N GLN G 158 61.75 41.60 29.54
CA GLN G 158 62.60 42.53 28.77
C GLN G 158 62.16 42.62 27.32
N SER G 159 61.85 41.47 26.69
CA SER G 159 61.50 41.45 25.27
C SER G 159 60.03 41.15 25.00
N CYS G 160 59.28 40.87 26.06
CA CYS G 160 57.85 40.60 26.02
C CYS G 160 57.58 39.36 25.15
N SER G 161 58.18 38.24 25.56
CA SER G 161 58.13 37.03 24.74
C SER G 161 58.22 35.78 25.62
N ILE G 162 57.76 34.67 25.05
CA ILE G 162 57.96 33.33 25.60
C ILE G 162 58.69 32.51 24.53
N PRO G 163 59.57 31.58 24.90
CA PRO G 163 60.35 30.85 23.90
C PRO G 163 59.67 29.63 23.30
N ASN G 164 58.52 29.19 23.83
CA ASN G 164 57.96 27.89 23.48
C ASN G 164 56.47 28.02 23.20
N ILE G 165 56.07 27.63 21.99
CA ILE G 165 54.65 27.58 21.63
C ILE G 165 53.88 26.62 22.51
N GLU G 166 54.55 25.64 23.12
CA GLU G 166 53.87 24.61 23.89
C GLU G 166 53.18 25.19 25.13
N THR G 167 53.67 26.31 25.64
CA THR G 167 52.97 26.97 26.75
C THR G 167 51.63 27.54 26.29
N VAL G 168 51.56 28.01 25.04
CA VAL G 168 50.30 28.51 24.49
C VAL G 168 49.25 27.40 24.45
N ILE G 169 49.67 26.17 24.19
CA ILE G 169 48.71 25.07 24.10
C ILE G 169 48.35 24.54 25.48
N GLU G 170 49.34 24.39 26.36
CA GLU G 170 49.03 23.96 27.73
C GLU G 170 48.10 24.93 28.44
N PHE G 171 48.24 26.23 28.15
CA PHE G 171 47.35 27.23 28.73
C PHE G 171 45.91 27.01 28.26
N GLN G 172 45.71 26.75 26.96
CA GLN G 172 44.37 26.46 26.46
C GLN G 172 43.78 25.22 27.11
N GLN G 173 44.60 24.17 27.27
CA GLN G 173 44.10 22.93 27.87
C GLN G 173 43.69 23.13 29.32
N LYS G 174 44.42 23.97 30.06
CA LYS G 174 44.05 24.25 31.44
C LYS G 174 42.89 25.24 31.53
N ASN G 175 42.81 26.17 30.59
CA ASN G 175 41.74 27.15 30.57
C ASN G 175 40.41 26.59 30.09
N ASN G 176 40.42 25.47 29.37
CA ASN G 176 39.23 25.06 28.62
C ASN G 176 38.07 24.73 29.54
N ARG G 177 38.31 23.91 30.57
CA ARG G 177 37.21 23.45 31.42
C ARG G 177 36.50 24.61 32.09
N LEU G 178 37.26 25.60 32.58
CA LEU G 178 36.63 26.78 33.18
C LEU G 178 35.80 27.55 32.15
N LEU G 179 36.30 27.69 30.93
CA LEU G 179 35.55 28.42 29.91
C LEU G 179 34.26 27.70 29.55
N GLU G 180 34.30 26.36 29.50
CA GLU G 180 33.10 25.61 29.16
C GLU G 180 32.10 25.59 30.30
N ILE G 181 32.58 25.56 31.54
CA ILE G 181 31.70 25.69 32.70
C ILE G 181 30.98 27.03 32.68
N THR G 182 31.71 28.10 32.33
CA THR G 182 31.13 29.42 32.28
C THR G 182 30.08 29.52 31.18
N ARG G 183 30.36 28.96 30.00
CA ARG G 183 29.40 29.01 28.91
C ARG G 183 28.09 28.32 29.28
N GLU G 184 28.19 27.15 29.94
CA GLU G 184 26.99 26.40 30.31
C GLU G 184 26.14 27.15 31.33
N PHE G 185 26.78 27.72 32.37
CA PHE G 185 26.09 28.58 33.31
C PHE G 185 25.47 29.80 32.63
N SER G 186 26.15 30.37 31.63
CA SER G 186 25.68 31.63 31.06
C SER G 186 24.39 31.46 30.26
N VAL G 187 24.14 30.29 29.69
CA VAL G 187 22.92 30.06 28.92
C VAL G 187 21.87 29.33 29.72
N ASN G 188 22.09 29.13 31.02
CA ASN G 188 21.15 28.39 31.86
C ASN G 188 20.86 29.10 33.17
N ALA G 189 21.11 30.42 33.23
CA ALA G 189 20.87 31.22 34.43
C ALA G 189 21.50 30.60 35.68
N GLY G 190 22.68 30.00 35.51
CA GLY G 190 23.43 29.49 36.63
C GLY G 190 22.99 28.13 37.15
N VAL G 191 22.05 27.47 36.49
CA VAL G 191 21.56 26.16 36.91
C VAL G 191 21.45 25.27 35.67
N THR G 192 22.21 24.18 35.63
CA THR G 192 22.22 23.28 34.49
C THR G 192 21.70 21.91 34.91
N THR G 193 21.09 21.21 33.95
CA THR G 193 20.75 19.81 34.08
C THR G 193 20.45 19.27 32.69
N PRO G 194 20.95 18.07 32.32
CA PRO G 194 21.89 17.21 33.04
C PRO G 194 23.24 17.88 33.34
N VAL G 195 23.99 17.28 34.26
CA VAL G 195 25.29 17.81 34.64
C VAL G 195 26.33 17.31 33.65
N SER G 196 27.01 18.23 32.97
CA SER G 196 27.95 17.87 31.92
C SER G 196 29.24 17.30 32.49
N THR G 197 30.01 16.65 31.61
CA THR G 197 31.34 16.18 32.01
C THR G 197 32.27 17.34 32.33
N TYR G 198 31.93 18.56 31.91
CA TYR G 198 32.73 19.72 32.31
C TYR G 198 32.48 20.10 33.76
N MET G 199 31.23 20.00 34.22
CA MET G 199 30.94 20.26 35.63
C MET G 199 31.53 19.16 36.51
N LEU G 200 31.44 17.92 36.06
CA LEU G 200 31.87 16.78 36.88
C LEU G 200 32.21 15.64 35.92
N THR G 201 33.47 15.20 35.96
CA THR G 201 33.88 14.08 35.12
C THR G 201 33.38 12.76 35.68
N ASN G 202 33.26 11.78 34.78
CA ASN G 202 33.18 10.37 35.18
C ASN G 202 34.02 9.95 36.38
N SER G 203 35.34 10.20 36.39
CA SER G 203 36.08 9.79 37.56
C SER G 203 35.62 10.57 38.79
N GLU G 204 35.40 11.87 38.65
CA GLU G 204 34.95 12.69 39.77
C GLU G 204 33.57 12.25 40.25
N LEU G 205 32.64 12.03 39.33
CA LEU G 205 31.31 11.55 39.71
C LEU G 205 31.39 10.16 40.33
N LEU G 206 32.23 9.29 39.77
CA LEU G 206 32.35 7.94 40.30
C LEU G 206 33.01 7.93 41.68
N SER G 207 34.04 8.76 41.87
CA SER G 207 34.67 8.83 43.18
C SER G 207 33.81 9.57 44.19
N LEU G 208 33.01 10.54 43.73
CA LEU G 208 32.02 11.17 44.59
C LEU G 208 31.01 10.15 45.08
N ILE G 209 30.51 9.30 44.16
CA ILE G 209 29.57 8.25 44.52
C ILE G 209 30.19 7.31 45.57
N ASN G 210 31.47 6.98 45.40
CA ASN G 210 32.15 6.09 46.33
C ASN G 210 32.27 6.67 47.72
N ASP G 211 32.12 7.99 47.88
CA ASP G 211 32.23 8.64 49.18
C ASP G 211 30.88 9.10 49.73
N MET G 212 29.79 8.88 49.01
CA MET G 212 28.48 9.25 49.54
C MET G 212 28.08 8.29 50.65
N PRO G 213 27.54 8.81 51.75
CA PRO G 213 27.03 7.91 52.81
C PRO G 213 25.76 7.20 52.37
N ILE G 214 25.91 6.13 51.59
CA ILE G 214 24.80 5.29 51.17
C ILE G 214 25.28 3.83 51.23
N THR G 215 24.35 2.92 50.92
CA THR G 215 24.66 1.50 50.91
C THR G 215 25.47 1.12 49.69
N ASN G 216 26.24 0.04 49.83
CA ASN G 216 27.05 -0.44 48.71
C ASN G 216 26.20 -0.82 47.51
N ASP G 217 25.00 -1.37 47.74
CA ASP G 217 24.11 -1.69 46.63
C ASP G 217 23.65 -0.43 45.90
N GLN G 218 23.47 0.67 46.64
CA GLN G 218 23.12 1.94 46.01
C GLN G 218 24.31 2.52 45.26
N LYS G 219 25.53 2.32 45.79
CA LYS G 219 26.73 2.73 45.07
C LYS G 219 26.92 1.92 43.80
N LYS G 220 26.73 0.60 43.89
CA LYS G 220 26.84 -0.26 42.71
C LYS G 220 25.83 0.17 41.64
N LEU G 221 24.57 0.33 42.04
CA LEU G 221 23.49 0.65 41.10
C LEU G 221 23.82 1.95 40.35
N MET G 222 24.17 2.99 41.10
CA MET G 222 24.50 4.30 40.55
C MET G 222 25.75 4.26 39.68
N SER G 223 26.81 3.59 40.12
CA SER G 223 28.03 3.58 39.33
C SER G 223 27.82 2.90 37.99
N ASN G 224 26.92 1.92 37.93
CA ASN G 224 26.60 1.23 36.68
C ASN G 224 25.56 1.96 35.84
N ASN G 225 25.15 3.15 36.28
CA ASN G 225 24.15 3.94 35.56
C ASN G 225 24.46 5.42 35.71
N VAL G 226 25.73 5.80 35.55
CA VAL G 226 26.14 7.19 35.78
C VAL G 226 25.48 8.11 34.77
N GLN G 227 25.18 7.61 33.58
CA GLN G 227 24.49 8.44 32.60
C GLN G 227 23.08 8.77 33.05
N ILE G 228 22.45 7.87 33.82
CA ILE G 228 21.14 8.19 34.39
C ILE G 228 21.29 9.14 35.57
N VAL G 229 22.29 8.91 36.43
CA VAL G 229 22.55 9.82 37.53
C VAL G 229 22.76 11.23 37.01
N ARG G 230 23.44 11.36 35.87
CA ARG G 230 23.72 12.68 35.31
C ARG G 230 22.45 13.41 34.88
N GLN G 231 21.54 12.74 34.16
CA GLN G 231 20.35 13.48 33.73
C GLN G 231 19.43 13.86 34.86
N GLN G 232 19.55 13.25 36.03
CA GLN G 232 18.73 13.61 37.18
C GLN G 232 19.42 14.56 38.13
N SER G 233 20.67 14.93 37.86
CA SER G 233 21.45 15.80 38.73
C SER G 233 21.39 17.25 38.26
N TYR G 234 21.68 18.17 39.20
CA TYR G 234 21.76 19.59 38.91
C TYR G 234 23.13 20.12 39.30
N SER G 235 23.58 21.13 38.56
CA SER G 235 24.75 21.92 38.93
C SER G 235 24.32 23.36 39.11
N ILE G 236 24.62 23.94 40.27
CA ILE G 236 24.12 25.23 40.68
C ILE G 236 25.30 26.17 40.91
N MET G 237 25.39 27.23 40.10
CA MET G 237 26.42 28.24 40.29
C MET G 237 26.21 28.96 41.61
N SER G 238 27.26 29.01 42.43
CA SER G 238 27.12 29.61 43.75
C SER G 238 27.92 30.90 43.90
N ILE G 239 29.24 30.79 44.08
CA ILE G 239 30.04 31.97 44.39
C ILE G 239 31.36 31.93 43.62
N ILE G 240 31.94 33.13 43.46
CA ILE G 240 33.28 33.30 42.95
C ILE G 240 33.86 34.49 43.70
N LYS G 241 34.80 34.23 44.59
CA LYS G 241 35.41 35.27 45.42
C LYS G 241 36.63 34.68 46.10
N GLU G 242 37.57 35.54 46.46
CA GLU G 242 38.79 35.14 47.15
C GLU G 242 39.49 34.00 46.42
N GLU G 243 39.71 34.20 45.12
CA GLU G 243 40.40 33.26 44.24
C GLU G 243 39.84 31.83 44.34
N VAL G 244 38.52 31.71 44.55
CA VAL G 244 37.82 30.42 44.56
C VAL G 244 36.51 30.56 43.78
N LEU G 245 36.31 29.65 42.82
CA LEU G 245 35.01 29.48 42.18
C LEU G 245 34.35 28.26 42.77
N ALA G 246 33.11 28.40 43.25
CA ALA G 246 32.42 27.32 43.95
C ALA G 246 31.01 27.15 43.38
N TYR G 247 30.70 25.93 42.95
CA TYR G 247 29.35 25.59 42.56
C TYR G 247 28.94 24.29 43.26
N VAL G 248 27.64 24.08 43.34
CA VAL G 248 27.04 22.98 44.10
C VAL G 248 26.45 21.97 43.13
N VAL G 249 26.84 20.71 43.29
CA VAL G 249 26.25 19.60 42.53
C VAL G 249 25.21 18.92 43.42
N GLN G 250 23.99 18.80 42.91
CA GLN G 250 22.88 18.17 43.61
C GLN G 250 22.62 16.83 42.91
N LEU G 251 22.96 15.74 43.58
CA LEU G 251 22.87 14.43 42.97
C LEU G 251 21.69 13.64 43.53
N PRO G 252 21.09 12.75 42.74
CA PRO G 252 19.95 11.97 43.24
C PRO G 252 20.36 10.93 44.26
N LEU G 253 19.52 10.76 45.27
CA LEU G 253 19.65 9.68 46.24
C LEU G 253 18.58 8.65 45.92
N TYR G 254 19.01 7.46 45.50
CA TYR G 254 18.08 6.36 45.23
C TYR G 254 17.90 5.58 46.52
N GLY G 255 16.89 5.98 47.30
CA GLY G 255 16.61 5.35 48.58
C GLY G 255 15.73 4.13 48.50
N VAL G 256 15.06 3.91 47.37
CA VAL G 256 14.19 2.75 47.19
C VAL G 256 14.61 2.05 45.91
N ILE G 257 14.94 0.78 46.03
CA ILE G 257 15.73 0.07 45.01
C ILE G 257 15.41 -1.42 45.05
N ASP G 258 15.38 -2.04 43.87
CA ASP G 258 15.12 -3.46 43.68
C ASP G 258 13.72 -3.86 44.11
N THR G 259 12.82 -2.92 44.22
CA THR G 259 11.44 -3.32 44.45
C THR G 259 10.77 -3.58 43.11
N PRO G 260 9.72 -4.40 43.07
CA PRO G 260 9.08 -4.71 41.78
C PRO G 260 8.31 -3.50 41.26
N CYS G 261 8.38 -3.31 39.95
CA CYS G 261 7.63 -2.28 39.24
C CYS G 261 6.83 -2.91 38.11
N TRP G 262 5.70 -2.27 37.77
CA TRP G 262 4.94 -2.67 36.60
C TRP G 262 4.37 -1.43 35.91
N LYS G 263 4.16 -1.56 34.60
CA LYS G 263 3.67 -0.46 33.78
C LYS G 263 2.27 -0.80 33.26
N LEU G 264 1.36 0.15 33.38
CA LEU G 264 -0.01 0.00 32.89
C LEU G 264 -0.18 0.83 31.64
N HIS G 265 -0.59 0.18 30.55
CA HIS G 265 -0.88 0.82 29.27
C HIS G 265 -2.39 0.77 29.04
N THR G 266 -2.98 1.88 28.60
CA THR G 266 -4.43 1.94 28.41
C THR G 266 -4.78 2.65 27.11
N SER G 267 -5.96 2.34 26.60
CA SER G 267 -6.42 2.81 25.30
C SER G 267 -7.94 2.85 25.32
N PRO G 268 -8.56 3.71 24.50
CA PRO G 268 -10.02 3.89 24.59
C PRO G 268 -10.79 2.63 24.16
N LEU G 269 -11.82 2.31 24.94
CA LEU G 269 -12.70 1.17 24.68
C LEU G 269 -14.08 1.70 24.32
N CYS G 270 -14.50 1.50 23.06
CA CYS G 270 -15.75 2.05 22.56
C CYS G 270 -16.65 0.95 22.01
N THR G 271 -17.97 1.18 22.10
CA THR G 271 -18.92 0.36 21.37
C THR G 271 -18.73 0.56 19.88
N THR G 272 -19.21 -0.41 19.09
CA THR G 272 -18.91 -0.41 17.66
C THR G 272 -20.15 -0.42 16.79
N ASN G 273 -21.13 0.44 17.09
CA ASN G 273 -22.30 0.59 16.24
C ASN G 273 -21.95 1.41 15.00
N THR G 274 -22.68 1.15 13.91
CA THR G 274 -22.28 1.69 12.61
C THR G 274 -22.67 3.14 12.42
N LYS G 275 -23.87 3.55 12.84
CA LYS G 275 -24.26 4.95 12.79
C LYS G 275 -23.25 5.75 13.59
N GLU G 276 -22.45 6.60 12.92
CA GLU G 276 -21.42 7.36 13.63
C GLU G 276 -22.04 8.32 14.64
N GLY G 277 -21.33 8.55 15.73
CA GLY G 277 -21.85 9.38 16.82
C GLY G 277 -22.76 8.68 17.80
N SER G 278 -23.16 7.44 17.53
CA SER G 278 -24.04 6.69 18.43
C SER G 278 -23.27 5.84 19.43
N ASN G 279 -21.95 5.94 19.46
CA ASN G 279 -21.14 5.07 20.31
C ASN G 279 -20.71 5.79 21.58
N ILE G 280 -20.40 4.99 22.60
CA ILE G 280 -19.90 5.50 23.87
C ILE G 280 -18.53 4.88 24.14
N CYS G 281 -17.70 5.61 24.88
CA CYS G 281 -16.33 5.19 25.11
C CYS G 281 -15.96 5.34 26.57
N LEU G 282 -14.86 4.68 26.91
CA LEU G 282 -14.36 4.55 28.27
C LEU G 282 -12.87 4.27 28.15
N THR G 283 -12.06 4.99 28.93
CA THR G 283 -10.61 4.78 28.96
C THR G 283 -10.16 4.76 30.40
N ARG G 284 -9.43 3.72 30.79
CA ARG G 284 -8.76 3.75 32.08
C ARG G 284 -7.73 4.87 32.06
N THR G 285 -7.77 5.74 33.07
CA THR G 285 -6.88 6.89 33.12
C THR G 285 -5.64 6.64 33.96
N ASP G 286 -5.51 5.48 34.61
CA ASP G 286 -4.43 5.23 35.55
C ASP G 286 -3.18 4.66 34.87
N ARG G 287 -3.01 4.89 33.57
CA ARG G 287 -1.79 4.52 32.88
C ARG G 287 -0.58 5.14 33.57
N GLY G 288 0.52 4.41 33.57
CA GLY G 288 1.78 4.88 34.10
C GLY G 288 2.52 3.76 34.81
N TRP G 289 3.60 4.13 35.50
CA TRP G 289 4.44 3.20 36.22
C TRP G 289 3.96 3.04 37.66
N TYR G 290 4.06 1.82 38.17
CA TYR G 290 3.74 1.47 39.55
C TYR G 290 4.93 0.75 40.15
N CYS G 291 5.32 1.11 41.36
CA CYS G 291 6.44 0.46 42.03
C CYS G 291 6.09 0.23 43.49
N ASP G 292 6.34 -0.98 43.98
CA ASP G 292 6.21 -1.25 45.41
C ASP G 292 7.15 -0.35 46.19
N ASN G 293 6.64 0.23 47.28
CA ASN G 293 7.42 1.18 48.07
C ASN G 293 6.86 1.24 49.48
N ALA G 294 7.57 0.64 50.44
CA ALA G 294 7.27 0.74 51.87
C ALA G 294 5.80 0.44 52.17
N GLY G 295 5.34 -0.72 51.71
CA GLY G 295 3.97 -1.12 51.97
C GLY G 295 2.92 -0.41 51.17
N SER G 296 3.29 0.56 50.35
CA SER G 296 2.40 1.24 49.44
C SER G 296 2.93 1.09 48.01
N VAL G 297 2.27 1.74 47.07
CA VAL G 297 2.70 1.74 45.68
C VAL G 297 2.87 3.19 45.22
N SER G 298 4.08 3.53 44.79
CA SER G 298 4.33 4.82 44.15
C SER G 298 3.87 4.77 42.70
N PHE G 299 3.00 5.71 42.31
CA PHE G 299 2.40 5.74 40.98
C PHE G 299 2.88 6.98 40.24
N PHE G 300 3.46 6.78 39.06
CA PHE G 300 4.00 7.86 38.24
C PHE G 300 3.14 7.97 36.98
N PRO G 301 2.25 8.97 36.89
CA PRO G 301 1.32 9.01 35.74
C PRO G 301 1.99 9.43 34.45
N GLN G 302 3.10 10.14 34.52
CA GLN G 302 3.84 10.54 33.33
C GLN G 302 4.98 9.55 33.10
N ALA G 303 4.58 8.36 32.63
CA ALA G 303 5.54 7.29 32.39
C ALA G 303 6.68 7.74 31.48
N GLU G 304 6.40 8.72 30.62
CA GLU G 304 7.39 9.26 29.69
C GLU G 304 8.59 9.83 30.42
N THR G 305 8.41 10.37 31.62
CA THR G 305 9.53 10.98 32.32
C THR G 305 10.37 9.99 33.11
N CYS G 306 9.85 8.78 33.37
CA CYS G 306 10.65 7.73 33.97
C CYS G 306 11.65 7.18 32.94
N LYS G 307 12.82 6.76 33.41
CA LYS G 307 13.87 6.25 32.56
C LYS G 307 14.02 4.76 32.79
N VAL G 308 13.91 3.97 31.72
CA VAL G 308 13.95 2.52 31.80
C VAL G 308 15.23 2.04 31.13
N GLN G 309 16.10 1.40 31.92
CA GLN G 309 17.34 0.80 31.43
C GLN G 309 17.23 -0.70 31.62
N SER G 310 17.08 -1.43 30.50
CA SER G 310 16.77 -2.86 30.52
C SER G 310 15.51 -3.11 31.35
N ASN G 311 15.66 -3.82 32.48
CA ASN G 311 14.53 -4.11 33.36
C ASN G 311 14.52 -3.21 34.59
N ARG G 312 15.26 -2.10 34.56
CA ARG G 312 15.40 -1.20 35.69
C ARG G 312 14.69 0.11 35.36
N VAL G 313 13.87 0.58 36.29
CA VAL G 313 13.00 1.74 36.08
C VAL G 313 13.46 2.87 37.00
N PHE G 314 13.98 3.94 36.42
CA PHE G 314 14.43 5.11 37.17
C PHE G 314 13.30 6.14 37.16
N CYS G 315 12.57 6.23 38.26
CA CYS G 315 11.54 7.24 38.43
C CYS G 315 11.91 8.19 39.57
N ASP G 316 11.15 9.26 39.70
CA ASP G 316 11.38 10.32 40.68
C ASP G 316 10.11 10.49 41.52
N THR G 317 10.22 10.26 42.84
CA THR G 317 9.03 10.32 43.68
C THR G 317 8.37 11.68 43.69
N MET G 318 9.07 12.74 43.28
CA MET G 318 8.42 14.04 43.19
C MET G 318 7.29 14.03 42.16
N ASN G 319 7.37 13.13 41.17
CA ASN G 319 6.34 13.01 40.13
C ASN G 319 5.39 11.87 40.41
N SER G 320 5.10 11.57 41.67
CA SER G 320 4.35 10.38 42.01
C SER G 320 3.22 10.67 43.00
N LEU G 321 2.27 9.75 43.03
CA LEU G 321 1.31 9.64 44.11
C LEU G 321 1.60 8.39 44.90
N THR G 322 1.28 8.42 46.19
CA THR G 322 1.40 7.25 47.05
C THR G 322 0.02 6.61 47.18
N LEU G 323 -0.14 5.40 46.63
CA LEU G 323 -1.44 4.76 46.56
C LEU G 323 -1.45 3.45 47.34
N PRO G 324 -2.61 3.03 47.84
CA PRO G 324 -2.70 1.69 48.45
C PRO G 324 -2.41 0.60 47.43
N SER G 325 -1.92 -0.53 47.94
CA SER G 325 -1.57 -1.64 47.06
C SER G 325 -2.76 -2.25 46.36
N GLU G 326 -3.98 -2.02 46.84
CA GLU G 326 -5.10 -2.62 46.15
C GLU G 326 -5.41 -1.90 44.85
N VAL G 327 -4.58 -0.90 44.48
CA VAL G 327 -4.71 -0.27 43.17
C VAL G 327 -4.51 -1.30 42.06
N ASN G 328 -3.72 -2.35 42.31
CA ASN G 328 -3.56 -3.41 41.33
C ASN G 328 -4.84 -4.18 41.10
N LEU G 329 -5.77 -4.18 42.06
CA LEU G 329 -7.02 -4.89 41.85
C LEU G 329 -7.80 -4.37 40.65
N CYS G 330 -7.47 -3.17 40.16
CA CYS G 330 -8.09 -2.66 38.95
C CYS G 330 -7.73 -3.52 37.74
N ASN G 331 -6.60 -4.22 37.80
CA ASN G 331 -6.21 -5.16 36.76
C ASN G 331 -6.83 -6.54 36.98
N VAL G 332 -7.37 -6.83 38.15
CA VAL G 332 -8.06 -8.08 38.41
C VAL G 332 -9.53 -7.99 38.01
N ASP G 333 -10.21 -6.95 38.53
CA ASP G 333 -11.63 -6.76 38.33
C ASP G 333 -11.87 -5.25 38.47
N ILE G 334 -12.13 -4.59 37.34
CA ILE G 334 -12.32 -3.14 37.31
C ILE G 334 -13.46 -2.71 38.23
N PHE G 335 -14.34 -3.65 38.60
CA PHE G 335 -15.51 -3.34 39.43
C PHE G 335 -15.33 -3.78 40.87
N ASN G 336 -14.10 -4.01 41.28
CA ASN G 336 -13.87 -4.58 42.59
C ASN G 336 -14.26 -3.56 43.64
N PRO G 337 -14.69 -3.96 44.87
CA PRO G 337 -15.16 -2.99 45.85
C PRO G 337 -14.00 -2.36 46.64
N LYS G 338 -12.83 -2.98 46.64
CA LYS G 338 -11.66 -2.51 47.42
C LYS G 338 -11.06 -1.20 46.90
N TYR G 339 -10.95 -1.05 45.59
CA TYR G 339 -10.34 0.17 45.01
C TYR G 339 -11.22 0.72 43.89
N ASP G 340 -11.44 2.03 43.90
CA ASP G 340 -12.31 2.68 42.93
C ASP G 340 -11.49 3.05 41.69
N CYS G 341 -11.55 2.20 40.68
CA CYS G 341 -10.66 2.31 39.53
C CYS G 341 -10.98 3.56 38.71
N LYS G 342 -9.96 4.31 38.31
CA LYS G 342 -10.23 5.58 37.65
C LYS G 342 -10.37 5.41 36.14
N ILE G 343 -11.33 6.15 35.58
CA ILE G 343 -11.64 6.08 34.17
C ILE G 343 -12.08 7.47 33.71
N MET G 344 -12.08 7.67 32.40
CA MET G 344 -12.70 8.81 31.75
C MET G 344 -13.69 8.29 30.71
N THR G 345 -14.64 9.15 30.34
CA THR G 345 -15.69 8.74 29.41
C THR G 345 -15.78 9.75 28.27
N SER G 346 -16.25 9.26 27.13
CA SER G 346 -16.26 10.08 25.93
C SER G 346 -17.24 9.46 24.94
N LYS G 347 -17.53 10.23 23.89
CA LYS G 347 -18.22 9.72 22.72
C LYS G 347 -17.34 9.81 21.47
N THR G 348 -16.07 10.18 21.62
CA THR G 348 -15.16 10.34 20.50
C THR G 348 -14.49 8.99 20.25
N ASP G 349 -14.96 8.26 19.25
CA ASP G 349 -14.41 6.94 18.97
C ASP G 349 -13.47 7.01 17.77
N VAL G 350 -12.30 7.60 18.01
CA VAL G 350 -11.25 7.70 16.99
C VAL G 350 -10.28 6.55 17.19
N SER G 351 -9.66 6.11 16.10
CA SER G 351 -8.75 4.96 16.14
C SER G 351 -7.34 5.40 16.49
N SER G 352 -6.63 4.52 17.21
CA SER G 352 -5.24 4.74 17.58
C SER G 352 -4.66 3.42 18.07
N SER G 353 -3.36 3.44 18.34
CA SER G 353 -2.66 2.32 18.95
C SER G 353 -1.80 2.79 20.12
N VAL G 354 -1.58 1.88 21.06
CA VAL G 354 -0.68 2.10 22.20
C VAL G 354 0.37 1.00 22.17
N ILE G 355 1.62 1.39 21.93
CA ILE G 355 2.71 0.41 21.92
C ILE G 355 3.11 0.14 23.36
N THR G 356 3.05 -1.12 23.76
CA THR G 356 3.32 -1.52 25.13
C THR G 356 4.77 -2.00 25.23
N SER G 357 5.12 -2.62 26.37
CA SER G 357 6.45 -3.19 26.49
C SER G 357 6.65 -4.35 25.51
N LEU G 358 5.64 -5.23 25.40
CA LEU G 358 5.82 -6.49 24.68
C LEU G 358 4.80 -6.67 23.56
N GLY G 359 4.13 -5.62 23.14
CA GLY G 359 3.13 -5.76 22.10
C GLY G 359 2.51 -4.44 21.68
N ALA G 360 1.22 -4.47 21.36
CA ALA G 360 0.51 -3.28 20.89
C ALA G 360 -0.97 -3.46 21.16
N ILE G 361 -1.59 -2.46 21.78
CA ILE G 361 -3.04 -2.37 21.87
C ILE G 361 -3.53 -1.56 20.67
N VAL G 362 -4.58 -2.04 20.01
CA VAL G 362 -5.15 -1.38 18.85
C VAL G 362 -6.62 -1.07 19.14
N SER G 363 -6.95 0.22 19.15
CA SER G 363 -8.32 0.70 19.25
C SER G 363 -8.76 1.06 17.83
N CYS G 364 -9.53 0.19 17.20
CA CYS G 364 -9.92 0.35 15.80
C CYS G 364 -11.41 0.62 15.72
N TYR G 365 -11.78 1.81 15.25
CA TYR G 365 -13.19 2.19 15.18
C TYR G 365 -13.49 2.87 13.85
N GLY G 366 -14.77 2.83 13.48
CA GLY G 366 -15.20 3.44 12.23
C GLY G 366 -14.65 2.71 11.01
N LYS G 367 -14.34 3.47 9.97
CA LYS G 367 -13.85 2.92 8.71
C LYS G 367 -12.33 2.81 8.65
N THR G 368 -11.67 2.80 9.80
CA THR G 368 -10.21 2.83 9.81
C THR G 368 -9.62 1.49 9.38
N LYS G 369 -8.49 1.54 8.68
CA LYS G 369 -7.70 0.36 8.39
C LYS G 369 -6.74 0.07 9.54
N CYS G 370 -6.80 -1.14 10.06
CA CYS G 370 -5.97 -1.53 11.20
C CYS G 370 -5.38 -2.90 10.92
N THR G 371 -4.05 -2.98 10.81
CA THR G 371 -3.36 -4.22 10.50
C THR G 371 -2.14 -4.36 11.38
N ALA G 372 -1.60 -5.59 11.40
CA ALA G 372 -0.31 -5.88 12.01
C ALA G 372 0.50 -6.71 11.03
N SER G 373 1.80 -6.48 11.02
CA SER G 373 2.67 -7.09 10.02
C SER G 373 3.98 -7.50 10.66
N ASN G 374 4.74 -8.33 9.95
CA ASN G 374 6.15 -8.49 10.27
C ASN G 374 6.96 -8.44 8.98
N LYS G 375 8.25 -8.20 9.14
CA LYS G 375 9.14 -7.93 8.02
C LYS G 375 9.21 -9.10 7.05
N ASN G 376 8.94 -10.32 7.51
CA ASN G 376 9.10 -11.49 6.66
C ASN G 376 7.84 -11.88 5.92
N ARG G 377 6.67 -11.49 6.41
CA ARG G 377 5.42 -11.94 5.83
C ARG G 377 4.54 -10.83 5.31
N GLY G 378 4.75 -9.59 5.74
CA GLY G 378 3.79 -8.54 5.47
C GLY G 378 2.63 -8.64 6.43
N ILE G 379 1.42 -8.39 5.93
CA ILE G 379 0.24 -8.38 6.81
C ILE G 379 -0.03 -9.78 7.32
N ILE G 380 -0.18 -9.90 8.64
CA ILE G 380 -0.57 -11.18 9.25
C ILE G 380 -1.87 -11.09 10.02
N LYS G 381 -2.42 -9.90 10.22
CA LYS G 381 -3.68 -9.78 10.92
C LYS G 381 -4.38 -8.51 10.48
N THR G 382 -5.69 -8.60 10.25
CA THR G 382 -6.54 -7.44 10.06
C THR G 382 -7.45 -7.33 11.28
N PHE G 383 -7.41 -6.19 11.95
CA PHE G 383 -8.19 -6.01 13.16
C PHE G 383 -9.64 -5.68 12.81
N SER G 384 -10.57 -6.20 13.61
CA SER G 384 -11.95 -5.78 13.54
C SER G 384 -12.15 -4.52 14.38
N ASN G 385 -13.33 -3.92 14.25
CA ASN G 385 -13.66 -2.79 15.10
C ASN G 385 -13.72 -3.25 16.55
N GLY G 386 -13.16 -2.45 17.45
CA GLY G 386 -13.04 -2.77 18.85
C GLY G 386 -11.61 -2.61 19.32
N CYS G 387 -11.33 -3.07 20.54
CA CYS G 387 -10.00 -2.98 21.12
C CYS G 387 -9.38 -4.37 21.14
N ASP G 388 -8.22 -4.50 20.53
CA ASP G 388 -7.55 -5.79 20.39
C ASP G 388 -6.05 -5.59 20.66
N TYR G 389 -5.30 -6.68 20.56
CA TYR G 389 -3.90 -6.67 20.98
C TYR G 389 -3.15 -7.74 20.21
N VAL G 390 -1.88 -7.44 19.88
CA VAL G 390 -0.92 -8.42 19.37
C VAL G 390 0.35 -8.27 20.18
N SER G 391 1.06 -9.39 20.36
CA SER G 391 2.36 -9.38 21.01
C SER G 391 3.46 -9.12 19.99
N ASN G 392 4.68 -8.89 20.49
CA ASN G 392 5.81 -8.59 19.62
C ASN G 392 6.51 -9.85 19.09
N LYS G 393 5.94 -11.03 19.29
CA LYS G 393 6.47 -12.23 18.68
C LYS G 393 5.77 -12.45 17.34
N GLY G 394 6.53 -12.36 16.26
CA GLY G 394 5.95 -12.41 14.93
C GLY G 394 5.27 -11.14 14.46
N VAL G 395 5.35 -10.05 15.22
CA VAL G 395 4.84 -8.75 14.79
C VAL G 395 5.96 -7.73 14.92
N ASP G 396 6.21 -6.97 13.85
CA ASP G 396 7.19 -5.90 13.87
C ASP G 396 6.58 -4.52 13.80
N THR G 397 5.45 -4.36 13.11
CA THR G 397 4.77 -3.08 12.99
C THR G 397 3.26 -3.31 13.05
N VAL G 398 2.55 -2.29 13.55
CA VAL G 398 1.12 -2.18 13.37
C VAL G 398 0.87 -0.88 12.62
N SER G 399 -0.25 -0.85 11.90
CA SER G 399 -0.70 0.34 11.19
C SER G 399 -2.14 0.60 11.56
N VAL G 400 -2.42 1.81 12.02
CA VAL G 400 -3.77 2.23 12.39
C VAL G 400 -4.02 3.53 11.65
N GLY G 401 -4.93 3.50 10.69
CA GLY G 401 -5.15 4.67 9.86
C GLY G 401 -3.90 4.96 9.05
N ASN G 402 -3.50 6.22 9.01
CA ASN G 402 -2.30 6.63 8.29
C ASN G 402 -1.05 6.61 9.18
N THR G 403 -1.10 5.95 10.33
CA THR G 403 0.04 5.92 11.26
C THR G 403 0.65 4.52 11.35
N LEU G 404 1.92 4.41 10.99
CA LEU G 404 2.74 3.21 11.15
C LEU G 404 3.45 3.25 12.50
N TYR G 405 3.29 2.20 13.30
CA TYR G 405 3.97 2.06 14.58
C TYR G 405 4.95 0.90 14.49
N TYR G 406 6.18 1.11 14.96
CA TYR G 406 7.06 -0.02 15.22
C TYR G 406 6.82 -0.50 16.64
N VAL G 407 6.87 -1.81 16.85
CA VAL G 407 6.68 -2.35 18.19
C VAL G 407 8.05 -2.59 18.80
N ASN G 408 8.11 -2.51 20.13
CA ASN G 408 9.34 -2.81 20.84
C ASN G 408 9.70 -4.28 20.65
N LYS G 409 10.99 -4.54 20.44
CA LYS G 409 11.46 -5.91 20.23
C LYS G 409 12.18 -6.48 21.45
N GLN G 410 11.88 -5.99 22.65
CA GLN G 410 12.42 -6.62 23.84
C GLN G 410 11.80 -7.99 24.05
N GLU G 411 12.59 -8.91 24.59
CA GLU G 411 12.11 -10.27 24.78
C GLU G 411 11.27 -10.38 26.05
N GLY G 412 10.34 -11.32 26.05
CA GLY G 412 9.38 -11.47 27.12
C GLY G 412 8.20 -12.29 26.65
N LYS G 413 7.24 -12.44 27.55
CA LYS G 413 6.09 -13.32 27.31
C LYS G 413 4.78 -12.57 27.56
N SER G 414 3.86 -12.63 26.60
CA SER G 414 2.57 -11.96 26.66
C SER G 414 1.43 -12.96 26.82
N LEU G 415 0.39 -12.55 27.55
CA LEU G 415 -0.79 -13.36 27.76
C LEU G 415 -2.04 -12.55 27.41
N TYR G 416 -2.85 -13.07 26.51
CA TYR G 416 -4.12 -12.47 26.14
C TYR G 416 -5.19 -12.96 27.10
N VAL G 417 -5.78 -12.04 27.87
CA VAL G 417 -6.80 -12.39 28.86
C VAL G 417 -8.15 -12.03 28.25
N LYS G 418 -8.85 -13.05 27.76
CA LYS G 418 -10.16 -12.83 27.16
C LYS G 418 -11.15 -12.30 28.18
N GLY G 419 -12.04 -11.42 27.72
CA GLY G 419 -13.10 -10.92 28.56
C GLY G 419 -14.02 -10.06 27.73
N GLU G 420 -15.24 -9.90 28.22
CA GLU G 420 -16.21 -9.06 27.53
C GLU G 420 -15.87 -7.59 27.77
N PRO G 421 -15.89 -6.75 26.74
CA PRO G 421 -15.63 -5.32 26.93
C PRO G 421 -16.63 -4.70 27.91
N ILE G 422 -16.11 -4.09 28.98
CA ILE G 422 -16.99 -3.58 30.02
C ILE G 422 -17.90 -2.45 29.52
N ILE G 423 -17.53 -1.82 28.40
CA ILE G 423 -18.38 -0.77 27.82
C ILE G 423 -19.73 -1.33 27.40
N ASN G 424 -19.82 -2.65 27.19
CA ASN G 424 -21.08 -3.28 26.81
C ASN G 424 -22.10 -3.32 27.94
N PHE G 425 -21.67 -3.11 29.18
CA PHE G 425 -22.58 -3.18 30.32
C PHE G 425 -23.34 -1.89 30.57
N TYR G 426 -23.09 -0.83 29.79
CA TYR G 426 -23.65 0.49 30.07
C TYR G 426 -24.77 0.82 29.10
N ASP G 427 -25.86 1.36 29.65
CA ASP G 427 -26.98 1.87 28.84
C ASP G 427 -26.59 3.21 28.24
N PRO G 428 -26.38 3.29 26.92
CA PRO G 428 -25.98 4.56 26.29
C PRO G 428 -26.89 5.73 26.61
N LEU G 429 -28.19 5.48 26.81
CA LEU G 429 -29.13 6.57 27.07
C LEU G 429 -28.85 7.30 28.39
N VAL G 430 -28.20 6.62 29.33
CA VAL G 430 -27.97 7.16 30.67
C VAL G 430 -26.46 7.28 30.95
N PHE G 431 -25.63 7.22 29.91
CA PHE G 431 -24.18 7.16 30.06
C PHE G 431 -23.61 8.57 30.14
N PRO G 432 -22.92 8.93 31.22
CA PRO G 432 -22.31 10.27 31.30
C PRO G 432 -21.00 10.29 30.50
N SER G 433 -21.03 10.97 29.36
CA SER G 433 -20.08 10.74 28.27
C SER G 433 -19.12 11.91 28.05
N ASP G 434 -18.79 12.67 29.09
CA ASP G 434 -17.80 13.74 28.96
C ASP G 434 -17.10 13.96 30.30
N GLU G 435 -16.67 12.86 30.93
CA GLU G 435 -16.03 12.97 32.26
C GLU G 435 -14.52 12.72 32.10
N PHE G 436 -13.70 13.52 32.77
CA PHE G 436 -12.23 13.39 32.62
C PHE G 436 -11.61 12.76 33.89
N ASP G 437 -11.95 13.27 35.06
CA ASP G 437 -11.37 12.75 36.33
C ASP G 437 -12.43 11.91 37.03
N ALA G 438 -13.01 10.96 36.31
CA ALA G 438 -14.07 10.15 36.91
C ALA G 438 -13.51 8.84 37.45
N SER G 439 -14.41 7.93 37.81
CA SER G 439 -14.02 6.63 38.32
C SER G 439 -15.22 5.72 38.15
N ILE G 440 -14.99 4.42 38.36
CA ILE G 440 -16.07 3.45 38.22
C ILE G 440 -17.24 3.81 39.13
N SER G 441 -16.94 4.18 40.38
CA SER G 441 -18.01 4.55 41.30
C SER G 441 -18.68 5.87 40.91
N GLN G 442 -17.88 6.85 40.54
CA GLN G 442 -18.45 8.17 40.15
C GLN G 442 -19.40 7.99 38.96
N VAL G 443 -19.04 7.15 37.99
CA VAL G 443 -19.90 6.95 36.84
C VAL G 443 -21.17 6.21 37.24
N ASN G 444 -21.06 5.24 38.14
CA ASN G 444 -22.23 4.52 38.62
C ASN G 444 -23.20 5.45 39.33
N GLU G 445 -22.68 6.37 40.15
CA GLU G 445 -23.55 7.23 40.98
C GLU G 445 -24.35 8.21 40.12
N LYS G 446 -23.68 8.82 39.12
CA LYS G 446 -24.30 9.67 38.10
C LYS G 446 -25.17 8.90 37.11
N ILE G 447 -24.95 7.60 36.89
CA ILE G 447 -26.01 6.82 36.25
C ILE G 447 -27.23 6.71 37.15
N ASN G 448 -26.99 6.45 38.44
CA ASN G 448 -28.08 6.31 39.39
C ASN G 448 -28.88 7.60 39.55
N GLN G 449 -28.19 8.75 39.59
CA GLN G 449 -28.91 10.02 39.69
C GLN G 449 -29.79 10.26 38.48
N SER G 450 -29.29 9.96 37.27
CA SER G 450 -30.09 10.14 36.07
C SER G 450 -31.26 9.18 36.03
N LEU G 451 -31.07 7.96 36.53
CA LEU G 451 -32.19 7.01 36.60
C LEU G 451 -33.22 7.48 37.60
N ALA G 452 -32.78 7.94 38.77
CA ALA G 452 -33.72 8.42 39.79
C ALA G 452 -34.42 9.70 39.35
N PHE G 453 -33.76 10.53 38.53
CA PHE G 453 -34.43 11.72 38.03
C PHE G 453 -35.55 11.36 37.06
N ILE G 454 -35.33 10.35 36.23
CA ILE G 454 -36.40 9.88 35.34
C ILE G 454 -37.52 9.24 36.17
N ARG G 455 -37.16 8.37 37.11
CA ARG G 455 -38.16 7.74 37.96
C ARG G 455 -38.99 8.76 38.71
N LYS G 456 -38.35 9.82 39.21
CA LYS G 456 -39.08 10.87 39.93
C LYS G 456 -40.04 11.60 38.99
N SER G 457 -39.63 11.81 37.75
CA SER G 457 -40.53 12.40 36.76
C SER G 457 -41.68 11.46 36.45
N ASP G 458 -41.39 10.15 36.39
CA ASP G 458 -42.45 9.16 36.18
C ASP G 458 -43.40 9.11 37.38
N GLU G 459 -42.87 9.24 38.59
CA GLU G 459 -43.77 9.21 39.73
C GLU G 459 -44.60 10.48 39.83
N LEU G 460 -44.07 11.62 39.34
CA LEU G 460 -44.79 12.88 39.51
C LEU G 460 -45.99 13.01 38.57
N LEU G 461 -45.83 12.65 37.29
CA LEU G 461 -46.98 12.70 36.36
C LEU G 461 -48.02 11.65 36.71
N SER G 462 -47.62 10.51 37.29
CA SER G 462 -48.63 9.56 37.75
C SER G 462 -49.43 10.10 38.91
N ALA G 463 -48.78 10.84 39.82
CA ALA G 463 -49.44 11.40 40.99
C ALA G 463 -50.30 12.61 40.67
N ILE G 464 -50.16 13.18 39.46
CA ILE G 464 -50.95 14.34 39.06
C ILE G 464 -52.11 13.97 38.12
N GLY G 465 -52.04 12.82 37.45
CA GLY G 465 -53.11 12.44 36.54
C GLY G 465 -54.37 12.05 37.27
N GLY G 466 -55.50 12.19 36.57
CA GLY G 466 -56.78 11.76 37.09
C GLY G 466 -57.37 12.64 38.17
N TYR G 467 -57.34 13.96 37.95
CA TYR G 467 -57.99 14.93 38.83
C TYR G 467 -58.91 15.81 38.00
N ILE G 468 -59.98 16.28 38.63
CA ILE G 468 -61.08 16.89 37.87
C ILE G 468 -60.77 18.36 37.56
N PRO G 469 -61.08 18.84 36.34
CA PRO G 469 -60.95 20.27 36.05
C PRO G 469 -62.22 21.05 36.40
N GLU G 470 -62.35 22.26 35.89
CA GLU G 470 -63.47 23.12 36.24
C GLU G 470 -64.68 22.81 35.36
N ALA G 471 -65.87 22.89 35.95
CA ALA G 471 -67.11 22.75 35.22
C ALA G 471 -67.40 24.03 34.41
N PRO G 472 -68.33 23.96 33.45
CA PRO G 472 -68.72 25.20 32.74
C PRO G 472 -69.20 26.27 33.70
N ARG G 473 -68.98 27.52 33.31
CA ARG G 473 -69.39 28.67 34.10
C ARG G 473 -70.55 29.35 33.36
N ASP G 474 -71.77 28.87 33.63
CA ASP G 474 -72.93 29.33 32.87
C ASP G 474 -74.18 29.42 33.73
N GLY G 475 -74.04 29.55 35.04
CA GLY G 475 -75.19 29.69 35.92
C GLY G 475 -75.93 28.41 36.21
N GLN G 476 -75.41 27.26 35.78
CA GLN G 476 -76.05 25.97 36.00
C GLN G 476 -75.18 25.07 36.87
N ALA G 477 -75.83 24.17 37.61
CA ALA G 477 -75.12 23.24 38.47
C ALA G 477 -74.75 21.98 37.69
N TYR G 478 -73.58 21.42 38.02
CA TYR G 478 -73.04 20.26 37.33
C TYR G 478 -72.67 19.16 38.31
N VAL G 479 -72.87 17.91 37.89
CA VAL G 479 -72.45 16.74 38.64
C VAL G 479 -71.43 15.99 37.79
N ARG G 480 -70.83 14.94 38.34
CA ARG G 480 -69.72 14.24 37.69
C ARG G 480 -70.15 12.84 37.30
N LYS G 481 -70.00 12.52 36.02
CA LYS G 481 -70.37 11.20 35.51
C LYS G 481 -69.45 10.84 34.35
N ASP G 482 -68.86 9.64 34.41
CA ASP G 482 -68.04 9.09 33.33
C ASP G 482 -67.00 10.08 32.83
N GLY G 483 -66.28 10.68 33.78
CA GLY G 483 -65.20 11.58 33.47
C GLY G 483 -65.60 12.92 32.87
N GLU G 484 -66.88 13.28 32.94
CA GLU G 484 -67.33 14.56 32.41
C GLU G 484 -68.20 15.26 33.45
N TRP G 485 -68.33 16.57 33.29
CA TRP G 485 -69.31 17.36 34.01
C TRP G 485 -70.64 17.30 33.26
N VAL G 486 -71.73 17.00 33.99
CA VAL G 486 -73.05 16.86 33.39
C VAL G 486 -74.06 17.68 34.20
N LEU G 487 -75.04 18.26 33.51
CA LEU G 487 -76.04 19.11 34.14
C LEU G 487 -76.80 18.37 35.23
N LEU G 488 -76.83 18.98 36.43
CA LEU G 488 -77.66 18.44 37.50
C LEU G 488 -79.13 18.36 37.07
N SER G 489 -79.61 19.35 36.33
CA SER G 489 -81.00 19.37 35.89
C SER G 489 -81.36 18.18 35.02
N THR G 490 -80.38 17.53 34.39
CA THR G 490 -80.64 16.34 33.59
C THR G 490 -81.28 15.23 34.43
N PHE G 491 -80.85 15.09 35.68
CA PHE G 491 -81.33 14.02 36.55
C PHE G 491 -82.45 14.48 37.47
N LEU G 492 -82.50 15.76 37.81
CA LEU G 492 -83.52 16.29 38.70
C LEU G 492 -84.73 16.83 37.98
N GLY G 493 -84.60 17.12 36.69
CA GLY G 493 -85.57 17.95 36.02
C GLY G 493 -86.85 17.20 35.65
N SER G 494 -87.93 17.96 35.64
CA SER G 494 -89.19 17.51 35.06
C SER G 494 -89.39 18.17 33.70
N LEU G 495 -90.27 17.59 32.90
CA LEU G 495 -90.58 18.13 31.58
C LEU G 495 -91.53 19.32 31.74
N GLU G 496 -91.11 20.48 31.25
CA GLU G 496 -91.90 21.69 31.40
C GLU G 496 -93.04 21.72 30.38
N VAL G 497 -94.23 22.09 30.84
CA VAL G 497 -95.40 22.25 29.98
C VAL G 497 -96.02 23.60 30.33
N LEU G 498 -95.72 24.62 29.53
CA LEU G 498 -96.42 25.89 29.60
C LEU G 498 -97.78 25.72 28.93
N PHE G 499 -98.82 26.05 29.68
CA PHE G 499 -100.18 25.84 29.15
C PHE G 499 -101.15 26.96 29.51
N GLN G 500 -102.23 27.04 28.77
CA GLN G 500 -103.33 27.99 29.04
C GLN G 500 -104.56 27.36 28.38
N GLN H 24 8.46 -36.52 -2.72
CA GLN H 24 8.47 -36.47 -1.26
C GLN H 24 9.62 -37.30 -0.71
N VAL H 25 10.38 -36.72 0.21
CA VAL H 25 11.54 -37.37 0.82
C VAL H 25 11.21 -37.65 2.27
N GLN H 26 11.68 -38.80 2.77
CA GLN H 26 11.57 -39.14 4.18
C GLN H 26 12.91 -38.93 4.85
N LEU H 27 12.86 -38.44 6.08
CA LEU H 27 14.06 -38.09 6.84
C LEU H 27 14.09 -38.85 8.14
N GLN H 28 15.29 -39.23 8.57
CA GLN H 28 15.49 -39.97 9.81
C GLN H 28 16.76 -39.49 10.47
N GLU H 29 16.64 -38.88 11.65
CA GLU H 29 17.80 -38.41 12.37
C GLU H 29 18.44 -39.53 13.16
N SER H 30 19.71 -39.33 13.50
CA SER H 30 20.44 -40.21 14.40
C SER H 30 21.66 -39.46 14.92
N GLY H 31 22.27 -40.02 15.97
CA GLY H 31 23.51 -39.48 16.48
C GLY H 31 23.38 -38.60 17.71
N GLY H 32 22.18 -38.40 18.23
CA GLY H 32 22.00 -37.67 19.46
C GLY H 32 22.59 -38.40 20.64
N GLY H 33 22.41 -37.82 21.82
CA GLY H 33 22.89 -38.43 23.04
C GLY H 33 23.17 -37.37 24.09
N LEU H 34 23.78 -37.83 25.18
CA LEU H 34 24.13 -36.98 26.32
C LEU H 34 25.63 -36.74 26.33
N VAL H 35 26.05 -35.48 26.44
CA VAL H 35 27.45 -35.13 26.57
C VAL H 35 27.63 -34.08 27.65
N GLN H 36 28.85 -34.01 28.19
CA GLN H 36 29.20 -32.95 29.14
C GLN H 36 29.38 -31.64 28.39
N ALA H 37 29.31 -30.53 29.13
CA ALA H 37 29.52 -29.23 28.52
C ALA H 37 30.92 -29.16 27.91
N GLY H 38 31.02 -28.54 26.74
CA GLY H 38 32.26 -28.49 26.00
C GLY H 38 32.52 -29.68 25.10
N GLY H 39 31.70 -30.72 25.17
CA GLY H 39 31.85 -31.88 24.32
C GLY H 39 31.32 -31.63 22.93
N SER H 40 31.39 -32.68 22.11
CA SER H 40 30.93 -32.63 20.74
C SER H 40 29.96 -33.77 20.45
N LEU H 41 29.13 -33.56 19.44
CA LEU H 41 28.28 -34.59 18.87
C LEU H 41 28.22 -34.40 17.37
N ARG H 42 27.88 -35.47 16.65
CA ARG H 42 27.64 -35.38 15.21
C ARG H 42 26.28 -35.99 14.89
N LEU H 43 25.34 -35.16 14.44
CA LEU H 43 24.03 -35.63 14.01
C LEU H 43 24.02 -35.94 12.52
N SER H 44 23.28 -36.98 12.16
CA SER H 44 23.11 -37.37 10.77
C SER H 44 21.62 -37.44 10.47
N CYS H 45 21.26 -37.08 9.23
CA CYS H 45 19.90 -37.22 8.73
C CYS H 45 19.94 -37.94 7.40
N ALA H 46 19.33 -39.12 7.34
CA ALA H 46 19.35 -39.96 6.15
C ALA H 46 18.07 -39.77 5.36
N ALA H 47 18.20 -39.54 4.04
CA ALA H 47 17.04 -39.51 3.17
C ALA H 47 16.65 -40.93 2.77
N SER H 48 15.35 -41.14 2.61
CA SER H 48 14.83 -42.35 1.99
C SER H 48 13.66 -41.97 1.09
N GLY H 49 13.27 -42.91 0.23
CA GLY H 49 12.27 -42.64 -0.78
C GLY H 49 12.86 -41.97 -1.99
N GLN H 50 13.43 -40.78 -1.80
CA GLN H 50 14.22 -40.09 -2.82
C GLN H 50 15.45 -39.50 -2.14
N THR H 51 16.35 -38.93 -2.93
CA THR H 51 17.52 -38.30 -2.37
C THR H 51 17.21 -36.85 -2.03
N PHE H 52 18.18 -36.15 -1.44
CA PHE H 52 18.00 -34.75 -1.07
C PHE H 52 18.22 -33.79 -2.23
N SER H 53 18.59 -34.29 -3.40
CA SER H 53 18.97 -33.39 -4.49
C SER H 53 17.78 -32.53 -4.91
N GLY H 54 18.00 -31.23 -5.01
CA GLY H 54 16.95 -30.28 -5.27
C GLY H 54 16.16 -29.85 -4.06
N TYR H 55 16.45 -30.40 -2.88
CA TYR H 55 15.80 -30.02 -1.64
C TYR H 55 16.71 -29.12 -0.83
N VAL H 56 16.12 -28.15 -0.15
CA VAL H 56 16.79 -27.47 0.95
C VAL H 56 16.61 -28.30 2.21
N THR H 57 17.71 -28.62 2.89
CA THR H 57 17.67 -29.37 4.15
C THR H 57 18.08 -28.46 5.30
N GLY H 58 17.24 -28.38 6.32
CA GLY H 58 17.51 -27.55 7.48
C GLY H 58 17.47 -28.36 8.75
N TRP H 59 18.31 -27.97 9.71
CA TRP H 59 18.26 -28.50 11.07
C TRP H 59 17.50 -27.52 11.96
N PHE H 60 16.64 -28.06 12.80
CA PHE H 60 15.87 -27.31 13.78
C PHE H 60 16.00 -27.98 15.14
N ARG H 61 15.69 -27.24 16.20
CA ARG H 61 15.72 -27.80 17.54
C ARG H 61 14.58 -27.21 18.38
N GLN H 62 14.10 -28.00 19.33
CA GLN H 62 12.97 -27.59 20.16
C GLN H 62 13.22 -28.05 21.60
N ALA H 63 13.48 -27.09 22.46
CA ALA H 63 13.66 -27.36 23.88
C ALA H 63 12.30 -27.48 24.58
N PRO H 64 12.25 -28.10 25.77
CA PRO H 64 10.97 -28.46 26.40
C PRO H 64 10.13 -27.27 26.89
N GLY H 65 9.16 -26.81 26.10
CA GLY H 65 8.38 -25.64 26.45
C GLY H 65 8.70 -24.42 25.62
N LYS H 66 9.39 -24.61 24.50
CA LYS H 66 9.89 -23.57 23.62
C LYS H 66 9.50 -23.93 22.19
N GLU H 67 9.43 -22.93 21.32
CA GLU H 67 9.02 -23.23 19.96
C GLU H 67 10.18 -23.81 19.17
N ARG H 68 9.84 -24.48 18.07
CA ARG H 68 10.87 -25.03 17.19
C ARG H 68 11.65 -23.89 16.56
N GLU H 69 12.97 -23.88 16.75
CA GLU H 69 13.79 -22.79 16.25
C GLU H 69 14.87 -23.29 15.29
N PHE H 70 15.25 -22.40 14.38
CA PHE H 70 16.15 -22.73 13.27
C PHE H 70 17.59 -22.83 13.75
N VAL H 71 18.35 -23.77 13.18
CA VAL H 71 19.74 -24.02 13.54
C VAL H 71 20.68 -23.82 12.34
N ALA H 72 20.42 -24.52 11.24
CA ALA H 72 21.28 -24.43 10.07
C ALA H 72 20.57 -25.00 8.86
N LEU H 73 20.99 -24.54 7.67
CA LEU H 73 20.46 -25.09 6.44
C LEU H 73 21.55 -25.16 5.39
N ILE H 74 21.33 -26.02 4.40
CA ILE H 74 22.21 -26.17 3.24
C ILE H 74 21.35 -26.70 2.10
N ALA H 75 21.69 -26.33 0.87
CA ALA H 75 20.84 -26.63 -0.28
C ALA H 75 21.43 -27.63 -1.27
N TRP H 76 22.75 -27.83 -1.28
CA TRP H 76 23.37 -28.89 -2.06
C TRP H 76 24.75 -29.14 -1.48
N SER H 77 25.34 -30.27 -1.87
CA SER H 77 26.64 -30.64 -1.34
C SER H 77 27.67 -29.57 -1.68
N GLY H 78 28.27 -28.98 -0.65
CA GLY H 78 29.22 -27.90 -0.85
C GLY H 78 28.62 -26.56 -1.19
N GLY H 79 27.31 -26.37 -0.99
CA GLY H 79 26.67 -25.11 -1.30
C GLY H 79 26.73 -24.13 -0.14
N ARG H 80 26.07 -22.98 -0.32
CA ARG H 80 26.16 -21.93 0.69
C ARG H 80 25.43 -22.35 1.96
N LEU H 81 26.06 -22.07 3.08
CA LEU H 81 25.54 -22.46 4.38
C LEU H 81 24.82 -21.29 5.02
N TYR H 82 23.93 -21.61 5.96
CA TYR H 82 23.39 -20.57 6.81
C TYR H 82 23.23 -21.12 8.22
N TYR H 83 23.59 -20.30 9.20
CA TYR H 83 23.53 -20.69 10.60
C TYR H 83 22.78 -19.65 11.40
N ALA H 84 22.02 -20.11 12.39
CA ALA H 84 21.43 -19.18 13.36
C ALA H 84 22.54 -18.51 14.17
N ASP H 85 22.26 -17.30 14.64
CA ASP H 85 23.28 -16.55 15.37
C ASP H 85 23.72 -17.28 16.63
N SER H 86 22.88 -18.15 17.18
CA SER H 86 23.21 -18.82 18.43
C SER H 86 24.24 -19.93 18.26
N VAL H 87 24.56 -20.35 17.03
CA VAL H 87 25.30 -21.59 16.82
C VAL H 87 26.48 -21.44 15.88
N GLN H 88 26.70 -20.29 15.26
CA GLN H 88 27.70 -20.37 14.20
C GLN H 88 29.09 -20.15 14.78
N GLY H 89 30.09 -20.66 14.07
CA GLY H 89 31.40 -20.86 14.62
C GLY H 89 31.51 -22.07 15.53
N ARG H 90 30.38 -22.64 15.96
CA ARG H 90 30.36 -23.85 16.78
C ARG H 90 29.81 -25.07 16.05
N PHE H 91 28.89 -24.88 15.11
CA PHE H 91 28.24 -25.97 14.40
C PHE H 91 28.63 -25.92 12.92
N THR H 92 28.73 -27.09 12.29
CA THR H 92 29.00 -27.16 10.85
C THR H 92 28.00 -28.11 10.21
N ILE H 93 27.23 -27.60 9.25
CA ILE H 93 26.30 -28.40 8.47
C ILE H 93 26.96 -28.78 7.16
N SER H 94 26.68 -30.00 6.68
CA SER H 94 27.22 -30.47 5.41
C SER H 94 26.26 -31.50 4.83
N ARG H 95 26.51 -31.85 3.57
CA ARG H 95 25.81 -32.91 2.85
C ARG H 95 26.82 -33.67 2.01
N ASP H 96 26.69 -35.00 1.97
CA ASP H 96 27.61 -35.78 1.17
C ASP H 96 27.33 -35.57 -0.32
N ASN H 97 28.31 -35.95 -1.14
CA ASN H 97 28.20 -35.72 -2.57
C ASN H 97 27.01 -36.47 -3.18
N ALA H 98 26.66 -37.63 -2.63
CA ALA H 98 25.55 -38.44 -3.12
C ALA H 98 24.19 -37.88 -2.70
N GLU H 99 24.17 -36.84 -1.87
CA GLU H 99 22.94 -36.16 -1.44
C GLU H 99 21.97 -37.09 -0.73
N THR H 100 22.49 -38.10 -0.01
CA THR H 100 21.66 -38.99 0.78
C THR H 100 21.66 -38.68 2.27
N THR H 101 22.53 -37.78 2.73
CA THR H 101 22.70 -37.55 4.16
C THR H 101 23.07 -36.10 4.43
N VAL H 102 22.45 -35.52 5.44
CA VAL H 102 22.83 -34.20 5.95
C VAL H 102 23.46 -34.39 7.31
N TYR H 103 24.55 -33.66 7.56
CA TYR H 103 25.30 -33.78 8.79
C TYR H 103 25.29 -32.47 9.55
N LEU H 104 25.31 -32.58 10.89
CA LEU H 104 25.48 -31.41 11.76
C LEU H 104 26.52 -31.78 12.80
N GLN H 105 27.75 -31.31 12.61
CA GLN H 105 28.79 -31.44 13.62
C GLN H 105 28.65 -30.32 14.64
N MET H 106 28.42 -30.67 15.90
CA MET H 106 28.25 -29.69 16.96
C MET H 106 29.43 -29.78 17.91
N ASN H 107 30.16 -28.68 18.06
CA ASN H 107 31.27 -28.59 18.99
C ASN H 107 30.98 -27.53 20.04
N SER H 108 31.80 -27.51 21.09
CA SER H 108 31.70 -26.52 22.16
C SER H 108 30.28 -26.46 22.73
N LEU H 109 29.69 -27.64 22.95
CA LEU H 109 28.30 -27.71 23.31
C LEU H 109 28.06 -27.09 24.69
N LYS H 110 26.92 -26.44 24.83
CA LYS H 110 26.53 -25.76 26.05
C LYS H 110 25.18 -26.27 26.51
N PRO H 111 24.88 -26.17 27.82
CA PRO H 111 23.59 -26.66 28.32
C PRO H 111 22.40 -26.08 27.58
N GLU H 112 22.56 -24.89 26.97
CA GLU H 112 21.38 -24.30 26.36
C GLU H 112 21.07 -24.92 25.01
N ASP H 113 21.99 -25.76 24.50
CA ASP H 113 21.80 -26.51 23.26
C ASP H 113 20.98 -27.78 23.46
N THR H 114 20.61 -28.09 24.70
CA THR H 114 19.73 -29.21 25.00
C THR H 114 18.38 -29.03 24.33
N ALA H 115 18.01 -29.98 23.48
CA ALA H 115 16.74 -29.95 22.75
C ALA H 115 16.63 -31.23 21.94
N VAL H 116 15.42 -31.49 21.47
CA VAL H 116 15.23 -32.45 20.38
C VAL H 116 15.60 -31.76 19.08
N TYR H 117 16.48 -32.39 18.30
CA TYR H 117 16.94 -31.82 17.03
C TYR H 117 16.25 -32.53 15.88
N TYR H 118 15.77 -31.74 14.91
CA TYR H 118 15.01 -32.23 13.77
C TYR H 118 15.67 -31.79 12.47
N CYS H 119 15.82 -32.71 11.53
CA CYS H 119 16.13 -32.32 10.16
C CYS H 119 14.82 -32.17 9.38
N ALA H 120 14.85 -31.31 8.37
CA ALA H 120 13.66 -30.97 7.61
C ALA H 120 14.07 -30.62 6.19
N ALA H 121 13.15 -30.87 5.24
CA ALA H 121 13.41 -30.67 3.82
C ALA H 121 12.27 -29.89 3.19
N LYS H 122 12.60 -29.14 2.13
CA LYS H 122 11.59 -28.36 1.43
C LYS H 122 12.03 -28.09 0.00
N ARG H 123 11.04 -27.96 -0.89
CA ARG H 123 11.19 -27.25 -2.15
C ARG H 123 11.10 -25.75 -1.87
N GLY H 124 11.24 -24.95 -2.92
CA GLY H 124 11.34 -23.52 -2.72
C GLY H 124 12.76 -23.14 -2.29
N GLY H 125 12.85 -21.99 -1.61
CA GLY H 125 14.13 -21.37 -1.34
C GLY H 125 14.69 -21.70 0.04
N ALA H 126 15.85 -21.12 0.31
CA ALA H 126 16.56 -21.36 1.57
C ALA H 126 16.05 -20.33 2.57
N VAL H 127 15.04 -20.71 3.34
CA VAL H 127 14.43 -19.83 4.32
C VAL H 127 14.48 -20.54 5.68
N THR H 128 14.38 -19.74 6.74
CA THR H 128 14.56 -20.25 8.10
C THR H 128 13.25 -20.54 8.82
N ALA H 129 12.10 -20.25 8.20
CA ALA H 129 10.81 -20.39 8.87
C ALA H 129 10.37 -21.84 8.86
N ALA H 130 10.20 -22.42 10.05
CA ALA H 130 9.90 -23.84 10.17
C ALA H 130 8.60 -24.19 9.47
N GLU H 131 7.59 -23.31 9.53
CA GLU H 131 6.30 -23.58 8.91
C GLU H 131 6.41 -23.82 7.41
N TRP H 132 7.51 -23.42 6.78
CA TRP H 132 7.66 -23.51 5.33
C TRP H 132 8.39 -24.77 4.89
N TYR H 133 8.86 -25.59 5.82
CA TYR H 133 9.48 -26.87 5.50
C TYR H 133 8.40 -27.95 5.45
N ASP H 134 8.40 -28.74 4.37
CA ASP H 134 7.32 -29.66 4.10
C ASP H 134 7.52 -31.03 4.79
N TYR H 135 8.76 -31.46 5.00
CA TYR H 135 9.04 -32.82 5.44
C TYR H 135 9.99 -32.81 6.63
N TRP H 136 9.69 -33.61 7.64
CA TRP H 136 10.37 -33.58 8.94
C TRP H 136 10.76 -34.99 9.37
N GLY H 137 11.91 -35.12 10.03
CA GLY H 137 12.23 -36.34 10.74
C GLY H 137 11.51 -36.38 12.07
N GLN H 138 11.66 -37.50 12.78
CA GLN H 138 11.07 -37.56 14.12
C GLN H 138 11.93 -36.95 15.20
N GLY H 139 13.16 -36.58 14.91
CA GLY H 139 13.90 -35.90 15.95
C GLY H 139 14.81 -36.83 16.74
N THR H 140 15.92 -36.28 17.22
CA THR H 140 16.85 -37.00 18.08
C THR H 140 17.19 -36.11 19.27
N GLN H 141 17.25 -36.73 20.45
CA GLN H 141 17.46 -35.99 21.69
C GLN H 141 18.93 -35.65 21.87
N VAL H 142 19.21 -34.39 22.17
CA VAL H 142 20.55 -33.94 22.56
C VAL H 142 20.45 -33.32 23.94
N THR H 143 21.26 -33.83 24.87
CA THR H 143 21.31 -33.31 26.23
C THR H 143 22.75 -32.97 26.58
N VAL H 144 22.97 -31.75 27.07
CA VAL H 144 24.29 -31.27 27.46
C VAL H 144 24.23 -30.90 28.94
N SER H 145 25.05 -31.56 29.75
CA SER H 145 25.01 -31.39 31.19
C SER H 145 26.06 -30.41 31.68
N SER H 146 25.88 -29.93 32.90
CA SER H 146 26.82 -28.99 33.51
C SER H 146 28.03 -29.73 34.09
N GLN I 24 7.30 -7.65 46.09
CA GLN I 24 8.22 -8.72 46.42
C GLN I 24 7.80 -9.40 47.74
N VAL I 25 6.51 -9.74 47.86
CA VAL I 25 6.04 -10.49 49.02
C VAL I 25 6.69 -11.88 49.05
N GLN I 26 7.14 -12.31 50.24
CA GLN I 26 7.63 -13.68 50.39
C GLN I 26 6.51 -14.60 50.87
N LEU I 27 6.58 -15.85 50.42
CA LEU I 27 5.54 -16.84 50.67
C LEU I 27 6.15 -18.06 51.33
N GLN I 28 5.42 -18.63 52.29
CA GLN I 28 5.86 -19.80 53.03
C GLN I 28 4.65 -20.68 53.32
N GLU I 29 4.68 -21.92 52.83
CA GLU I 29 3.55 -22.82 53.02
C GLU I 29 3.64 -23.52 54.37
N SER I 30 2.49 -24.07 54.79
CA SER I 30 2.39 -24.85 56.01
C SER I 30 1.18 -25.75 55.89
N GLY I 31 1.19 -26.83 56.67
CA GLY I 31 0.04 -27.71 56.80
C GLY I 31 0.11 -29.02 56.05
N GLY I 32 1.13 -29.22 55.20
CA GLY I 32 1.27 -30.48 54.51
C GLY I 32 1.48 -31.63 55.47
N GLY I 33 1.09 -32.83 55.04
CA GLY I 33 1.25 -33.99 55.88
C GLY I 33 0.74 -35.24 55.20
N LEU I 34 0.53 -36.28 56.03
CA LEU I 34 0.01 -37.56 55.57
C LEU I 34 -1.51 -37.60 55.74
N VAL I 35 -2.16 -38.40 54.90
CA VAL I 35 -3.61 -38.52 54.92
C VAL I 35 -4.05 -39.73 54.11
N GLN I 36 -5.07 -40.43 54.60
CA GLN I 36 -5.69 -41.52 53.85
C GLN I 36 -6.85 -40.96 53.01
N ALA I 37 -7.22 -41.72 51.98
CA ALA I 37 -8.30 -41.31 51.10
C ALA I 37 -9.59 -41.07 51.88
N GLY I 38 -10.20 -39.91 51.67
CA GLY I 38 -11.46 -39.57 52.31
C GLY I 38 -11.37 -38.55 53.42
N GLY I 39 -10.17 -38.07 53.76
CA GLY I 39 -9.99 -37.16 54.87
C GLY I 39 -10.01 -35.70 54.46
N SER I 40 -9.42 -34.86 55.33
CA SER I 40 -9.41 -33.43 55.12
C SER I 40 -8.03 -32.86 55.48
N LEU I 41 -7.76 -31.67 54.96
CA LEU I 41 -6.54 -30.94 55.28
C LEU I 41 -6.78 -29.46 54.98
N ARG I 42 -6.32 -28.58 55.87
CA ARG I 42 -6.31 -27.16 55.61
C ARG I 42 -4.87 -26.70 55.48
N LEU I 43 -4.46 -26.36 54.26
CA LEU I 43 -3.18 -25.69 54.02
C LEU I 43 -3.29 -24.20 54.32
N SER I 44 -2.15 -23.59 54.67
CA SER I 44 -2.08 -22.15 54.82
C SER I 44 -0.80 -21.64 54.18
N CYS I 45 -0.79 -20.35 53.89
CA CYS I 45 0.36 -19.71 53.26
C CYS I 45 0.47 -18.31 53.84
N ALA I 46 1.51 -18.07 54.62
CA ALA I 46 1.70 -16.78 55.28
C ALA I 46 2.49 -15.84 54.38
N ALA I 47 2.26 -14.55 54.56
CA ALA I 47 2.96 -13.51 53.82
C ALA I 47 3.98 -12.83 54.72
N SER I 48 5.10 -12.39 54.12
CA SER I 48 6.10 -11.62 54.83
C SER I 48 6.72 -10.61 53.88
N GLY I 49 7.44 -9.65 54.45
CA GLY I 49 8.00 -8.53 53.71
C GLY I 49 6.94 -7.49 53.39
N GLN I 50 5.81 -7.99 52.89
CA GLN I 50 4.58 -7.24 52.64
C GLN I 50 3.39 -8.18 52.68
N THR I 51 2.21 -7.59 52.79
CA THR I 51 0.98 -8.36 52.88
C THR I 51 0.52 -8.77 51.48
N PHE I 52 -0.55 -9.55 51.43
CA PHE I 52 -1.11 -9.98 50.14
C PHE I 52 -1.98 -8.91 49.50
N SER I 53 -2.18 -7.78 50.18
CA SER I 53 -3.05 -6.72 49.65
C SER I 53 -2.67 -6.35 48.23
N GLY I 54 -3.66 -6.42 47.32
CA GLY I 54 -3.43 -6.12 45.93
C GLY I 54 -2.83 -7.25 45.11
N TYR I 55 -2.50 -8.37 45.73
CA TYR I 55 -1.92 -9.51 45.04
C TYR I 55 -2.99 -10.54 44.71
N VAL I 56 -2.81 -11.21 43.57
CA VAL I 56 -3.53 -12.44 43.29
C VAL I 56 -2.74 -13.59 43.90
N THR I 57 -3.38 -14.36 44.77
CA THR I 57 -2.75 -15.51 45.41
C THR I 57 -3.39 -16.79 44.87
N GLY I 58 -2.57 -17.63 44.26
CA GLY I 58 -3.05 -18.88 43.70
C GLY I 58 -2.29 -20.08 44.23
N TRP I 59 -3.00 -21.19 44.33
CA TRP I 59 -2.43 -22.45 44.76
C TRP I 59 -2.17 -23.35 43.54
N PHE I 60 -1.01 -23.99 43.52
CA PHE I 60 -0.61 -24.88 42.45
C PHE I 60 -0.10 -26.20 43.03
N ARG I 61 -0.19 -27.26 42.25
CA ARG I 61 0.37 -28.55 42.65
C ARG I 61 1.14 -29.18 41.50
N GLN I 62 2.14 -29.98 41.86
CA GLN I 62 2.93 -30.75 40.91
C GLN I 62 3.04 -32.17 41.42
N ALA I 63 2.55 -33.12 40.64
CA ALA I 63 2.61 -34.51 41.01
C ALA I 63 3.93 -35.13 40.57
N PRO I 64 4.30 -36.30 41.13
CA PRO I 64 5.54 -36.97 40.70
C PRO I 64 5.58 -37.24 39.21
N GLY I 65 6.45 -36.52 38.50
CA GLY I 65 6.53 -36.65 37.07
C GLY I 65 5.45 -35.94 36.31
N LYS I 66 5.00 -34.79 36.82
CA LYS I 66 3.96 -34.01 36.18
C LYS I 66 4.47 -32.60 35.89
N GLU I 67 3.57 -31.68 35.65
CA GLU I 67 3.89 -30.25 35.58
C GLU I 67 3.13 -29.52 36.66
N ARG I 68 3.46 -28.25 36.86
CA ARG I 68 2.69 -27.42 37.78
C ARG I 68 1.25 -27.31 37.29
N GLU I 69 0.30 -27.68 38.14
CA GLU I 69 -1.11 -27.64 37.81
C GLU I 69 -1.80 -26.59 38.68
N PHE I 70 -2.73 -25.85 38.07
CA PHE I 70 -3.47 -24.83 38.80
C PHE I 70 -4.57 -25.48 39.65
N VAL I 71 -4.75 -24.96 40.86
CA VAL I 71 -5.76 -25.45 41.80
C VAL I 71 -6.84 -24.40 42.05
N ALA I 72 -6.45 -23.26 42.63
CA ALA I 72 -7.42 -22.22 42.98
C ALA I 72 -6.69 -20.90 43.12
N LEU I 73 -7.45 -19.81 43.06
CA LEU I 73 -6.90 -18.47 43.27
C LEU I 73 -7.93 -17.58 43.94
N ILE I 74 -7.43 -16.51 44.56
CA ILE I 74 -8.25 -15.51 45.22
C ILE I 74 -7.50 -14.18 45.15
N ALA I 75 -8.24 -13.07 45.09
CA ALA I 75 -7.63 -11.77 44.92
C ALA I 75 -7.80 -10.83 46.11
N TRP I 76 -8.81 -11.04 46.94
CA TRP I 76 -8.91 -10.32 48.20
C TRP I 76 -9.81 -11.12 49.13
N SER I 77 -9.77 -10.77 50.40
CA SER I 77 -10.52 -11.51 51.41
C SER I 77 -12.01 -11.32 51.18
N GLY I 78 -12.75 -12.42 51.15
CA GLY I 78 -14.13 -12.36 50.72
C GLY I 78 -14.32 -12.02 49.25
N GLY I 79 -13.25 -12.01 48.45
CA GLY I 79 -13.34 -11.70 47.05
C GLY I 79 -13.83 -12.88 46.23
N ARG I 80 -13.87 -12.69 44.91
CA ARG I 80 -14.42 -13.72 44.04
C ARG I 80 -13.34 -14.75 43.71
N LEU I 81 -13.79 -15.99 43.55
CA LEU I 81 -12.92 -17.15 43.66
C LEU I 81 -12.95 -17.93 42.35
N TYR I 82 -11.80 -18.51 41.97
CA TYR I 82 -11.78 -19.46 40.87
C TYR I 82 -11.16 -20.76 41.33
N TYR I 83 -11.79 -21.87 40.93
CA TYR I 83 -11.30 -23.21 41.21
C TYR I 83 -11.13 -23.97 39.89
N ALA I 84 -10.08 -24.78 39.82
CA ALA I 84 -9.94 -25.69 38.69
C ALA I 84 -11.02 -26.76 38.77
N ASP I 85 -11.41 -27.29 37.61
CA ASP I 85 -12.46 -28.30 37.56
C ASP I 85 -12.08 -29.56 38.31
N SER I 86 -10.77 -29.82 38.49
CA SER I 86 -10.35 -31.01 39.22
C SER I 86 -10.84 -30.98 40.65
N VAL I 87 -10.76 -29.82 41.30
CA VAL I 87 -10.97 -29.69 42.73
C VAL I 87 -12.27 -28.96 43.04
N GLN I 88 -13.09 -28.70 42.03
CA GLN I 88 -14.35 -28.00 42.24
C GLN I 88 -15.26 -28.79 43.18
N GLY I 89 -15.81 -28.10 44.16
CA GLY I 89 -16.70 -28.72 45.13
C GLY I 89 -16.02 -29.09 46.42
N ARG I 90 -14.85 -29.73 46.31
CA ARG I 90 -14.16 -30.26 47.48
C ARG I 90 -13.24 -29.25 48.16
N PHE I 91 -12.66 -28.31 47.42
CA PHE I 91 -11.67 -27.41 47.96
C PHE I 91 -12.25 -26.02 48.16
N THR I 92 -11.72 -25.32 49.17
CA THR I 92 -12.08 -23.93 49.44
C THR I 92 -10.83 -23.13 49.70
N ILE I 93 -10.63 -22.06 48.93
CA ILE I 93 -9.53 -21.12 49.14
C ILE I 93 -10.09 -19.90 49.86
N SER I 94 -9.29 -19.30 50.73
CA SER I 94 -9.73 -18.13 51.48
C SER I 94 -8.53 -17.30 51.91
N ARG I 95 -8.80 -16.02 52.18
CA ARG I 95 -7.82 -15.09 52.72
C ARG I 95 -8.43 -14.36 53.91
N ASP I 96 -7.64 -14.17 54.95
CA ASP I 96 -8.15 -13.50 56.14
C ASP I 96 -8.22 -11.99 55.89
N ASN I 97 -8.95 -11.30 56.76
CA ASN I 97 -9.15 -9.86 56.56
C ASN I 97 -7.84 -9.09 56.57
N ALA I 98 -6.86 -9.55 57.36
CA ALA I 98 -5.57 -8.87 57.42
C ALA I 98 -4.74 -9.03 56.16
N GLU I 99 -5.17 -9.89 55.23
CA GLU I 99 -4.45 -10.14 53.97
C GLU I 99 -3.02 -10.63 54.22
N THR I 100 -2.80 -11.31 55.35
CA THR I 100 -1.49 -11.87 55.68
C THR I 100 -1.37 -13.37 55.50
N THR I 101 -2.48 -14.12 55.47
CA THR I 101 -2.40 -15.55 55.14
C THR I 101 -3.52 -15.91 54.18
N VAL I 102 -3.24 -16.87 53.30
CA VAL I 102 -4.23 -17.47 52.41
C VAL I 102 -4.34 -18.95 52.76
N TYR I 103 -5.56 -19.47 52.76
CA TYR I 103 -5.83 -20.84 53.14
C TYR I 103 -6.33 -21.66 51.96
N LEU I 104 -6.10 -22.97 52.03
CA LEU I 104 -6.63 -23.92 51.06
C LEU I 104 -7.14 -25.11 51.85
N GLN I 105 -8.45 -25.16 52.06
CA GLN I 105 -9.09 -26.22 52.83
C GLN I 105 -9.50 -27.34 51.87
N MET I 106 -8.92 -28.51 52.05
CA MET I 106 -8.99 -29.61 51.10
C MET I 106 -9.80 -30.76 51.69
N ASN I 107 -10.90 -31.12 51.02
CA ASN I 107 -11.80 -32.17 51.49
C ASN I 107 -11.95 -33.25 50.43
N SER I 108 -12.49 -34.40 50.86
CA SER I 108 -12.70 -35.58 50.01
C SER I 108 -11.45 -35.89 49.18
N LEU I 109 -10.33 -36.07 49.86
CA LEU I 109 -9.05 -36.22 49.18
C LEU I 109 -9.01 -37.53 48.39
N LYS I 110 -8.59 -37.44 47.14
CA LYS I 110 -8.43 -38.56 46.21
C LYS I 110 -6.96 -38.97 46.14
N PRO I 111 -6.69 -40.22 45.75
CA PRO I 111 -5.27 -40.65 45.65
C PRO I 111 -4.43 -39.76 44.74
N GLU I 112 -4.94 -39.38 43.57
CA GLU I 112 -4.15 -38.58 42.64
C GLU I 112 -3.94 -37.15 43.10
N ASP I 113 -4.50 -36.76 44.25
CA ASP I 113 -4.19 -35.46 44.85
C ASP I 113 -2.79 -35.41 45.45
N THR I 114 -2.07 -36.54 45.46
CA THR I 114 -0.70 -36.56 45.94
C THR I 114 0.17 -35.66 45.08
N ALA I 115 0.71 -34.61 45.70
CA ALA I 115 1.54 -33.64 44.99
C ALA I 115 2.18 -32.73 46.02
N VAL I 116 3.17 -31.97 45.57
CA VAL I 116 3.71 -30.85 46.35
C VAL I 116 2.90 -29.62 46.00
N TYR I 117 2.44 -28.90 47.02
CA TYR I 117 1.53 -27.78 46.83
C TYR I 117 2.26 -26.47 47.11
N TYR I 118 2.16 -25.53 46.17
CA TYR I 118 2.79 -24.23 46.26
C TYR I 118 1.72 -23.14 46.22
N CYS I 119 1.87 -22.13 47.07
CA CYS I 119 1.12 -20.89 46.91
C CYS I 119 1.96 -19.92 46.09
N ALA I 120 1.31 -19.17 45.22
CA ALA I 120 2.00 -18.21 44.36
C ALA I 120 1.27 -16.88 44.39
N ALA I 121 2.04 -15.80 44.23
CA ALA I 121 1.51 -14.45 44.27
C ALA I 121 1.95 -13.69 43.01
N LYS I 122 1.15 -12.69 42.64
CA LYS I 122 1.43 -11.93 41.43
C LYS I 122 0.63 -10.64 41.45
N ARG I 123 1.22 -9.61 40.83
CA ARG I 123 0.44 -8.47 40.36
C ARG I 123 -0.19 -8.84 39.03
N GLY I 124 -1.00 -7.95 38.48
CA GLY I 124 -1.75 -8.27 37.28
C GLY I 124 -3.11 -8.87 37.60
N GLY I 125 -3.66 -9.66 36.67
CA GLY I 125 -5.02 -10.15 36.78
C GLY I 125 -5.11 -11.58 37.30
N ALA I 126 -6.37 -12.01 37.50
CA ALA I 126 -6.67 -13.35 38.00
C ALA I 126 -6.48 -14.36 36.88
N VAL I 127 -5.30 -14.98 36.86
CA VAL I 127 -4.85 -15.86 35.77
C VAL I 127 -4.42 -17.20 36.36
N THR I 128 -4.63 -18.26 35.58
CA THR I 128 -4.28 -19.63 35.97
C THR I 128 -2.95 -20.11 35.40
N ALA I 129 -2.30 -19.32 34.55
CA ALA I 129 -1.01 -19.72 33.98
C ALA I 129 0.08 -19.55 35.03
N ALA I 130 0.76 -20.65 35.37
CA ALA I 130 1.77 -20.60 36.43
C ALA I 130 2.95 -19.71 36.04
N GLU I 131 3.38 -19.76 34.79
CA GLU I 131 4.34 -18.80 34.23
C GLU I 131 4.13 -17.33 34.58
N TRP I 132 2.91 -16.86 34.75
CA TRP I 132 2.74 -15.45 35.00
C TRP I 132 2.76 -15.08 36.48
N TYR I 133 2.91 -16.05 37.37
CA TYR I 133 3.10 -15.77 38.79
C TYR I 133 4.58 -15.54 39.06
N ASP I 134 4.88 -14.48 39.81
CA ASP I 134 6.26 -14.07 40.01
C ASP I 134 6.87 -14.53 41.32
N TYR I 135 6.05 -14.83 42.33
CA TYR I 135 6.54 -15.18 43.65
C TYR I 135 5.90 -16.49 44.08
N TRP I 136 6.73 -17.42 44.53
CA TRP I 136 6.31 -18.76 44.90
C TRP I 136 6.87 -19.11 46.27
N GLY I 137 6.08 -19.81 47.06
CA GLY I 137 6.61 -20.46 48.24
C GLY I 137 7.54 -21.60 47.86
N GLN I 138 8.02 -22.29 48.88
CA GLN I 138 8.89 -23.44 48.63
C GLN I 138 8.13 -24.75 48.52
N GLY I 139 6.85 -24.77 48.90
CA GLY I 139 6.01 -25.94 48.68
C GLY I 139 5.95 -26.88 49.85
N THR I 140 4.77 -27.45 50.10
CA THR I 140 4.56 -28.45 51.12
C THR I 140 4.03 -29.73 50.47
N GLN I 141 4.25 -30.86 51.15
CA GLN I 141 3.95 -32.17 50.59
C GLN I 141 2.64 -32.71 51.14
N VAL I 142 1.73 -33.07 50.24
CA VAL I 142 0.49 -33.77 50.58
C VAL I 142 0.55 -35.15 49.94
N THR I 143 0.41 -36.19 50.76
CA THR I 143 0.45 -37.57 50.31
C THR I 143 -0.86 -38.25 50.69
N VAL I 144 -1.62 -38.68 49.70
CA VAL I 144 -2.89 -39.35 49.95
C VAL I 144 -2.71 -40.86 49.90
N GLN J 24 -5.57 16.77 -2.99
CA GLN J 24 -5.35 17.44 -4.27
C GLN J 24 -6.23 16.80 -5.34
N VAL J 25 -7.55 16.95 -5.13
CA VAL J 25 -8.54 16.61 -6.14
C VAL J 25 -8.18 17.22 -7.49
N GLN J 26 -8.32 16.42 -8.55
CA GLN J 26 -8.28 16.91 -9.92
C GLN J 26 -9.67 16.85 -10.54
N LEU J 27 -9.88 17.77 -11.48
CA LEU J 27 -11.21 18.14 -11.94
C LEU J 27 -11.23 18.08 -13.47
N GLN J 28 -12.40 17.79 -14.03
CA GLN J 28 -12.54 17.75 -15.48
C GLN J 28 -13.98 18.04 -15.88
N GLU J 29 -14.18 19.14 -16.59
CA GLU J 29 -15.48 19.53 -17.10
C GLU J 29 -15.76 18.88 -18.44
N SER J 30 -17.02 18.55 -18.68
CA SER J 30 -17.44 17.98 -19.95
C SER J 30 -18.92 18.28 -20.15
N GLY J 31 -19.38 18.10 -21.40
CA GLY J 31 -20.76 18.31 -21.77
C GLY J 31 -21.03 19.60 -22.49
N GLY J 32 -20.04 20.48 -22.62
CA GLY J 32 -20.25 21.74 -23.31
C GLY J 32 -20.41 21.56 -24.82
N GLY J 33 -20.70 22.67 -25.47
CA GLY J 33 -20.88 22.67 -26.91
C GLY J 33 -21.73 23.87 -27.34
N LEU J 34 -22.48 23.66 -28.42
CA LEU J 34 -23.37 24.68 -28.96
C LEU J 34 -24.82 24.26 -28.79
N VAL J 35 -25.69 25.22 -28.48
CA VAL J 35 -27.13 24.99 -28.46
C VAL J 35 -27.78 26.33 -28.78
N GLN J 36 -29.04 26.29 -29.20
CA GLN J 36 -29.72 27.53 -29.53
C GLN J 36 -30.40 28.14 -28.30
N ALA J 37 -30.79 29.41 -28.44
CA ALA J 37 -31.31 30.17 -27.30
C ALA J 37 -32.56 29.53 -26.73
N GLY J 38 -32.70 29.59 -25.41
CA GLY J 38 -33.78 28.92 -24.72
C GLY J 38 -33.58 27.44 -24.53
N GLY J 39 -32.50 26.87 -25.07
CA GLY J 39 -32.24 25.45 -24.91
C GLY J 39 -31.60 25.12 -23.58
N SER J 40 -31.48 23.82 -23.33
CA SER J 40 -30.90 23.31 -22.10
C SER J 40 -29.60 22.56 -22.39
N LEU J 41 -28.86 22.29 -21.33
CA LEU J 41 -27.55 21.65 -21.37
C LEU J 41 -27.15 21.32 -19.94
N ARG J 42 -26.40 20.23 -19.78
CA ARG J 42 -26.00 19.77 -18.46
C ARG J 42 -24.50 19.48 -18.44
N LEU J 43 -23.76 20.20 -17.61
CA LEU J 43 -22.33 19.98 -17.47
C LEU J 43 -22.04 18.96 -16.37
N SER J 44 -20.92 18.26 -16.55
CA SER J 44 -20.39 17.33 -15.57
C SER J 44 -18.99 17.78 -15.19
N CYS J 45 -18.68 17.67 -13.90
CA CYS J 45 -17.32 17.87 -13.40
C CYS J 45 -16.91 16.61 -12.66
N ALA J 46 -16.02 15.82 -13.25
CA ALA J 46 -15.62 14.54 -12.71
C ALA J 46 -14.38 14.70 -11.83
N ALA J 47 -14.41 14.11 -10.64
CA ALA J 47 -13.27 14.10 -9.74
C ALA J 47 -12.39 12.89 -10.02
N SER J 48 -11.10 13.05 -9.77
CA SER J 48 -10.16 11.92 -9.85
C SER J 48 -9.04 12.15 -8.85
N GLY J 49 -8.26 11.10 -8.63
CA GLY J 49 -7.27 11.12 -7.57
C GLY J 49 -7.89 10.96 -6.21
N GLN J 50 -8.95 11.72 -5.93
CA GLN J 50 -9.77 11.56 -4.74
C GLN J 50 -11.13 12.20 -5.04
N THR J 51 -12.10 11.89 -4.19
CA THR J 51 -13.44 12.39 -4.43
C THR J 51 -13.56 13.84 -3.99
N PHE J 52 -14.75 14.42 -4.19
CA PHE J 52 -15.05 15.78 -3.77
C PHE J 52 -15.44 15.86 -2.30
N SER J 53 -15.38 14.74 -1.59
CA SER J 53 -15.81 14.69 -0.20
C SER J 53 -15.01 15.66 0.66
N GLY J 54 -15.72 16.57 1.33
CA GLY J 54 -15.08 17.59 2.14
C GLY J 54 -14.64 18.82 1.37
N TYR J 55 -14.87 18.87 0.07
CA TYR J 55 -14.52 20.03 -0.73
C TYR J 55 -15.75 20.88 -1.01
N VAL J 56 -15.53 22.18 -1.12
CA VAL J 56 -16.49 23.08 -1.75
C VAL J 56 -16.21 23.05 -3.24
N THR J 57 -17.23 22.74 -4.04
CA THR J 57 -17.11 22.72 -5.50
C THR J 57 -17.93 23.87 -6.07
N GLY J 58 -17.28 24.73 -6.85
CA GLY J 58 -17.94 25.87 -7.46
C GLY J 58 -17.82 25.83 -8.96
N TRP J 59 -18.86 26.33 -9.63
CA TRP J 59 -18.85 26.52 -11.08
C TRP J 59 -18.54 27.97 -11.38
N PHE J 60 -17.62 28.20 -12.32
CA PHE J 60 -17.27 29.53 -12.78
C PHE J 60 -17.28 29.54 -14.29
N ARG J 61 -17.47 30.72 -14.88
CA ARG J 61 -17.45 30.87 -16.32
C ARG J 61 -16.71 32.13 -16.72
N GLN J 62 -16.07 32.09 -17.88
CA GLN J 62 -15.25 33.20 -18.39
C GLN J 62 -15.62 33.44 -19.86
N ALA J 63 -16.43 34.47 -20.09
CA ALA J 63 -16.87 34.80 -21.43
C ALA J 63 -15.81 35.63 -22.16
N PRO J 64 -15.90 35.75 -23.50
CA PRO J 64 -14.91 36.53 -24.26
C PRO J 64 -14.66 37.93 -23.72
N GLY J 65 -13.45 38.17 -23.23
CA GLY J 65 -13.07 39.50 -22.79
C GLY J 65 -13.70 39.95 -21.50
N LYS J 66 -14.19 39.01 -20.69
CA LYS J 66 -14.83 39.33 -19.43
C LYS J 66 -14.15 38.56 -18.31
N GLU J 67 -14.38 39.01 -17.09
CA GLU J 67 -13.76 38.37 -15.93
C GLU J 67 -14.30 36.96 -15.72
N ARG J 68 -13.65 36.23 -14.84
CA ARG J 68 -14.15 34.92 -14.40
C ARG J 68 -15.19 35.16 -13.31
N GLU J 69 -16.46 34.92 -13.65
CA GLU J 69 -17.57 35.18 -12.73
C GLU J 69 -18.04 33.89 -12.08
N PHE J 70 -18.59 34.04 -10.87
CA PHE J 70 -19.05 32.90 -10.09
C PHE J 70 -20.48 32.55 -10.48
N VAL J 71 -20.75 31.25 -10.65
CA VAL J 71 -22.06 30.79 -11.09
C VAL J 71 -22.79 30.15 -9.92
N ALA J 72 -22.21 29.12 -9.31
CA ALA J 72 -22.87 28.38 -8.24
C ALA J 72 -21.84 27.55 -7.49
N LEU J 73 -22.22 27.13 -6.27
CA LEU J 73 -21.37 26.25 -5.49
C LEU J 73 -22.23 25.31 -4.66
N ILE J 74 -21.59 24.24 -4.20
CA ILE J 74 -22.22 23.27 -3.31
C ILE J 74 -21.09 22.56 -2.58
N ALA J 75 -21.36 22.14 -1.34
CA ALA J 75 -20.31 21.58 -0.50
C ALA J 75 -20.49 20.10 -0.18
N TRP J 76 -21.70 19.57 -0.32
CA TRP J 76 -21.93 18.14 -0.18
C TRP J 76 -23.24 17.79 -0.86
N SER J 77 -23.39 16.50 -1.19
CA SER J 77 -24.57 16.02 -1.90
C SER J 77 -25.82 16.28 -1.07
N GLY J 78 -26.79 16.98 -1.67
CA GLY J 78 -27.95 17.42 -0.93
C GLY J 78 -27.62 18.45 0.13
N GLY J 79 -26.59 19.25 -0.09
CA GLY J 79 -26.09 20.20 0.88
C GLY J 79 -26.58 21.62 0.65
N ARG J 80 -25.85 22.57 1.22
CA ARG J 80 -26.23 23.96 1.11
C ARG J 80 -25.95 24.49 -0.29
N LEU J 81 -26.91 25.23 -0.82
CA LEU J 81 -26.87 25.76 -2.18
C LEU J 81 -26.54 27.25 -2.16
N TYR J 82 -25.91 27.72 -3.23
CA TYR J 82 -25.82 29.16 -3.46
C TYR J 82 -25.65 29.40 -4.95
N TYR J 83 -26.43 30.33 -5.48
CA TYR J 83 -26.35 30.75 -6.88
C TYR J 83 -26.13 32.24 -6.95
N ALA J 84 -25.51 32.69 -8.04
CA ALA J 84 -25.47 34.10 -8.35
C ALA J 84 -26.81 34.55 -8.90
N ASP J 85 -27.17 35.82 -8.63
CA ASP J 85 -28.42 36.35 -9.12
C ASP J 85 -28.49 36.30 -10.65
N SER J 86 -27.33 36.24 -11.32
CA SER J 86 -27.31 36.14 -12.77
C SER J 86 -28.04 34.89 -13.27
N VAL J 87 -28.05 33.81 -12.48
CA VAL J 87 -28.48 32.51 -12.97
C VAL J 87 -29.50 31.86 -12.04
N GLN J 88 -30.08 32.65 -11.13
CA GLN J 88 -30.97 32.10 -10.12
C GLN J 88 -32.27 31.61 -10.74
N GLY J 89 -32.66 30.38 -10.40
CA GLY J 89 -33.87 29.78 -10.93
C GLY J 89 -33.73 29.12 -12.28
N ARG J 90 -32.67 29.43 -13.03
CA ARG J 90 -32.42 28.81 -14.33
C ARG J 90 -31.44 27.65 -14.26
N PHE J 91 -30.36 27.80 -13.49
CA PHE J 91 -29.39 26.74 -13.31
C PHE J 91 -29.64 26.01 -11.99
N THR J 92 -29.33 24.72 -11.98
CA THR J 92 -29.40 23.90 -10.78
C THR J 92 -28.10 23.11 -10.67
N ILE J 93 -27.38 23.29 -9.57
CA ILE J 93 -26.15 22.55 -9.29
C ILE J 93 -26.48 21.41 -8.35
N SER J 94 -25.75 20.30 -8.51
CA SER J 94 -25.99 19.11 -7.70
C SER J 94 -24.70 18.28 -7.65
N ARG J 95 -24.68 17.34 -6.71
CA ARG J 95 -23.58 16.40 -6.56
C ARG J 95 -24.16 15.04 -6.21
N ASP J 96 -23.71 14.00 -6.90
CA ASP J 96 -24.24 12.67 -6.62
C ASP J 96 -23.78 12.18 -5.25
N ASN J 97 -24.49 11.17 -4.74
CA ASN J 97 -24.27 10.72 -3.36
C ASN J 97 -22.86 10.20 -3.14
N ALA J 98 -22.20 9.74 -4.20
CA ALA J 98 -20.84 9.23 -4.10
C ALA J 98 -19.79 10.32 -4.13
N GLU J 99 -20.19 11.59 -4.30
CA GLU J 99 -19.27 12.73 -4.27
C GLU J 99 -18.20 12.60 -5.35
N THR J 100 -18.58 12.07 -6.51
CA THR J 100 -17.66 11.91 -7.63
C THR J 100 -17.89 12.90 -8.76
N THR J 101 -19.07 13.52 -8.84
CA THR J 101 -19.44 14.36 -9.96
C THR J 101 -20.26 15.54 -9.48
N VAL J 102 -19.94 16.72 -10.02
CA VAL J 102 -20.76 17.92 -9.85
C VAL J 102 -21.48 18.20 -11.16
N TYR J 103 -22.79 18.41 -11.08
CA TYR J 103 -23.61 18.72 -12.25
C TYR J 103 -24.08 20.15 -12.20
N LEU J 104 -24.13 20.79 -13.36
CA LEU J 104 -24.73 22.12 -13.53
C LEU J 104 -25.77 21.98 -14.62
N GLN J 105 -27.02 21.75 -14.21
CA GLN J 105 -28.13 21.67 -15.14
C GLN J 105 -28.48 23.07 -15.61
N MET J 106 -28.27 23.34 -16.90
CA MET J 106 -28.46 24.68 -17.43
C MET J 106 -29.74 24.70 -18.25
N ASN J 107 -30.73 25.47 -17.79
CA ASN J 107 -32.02 25.59 -18.44
C ASN J 107 -32.26 27.02 -18.89
N SER J 108 -33.08 27.14 -19.95
CA SER J 108 -33.37 28.41 -20.58
C SER J 108 -32.07 29.18 -20.77
N LEU J 109 -31.33 28.86 -21.82
CA LEU J 109 -30.00 29.42 -21.98
C LEU J 109 -30.05 30.71 -22.79
N LYS J 110 -29.22 31.67 -22.38
CA LYS J 110 -29.19 33.02 -22.93
C LYS J 110 -27.91 33.23 -23.73
N PRO J 111 -27.95 34.05 -24.80
CA PRO J 111 -26.76 34.24 -25.61
C PRO J 111 -25.60 34.81 -24.81
N GLU J 112 -25.86 35.56 -23.74
CA GLU J 112 -24.82 36.12 -22.90
C GLU J 112 -24.23 35.11 -21.93
N ASP J 113 -24.81 33.90 -21.84
CA ASP J 113 -24.21 32.83 -21.07
C ASP J 113 -23.06 32.13 -21.79
N THR J 114 -22.84 32.46 -23.07
CA THR J 114 -21.75 31.88 -23.84
C THR J 114 -20.41 32.14 -23.17
N ALA J 115 -19.75 31.08 -22.72
CA ALA J 115 -18.47 31.22 -22.03
C ALA J 115 -17.82 29.84 -21.95
N VAL J 116 -16.55 29.85 -21.53
CA VAL J 116 -15.89 28.64 -21.05
C VAL J 116 -16.21 28.49 -19.57
N TYR J 117 -16.76 27.34 -19.19
CA TYR J 117 -17.20 27.10 -17.83
C TYR J 117 -16.17 26.25 -17.10
N TYR J 118 -15.88 26.63 -15.85
CA TYR J 118 -14.88 25.96 -15.03
C TYR J 118 -15.51 25.49 -13.72
N CYS J 119 -15.19 24.27 -13.32
CA CYS J 119 -15.49 23.82 -11.98
C CYS J 119 -14.21 23.91 -11.14
N ALA J 120 -14.37 24.38 -9.90
CA ALA J 120 -13.24 24.61 -9.01
C ALA J 120 -13.53 23.99 -7.64
N ALA J 121 -12.46 23.65 -6.93
CA ALA J 121 -12.58 23.00 -5.62
C ALA J 121 -11.65 23.67 -4.61
N LYS J 122 -12.08 23.67 -3.36
CA LYS J 122 -11.28 24.31 -2.32
C LYS J 122 -11.60 23.69 -0.96
N ARG J 123 -10.59 23.64 -0.11
CA ARG J 123 -10.82 23.49 1.32
C ARG J 123 -11.26 24.85 1.88
N GLY J 124 -11.57 24.88 3.17
CA GLY J 124 -12.11 26.10 3.75
C GLY J 124 -13.61 26.18 3.55
N GLY J 125 -14.10 27.43 3.45
CA GLY J 125 -15.53 27.69 3.46
C GLY J 125 -16.12 27.96 2.08
N ALA J 126 -17.44 28.01 2.06
CA ALA J 126 -18.20 28.27 0.84
C ALA J 126 -18.17 29.77 0.56
N VAL J 127 -17.19 30.19 -0.23
CA VAL J 127 -17.06 31.59 -0.62
C VAL J 127 -17.15 31.67 -2.15
N THR J 128 -17.43 32.87 -2.63
CA THR J 128 -17.60 33.09 -4.07
C THR J 128 -16.35 33.66 -4.74
N ALA J 129 -15.35 34.09 -3.96
CA ALA J 129 -14.14 34.67 -4.53
C ALA J 129 -13.35 33.58 -5.26
N ALA J 130 -13.13 33.77 -6.57
CA ALA J 130 -12.45 32.75 -7.35
C ALA J 130 -11.00 32.57 -6.92
N GLU J 131 -10.35 33.65 -6.47
CA GLU J 131 -8.94 33.60 -6.09
C GLU J 131 -8.69 32.71 -4.87
N TRP J 132 -9.74 32.32 -4.14
CA TRP J 132 -9.57 31.46 -2.98
C TRP J 132 -9.81 30.00 -3.30
N TYR J 133 -10.21 29.68 -4.53
CA TYR J 133 -10.31 28.30 -4.96
C TYR J 133 -8.94 27.81 -5.41
N ASP J 134 -8.57 26.61 -4.97
CA ASP J 134 -7.20 26.14 -5.19
C ASP J 134 -7.05 25.20 -6.38
N TYR J 135 -8.11 24.50 -6.81
CA TYR J 135 -8.00 23.50 -7.86
C TYR J 135 -9.05 23.74 -8.93
N TRP J 136 -8.62 23.65 -10.20
CA TRP J 136 -9.48 23.96 -11.34
C TRP J 136 -9.39 22.86 -12.39
N GLY J 137 -10.50 22.66 -13.10
CA GLY J 137 -10.46 21.92 -14.34
C GLY J 137 -10.04 22.83 -15.48
N GLN J 138 -9.81 22.22 -16.64
CA GLN J 138 -9.40 22.97 -17.82
C GLN J 138 -10.57 23.56 -18.60
N GLY J 139 -11.80 23.23 -18.24
CA GLY J 139 -12.96 23.90 -18.76
C GLY J 139 -13.62 23.15 -19.93
N THR J 140 -14.87 23.51 -20.18
CA THR J 140 -15.62 23.06 -21.35
C THR J 140 -16.43 24.23 -21.88
N GLN J 141 -16.55 24.33 -23.20
CA GLN J 141 -17.11 25.50 -23.83
C GLN J 141 -18.61 25.37 -24.03
N VAL J 142 -19.34 26.41 -23.66
CA VAL J 142 -20.76 26.55 -23.97
C VAL J 142 -20.92 27.78 -24.86
N THR J 143 -21.58 27.59 -26.00
CA THR J 143 -21.72 28.63 -27.01
C THR J 143 -23.20 28.73 -27.38
N VAL J 144 -23.84 29.82 -26.95
CA VAL J 144 -25.29 29.99 -27.10
C VAL J 144 -25.52 31.03 -28.19
N SER J 145 -26.27 30.65 -29.22
CA SER J 145 -26.57 31.51 -30.35
C SER J 145 -27.98 32.09 -30.22
N SER J 146 -28.34 32.93 -31.18
CA SER J 146 -29.66 33.55 -31.20
C SER J 146 -30.47 33.06 -32.39
N GLN K 24 -0.01 -35.05 -58.38
CA GLN K 24 -0.57 -36.14 -59.22
C GLN K 24 0.13 -36.11 -60.58
N VAL K 25 1.46 -35.98 -60.57
CA VAL K 25 2.23 -35.97 -61.85
C VAL K 25 1.99 -37.26 -62.63
N GLN K 26 1.81 -37.15 -63.94
CA GLN K 26 1.65 -38.35 -64.80
C GLN K 26 2.92 -38.53 -65.63
N LEU K 27 3.29 -39.78 -65.92
CA LEU K 27 4.56 -40.08 -66.56
C LEU K 27 4.32 -40.91 -67.80
N GLN K 28 5.21 -40.74 -68.79
CA GLN K 28 5.16 -41.51 -70.02
C GLN K 28 6.56 -41.65 -70.58
N GLU K 29 7.04 -42.89 -70.68
CA GLU K 29 8.36 -43.17 -71.20
C GLU K 29 8.35 -43.19 -72.73
N SER K 30 9.52 -42.98 -73.31
CA SER K 30 9.77 -43.14 -74.74
C SER K 30 11.22 -43.55 -74.94
N GLY K 31 11.52 -44.09 -76.12
CA GLY K 31 12.88 -44.36 -76.51
C GLY K 31 13.31 -45.81 -76.48
N GLY K 32 12.45 -46.73 -76.02
CA GLY K 32 12.82 -48.13 -76.00
C GLY K 32 12.91 -48.72 -77.40
N GLY K 33 13.72 -49.75 -77.52
CA GLY K 33 13.83 -50.44 -78.79
C GLY K 33 14.98 -51.43 -78.78
N LEU K 34 15.30 -51.91 -79.98
CA LEU K 34 16.40 -52.85 -80.15
C LEU K 34 17.71 -52.09 -80.39
N VAL K 35 18.76 -52.54 -79.71
CA VAL K 35 20.09 -51.98 -79.82
C VAL K 35 21.06 -53.15 -79.67
N GLN K 36 22.27 -52.98 -80.14
CA GLN K 36 23.22 -54.08 -80.17
C GLN K 36 24.39 -53.78 -79.25
N ALA K 37 24.98 -54.84 -78.72
CA ALA K 37 25.87 -54.73 -77.56
C ALA K 37 27.01 -53.77 -77.85
N GLY K 38 27.29 -52.89 -76.88
CA GLY K 38 28.25 -51.85 -77.04
C GLY K 38 27.69 -50.52 -77.53
N GLY K 39 26.47 -50.53 -78.05
CA GLY K 39 25.85 -49.33 -78.60
C GLY K 39 25.28 -48.44 -77.52
N SER K 40 24.42 -47.53 -77.95
CA SER K 40 23.81 -46.54 -77.07
C SER K 40 22.32 -46.46 -77.31
N LEU K 41 21.61 -45.93 -76.31
CA LEU K 41 20.17 -45.74 -76.38
C LEU K 41 19.78 -44.75 -75.30
N ARG K 42 18.89 -43.82 -75.66
CA ARG K 42 18.43 -42.80 -74.72
C ARG K 42 16.93 -42.94 -74.51
N LEU K 43 16.53 -43.13 -73.26
CA LEU K 43 15.12 -43.09 -72.88
C LEU K 43 14.76 -41.71 -72.38
N SER K 44 13.48 -41.37 -72.49
CA SER K 44 12.96 -40.10 -72.00
C SER K 44 11.63 -40.36 -71.31
N CYS K 45 11.25 -39.42 -70.44
CA CYS K 45 10.02 -39.53 -69.68
C CYS K 45 9.44 -38.14 -69.50
N ALA K 46 8.26 -37.91 -70.07
CA ALA K 46 7.61 -36.61 -70.04
C ALA K 46 6.59 -36.54 -68.90
N ALA K 47 6.55 -35.39 -68.23
CA ALA K 47 5.59 -35.15 -67.15
C ALA K 47 4.31 -34.54 -67.72
N SER K 48 3.19 -34.98 -67.18
CA SER K 48 1.88 -34.39 -67.55
C SER K 48 1.12 -34.07 -66.27
N GLY K 49 0.16 -33.16 -66.32
CA GLY K 49 -0.60 -32.72 -65.16
C GLY K 49 0.13 -31.70 -64.32
N GLN K 50 1.40 -32.00 -64.02
CA GLN K 50 2.26 -30.99 -63.39
C GLN K 50 3.69 -31.34 -63.77
N THR K 51 4.64 -30.46 -63.52
CA THR K 51 6.02 -30.71 -63.83
C THR K 51 6.66 -31.60 -62.76
N PHE K 52 7.89 -32.05 -63.04
CA PHE K 52 8.63 -32.83 -62.06
C PHE K 52 9.17 -32.00 -60.91
N SER K 53 8.85 -30.71 -60.89
CA SER K 53 9.39 -29.80 -59.88
C SER K 53 9.08 -30.30 -58.47
N GLY K 54 10.13 -30.47 -57.65
CA GLY K 54 9.99 -31.00 -56.32
C GLY K 54 9.78 -32.51 -56.23
N TYR K 55 9.83 -33.20 -57.36
CA TYR K 55 9.64 -34.67 -57.36
C TYR K 55 10.94 -35.42 -57.58
N VAL K 56 11.22 -36.45 -56.79
CA VAL K 56 12.31 -37.36 -57.12
C VAL K 56 11.86 -38.23 -58.29
N THR K 57 12.65 -38.25 -59.37
CA THR K 57 12.38 -39.10 -60.53
C THR K 57 13.41 -40.21 -60.60
N GLY K 58 12.95 -41.44 -60.62
CA GLY K 58 13.82 -42.59 -60.72
C GLY K 58 13.50 -43.44 -61.94
N TRP K 59 14.50 -44.15 -62.43
CA TRP K 59 14.32 -45.17 -63.45
C TRP K 59 14.46 -46.54 -62.80
N PHE K 60 13.54 -47.44 -63.15
CA PHE K 60 13.58 -48.83 -62.70
C PHE K 60 13.49 -49.73 -63.92
N ARG K 61 13.95 -50.97 -63.77
CA ARG K 61 13.86 -51.94 -64.85
C ARG K 61 13.51 -53.30 -64.28
N GLN K 62 12.79 -54.09 -65.08
CA GLN K 62 12.31 -55.39 -64.67
C GLN K 62 12.49 -56.35 -65.82
N ALA K 63 13.35 -57.33 -65.64
CA ALA K 63 13.59 -58.36 -66.63
C ALA K 63 12.58 -59.48 -66.46
N PRO K 64 12.33 -60.27 -67.52
CA PRO K 64 11.41 -61.42 -67.39
C PRO K 64 11.76 -62.34 -66.25
N GLY K 65 10.80 -62.57 -65.34
CA GLY K 65 10.99 -63.46 -64.23
C GLY K 65 11.59 -62.83 -62.99
N LYS K 66 12.15 -61.64 -63.11
CA LYS K 66 12.70 -60.91 -61.97
C LYS K 66 11.77 -59.78 -61.56
N GLU K 67 11.96 -59.29 -60.35
CA GLU K 67 11.20 -58.14 -59.88
C GLU K 67 12.00 -56.85 -60.18
N ARG K 68 11.30 -55.72 -60.14
CA ARG K 68 11.89 -54.42 -60.46
C ARG K 68 13.21 -54.21 -59.73
N GLU K 69 14.10 -53.45 -60.38
CA GLU K 69 15.46 -53.22 -59.91
C GLU K 69 15.78 -51.74 -60.09
N PHE K 70 16.34 -51.12 -59.05
CA PHE K 70 16.65 -49.70 -59.13
C PHE K 70 17.78 -49.44 -60.11
N VAL K 71 17.62 -48.40 -60.92
CA VAL K 71 18.58 -48.03 -61.96
C VAL K 71 19.25 -46.69 -61.64
N ALA K 72 18.48 -45.61 -61.59
CA ALA K 72 19.06 -44.28 -61.35
C ALA K 72 17.96 -43.32 -60.91
N LEU K 73 18.37 -42.27 -60.19
CA LEU K 73 17.43 -41.26 -59.75
C LEU K 73 18.07 -39.88 -59.81
N ILE K 74 17.21 -38.87 -59.88
CA ILE K 74 17.61 -37.47 -59.82
C ILE K 74 16.44 -36.68 -59.24
N ALA K 75 16.75 -35.54 -58.61
CA ALA K 75 15.74 -34.77 -57.89
C ALA K 75 15.53 -33.36 -58.42
N TRP K 76 16.50 -32.80 -59.14
CA TRP K 76 16.28 -31.54 -59.86
C TRP K 76 17.30 -31.45 -60.97
N SER K 77 17.04 -30.56 -61.92
CA SER K 77 17.93 -30.38 -63.05
C SER K 77 19.33 -29.99 -62.58
N GLY K 78 20.31 -30.79 -62.97
CA GLY K 78 21.68 -30.58 -62.50
C GLY K 78 21.87 -30.83 -61.03
N GLY K 79 21.07 -31.70 -60.42
CA GLY K 79 21.11 -31.89 -58.99
C GLY K 79 21.66 -33.21 -58.48
N ARG K 80 21.12 -33.70 -57.38
CA ARG K 80 21.62 -34.95 -56.78
C ARG K 80 21.35 -36.11 -57.72
N LEU K 81 22.39 -36.84 -58.09
CA LEU K 81 22.26 -38.08 -58.85
C LEU K 81 22.61 -39.27 -57.99
N TYR K 82 22.18 -40.45 -58.46
CA TYR K 82 22.56 -41.72 -57.85
C TYR K 82 22.26 -42.83 -58.84
N TYR K 83 23.21 -43.74 -59.01
CA TYR K 83 23.07 -44.87 -59.91
C TYR K 83 23.22 -46.17 -59.13
N ALA K 84 22.62 -47.24 -59.65
CA ALA K 84 22.95 -48.57 -59.17
C ALA K 84 24.36 -48.95 -59.60
N ASP K 85 25.07 -49.70 -58.74
CA ASP K 85 26.45 -50.06 -59.02
C ASP K 85 26.60 -50.80 -60.34
N SER K 86 25.53 -51.46 -60.80
CA SER K 86 25.61 -52.22 -62.04
C SER K 86 25.65 -51.31 -63.28
N VAL K 87 25.02 -50.14 -63.20
CA VAL K 87 25.03 -49.19 -64.33
C VAL K 87 26.06 -48.08 -64.13
N GLN K 88 26.71 -48.01 -62.97
CA GLN K 88 27.67 -46.95 -62.68
C GLN K 88 28.72 -46.83 -63.77
N GLY K 89 28.96 -45.59 -64.22
CA GLY K 89 29.90 -45.30 -65.27
C GLY K 89 29.36 -45.39 -66.68
N ARG K 90 28.26 -46.10 -66.88
CA ARG K 90 27.72 -46.31 -68.22
C ARG K 90 26.43 -45.56 -68.50
N PHE K 91 25.59 -45.38 -67.48
CA PHE K 91 24.31 -44.69 -67.63
C PHE K 91 24.43 -43.25 -67.15
N THR K 92 23.67 -42.36 -67.79
CA THR K 92 23.62 -40.95 -67.40
C THR K 92 22.15 -40.52 -67.30
N ILE K 93 21.76 -40.03 -66.11
CA ILE K 93 20.42 -39.50 -65.89
C ILE K 93 20.51 -37.99 -65.83
N SER K 94 19.47 -37.31 -66.29
CA SER K 94 19.44 -35.85 -66.29
C SER K 94 18.00 -35.38 -66.38
N ARG K 95 17.79 -34.10 -66.09
CA ARG K 95 16.50 -33.44 -66.24
C ARG K 95 16.70 -32.07 -66.86
N ASP K 96 15.81 -31.68 -67.75
CA ASP K 96 15.95 -30.36 -68.35
C ASP K 96 15.58 -29.28 -67.35
N ASN K 97 16.06 -28.06 -67.63
CA ASN K 97 15.86 -26.94 -66.72
C ASN K 97 14.39 -26.68 -66.46
N ALA K 98 13.52 -26.97 -67.44
CA ALA K 98 12.09 -26.78 -67.30
C ALA K 98 11.43 -27.85 -66.44
N GLU K 99 12.17 -28.89 -66.05
CA GLU K 99 11.66 -29.98 -65.21
C GLU K 99 10.44 -30.67 -65.84
N THR K 100 10.40 -30.72 -67.18
CA THR K 100 9.32 -31.41 -67.89
C THR K 100 9.72 -32.80 -68.37
N THR K 101 11.02 -33.11 -68.49
CA THR K 101 11.48 -34.38 -69.02
C THR K 101 12.69 -34.86 -68.24
N VAL K 102 12.71 -36.13 -67.89
CA VAL K 102 13.89 -36.79 -67.35
C VAL K 102 14.42 -37.75 -68.40
N TYR K 103 15.74 -37.84 -68.51
CA TYR K 103 16.41 -38.64 -69.53
C TYR K 103 17.30 -39.69 -68.90
N LEU K 104 17.44 -40.82 -69.61
CA LEU K 104 18.36 -41.89 -69.25
C LEU K 104 19.20 -42.22 -70.48
N GLN K 105 20.45 -41.75 -70.49
CA GLN K 105 21.39 -42.04 -71.56
C GLN K 105 22.15 -43.32 -71.22
N MET K 106 22.06 -44.34 -72.09
CA MET K 106 22.63 -45.65 -71.80
C MET K 106 23.73 -45.93 -72.82
N ASN K 107 24.99 -45.91 -72.35
CA ASN K 107 26.16 -46.17 -73.18
C ASN K 107 26.80 -47.50 -72.79
N SER K 108 27.27 -48.22 -73.80
CA SER K 108 27.94 -49.50 -73.61
C SER K 108 26.99 -50.58 -73.10
N LEU K 109 25.93 -50.83 -73.88
CA LEU K 109 24.87 -51.73 -73.42
C LEU K 109 25.32 -53.20 -73.49
N LYS K 110 24.86 -53.98 -72.51
CA LYS K 110 25.08 -55.40 -72.38
C LYS K 110 23.75 -56.14 -72.41
N PRO K 111 23.73 -57.41 -72.82
CA PRO K 111 22.44 -58.13 -72.92
C PRO K 111 21.70 -58.28 -71.60
N GLU K 112 22.41 -58.51 -70.49
CA GLU K 112 22.01 -58.23 -69.11
C GLU K 112 21.02 -57.08 -68.97
N ASP K 113 21.35 -55.95 -69.60
CA ASP K 113 20.58 -54.72 -69.49
C ASP K 113 19.22 -54.80 -70.16
N THR K 114 18.90 -55.90 -70.83
CA THR K 114 17.58 -56.08 -71.43
C THR K 114 16.52 -56.15 -70.34
N ALA K 115 15.51 -55.30 -70.45
CA ALA K 115 14.40 -55.28 -69.50
C ALA K 115 13.38 -54.22 -69.95
N VAL K 116 12.21 -54.27 -69.33
CA VAL K 116 11.25 -53.17 -69.39
C VAL K 116 11.72 -52.09 -68.43
N TYR K 117 11.88 -50.87 -68.94
CA TYR K 117 12.35 -49.75 -68.14
C TYR K 117 11.17 -48.86 -67.78
N TYR K 118 11.04 -48.54 -66.50
CA TYR K 118 9.93 -47.78 -65.96
C TYR K 118 10.41 -46.45 -65.40
N CYS K 119 9.66 -45.40 -65.70
CA CYS K 119 9.82 -44.09 -65.08
C CYS K 119 8.94 -44.00 -63.84
N ALA K 120 9.46 -43.40 -62.76
CA ALA K 120 8.71 -43.27 -61.51
C ALA K 120 9.05 -41.96 -60.80
N ALA K 121 8.07 -41.45 -60.03
CA ALA K 121 8.18 -40.16 -59.35
C ALA K 121 7.63 -40.28 -57.93
N LYS K 122 8.12 -39.41 -57.04
CA LYS K 122 7.68 -39.45 -55.65
C LYS K 122 7.99 -38.13 -54.94
N ARG K 123 7.18 -37.84 -53.92
CA ARG K 123 7.59 -36.91 -52.88
C ARG K 123 8.40 -37.68 -51.83
N GLY K 124 8.83 -36.97 -50.80
CA GLY K 124 9.78 -37.57 -49.87
C GLY K 124 11.18 -37.46 -50.43
N GLY K 125 12.06 -38.37 -49.98
CA GLY K 125 13.47 -38.27 -50.26
C GLY K 125 13.95 -39.15 -51.42
N ALA K 126 15.26 -39.08 -51.66
CA ALA K 126 15.89 -39.83 -52.75
C ALA K 126 16.22 -41.22 -52.26
N VAL K 127 15.27 -42.14 -52.43
CA VAL K 127 15.45 -43.53 -52.00
C VAL K 127 15.36 -44.44 -53.22
N THR K 128 15.84 -45.66 -53.06
CA THR K 128 15.89 -46.63 -54.15
C THR K 128 14.79 -47.68 -54.06
N ALA K 129 13.92 -47.60 -53.06
CA ALA K 129 12.91 -48.63 -52.81
C ALA K 129 11.68 -48.35 -53.68
N ALA K 130 11.45 -49.22 -54.68
CA ALA K 130 10.37 -49.02 -55.63
C ALA K 130 9.01 -48.86 -54.95
N GLU K 131 8.78 -49.55 -53.83
CA GLU K 131 7.50 -49.48 -53.16
C GLU K 131 7.17 -48.09 -52.63
N TRP K 132 8.17 -47.23 -52.46
CA TRP K 132 7.92 -45.87 -51.98
C TRP K 132 7.70 -44.88 -53.11
N TYR K 133 7.77 -45.31 -54.36
CA TYR K 133 7.46 -44.46 -55.50
C TYR K 133 5.96 -44.54 -55.76
N ASP K 134 5.29 -43.39 -55.77
CA ASP K 134 3.85 -43.36 -55.89
C ASP K 134 3.34 -43.30 -57.32
N TYR K 135 4.14 -42.73 -58.22
CA TYR K 135 3.70 -42.51 -59.61
C TYR K 135 4.60 -43.27 -60.58
N TRP K 136 3.99 -43.96 -61.55
CA TRP K 136 4.75 -44.83 -62.44
C TRP K 136 4.33 -44.58 -63.88
N GLY K 137 5.30 -44.69 -64.78
CA GLY K 137 5.02 -44.72 -66.19
C GLY K 137 4.53 -46.09 -66.62
N GLN K 138 4.41 -46.26 -67.94
CA GLN K 138 3.85 -47.46 -68.53
C GLN K 138 4.92 -48.50 -68.86
N GLY K 139 6.20 -48.11 -68.82
CA GLY K 139 7.27 -49.01 -69.16
C GLY K 139 7.53 -49.10 -70.64
N THR K 140 8.80 -49.05 -71.03
CA THR K 140 9.21 -49.23 -72.42
C THR K 140 10.28 -50.30 -72.50
N GLN K 141 10.20 -51.13 -73.53
CA GLN K 141 11.06 -52.31 -73.63
C GLN K 141 12.42 -51.94 -74.20
N VAL K 142 13.48 -52.45 -73.57
CA VAL K 142 14.84 -52.30 -74.07
C VAL K 142 15.40 -53.69 -74.32
N THR K 143 15.90 -53.92 -75.53
CA THR K 143 16.47 -55.22 -75.92
C THR K 143 17.88 -55.00 -76.45
N VAL K 144 18.86 -55.56 -75.75
CA VAL K 144 20.25 -55.52 -76.18
C VAL K 144 20.60 -56.89 -76.73
N SER K 145 20.92 -56.95 -78.02
CA SER K 145 21.31 -58.19 -78.67
C SER K 145 22.82 -58.32 -78.71
N SER K 146 23.29 -59.55 -78.84
CA SER K 146 24.72 -59.83 -78.92
C SER K 146 25.06 -60.54 -80.21
N GLN L 24 0.87 49.07 44.00
CA GLN L 24 1.58 50.23 44.51
C GLN L 24 0.64 51.45 44.58
N VAL L 25 -0.55 51.22 45.13
CA VAL L 25 -1.43 52.34 45.47
C VAL L 25 -0.76 53.23 46.50
N GLN L 26 -0.96 54.54 46.40
CA GLN L 26 -0.51 55.42 47.47
C GLN L 26 -1.70 55.86 48.30
N LEU L 27 -1.44 56.15 49.57
CA LEU L 27 -2.48 56.47 50.54
C LEU L 27 -2.17 57.78 51.23
N GLN L 28 -3.21 58.56 51.54
CA GLN L 28 -3.07 59.82 52.26
C GLN L 28 -4.27 60.00 53.16
N GLU L 29 -4.03 60.06 54.47
CA GLU L 29 -5.08 60.30 55.45
C GLU L 29 -5.38 61.79 55.57
N SER L 30 -6.58 62.08 56.09
CA SER L 30 -6.98 63.44 56.42
C SER L 30 -8.17 63.37 57.36
N GLY L 31 -8.40 64.46 58.08
CA GLY L 31 -9.50 64.56 59.01
C GLY L 31 -9.10 64.68 60.48
N GLY L 32 -7.83 64.51 60.81
CA GLY L 32 -7.42 64.55 62.21
C GLY L 32 -7.62 65.93 62.81
N GLY L 33 -7.97 65.93 64.09
CA GLY L 33 -8.12 67.17 64.84
C GLY L 33 -8.41 66.88 66.29
N LEU L 34 -8.69 67.94 67.03
CA LEU L 34 -9.05 67.85 68.44
C LEU L 34 -10.56 67.72 68.57
N VAL L 35 -11.01 66.66 69.24
CA VAL L 35 -12.43 66.47 69.53
C VAL L 35 -12.60 66.36 71.04
N GLN L 36 -13.76 66.80 71.53
CA GLN L 36 -14.09 66.64 72.93
C GLN L 36 -14.50 65.19 73.22
N ALA L 37 -14.30 64.78 74.47
CA ALA L 37 -14.67 63.44 74.89
C ALA L 37 -16.15 63.21 74.66
N GLY L 38 -16.47 62.16 73.90
CA GLY L 38 -17.84 61.88 73.52
C GLY L 38 -18.23 62.40 72.14
N GLY L 39 -17.37 63.17 71.48
CA GLY L 39 -17.68 63.70 70.16
C GLY L 39 -17.41 62.71 69.05
N SER L 40 -17.67 63.15 67.82
CA SER L 40 -17.40 62.34 66.64
C SER L 40 -16.37 63.02 65.76
N LEU L 41 -15.77 62.23 64.88
CA LEU L 41 -14.75 62.65 63.94
C LEU L 41 -14.74 61.63 62.81
N ARG L 42 -14.71 62.11 61.56
CA ARG L 42 -14.70 61.26 60.37
C ARG L 42 -13.32 61.39 59.72
N LEU L 43 -12.57 60.30 59.65
CA LEU L 43 -11.31 60.28 58.93
C LEU L 43 -11.51 59.73 57.52
N SER L 44 -10.73 60.22 56.57
CA SER L 44 -10.75 59.67 55.23
C SER L 44 -9.33 59.38 54.77
N CYS L 45 -9.21 58.45 53.84
CA CYS L 45 -7.95 58.07 53.23
C CYS L 45 -8.17 57.94 51.73
N ALA L 46 -7.47 58.77 50.95
CA ALA L 46 -7.64 58.80 49.50
C ALA L 46 -6.54 57.99 48.82
N ALA L 47 -6.95 57.17 47.86
CA ALA L 47 -6.00 56.44 47.03
C ALA L 47 -5.47 57.34 45.91
N SER L 48 -4.24 57.03 45.47
CA SER L 48 -3.73 57.62 44.24
C SER L 48 -2.80 56.60 43.60
N GLY L 49 -2.50 56.84 42.31
CA GLY L 49 -1.76 55.88 41.51
C GLY L 49 -2.67 54.84 40.89
N GLN L 50 -3.41 54.13 41.74
CA GLN L 50 -4.50 53.26 41.32
C GLN L 50 -5.59 53.37 42.38
N THR L 51 -6.76 52.79 42.11
CA THR L 51 -7.82 52.76 43.10
C THR L 51 -7.55 51.67 44.13
N PHE L 52 -8.42 51.60 45.15
CA PHE L 52 -8.36 50.54 46.16
C PHE L 52 -8.97 49.23 45.67
N SER L 53 -9.44 49.18 44.42
CA SER L 53 -10.15 48.02 43.92
C SER L 53 -9.27 46.78 44.04
N GLY L 54 -9.76 45.77 44.75
CA GLY L 54 -9.00 44.56 44.95
C GLY L 54 -7.99 44.62 46.08
N TYR L 55 -7.89 45.74 46.79
CA TYR L 55 -7.05 45.86 47.98
C TYR L 55 -7.89 45.74 49.24
N VAL L 56 -7.32 45.15 50.27
CA VAL L 56 -7.82 45.30 51.63
C VAL L 56 -7.25 46.61 52.19
N THR L 57 -8.12 47.44 52.74
CA THR L 57 -7.68 48.68 53.37
C THR L 57 -8.01 48.59 54.86
N GLY L 58 -7.01 48.75 55.70
CA GLY L 58 -7.18 48.75 57.13
C GLY L 58 -6.80 50.08 57.74
N TRP L 59 -7.43 50.40 58.87
CA TRP L 59 -7.05 51.54 59.67
C TRP L 59 -6.28 51.04 60.89
N PHE L 60 -5.18 51.71 61.19
CA PHE L 60 -4.37 51.44 62.36
C PHE L 60 -4.20 52.74 63.14
N ARG L 61 -3.79 52.60 64.40
CA ARG L 61 -3.51 53.77 65.21
C ARG L 61 -2.32 53.49 66.12
N GLN L 62 -1.58 54.55 66.43
CA GLN L 62 -0.40 54.45 67.27
C GLN L 62 -0.45 55.57 68.31
N ALA L 63 -0.76 55.19 69.55
CA ALA L 63 -0.75 56.10 70.67
C ALA L 63 0.68 56.35 71.14
N PRO L 64 0.91 57.42 71.90
CA PRO L 64 2.28 57.71 72.38
C PRO L 64 2.80 56.58 73.25
N GLY L 65 3.94 56.02 72.85
CA GLY L 65 4.56 54.91 73.56
C GLY L 65 4.16 53.53 73.08
N LYS L 66 3.02 53.39 72.40
CA LYS L 66 2.52 52.10 71.96
C LYS L 66 3.04 51.75 70.56
N GLU L 67 2.63 50.58 70.07
CA GLU L 67 2.89 50.13 68.71
C GLU L 67 1.61 50.32 67.89
N ARG L 68 1.73 50.19 66.57
CA ARG L 68 0.51 50.29 65.77
C ARG L 68 -0.39 49.13 66.12
N GLU L 69 -1.62 49.44 66.50
CA GLU L 69 -2.65 48.45 66.73
C GLU L 69 -3.72 48.59 65.66
N PHE L 70 -4.23 47.45 65.22
CA PHE L 70 -5.28 47.41 64.22
C PHE L 70 -6.55 48.07 64.75
N VAL L 71 -7.29 48.75 63.87
CA VAL L 71 -8.54 49.39 64.24
C VAL L 71 -9.71 48.79 63.46
N ALA L 72 -9.63 48.81 62.13
CA ALA L 72 -10.73 48.33 61.30
C ALA L 72 -10.21 48.06 59.89
N LEU L 73 -10.88 47.15 59.18
CA LEU L 73 -10.53 46.89 57.80
C LEU L 73 -11.79 46.60 56.98
N ILE L 74 -11.63 46.74 55.66
CA ILE L 74 -12.68 46.48 54.69
C ILE L 74 -12.00 46.20 53.36
N ALA L 75 -12.65 45.39 52.52
CA ALA L 75 -12.04 44.91 51.28
C ALA L 75 -12.78 45.30 50.00
N TRP L 76 -14.04 45.71 50.10
CA TRP L 76 -14.71 46.34 48.98
C TRP L 76 -15.87 47.18 49.52
N SER L 77 -16.37 48.07 48.66
CA SER L 77 -17.44 48.97 49.06
C SER L 77 -18.68 48.16 49.40
N GLY L 78 -19.24 48.42 50.58
CA GLY L 78 -20.33 47.58 51.05
C GLY L 78 -19.95 46.15 51.34
N GLY L 79 -18.65 45.85 51.40
CA GLY L 79 -18.17 44.53 51.72
C GLY L 79 -18.13 44.30 53.21
N ARG L 80 -17.55 43.16 53.60
CA ARG L 80 -17.61 42.82 55.00
C ARG L 80 -16.56 43.58 55.81
N LEU L 81 -16.96 43.98 57.01
CA LEU L 81 -16.18 44.80 57.91
C LEU L 81 -15.59 43.94 59.00
N TYR L 82 -14.45 44.37 59.53
CA TYR L 82 -13.90 43.78 60.74
C TYR L 82 -13.34 44.91 61.60
N TYR L 83 -13.59 44.81 62.90
CA TYR L 83 -13.21 45.84 63.85
C TYR L 83 -12.43 45.23 65.00
N ALA L 84 -11.48 45.99 65.53
CA ALA L 84 -10.88 45.62 66.80
C ALA L 84 -11.93 45.71 67.91
N ASP L 85 -11.72 44.92 68.96
CA ASP L 85 -12.70 44.92 70.05
C ASP L 85 -12.76 46.27 70.75
N SER L 86 -11.67 47.05 70.68
CA SER L 86 -11.64 48.32 71.42
C SER L 86 -12.57 49.36 70.81
N VAL L 87 -12.86 49.24 69.51
CA VAL L 87 -13.67 50.24 68.81
C VAL L 87 -14.99 49.68 68.33
N GLN L 88 -15.31 48.44 68.67
CA GLN L 88 -16.53 47.80 68.20
C GLN L 88 -17.76 48.56 68.71
N GLY L 89 -18.63 48.91 67.77
CA GLY L 89 -19.85 49.65 68.07
C GLY L 89 -19.71 51.16 68.01
N ARG L 90 -18.50 51.69 68.11
CA ARG L 90 -18.30 53.13 68.07
C ARG L 90 -17.76 53.61 66.73
N PHE L 91 -17.02 52.79 66.01
CA PHE L 91 -16.42 53.17 64.74
C PHE L 91 -17.15 52.49 63.58
N THR L 92 -17.13 53.14 62.43
CA THR L 92 -17.72 52.61 61.21
C THR L 92 -16.74 52.83 60.07
N ILE L 93 -16.29 51.74 59.44
CA ILE L 93 -15.43 51.81 58.27
C ILE L 93 -16.26 51.59 57.02
N SER L 94 -15.93 52.31 55.96
CA SER L 94 -16.67 52.22 54.69
C SER L 94 -15.76 52.61 53.53
N ARG L 95 -16.20 52.25 52.33
CA ARG L 95 -15.53 52.64 51.10
C ARG L 95 -16.55 53.09 50.07
N ASP L 96 -16.22 54.16 49.34
CA ASP L 96 -17.11 54.63 48.29
C ASP L 96 -17.18 53.63 47.15
N ASN L 97 -18.21 53.77 46.31
CA ASN L 97 -18.43 52.79 45.25
C ASN L 97 -17.36 52.85 44.17
N ALA L 98 -16.78 54.03 43.92
CA ALA L 98 -15.66 54.12 43.00
C ALA L 98 -14.35 53.58 43.59
N GLU L 99 -14.35 53.18 44.85
CA GLU L 99 -13.18 52.55 45.51
C GLU L 99 -11.98 53.49 45.53
N THR L 100 -12.22 54.79 45.65
CA THR L 100 -11.14 55.76 45.72
C THR L 100 -10.87 56.26 47.14
N THR L 101 -11.74 55.94 48.09
CA THR L 101 -11.62 56.50 49.44
C THR L 101 -12.13 55.51 50.47
N VAL L 102 -11.38 55.37 51.56
CA VAL L 102 -11.81 54.63 52.74
C VAL L 102 -12.15 55.65 53.81
N TYR L 103 -13.25 55.44 54.51
CA TYR L 103 -13.71 56.33 55.55
C TYR L 103 -13.69 55.62 56.88
N LEU L 104 -13.39 56.38 57.94
CA LEU L 104 -13.46 55.90 59.31
C LEU L 104 -14.27 56.90 60.12
N GLN L 105 -15.53 56.58 60.37
CA GLN L 105 -16.42 57.38 61.20
C GLN L 105 -16.26 56.94 62.65
N MET L 106 -15.78 57.85 63.50
CA MET L 106 -15.53 57.53 64.90
C MET L 106 -16.50 58.31 65.79
N ASN L 107 -17.32 57.58 66.54
CA ASN L 107 -18.27 58.17 67.47
C ASN L 107 -17.93 57.79 68.91
N SER L 108 -18.47 58.56 69.85
CA SER L 108 -18.27 58.33 71.28
C SER L 108 -16.78 58.21 71.61
N LEU L 109 -16.01 59.16 71.11
CA LEU L 109 -14.56 59.09 71.26
C LEU L 109 -14.14 59.26 72.72
N LYS L 110 -13.06 58.60 73.08
CA LYS L 110 -12.55 58.59 74.44
C LYS L 110 -11.11 59.08 74.44
N PRO L 111 -10.62 59.61 75.57
CA PRO L 111 -9.20 59.99 75.64
C PRO L 111 -8.26 58.88 75.21
N GLU L 112 -8.63 57.62 75.44
CA GLU L 112 -7.80 56.49 75.05
C GLU L 112 -7.70 56.33 73.53
N ASP L 113 -8.60 56.96 72.78
CA ASP L 113 -8.56 56.90 71.33
C ASP L 113 -7.56 57.88 70.72
N THR L 114 -6.95 58.73 71.54
CA THR L 114 -5.92 59.65 71.07
C THR L 114 -4.75 58.88 70.46
N ALA L 115 -4.40 59.20 69.23
CA ALA L 115 -3.36 58.49 68.49
C ALA L 115 -3.16 59.16 67.14
N VAL L 116 -2.07 58.80 66.48
CA VAL L 116 -1.93 58.99 65.05
C VAL L 116 -2.58 57.81 64.34
N TYR L 117 -3.52 58.10 63.44
CA TYR L 117 -4.25 57.06 62.73
C TYR L 117 -3.69 56.93 61.31
N TYR L 118 -3.44 55.70 60.89
CA TYR L 118 -2.91 55.38 59.58
C TYR L 118 -3.87 54.50 58.81
N CYS L 119 -3.97 54.72 57.51
CA CYS L 119 -4.57 53.75 56.60
C CYS L 119 -3.48 52.96 55.90
N ALA L 120 -3.76 51.68 55.65
CA ALA L 120 -2.80 50.80 54.99
C ALA L 120 -3.55 49.95 53.97
N ALA L 121 -2.82 49.48 52.96
CA ALA L 121 -3.43 48.69 51.89
C ALA L 121 -2.59 47.44 51.63
N LYS L 122 -3.25 46.36 51.20
CA LYS L 122 -2.51 45.12 50.95
C LYS L 122 -3.26 44.23 49.96
N ARG L 123 -2.48 43.46 49.20
CA ARG L 123 -2.98 42.28 48.51
C ARG L 123 -3.05 41.12 49.51
N GLY L 124 -3.55 39.98 49.07
CA GLY L 124 -3.80 38.90 50.01
C GLY L 124 -5.11 39.12 50.74
N GLY L 125 -5.22 38.54 51.95
CA GLY L 125 -6.47 38.41 52.65
C GLY L 125 -6.74 39.51 53.67
N ALA L 126 -7.92 39.39 54.31
CA ALA L 126 -8.38 40.34 55.33
C ALA L 126 -7.70 40.01 56.66
N VAL L 127 -6.51 40.54 56.83
CA VAL L 127 -5.61 40.27 57.95
C VAL L 127 -5.42 41.55 58.74
N THR L 128 -5.24 41.43 60.06
CA THR L 128 -5.09 42.58 60.94
C THR L 128 -3.66 42.88 61.35
N ALA L 129 -2.69 42.01 61.03
CA ALA L 129 -1.31 42.20 61.46
C ALA L 129 -0.64 43.29 60.61
N ALA L 130 -0.21 44.37 61.28
CA ALA L 130 0.36 45.52 60.58
C ALA L 130 1.52 45.12 59.66
N GLU L 131 2.35 44.18 60.10
CA GLU L 131 3.53 43.80 59.34
C GLU L 131 3.19 43.22 57.97
N TRP L 132 1.94 42.79 57.76
CA TRP L 132 1.57 42.15 56.52
C TRP L 132 0.92 43.12 55.53
N TYR L 133 0.78 44.38 55.90
CA TYR L 133 0.33 45.40 54.97
C TYR L 133 1.50 45.96 54.19
N ASP L 134 1.30 46.18 52.90
CA ASP L 134 2.37 46.60 51.99
C ASP L 134 2.54 48.12 51.94
N TYR L 135 1.42 48.87 51.91
CA TYR L 135 1.45 50.30 51.66
C TYR L 135 0.79 51.05 52.81
N TRP L 136 1.38 52.20 53.16
CA TRP L 136 0.95 52.99 54.31
C TRP L 136 0.86 54.46 53.94
N GLY L 137 -0.10 55.14 54.56
CA GLY L 137 -0.12 56.59 54.57
C GLY L 137 0.80 57.14 55.63
N GLN L 138 0.85 58.46 55.72
CA GLN L 138 1.73 59.15 56.65
C GLN L 138 1.06 59.48 57.98
N GLY L 139 -0.23 59.24 58.12
CA GLY L 139 -0.89 59.37 59.40
C GLY L 139 -1.54 60.72 59.60
N THR L 140 -2.61 60.72 60.38
CA THR L 140 -3.27 61.95 60.81
C THR L 140 -3.50 61.87 62.31
N GLN L 141 -3.31 63.00 63.00
CA GLN L 141 -3.31 63.03 64.46
C GLN L 141 -4.72 63.25 64.99
N VAL L 142 -5.17 62.36 65.86
CA VAL L 142 -6.46 62.49 66.54
C VAL L 142 -6.19 62.67 68.02
N THR L 143 -6.79 63.71 68.62
CA THR L 143 -6.63 64.00 70.03
C THR L 143 -8.00 64.10 70.69
N VAL L 144 -8.17 63.40 71.79
CA VAL L 144 -9.40 63.44 72.59
C VAL L 144 -9.01 63.74 74.03
N SER L 145 -9.50 64.86 74.56
CA SER L 145 -9.23 65.24 75.95
C SER L 145 -10.53 65.55 76.68
N SER L 146 -10.43 66.11 77.87
CA SER L 146 -11.60 66.41 78.70
C SER L 146 -12.55 67.39 78.03
C1 NAG M . 33.51 -14.57 -17.24
C2 NAG M . 33.67 -15.96 -16.63
C3 NAG M . 33.90 -15.85 -15.12
C4 NAG M . 35.09 -14.94 -14.83
C5 NAG M . 34.89 -13.59 -15.51
C6 NAG M . 36.08 -12.66 -15.36
C7 NAG M . 31.30 -16.60 -16.50
C8 NAG M . 30.28 -17.62 -16.92
N2 NAG M . 32.54 -16.82 -16.93
O3 NAG M . 34.06 -17.13 -14.55
O4 NAG M . 35.12 -14.69 -13.44
O5 NAG M . 34.67 -13.75 -16.93
O6 NAG M . 37.22 -13.13 -16.07
O7 NAG M . 30.99 -15.63 -15.82
C1 NAG M . 35.79 -15.56 -12.49
C2 NAG M . 36.72 -16.70 -12.97
C3 NAG M . 37.49 -17.28 -11.77
C4 NAG M . 38.16 -16.20 -10.93
C5 NAG M . 37.21 -15.02 -10.64
C6 NAG M . 37.92 -13.79 -10.09
C7 NAG M . 36.57 -18.70 -14.40
C8 NAG M . 35.64 -19.73 -15.01
N2 NAG M . 35.99 -17.75 -13.64
O3 NAG M . 38.44 -18.24 -12.21
O4 NAG M . 38.39 -16.79 -9.66
O5 NAG M . 36.57 -14.57 -11.86
O6 NAG M . 37.50 -12.62 -10.79
O7 NAG M . 37.78 -18.73 -14.59
C1 BMA M . 39.71 -16.72 -9.12
C2 BMA M . 39.47 -15.92 -7.83
C3 BMA M . 40.25 -16.41 -6.64
C4 BMA M . 40.30 -17.91 -6.62
C5 BMA M . 41.05 -18.37 -7.86
C6 BMA M . 41.30 -19.89 -7.86
O2 BMA M . 38.11 -16.07 -7.44
O3 BMA M . 39.66 -15.92 -5.43
O4 BMA M . 40.98 -18.36 -5.49
O5 BMA M . 40.23 -18.04 -9.01
O6 BMA M . 42.36 -20.16 -8.78
C1 NAG N . -41.14 -51.80 -3.24
C2 NAG N . -40.98 -52.25 -1.78
C3 NAG N . -39.59 -51.92 -1.26
C4 NAG N . -38.54 -52.50 -2.19
C5 NAG N . -38.78 -52.07 -3.63
C6 NAG N . -37.84 -52.73 -4.62
C7 NAG N . -42.23 -50.35 -0.78
C8 NAG N . -43.33 -49.97 0.17
N2 NAG N . -42.01 -51.66 -0.92
O3 NAG N . -39.43 -52.43 0.06
O4 NAG N . -37.24 -52.07 -1.78
O5 NAG N . -40.12 -52.42 -4.04
O6 NAG N . -38.12 -54.11 -4.78
O7 NAG N . -41.56 -49.50 -1.36
CL CL O . -10.26 -10.65 -12.09
CL CL P . -13.34 -16.23 -46.23
CL CL Q . -1.12 -41.31 -25.72
C1 NAG R . -1.69 -25.81 8.86
C2 NAG R . -0.60 -26.07 9.89
C3 NAG R . -1.21 -26.52 11.21
C4 NAG R . -2.34 -25.60 11.61
C5 NAG R . -3.35 -25.38 10.49
C6 NAG R . -4.37 -24.34 10.90
C7 NAG R . 0.17 -28.30 9.11
C8 NAG R . 1.42 -29.09 8.85
N2 NAG R . 0.39 -27.03 9.42
O3 NAG R . -0.19 -26.48 12.23
O4 NAG R . -3.02 -26.17 12.73
O5 NAG R . -2.67 -24.90 9.34
O6 NAG R . -5.30 -24.11 9.84
O7 NAG R . -0.92 -28.83 9.02
CL CL S . 12.97 18.14 46.67
CL CL T . 8.89 14.96 57.68
C1 NAG U . -27.61 2.40 42.37
C2 NAG U . -26.70 2.04 43.59
C3 NAG U . -27.03 0.65 44.18
C4 NAG U . -28.52 0.38 44.26
C5 NAG U . -29.14 0.65 42.90
C6 NAG U . -30.63 0.36 42.84
C7 NAG U . -24.27 2.00 44.03
C8 NAG U . -22.91 2.01 43.40
N2 NAG U . -25.31 2.09 43.19
O3 NAG U . -26.48 0.55 45.49
O4 NAG U . -28.75 -0.97 44.64
O5 NAG U . -28.97 2.03 42.63
O6 NAG U . -31.28 0.65 44.07
O7 NAG U . -24.42 1.90 45.25
#